data_8OH4
#
_entry.id   8OH4
#
loop_
_entity.id
_entity.type
_entity.pdbx_description
1 polymer Actin-5C
2 polymer 'Cofilin/actin-depolymerizing factor homolog'
#
loop_
_entity_poly.entity_id
_entity_poly.type
_entity_poly.pdbx_seq_one_letter_code
_entity_poly.pdbx_strand_id
1 'polypeptide(L)'
;AALVVDNGSGMCKAGFAGDDAPRAVFPSIVGRPRHQGVMVGMGQKDSYVGDEAQSKRGILTLKYPIEHGIVTNWDDMEKI
WHHTFYNELRVAPEEHPVLLTEAPLNPKANREKMTQIMFETFNTPAMYVAIQAVLSLYASGRTTGIVLDSGDGVSHTVPI
YEGYALPHAILRLDLAGRDLTDYLMKILTERGYSFTTTAEREIVRDIKEKLCYVALDFEQEMATAASSSSLEKSYELPDG
QVITIGNERFRCPEALFQPSFLGMEACGIHETTYNSIMKCDVDIRKDLYANTVLSGGTTMYPGIADRMQKEITALAPSTM
KIKIIAPPERKYSVWIGGSILASLSTFQQMWISKQEYDESGPSIVHRKCF
;
A,B,C,D,E,F,G,H
2 'polypeptide(L)'
;MASGVTVSDVCKTTYEEIKKDKKHRYVIFYIRDEKQIDVETVADRNAEYDQFLEDIQKCGPGECRYGLFDFEYMHQCQGT
SESSKKQKLFLMSWCPDTAKVKKKMLYSSSFDALKKSLVGVQKYIQATDLSEASREAVEEKLRATDRQ
;
I,J,K,L,M,N
#
# COMPACT_ATOMS: atom_id res chain seq x y z
N ALA A 1 -36.35 97.90 -7.05
CA ALA A 1 -36.24 97.65 -8.48
C ALA A 1 -37.47 96.89 -9.00
N ALA A 2 -37.93 97.29 -10.10
CA ALA A 2 -39.04 96.59 -10.76
C ALA A 2 -38.59 95.23 -11.29
N LEU A 3 -39.53 94.29 -11.34
CA LEU A 3 -39.27 93.01 -11.99
C LEU A 3 -39.69 93.05 -13.45
N VAL A 4 -38.87 92.50 -14.31
CA VAL A 4 -39.19 92.41 -15.73
C VAL A 4 -39.30 90.94 -16.14
N VAL A 5 -40.46 90.60 -16.72
CA VAL A 5 -40.71 89.22 -17.12
C VAL A 5 -41.13 89.16 -18.58
N ASP A 6 -40.29 88.60 -19.38
CA ASP A 6 -40.62 88.34 -20.78
C ASP A 6 -41.22 86.95 -20.96
N ASN A 7 -42.49 86.95 -21.33
CA ASN A 7 -43.25 85.72 -21.48
C ASN A 7 -43.10 85.13 -22.88
N GLY A 8 -42.18 84.20 -22.97
CA GLY A 8 -42.00 83.54 -24.25
C GLY A 8 -42.70 82.20 -24.34
N SER A 9 -42.98 81.77 -25.51
CA SER A 9 -43.64 80.50 -25.71
C SER A 9 -42.81 79.34 -25.16
N GLY A 10 -41.50 79.48 -25.35
CA GLY A 10 -40.64 78.38 -24.94
C GLY A 10 -39.74 78.72 -23.77
N MET A 11 -39.49 79.97 -23.64
CA MET A 11 -38.55 80.40 -22.61
C MET A 11 -39.10 81.61 -21.84
N CYS A 12 -38.91 81.50 -20.57
CA CYS A 12 -39.19 82.66 -19.73
C CYS A 12 -37.89 83.37 -19.34
N LYS A 13 -37.85 84.68 -19.57
CA LYS A 13 -36.74 85.53 -19.14
C LYS A 13 -37.19 86.51 -18.07
N ALA A 14 -36.39 86.50 -16.98
CA ALA A 14 -36.82 87.35 -15.87
C ALA A 14 -35.61 87.94 -15.14
N GLY A 15 -35.82 89.10 -14.64
CA GLY A 15 -34.77 89.78 -13.87
C GLY A 15 -35.22 91.11 -13.30
N PHE A 16 -34.21 91.92 -12.92
CA PHE A 16 -34.48 93.22 -12.30
C PHE A 16 -34.22 94.35 -13.28
N ALA A 17 -35.13 95.32 -13.24
CA ALA A 17 -34.94 96.50 -14.09
C ALA A 17 -33.58 97.15 -13.84
N GLY A 18 -32.97 97.53 -14.91
CA GLY A 18 -31.65 98.15 -14.82
C GLY A 18 -30.51 97.19 -15.12
N ASP A 19 -30.83 95.94 -15.05
CA ASP A 19 -29.81 94.95 -15.37
C ASP A 19 -29.58 94.87 -16.87
N ASP A 20 -28.41 94.39 -17.26
CA ASP A 20 -28.04 94.36 -18.67
C ASP A 20 -28.53 93.07 -19.33
N ALA A 21 -28.83 92.11 -18.49
CA ALA A 21 -29.36 90.84 -18.96
C ALA A 21 -30.27 90.19 -17.93
N PRO A 22 -31.17 89.35 -18.41
CA PRO A 22 -32.02 88.66 -17.43
C PRO A 22 -31.21 87.82 -16.45
N ARG A 23 -31.69 87.68 -15.27
CA ARG A 23 -31.06 86.85 -14.23
C ARG A 23 -31.45 85.39 -14.38
N ALA A 24 -32.63 85.24 -14.87
CA ALA A 24 -33.14 83.88 -15.04
C ALA A 24 -33.70 83.68 -16.44
N VAL A 25 -33.22 82.64 -17.02
CA VAL A 25 -33.76 82.16 -18.28
C VAL A 25 -34.04 80.65 -18.19
N PHE A 26 -35.33 80.29 -18.32
CA PHE A 26 -35.68 78.88 -18.15
C PHE A 26 -36.84 78.49 -19.06
N PRO A 27 -37.01 77.22 -19.33
CA PRO A 27 -38.14 76.77 -20.16
C PRO A 27 -39.48 77.10 -19.53
N SER A 28 -40.33 77.56 -20.35
CA SER A 28 -41.69 77.84 -19.90
C SER A 28 -42.56 76.60 -19.96
N ILE A 29 -42.28 75.65 -19.04
CA ILE A 29 -43.00 74.37 -19.09
C ILE A 29 -43.41 73.96 -17.68
N VAL A 30 -44.48 73.29 -17.59
CA VAL A 30 -44.96 72.67 -16.36
C VAL A 30 -45.12 71.17 -16.58
N GLY A 31 -44.52 70.46 -15.63
CA GLY A 31 -44.59 69.01 -15.73
C GLY A 31 -45.36 68.38 -14.59
N ARG A 32 -46.08 67.37 -14.92
CA ARG A 32 -46.81 66.58 -13.93
C ARG A 32 -46.52 65.09 -14.11
N PRO A 33 -46.45 64.40 -12.97
CA PRO A 33 -46.18 62.96 -13.05
C PRO A 33 -47.21 62.21 -13.90
N ARG A 34 -46.79 61.33 -14.73
CA ARG A 34 -47.65 60.56 -15.63
C ARG A 34 -48.47 59.53 -14.85
N HIS A 35 -47.87 58.93 -13.82
CA HIS A 35 -48.57 57.94 -12.99
C HIS A 35 -48.69 58.42 -11.55
N LYS A 45 -43.67 66.46 -5.52
CA LYS A 45 -44.51 67.61 -5.82
C LYS A 45 -45.58 67.27 -6.85
N ASP A 46 -46.66 67.93 -6.75
CA ASP A 46 -47.75 67.72 -7.69
C ASP A 46 -47.38 68.24 -9.08
N SER A 47 -46.44 69.14 -9.13
CA SER A 47 -46.01 69.68 -10.43
C SER A 47 -44.60 70.25 -10.35
N TYR A 48 -43.96 70.24 -11.50
CA TYR A 48 -42.60 70.76 -11.65
C TYR A 48 -42.54 71.83 -12.74
N VAL A 49 -41.68 72.80 -12.50
CA VAL A 49 -41.67 73.93 -13.42
C VAL A 49 -40.26 74.17 -13.94
N GLY A 50 -40.11 74.61 -15.16
CA GLY A 50 -38.86 75.09 -15.74
C GLY A 50 -37.80 74.00 -15.85
N ASP A 51 -36.62 74.26 -15.36
CA ASP A 51 -35.49 73.34 -15.49
C ASP A 51 -35.73 72.05 -14.71
N GLU A 52 -36.43 72.24 -13.61
CA GLU A 52 -36.74 71.05 -12.82
C GLU A 52 -37.67 70.11 -13.58
N ALA A 53 -38.66 70.67 -14.18
CA ALA A 53 -39.56 69.86 -15.00
C ALA A 53 -38.80 69.22 -16.16
N GLN A 54 -37.93 70.02 -16.77
CA GLN A 54 -37.15 69.53 -17.90
C GLN A 54 -36.25 68.38 -17.48
N SER A 55 -35.65 68.41 -16.30
CA SER A 55 -34.72 67.39 -15.81
C SER A 55 -35.45 66.09 -15.46
N LYS A 56 -36.77 66.19 -15.26
CA LYS A 56 -37.56 65.02 -14.90
C LYS A 56 -38.52 64.64 -16.03
N ARG A 57 -38.20 65.04 -17.16
CA ARG A 57 -39.11 64.92 -18.30
C ARG A 57 -39.44 63.45 -18.58
N GLY A 58 -38.54 62.48 -18.19
CA GLY A 58 -38.75 61.05 -18.41
C GLY A 58 -39.94 60.50 -17.66
N ILE A 59 -40.32 61.18 -16.65
CA ILE A 59 -41.40 60.65 -15.82
C ILE A 59 -42.54 61.65 -15.76
N LEU A 60 -42.42 62.75 -16.44
CA LEU A 60 -43.42 63.80 -16.37
C LEU A 60 -44.09 64.00 -17.72
N THR A 61 -45.37 64.38 -17.65
CA THR A 61 -45.99 64.99 -18.82
C THR A 61 -45.76 66.49 -18.84
N LEU A 62 -45.09 66.96 -19.95
CA LEU A 62 -44.72 68.37 -20.03
C LEU A 62 -45.73 69.14 -20.87
N LYS A 63 -46.11 70.29 -20.39
CA LYS A 63 -47.02 71.16 -21.13
C LYS A 63 -46.49 72.60 -21.17
N TYR A 64 -46.77 73.24 -22.30
CA TYR A 64 -46.47 74.67 -22.45
C TYR A 64 -47.72 75.51 -22.27
N PRO A 65 -47.65 76.38 -21.30
CA PRO A 65 -48.86 77.18 -21.11
C PRO A 65 -49.02 78.27 -22.16
N ILE A 66 -47.93 78.60 -22.87
CA ILE A 66 -47.98 79.58 -23.96
C ILE A 66 -47.76 78.86 -25.28
N GLU A 67 -48.72 78.98 -26.11
CA GLU A 67 -48.62 78.39 -27.45
C GLU A 67 -48.57 79.48 -28.53
N HIS A 68 -47.53 79.51 -29.20
CA HIS A 68 -47.30 80.48 -30.27
C HIS A 68 -47.57 81.91 -29.79
N GLY A 69 -47.16 82.18 -28.58
CA GLY A 69 -47.18 83.53 -28.03
C GLY A 69 -48.44 83.83 -27.23
N ILE A 70 -49.37 82.88 -27.20
CA ILE A 70 -50.66 83.13 -26.54
C ILE A 70 -50.82 82.19 -25.35
N VAL A 71 -51.15 82.77 -24.23
CA VAL A 71 -51.40 81.93 -23.06
C VAL A 71 -52.68 81.12 -23.27
N THR A 72 -52.56 79.84 -23.12
CA THR A 72 -53.71 78.98 -23.33
C THR A 72 -54.06 78.22 -22.05
N ASN A 73 -53.16 78.21 -21.12
CA ASN A 73 -53.37 77.57 -19.82
C ASN A 73 -52.98 78.49 -18.67
N TRP A 74 -53.96 79.04 -18.01
CA TRP A 74 -53.72 80.08 -17.01
C TRP A 74 -53.26 79.48 -15.69
N ASP A 75 -53.75 78.30 -15.38
CA ASP A 75 -53.30 77.63 -14.17
C ASP A 75 -51.79 77.38 -14.22
N ASP A 76 -51.39 76.89 -15.33
CA ASP A 76 -49.96 76.60 -15.50
C ASP A 76 -49.16 77.90 -15.59
N MET A 77 -49.74 78.91 -16.22
CA MET A 77 -49.04 80.18 -16.32
C MET A 77 -48.79 80.77 -14.93
N GLU A 78 -49.77 80.67 -14.06
CA GLU A 78 -49.58 81.13 -12.69
C GLU A 78 -48.45 80.39 -12.01
N LYS A 79 -48.32 79.10 -12.31
CA LYS A 79 -47.23 78.32 -11.75
C LYS A 79 -45.88 78.81 -12.26
N ILE A 80 -45.86 79.16 -13.53
CA ILE A 80 -44.64 79.70 -14.13
C ILE A 80 -44.25 81.00 -13.43
N TRP A 81 -45.20 81.84 -13.23
CA TRP A 81 -44.93 83.11 -12.58
C TRP A 81 -44.53 82.90 -11.12
N HIS A 82 -45.28 81.98 -10.48
CA HIS A 82 -44.89 81.64 -9.12
C HIS A 82 -43.43 81.18 -9.05
N HIS A 83 -43.13 80.31 -9.94
CA HIS A 83 -41.75 79.80 -10.02
C HIS A 83 -40.77 80.93 -10.32
N THR A 84 -41.11 81.88 -11.19
CA THR A 84 -40.28 83.01 -11.56
C THR A 84 -39.96 83.87 -10.33
N PHE A 85 -40.98 84.22 -9.57
CA PHE A 85 -40.84 85.16 -8.47
C PHE A 85 -40.16 84.50 -7.27
N TYR A 86 -40.52 83.30 -6.94
CA TYR A 86 -40.13 82.73 -5.66
C TYR A 86 -38.93 81.80 -5.81
N ASN A 87 -38.89 81.14 -6.90
CA ASN A 87 -37.83 80.16 -7.06
C ASN A 87 -36.64 80.73 -7.81
N GLU A 88 -36.87 81.47 -8.88
CA GLU A 88 -35.76 81.95 -9.71
C GLU A 88 -35.23 83.29 -9.19
N LEU A 89 -36.12 84.24 -8.93
CA LEU A 89 -35.67 85.57 -8.55
C LEU A 89 -35.59 85.69 -7.04
N ARG A 90 -36.32 84.82 -6.34
CA ARG A 90 -36.36 84.78 -4.89
C ARG A 90 -36.77 86.14 -4.31
N VAL A 91 -37.91 86.64 -4.75
CA VAL A 91 -38.44 87.91 -4.29
C VAL A 91 -39.94 87.79 -4.02
N ALA A 92 -40.38 88.68 -3.20
CA ALA A 92 -41.82 88.80 -3.01
C ALA A 92 -42.43 89.77 -4.02
N PRO A 93 -43.24 89.29 -4.88
CA PRO A 93 -43.80 90.16 -5.92
C PRO A 93 -44.61 91.33 -5.35
N GLU A 94 -45.15 91.19 -4.13
CA GLU A 94 -45.96 92.25 -3.52
C GLU A 94 -45.11 93.46 -3.17
N GLU A 95 -43.84 93.32 -3.35
CA GLU A 95 -42.93 94.42 -2.99
C GLU A 95 -42.36 95.09 -4.23
N HIS A 96 -42.70 94.57 -5.40
CA HIS A 96 -42.06 95.06 -6.60
C HIS A 96 -43.09 95.36 -7.69
N PRO A 97 -42.94 96.58 -8.32
CA PRO A 97 -43.67 96.67 -9.59
C PRO A 97 -43.22 95.62 -10.61
N VAL A 98 -44.15 95.23 -11.55
CA VAL A 98 -43.80 94.16 -12.49
C VAL A 98 -44.13 94.59 -13.91
N LEU A 99 -43.13 94.56 -14.77
CA LEU A 99 -43.36 94.73 -16.20
C LEU A 99 -43.41 93.38 -16.91
N LEU A 100 -44.47 93.11 -17.56
CA LEU A 100 -44.65 91.89 -18.34
C LEU A 100 -44.69 92.20 -19.83
N THR A 101 -44.12 91.30 -20.60
CA THR A 101 -44.22 91.47 -22.05
C THR A 101 -45.29 90.54 -22.61
N GLU A 102 -45.80 90.96 -23.73
CA GLU A 102 -46.76 90.13 -24.45
C GLU A 102 -46.44 90.07 -25.94
N ALA A 103 -46.91 88.97 -26.56
CA ALA A 103 -46.75 88.84 -28.01
C ALA A 103 -47.71 89.78 -28.75
N PRO A 104 -47.35 90.07 -30.03
CA PRO A 104 -48.34 90.81 -30.81
C PRO A 104 -49.64 90.02 -31.01
N LEU A 105 -50.77 90.68 -31.09
CA LEU A 105 -52.09 90.13 -31.35
C LEU A 105 -52.61 89.38 -30.13
N ASN A 106 -52.01 89.56 -29.00
CA ASN A 106 -52.56 89.03 -27.77
C ASN A 106 -54.01 89.50 -27.56
N PRO A 107 -54.92 88.55 -27.31
CA PRO A 107 -56.31 88.95 -27.09
C PRO A 107 -56.48 89.86 -25.88
N LYS A 108 -57.44 90.74 -25.98
CA LYS A 108 -57.70 91.69 -24.90
C LYS A 108 -58.04 90.96 -23.61
N ALA A 109 -58.76 89.88 -23.78
CA ALA A 109 -59.17 89.11 -22.61
C ALA A 109 -57.95 88.55 -21.89
N ASN A 110 -56.99 88.10 -22.65
CA ASN A 110 -55.77 87.57 -22.05
C ASN A 110 -54.99 88.65 -21.31
N ARG A 111 -54.98 89.82 -21.87
CA ARG A 111 -54.30 90.94 -21.24
C ARG A 111 -54.95 91.28 -19.90
N GLU A 112 -56.25 91.26 -19.94
CA GLU A 112 -56.98 91.56 -18.73
C GLU A 112 -56.77 90.47 -17.67
N LYS A 113 -56.79 89.21 -18.15
CA LYS A 113 -56.56 88.11 -17.22
C LYS A 113 -55.17 88.18 -16.59
N MET A 114 -54.21 88.51 -17.35
CA MET A 114 -52.85 88.71 -16.85
C MET A 114 -52.81 89.79 -15.79
N THR A 115 -53.48 90.87 -16.05
CA THR A 115 -53.55 92.00 -15.13
C THR A 115 -54.23 91.59 -13.83
N GLN A 116 -55.26 90.86 -13.97
CA GLN A 116 -56.01 90.37 -12.81
C GLN A 116 -55.13 89.47 -11.94
N ILE A 117 -54.44 88.58 -12.48
CA ILE A 117 -53.63 87.62 -11.75
C ILE A 117 -52.50 88.36 -11.03
N MET A 118 -51.89 89.37 -11.63
CA MET A 118 -50.78 90.09 -11.01
C MET A 118 -51.26 90.86 -9.77
N PHE A 119 -52.42 91.47 -9.90
CA PHE A 119 -52.88 92.30 -8.80
C PHE A 119 -53.58 91.45 -7.74
N GLU A 120 -54.32 90.43 -8.14
CA GLU A 120 -55.17 89.73 -7.19
C GLU A 120 -54.47 88.49 -6.64
N THR A 121 -53.71 87.81 -7.43
CA THR A 121 -53.04 86.59 -6.98
C THR A 121 -51.66 86.91 -6.41
N PHE A 122 -50.89 87.79 -7.06
CA PHE A 122 -49.51 88.04 -6.63
C PHE A 122 -49.42 89.35 -5.86
N ASN A 123 -50.44 90.12 -5.83
CA ASN A 123 -50.58 91.33 -5.05
C ASN A 123 -49.46 92.33 -5.35
N THR A 124 -49.06 92.40 -6.63
CA THR A 124 -48.04 93.37 -6.98
C THR A 124 -48.56 94.80 -6.79
N PRO A 125 -47.68 95.73 -6.35
CA PRO A 125 -48.15 97.10 -6.10
C PRO A 125 -48.42 97.87 -7.40
N ALA A 126 -47.80 97.49 -8.48
CA ALA A 126 -47.95 98.12 -9.78
C ALA A 126 -47.52 97.18 -10.90
N MET A 127 -48.07 97.41 -12.10
CA MET A 127 -47.68 96.57 -13.22
C MET A 127 -47.81 97.34 -14.53
N TYR A 128 -47.13 96.87 -15.54
CA TYR A 128 -47.18 97.39 -16.91
C TYR A 128 -47.01 96.25 -17.92
N VAL A 129 -47.72 96.37 -19.01
CA VAL A 129 -47.60 95.38 -20.07
C VAL A 129 -47.04 96.06 -21.33
N ALA A 130 -46.08 95.45 -21.93
CA ALA A 130 -45.49 95.98 -23.16
C ALA A 130 -45.42 94.93 -24.25
N ILE A 131 -45.59 95.37 -25.48
CA ILE A 131 -45.54 94.46 -26.62
C ILE A 131 -44.09 94.14 -26.96
N GLN A 132 -43.76 92.92 -27.12
CA GLN A 132 -42.39 92.42 -27.31
C GLN A 132 -41.72 93.11 -28.50
N ALA A 133 -42.39 93.19 -29.59
CA ALA A 133 -41.79 93.72 -30.82
C ALA A 133 -41.54 95.22 -30.71
N VAL A 134 -42.43 95.92 -30.01
CA VAL A 134 -42.27 97.36 -29.86
C VAL A 134 -41.05 97.65 -28.98
N LEU A 135 -40.89 96.85 -27.92
CA LEU A 135 -39.71 97.02 -27.07
C LEU A 135 -38.43 96.83 -27.86
N SER A 136 -38.43 95.82 -28.69
CA SER A 136 -37.25 95.52 -29.47
C SER A 136 -36.94 96.65 -30.45
N LEU A 137 -37.95 97.18 -31.05
CA LEU A 137 -37.75 98.26 -32.00
C LEU A 137 -37.18 99.50 -31.31
N TYR A 138 -37.78 99.83 -30.20
CA TYR A 138 -37.32 101.01 -29.47
C TYR A 138 -35.89 100.82 -28.99
N ALA A 139 -35.56 99.62 -28.60
CA ALA A 139 -34.22 99.33 -28.11
C ALA A 139 -33.18 99.54 -29.22
N SER A 140 -33.64 99.62 -30.39
CA SER A 140 -32.74 99.85 -31.52
C SER A 140 -32.70 101.33 -31.91
N GLY A 141 -33.44 102.16 -31.19
CA GLY A 141 -33.46 103.60 -31.42
C GLY A 141 -34.44 104.04 -32.48
N ARG A 142 -35.36 103.18 -32.77
CA ARG A 142 -36.33 103.45 -33.82
C ARG A 142 -37.75 103.42 -33.26
N THR A 143 -38.62 104.19 -33.94
CA THR A 143 -40.04 104.15 -33.58
C THR A 143 -40.86 103.65 -34.76
N THR A 144 -40.25 103.67 -35.89
CA THR A 144 -40.88 103.16 -37.11
C THR A 144 -39.98 102.11 -37.78
N GLY A 145 -40.53 100.95 -38.05
CA GLY A 145 -39.88 99.83 -38.68
C GLY A 145 -40.67 98.54 -38.60
N ILE A 146 -40.10 97.52 -39.09
CA ILE A 146 -40.72 96.21 -38.96
C ILE A 146 -39.78 95.27 -38.22
N VAL A 147 -40.36 94.53 -37.26
CA VAL A 147 -39.57 93.60 -36.45
C VAL A 147 -39.86 92.16 -36.87
N LEU A 148 -38.84 91.46 -37.23
CA LEU A 148 -38.92 90.00 -37.31
C LEU A 148 -38.51 89.36 -35.99
N ASP A 149 -39.52 89.01 -35.24
CA ASP A 149 -39.31 88.41 -33.93
C ASP A 149 -39.46 86.89 -33.99
N SER A 150 -38.32 86.25 -33.77
CA SER A 150 -38.33 84.79 -33.79
C SER A 150 -37.72 84.21 -32.52
N GLY A 151 -38.63 83.59 -31.74
CA GLY A 151 -38.20 82.98 -30.50
C GLY A 151 -38.09 81.47 -30.58
N ASP A 152 -38.54 80.82 -29.57
CA ASP A 152 -38.48 79.36 -29.49
C ASP A 152 -39.71 78.73 -30.13
N GLY A 153 -40.78 79.48 -30.04
CA GLY A 153 -42.02 78.79 -30.39
C GLY A 153 -42.73 79.41 -31.58
N VAL A 154 -42.37 80.60 -31.90
CA VAL A 154 -43.12 81.27 -32.95
C VAL A 154 -42.29 82.39 -33.56
N SER A 155 -42.52 82.72 -34.79
CA SER A 155 -41.96 83.88 -35.47
C SER A 155 -43.05 84.85 -35.90
N HIS A 156 -42.80 86.17 -35.63
CA HIS A 156 -43.72 87.23 -36.04
C HIS A 156 -43.01 88.28 -36.87
N THR A 157 -43.71 88.75 -37.86
CA THR A 157 -43.36 90.03 -38.46
C THR A 157 -44.32 91.12 -38.02
N VAL A 158 -43.73 92.16 -37.43
CA VAL A 158 -44.57 93.16 -36.78
C VAL A 158 -44.22 94.56 -37.29
N PRO A 159 -45.00 95.06 -38.26
CA PRO A 159 -44.78 96.45 -38.66
C PRO A 159 -45.22 97.45 -37.59
N ILE A 160 -44.41 98.42 -37.35
CA ILE A 160 -44.67 99.45 -36.35
C ILE A 160 -44.46 100.83 -36.97
N TYR A 161 -45.48 101.67 -36.80
CA TYR A 161 -45.40 103.03 -37.31
C TYR A 161 -45.58 104.05 -36.18
N GLU A 162 -44.49 104.79 -35.93
CA GLU A 162 -44.46 105.82 -34.89
C GLU A 162 -44.89 105.25 -33.55
N GLY A 163 -44.45 104.04 -33.33
CA GLY A 163 -44.61 103.44 -32.01
C GLY A 163 -45.86 102.59 -31.90
N TYR A 164 -46.65 102.55 -33.00
CA TYR A 164 -47.88 101.76 -32.97
C TYR A 164 -47.77 100.56 -33.90
N ALA A 165 -47.98 99.41 -33.28
CA ALA A 165 -48.05 98.21 -34.12
C ALA A 165 -49.26 98.25 -35.03
N LEU A 166 -49.11 97.73 -36.25
CA LEU A 166 -50.20 97.66 -37.21
C LEU A 166 -50.78 96.25 -37.29
N PRO A 167 -51.83 96.05 -36.49
CA PRO A 167 -52.36 94.70 -36.29
C PRO A 167 -52.74 94.02 -37.61
N HIS A 168 -53.26 94.73 -38.58
CA HIS A 168 -53.74 94.14 -39.82
C HIS A 168 -52.59 93.60 -40.65
N ALA A 169 -51.43 94.04 -40.33
CA ALA A 169 -50.29 93.69 -41.17
C ALA A 169 -49.33 92.77 -40.40
N ILE A 170 -49.68 92.39 -39.22
CA ILE A 170 -48.87 91.44 -38.46
C ILE A 170 -49.09 90.03 -38.99
N LEU A 171 -47.97 89.35 -39.27
CA LEU A 171 -48.07 87.97 -39.75
C LEU A 171 -47.33 87.02 -38.81
N ARG A 172 -47.88 85.83 -38.72
CA ARG A 172 -47.34 84.83 -37.82
C ARG A 172 -46.91 83.58 -38.58
N LEU A 173 -45.74 83.10 -38.24
CA LEU A 173 -45.24 81.80 -38.70
C LEU A 173 -44.99 80.87 -37.53
N ASP A 174 -45.81 79.81 -37.41
CA ASP A 174 -45.66 78.87 -36.30
C ASP A 174 -44.46 77.96 -36.51
N LEU A 175 -43.38 78.51 -36.76
CA LEU A 175 -42.07 77.90 -36.95
C LEU A 175 -40.98 78.74 -36.30
N ALA A 176 -40.25 78.11 -35.39
CA ALA A 176 -39.18 78.83 -34.71
C ALA A 176 -38.14 77.85 -34.16
N GLY A 177 -37.52 78.17 -33.13
CA GLY A 177 -36.35 77.46 -32.63
C GLY A 177 -36.64 76.01 -32.28
N ARG A 178 -37.70 75.79 -31.64
CA ARG A 178 -38.04 74.44 -31.22
C ARG A 178 -38.24 73.52 -32.41
N ASP A 179 -38.90 74.02 -33.41
CA ASP A 179 -39.11 73.25 -34.63
C ASP A 179 -37.78 72.95 -35.32
N LEU A 180 -36.90 73.84 -35.26
CA LEU A 180 -35.60 73.65 -35.88
C LEU A 180 -34.77 72.61 -35.14
N THR A 181 -34.89 72.65 -33.86
CA THR A 181 -34.22 71.62 -33.07
C THR A 181 -34.73 70.24 -33.45
N ASP A 182 -36.03 70.11 -33.57
CA ASP A 182 -36.62 68.85 -33.98
C ASP A 182 -36.17 68.44 -35.38
N TYR A 183 -36.13 69.40 -36.19
CA TYR A 183 -35.70 69.14 -37.56
C TYR A 183 -34.24 68.68 -37.60
N LEU A 184 -33.43 69.33 -36.83
CA LEU A 184 -32.02 68.93 -36.78
C LEU A 184 -31.87 67.51 -36.26
N MET A 185 -32.64 67.20 -35.27
CA MET A 185 -32.63 65.83 -34.78
C MET A 185 -32.93 64.84 -35.90
N LYS A 186 -33.91 65.14 -36.67
CA LYS A 186 -34.32 64.27 -37.77
C LYS A 186 -33.19 64.10 -38.79
N ILE A 187 -32.55 65.16 -39.17
CA ILE A 187 -31.58 65.08 -40.26
C ILE A 187 -30.26 64.52 -39.72
N LEU A 188 -30.00 64.67 -38.46
CA LEU A 188 -28.84 64.00 -37.86
C LEU A 188 -29.06 62.48 -37.82
N THR A 189 -30.31 62.12 -37.55
CA THR A 189 -30.65 60.70 -37.59
C THR A 189 -30.36 60.12 -38.97
N GLU A 190 -30.64 60.86 -39.99
CA GLU A 190 -30.37 60.43 -41.36
C GLU A 190 -28.88 60.22 -41.59
N ARG A 191 -28.08 60.94 -40.84
CA ARG A 191 -26.63 60.82 -40.95
C ARG A 191 -26.11 59.68 -40.09
N GLY A 192 -26.94 59.17 -39.23
CA GLY A 192 -26.56 58.00 -38.45
C GLY A 192 -26.45 58.27 -36.96
N TYR A 193 -26.76 59.50 -36.62
CA TYR A 193 -26.78 59.83 -35.20
C TYR A 193 -28.20 59.79 -34.64
N SER A 194 -28.31 59.06 -33.62
CA SER A 194 -29.66 58.92 -33.09
C SER A 194 -29.80 59.62 -31.75
N PHE A 195 -30.66 60.60 -31.73
CA PHE A 195 -31.06 61.31 -30.52
C PHE A 195 -32.55 61.14 -30.26
N THR A 196 -32.85 60.36 -29.30
CA THR A 196 -34.26 59.98 -29.18
C THR A 196 -34.84 60.47 -27.87
N THR A 197 -33.97 60.80 -26.96
CA THR A 197 -34.49 61.20 -25.66
C THR A 197 -34.56 62.72 -25.54
N THR A 198 -35.30 63.16 -24.59
CA THR A 198 -35.44 64.59 -24.35
C THR A 198 -34.10 65.21 -23.97
N ALA A 199 -33.37 64.49 -23.13
CA ALA A 199 -32.05 64.96 -22.77
C ALA A 199 -31.17 65.12 -24.01
N GLU A 200 -31.35 64.24 -24.87
CA GLU A 200 -30.58 64.28 -26.10
C GLU A 200 -31.04 65.43 -27.00
N ARG A 201 -32.26 65.71 -26.87
CA ARG A 201 -32.78 66.85 -27.62
C ARG A 201 -32.08 68.14 -27.24
N GLU A 202 -31.75 68.28 -25.94
CA GLU A 202 -31.04 69.47 -25.46
C GLU A 202 -29.62 69.52 -26.01
N ILE A 203 -29.13 68.38 -26.17
CA ILE A 203 -27.82 68.31 -26.78
C ILE A 203 -27.90 68.83 -28.22
N VAL A 204 -28.95 68.43 -28.88
CA VAL A 204 -29.12 68.84 -30.27
C VAL A 204 -29.36 70.35 -30.34
N ARG A 205 -30.11 70.83 -29.41
CA ARG A 205 -30.31 72.28 -29.32
C ARG A 205 -28.98 73.01 -29.19
N ASP A 206 -28.15 72.44 -28.33
CA ASP A 206 -26.83 73.02 -28.14
C ASP A 206 -26.01 72.97 -29.43
N ILE A 207 -26.07 71.87 -30.14
CA ILE A 207 -25.39 71.73 -31.42
C ILE A 207 -25.90 72.80 -32.39
N LYS A 208 -27.19 72.92 -32.46
CA LYS A 208 -27.83 73.89 -33.34
C LYS A 208 -27.33 75.31 -33.05
N GLU A 209 -27.31 75.70 -31.84
CA GLU A 209 -26.99 77.07 -31.44
C GLU A 209 -25.50 77.37 -31.60
N LYS A 210 -24.68 76.32 -31.58
CA LYS A 210 -23.24 76.52 -31.63
C LYS A 210 -22.71 76.37 -33.05
N LEU A 211 -23.39 75.55 -33.81
CA LEU A 211 -22.69 75.14 -35.03
C LEU A 211 -23.47 75.56 -36.27
N CYS A 212 -24.73 75.78 -36.14
CA CYS A 212 -25.54 76.04 -37.33
C CYS A 212 -25.40 77.48 -37.77
N TYR A 213 -25.62 77.67 -39.07
CA TYR A 213 -25.57 79.00 -39.66
C TYR A 213 -26.45 79.08 -40.90
N VAL A 214 -26.72 80.29 -41.37
CA VAL A 214 -27.53 80.52 -42.56
C VAL A 214 -26.63 80.79 -43.77
N ALA A 215 -26.82 80.00 -44.79
CA ALA A 215 -26.07 80.19 -46.03
C ALA A 215 -26.62 81.37 -46.83
N LEU A 216 -25.67 82.10 -47.40
CA LEU A 216 -26.10 83.17 -48.28
C LEU A 216 -26.80 82.61 -49.52
N ASP A 217 -26.16 81.69 -50.16
CA ASP A 217 -26.70 80.91 -51.27
C ASP A 217 -26.77 79.42 -50.91
N PHE A 218 -27.97 78.95 -50.72
CA PHE A 218 -28.19 77.60 -50.21
C PHE A 218 -27.73 76.55 -51.20
N GLU A 219 -27.99 76.74 -52.45
CA GLU A 219 -27.63 75.75 -53.47
C GLU A 219 -26.12 75.66 -53.64
N GLN A 220 -25.53 76.81 -53.64
CA GLN A 220 -24.06 76.83 -53.75
C GLN A 220 -23.42 76.17 -52.54
N GLU A 221 -23.97 76.42 -51.42
CA GLU A 221 -23.42 75.84 -50.19
C GLU A 221 -23.56 74.32 -50.17
N MET A 222 -24.70 73.85 -50.71
CA MET A 222 -24.92 72.42 -50.85
C MET A 222 -23.88 71.80 -51.77
N ALA A 223 -23.55 72.50 -52.81
CA ALA A 223 -22.54 72.03 -53.76
C ALA A 223 -21.16 71.97 -53.10
N THR A 224 -20.89 72.98 -52.34
CA THR A 224 -19.60 73.02 -51.64
C THR A 224 -19.50 71.87 -50.64
N ALA A 225 -20.58 71.66 -49.94
CA ALA A 225 -20.59 70.60 -48.93
C ALA A 225 -20.40 69.23 -49.58
N ALA A 226 -20.85 69.08 -50.83
CA ALA A 226 -20.76 67.80 -51.54
C ALA A 226 -19.36 67.57 -52.08
N SER A 227 -18.64 68.65 -52.26
CA SER A 227 -17.36 68.53 -52.94
C SER A 227 -16.19 68.65 -51.96
N SER A 228 -16.49 69.16 -50.75
CA SER A 228 -15.41 69.36 -49.80
C SER A 228 -15.89 69.17 -48.37
N SER A 229 -14.93 68.91 -47.49
CA SER A 229 -15.26 68.76 -46.07
C SER A 229 -15.00 70.06 -45.31
N SER A 230 -14.86 71.10 -46.03
CA SER A 230 -14.46 72.38 -45.43
C SER A 230 -15.57 72.93 -44.53
N LEU A 231 -16.74 72.48 -44.73
CA LEU A 231 -17.87 73.02 -43.99
C LEU A 231 -18.21 72.15 -42.78
N GLU A 232 -17.50 71.08 -42.65
CA GLU A 232 -17.76 70.16 -41.55
C GLU A 232 -17.20 70.70 -40.23
N LYS A 233 -17.97 70.49 -39.18
CA LYS A 233 -17.53 70.81 -37.82
C LYS A 233 -17.78 69.65 -36.86
N SER A 234 -16.94 69.60 -35.87
CA SER A 234 -17.08 68.53 -34.88
C SER A 234 -17.69 69.05 -33.59
N TYR A 235 -18.40 68.14 -32.92
CA TYR A 235 -19.02 68.42 -31.63
C TYR A 235 -18.81 67.27 -30.65
N GLU A 236 -18.26 67.56 -29.52
CA GLU A 236 -18.04 66.53 -28.51
C GLU A 236 -19.28 66.34 -27.63
N LEU A 237 -19.78 65.18 -27.65
CA LEU A 237 -20.93 64.85 -26.81
C LEU A 237 -20.54 64.74 -25.35
N PRO A 238 -21.49 64.79 -24.51
CA PRO A 238 -21.20 64.69 -23.08
C PRO A 238 -20.49 63.39 -22.71
N ASP A 239 -20.72 62.32 -23.42
CA ASP A 239 -20.11 61.03 -23.13
C ASP A 239 -18.71 60.94 -23.73
N GLY A 240 -18.25 61.97 -24.42
CA GLY A 240 -16.91 62.03 -24.98
C GLY A 240 -16.84 61.70 -26.46
N GLN A 241 -17.86 61.14 -26.94
CA GLN A 241 -17.91 60.84 -28.37
C GLN A 241 -17.96 62.11 -29.21
N VAL A 242 -17.21 62.09 -30.28
CA VAL A 242 -17.17 63.23 -31.18
C VAL A 242 -17.97 62.93 -32.44
N ILE A 243 -18.89 63.76 -32.72
CA ILE A 243 -19.64 63.59 -33.96
C ILE A 243 -19.29 64.71 -34.94
N THR A 244 -19.47 64.40 -36.20
CA THR A 244 -19.21 65.36 -37.26
C THR A 244 -20.51 65.81 -37.93
N ILE A 245 -20.69 67.12 -37.97
CA ILE A 245 -21.87 67.70 -38.61
C ILE A 245 -21.46 68.41 -39.90
N GLY A 246 -22.16 68.08 -41.04
CA GLY A 246 -21.82 68.66 -42.33
C GLY A 246 -22.85 69.65 -42.83
N ASN A 247 -23.58 69.16 -43.83
CA ASN A 247 -24.51 70.09 -44.46
C ASN A 247 -25.74 70.30 -43.58
N GLU A 248 -25.84 69.55 -42.46
CA GLU A 248 -26.92 69.76 -41.51
C GLU A 248 -26.81 71.15 -40.86
N ARG A 249 -25.60 71.68 -40.84
CA ARG A 249 -25.32 72.95 -40.20
C ARG A 249 -26.14 74.08 -40.82
N PHE A 250 -26.31 74.01 -42.14
CA PHE A 250 -27.01 75.10 -42.78
C PHE A 250 -28.36 74.65 -43.32
N ARG A 251 -28.58 73.34 -43.39
CA ARG A 251 -29.88 72.82 -43.78
C ARG A 251 -30.92 73.09 -42.70
N CYS A 252 -30.52 73.02 -41.52
CA CYS A 252 -31.43 73.20 -40.40
C CYS A 252 -32.06 74.59 -40.42
N PRO A 253 -31.27 75.68 -40.37
CA PRO A 253 -31.91 77.00 -40.35
C PRO A 253 -32.52 77.39 -41.69
N GLU A 254 -32.21 76.62 -42.74
CA GLU A 254 -32.83 76.90 -44.04
C GLU A 254 -34.34 76.75 -43.97
N ALA A 255 -34.74 75.96 -43.02
CA ALA A 255 -36.17 75.73 -42.84
C ALA A 255 -36.90 77.04 -42.55
N LEU A 256 -36.24 78.06 -42.04
CA LEU A 256 -36.85 79.36 -41.80
C LEU A 256 -37.20 80.06 -43.11
N PHE A 257 -36.34 79.83 -44.10
CA PHE A 257 -36.53 80.44 -45.42
C PHE A 257 -37.36 79.54 -46.32
N GLN A 258 -37.29 78.27 -46.06
CA GLN A 258 -38.05 77.27 -46.79
C GLN A 258 -38.75 76.31 -45.84
N PRO A 259 -39.91 76.68 -45.39
CA PRO A 259 -40.62 75.87 -44.40
C PRO A 259 -41.02 74.50 -44.95
N SER A 260 -40.96 74.35 -46.23
CA SER A 260 -41.26 73.06 -46.84
C SER A 260 -40.32 71.97 -46.34
N PHE A 261 -39.11 72.33 -45.88
CA PHE A 261 -38.18 71.38 -45.29
C PHE A 261 -38.83 70.63 -44.12
N LEU A 262 -39.78 71.29 -43.50
CA LEU A 262 -40.49 70.69 -42.38
C LEU A 262 -41.88 70.21 -42.79
N GLY A 263 -42.15 70.30 -44.06
CA GLY A 263 -43.45 69.87 -44.57
C GLY A 263 -44.54 70.91 -44.39
N MET A 264 -44.18 72.11 -44.12
CA MET A 264 -45.15 73.18 -43.90
C MET A 264 -45.44 73.93 -45.19
N GLU A 265 -46.73 74.10 -45.41
CA GLU A 265 -47.13 74.94 -46.53
C GLU A 265 -47.21 76.41 -46.12
N ALA A 266 -46.10 77.00 -45.88
CA ALA A 266 -46.01 78.39 -45.44
C ALA A 266 -44.85 79.11 -46.13
N CYS A 267 -45.01 80.43 -46.17
CA CYS A 267 -43.91 81.24 -46.67
C CYS A 267 -42.79 81.34 -45.64
N GLY A 268 -41.54 81.42 -46.14
CA GLY A 268 -40.41 81.64 -45.26
C GLY A 268 -40.41 83.01 -44.62
N ILE A 269 -39.51 83.27 -43.76
CA ILE A 269 -39.49 84.48 -42.96
C ILE A 269 -39.23 85.69 -43.86
N HIS A 270 -38.43 85.53 -44.96
CA HIS A 270 -38.18 86.66 -45.86
C HIS A 270 -39.45 87.04 -46.62
N GLU A 271 -40.16 86.04 -47.11
CA GLU A 271 -41.41 86.30 -47.81
C GLU A 271 -42.49 86.83 -46.87
N THR A 272 -42.51 86.26 -45.72
CA THR A 272 -43.47 86.72 -44.72
C THR A 272 -43.23 88.19 -44.37
N THR A 273 -41.99 88.56 -44.22
CA THR A 273 -41.63 89.96 -43.96
C THR A 273 -42.08 90.85 -45.12
N TYR A 274 -41.79 90.40 -46.29
CA TYR A 274 -42.21 91.13 -47.48
C TYR A 274 -43.73 91.28 -47.53
N ASN A 275 -44.40 90.19 -47.30
CA ASN A 275 -45.85 90.21 -47.35
C ASN A 275 -46.43 91.14 -46.29
N SER A 276 -45.81 91.17 -45.13
CA SER A 276 -46.23 92.08 -44.07
C SER A 276 -46.09 93.54 -44.49
N ILE A 277 -45.05 93.88 -45.11
CA ILE A 277 -44.80 95.23 -45.59
C ILE A 277 -45.84 95.61 -46.64
N MET A 278 -46.16 94.67 -47.47
CA MET A 278 -47.09 94.93 -48.56
C MET A 278 -48.51 95.13 -48.04
N LYS A 279 -48.77 94.67 -46.89
CA LYS A 279 -50.09 94.86 -46.29
C LYS A 279 -50.22 96.27 -45.69
N CYS A 280 -49.13 96.97 -45.60
CA CYS A 280 -49.15 98.33 -45.04
C CYS A 280 -49.39 99.36 -46.12
N ASP A 281 -49.74 100.59 -45.67
CA ASP A 281 -49.93 101.69 -46.60
C ASP A 281 -48.65 101.97 -47.39
N VAL A 282 -48.83 102.35 -48.60
CA VAL A 282 -47.74 102.53 -49.54
C VAL A 282 -46.76 103.58 -49.01
N ASP A 283 -47.21 104.50 -48.25
CA ASP A 283 -46.41 105.65 -47.83
C ASP A 283 -45.47 105.27 -46.69
N ILE A 284 -45.68 104.18 -46.09
CA ILE A 284 -44.81 103.87 -44.97
C ILE A 284 -43.91 102.69 -45.33
N ARG A 285 -44.12 102.07 -46.46
CA ARG A 285 -43.38 100.88 -46.85
C ARG A 285 -41.89 101.16 -46.99
N LYS A 286 -41.62 102.31 -47.52
CA LYS A 286 -40.22 102.69 -47.68
C LYS A 286 -39.49 102.66 -46.33
N ASP A 287 -40.17 103.15 -45.30
CA ASP A 287 -39.60 103.17 -43.96
C ASP A 287 -39.45 101.77 -43.40
N LEU A 288 -40.34 100.95 -43.72
CA LEU A 288 -40.30 99.57 -43.22
C LEU A 288 -39.16 98.79 -43.86
N TYR A 289 -38.97 98.98 -45.15
CA TYR A 289 -37.88 98.31 -45.86
C TYR A 289 -36.53 98.75 -45.29
N ALA A 290 -36.47 99.97 -44.88
CA ALA A 290 -35.20 100.56 -44.47
C ALA A 290 -34.96 100.37 -42.97
N ASN A 291 -35.89 99.69 -42.34
CA ASN A 291 -35.79 99.50 -40.90
C ASN A 291 -36.35 98.15 -40.47
N THR A 292 -35.74 97.10 -40.94
CA THR A 292 -36.11 95.74 -40.53
C THR A 292 -35.21 95.26 -39.40
N VAL A 293 -35.85 95.04 -38.26
CA VAL A 293 -35.08 94.70 -37.08
C VAL A 293 -35.27 93.23 -36.72
N LEU A 294 -34.14 92.53 -36.57
CA LEU A 294 -34.21 91.14 -36.12
C LEU A 294 -34.18 91.07 -34.61
N SER A 295 -35.04 90.18 -34.10
CA SER A 295 -35.12 90.01 -32.66
C SER A 295 -35.46 88.56 -32.29
N GLY A 296 -34.85 88.07 -31.17
CA GLY A 296 -35.13 86.73 -30.68
C GLY A 296 -33.99 85.76 -30.89
N GLY A 297 -33.98 84.70 -30.17
CA GLY A 297 -32.88 83.74 -30.17
C GLY A 297 -32.69 83.06 -31.51
N THR A 298 -33.78 82.88 -32.19
CA THR A 298 -33.71 82.14 -33.45
C THR A 298 -33.14 83.02 -34.55
N THR A 299 -32.87 84.27 -34.26
CA THR A 299 -32.28 85.16 -35.24
C THR A 299 -30.77 85.28 -35.03
N MET A 300 -30.23 84.43 -34.18
CA MET A 300 -28.81 84.55 -33.80
C MET A 300 -27.93 83.78 -34.77
N TYR A 301 -28.49 83.13 -35.75
CA TYR A 301 -27.68 82.37 -36.71
C TYR A 301 -26.75 83.30 -37.48
N PRO A 302 -25.46 82.87 -37.44
CA PRO A 302 -24.58 83.61 -38.35
C PRO A 302 -25.08 83.59 -39.80
N GLY A 303 -25.07 84.76 -40.40
CA GLY A 303 -25.41 84.85 -41.81
C GLY A 303 -26.86 85.23 -42.05
N ILE A 304 -27.64 85.21 -41.05
CA ILE A 304 -29.07 85.40 -41.25
C ILE A 304 -29.34 86.83 -41.73
N ALA A 305 -28.64 87.79 -41.20
CA ALA A 305 -28.86 89.18 -41.61
C ALA A 305 -28.52 89.37 -43.09
N ASP A 306 -27.44 88.80 -43.52
CA ASP A 306 -27.03 88.91 -44.91
C ASP A 306 -28.03 88.20 -45.83
N ARG A 307 -28.43 87.06 -45.38
CA ARG A 307 -29.40 86.32 -46.17
C ARG A 307 -30.71 87.09 -46.29
N MET A 308 -31.16 87.66 -45.21
CA MET A 308 -32.37 88.47 -45.23
C MET A 308 -32.21 89.66 -46.17
N GLN A 309 -31.09 90.31 -46.05
CA GLN A 309 -30.80 91.44 -46.93
C GLN A 309 -30.90 91.03 -48.40
N LYS A 310 -30.32 89.98 -48.72
CA LYS A 310 -30.32 89.47 -50.10
C LYS A 310 -31.74 89.16 -50.56
N GLU A 311 -32.46 88.43 -49.74
CA GLU A 311 -33.79 87.94 -50.13
C GLU A 311 -34.78 89.08 -50.23
N ILE A 312 -34.72 90.04 -49.34
CA ILE A 312 -35.67 91.15 -49.36
C ILE A 312 -35.35 92.09 -50.53
N THR A 313 -34.10 92.29 -50.79
CA THR A 313 -33.68 93.09 -51.94
C THR A 313 -34.26 92.51 -53.23
N ALA A 314 -34.27 91.21 -53.31
CA ALA A 314 -34.77 90.53 -54.50
C ALA A 314 -36.28 90.69 -54.63
N LEU A 315 -36.99 90.80 -53.55
CA LEU A 315 -38.44 90.85 -53.55
C LEU A 315 -38.94 92.28 -53.69
N ALA A 316 -38.20 93.26 -53.13
CA ALA A 316 -38.63 94.65 -53.08
C ALA A 316 -38.42 95.35 -54.41
N PRO A 317 -39.17 96.43 -54.64
CA PRO A 317 -38.85 97.24 -55.81
C PRO A 317 -37.39 97.66 -55.87
N SER A 318 -36.86 97.83 -57.01
CA SER A 318 -35.42 98.02 -57.22
C SER A 318 -34.95 99.34 -56.62
N THR A 319 -35.80 100.26 -56.47
CA THR A 319 -35.41 101.58 -56.00
C THR A 319 -35.46 101.66 -54.48
N MET A 320 -35.85 100.58 -53.92
CA MET A 320 -36.08 100.60 -52.49
C MET A 320 -34.78 100.34 -51.72
N LYS A 321 -34.51 101.20 -50.75
CA LYS A 321 -33.40 100.93 -49.85
C LYS A 321 -33.78 99.88 -48.80
N ILE A 322 -32.85 98.89 -48.71
CA ILE A 322 -33.10 97.80 -47.77
C ILE A 322 -32.06 97.83 -46.65
N LYS A 323 -32.54 97.80 -45.45
CA LYS A 323 -31.61 97.74 -44.33
C LYS A 323 -32.10 96.75 -43.27
N ILE A 324 -31.25 95.77 -43.02
CA ILE A 324 -31.50 94.79 -41.97
C ILE A 324 -30.67 95.11 -40.74
N ILE A 325 -31.38 95.23 -39.66
CA ILE A 325 -30.69 95.57 -38.42
C ILE A 325 -30.66 94.34 -37.49
N ALA A 326 -29.46 93.91 -37.16
CA ALA A 326 -29.25 92.77 -36.27
C ALA A 326 -28.40 93.16 -35.07
N PRO A 327 -29.10 93.74 -34.08
CA PRO A 327 -28.31 94.12 -32.90
C PRO A 327 -27.62 92.93 -32.24
N PRO A 328 -26.50 93.16 -31.70
CA PRO A 328 -25.77 92.06 -31.07
C PRO A 328 -26.51 91.47 -29.87
N GLU A 329 -27.23 92.30 -29.21
CA GLU A 329 -27.92 91.86 -28.00
C GLU A 329 -29.33 91.38 -28.31
N ARG A 330 -29.59 91.01 -29.54
CA ARG A 330 -30.95 90.80 -30.00
C ARG A 330 -31.54 89.51 -29.42
N LYS A 331 -30.69 88.71 -28.82
CA LYS A 331 -31.23 87.53 -28.16
C LYS A 331 -32.19 87.92 -27.04
N TYR A 332 -31.84 88.99 -26.36
CA TYR A 332 -32.66 89.42 -25.22
C TYR A 332 -33.14 90.85 -25.42
N SER A 333 -33.30 91.27 -26.62
CA SER A 333 -33.65 92.65 -26.92
C SER A 333 -34.96 93.05 -26.23
N VAL A 334 -35.89 92.17 -26.27
CA VAL A 334 -37.19 92.47 -25.66
C VAL A 334 -37.02 92.74 -24.17
N TRP A 335 -36.33 91.82 -23.51
CA TRP A 335 -36.16 91.94 -22.07
C TRP A 335 -35.34 93.19 -21.73
N ILE A 336 -34.29 93.42 -22.47
CA ILE A 336 -33.40 94.55 -22.23
C ILE A 336 -34.18 95.86 -22.38
N GLY A 337 -34.96 95.92 -23.45
CA GLY A 337 -35.81 97.09 -23.60
C GLY A 337 -36.72 97.33 -22.42
N GLY A 338 -37.34 96.28 -21.93
CA GLY A 338 -38.18 96.40 -20.76
C GLY A 338 -37.39 96.78 -19.51
N SER A 339 -36.21 96.23 -19.38
CA SER A 339 -35.35 96.51 -18.24
C SER A 339 -34.97 97.97 -18.17
N ILE A 340 -34.64 98.52 -19.28
CA ILE A 340 -34.22 99.92 -19.34
C ILE A 340 -35.42 100.83 -19.08
N LEU A 341 -36.47 100.55 -19.74
CA LEU A 341 -37.68 101.36 -19.59
C LEU A 341 -38.12 101.40 -18.12
N ALA A 342 -38.17 100.27 -17.51
CA ALA A 342 -38.69 100.14 -16.15
C ALA A 342 -37.71 100.70 -15.13
N SER A 343 -36.52 100.95 -15.50
CA SER A 343 -35.50 101.44 -14.58
C SER A 343 -35.50 102.96 -14.53
N LEU A 344 -36.15 103.58 -15.53
CA LEU A 344 -36.17 105.03 -15.56
C LEU A 344 -37.05 105.59 -14.44
N SER A 345 -36.53 106.64 -13.81
CA SER A 345 -37.29 107.23 -12.71
C SER A 345 -38.58 107.87 -13.22
N THR A 346 -38.59 108.35 -14.43
CA THR A 346 -39.74 109.03 -15.00
C THR A 346 -40.81 108.02 -15.42
N PHE A 347 -40.42 106.74 -15.54
CA PHE A 347 -41.37 105.71 -15.97
C PHE A 347 -42.34 105.37 -14.84
N GLN A 348 -42.01 105.75 -13.61
CA GLN A 348 -42.80 105.40 -12.42
C GLN A 348 -44.23 105.90 -12.55
N GLN A 349 -44.44 106.91 -13.30
CA GLN A 349 -45.77 107.50 -13.45
C GLN A 349 -46.60 106.72 -14.47
N MET A 350 -45.93 105.82 -15.11
CA MET A 350 -46.61 105.12 -16.19
C MET A 350 -47.21 103.80 -15.71
N TRP A 351 -46.93 103.35 -14.56
CA TRP A 351 -47.40 102.09 -14.00
C TRP A 351 -48.91 102.12 -13.80
N ILE A 352 -49.54 100.98 -13.97
CA ILE A 352 -50.85 100.79 -13.38
C ILE A 352 -50.72 100.50 -11.88
N SER A 353 -51.23 101.33 -11.04
CA SER A 353 -51.15 101.11 -9.60
C SER A 353 -52.28 100.19 -9.12
N LYS A 354 -52.03 99.59 -8.00
CA LYS A 354 -53.08 98.77 -7.41
C LYS A 354 -54.35 99.58 -7.18
N GLN A 355 -54.25 100.78 -6.82
CA GLN A 355 -55.39 101.66 -6.60
C GLN A 355 -56.18 101.88 -7.88
N GLU A 356 -55.46 102.14 -8.94
CA GLU A 356 -56.12 102.32 -10.23
C GLU A 356 -56.84 101.05 -10.66
N TYR A 357 -56.22 99.94 -10.44
CA TYR A 357 -56.84 98.64 -10.76
C TYR A 357 -58.11 98.43 -9.94
N ASP A 358 -58.09 98.75 -8.66
CA ASP A 358 -59.23 98.56 -7.78
C ASP A 358 -60.40 99.44 -8.21
N GLU A 359 -60.07 100.56 -8.86
CA GLU A 359 -61.10 101.51 -9.26
C GLU A 359 -61.66 101.17 -10.64
N SER A 360 -60.88 100.68 -11.50
CA SER A 360 -61.29 100.60 -12.91
C SER A 360 -61.39 99.15 -13.37
N GLY A 361 -60.81 98.25 -12.60
CA GLY A 361 -60.80 96.85 -12.99
C GLY A 361 -59.71 96.53 -14.00
N PRO A 362 -59.70 95.34 -14.56
CA PRO A 362 -58.62 94.84 -15.43
C PRO A 362 -58.55 95.60 -16.76
N SER A 363 -59.65 96.27 -17.15
CA SER A 363 -59.68 96.95 -18.43
C SER A 363 -58.76 98.17 -18.44
N ILE A 364 -58.22 98.57 -17.29
CA ILE A 364 -57.35 99.73 -17.15
C ILE A 364 -56.07 99.51 -17.95
N VAL A 365 -55.74 98.23 -18.17
CA VAL A 365 -54.50 97.90 -18.88
C VAL A 365 -54.53 98.49 -20.28
N HIS A 366 -55.68 98.61 -20.92
CA HIS A 366 -55.80 99.09 -22.29
C HIS A 366 -55.62 100.61 -22.36
N ARG A 367 -55.95 101.27 -21.29
CA ARG A 367 -55.83 102.72 -21.25
C ARG A 367 -54.43 103.16 -20.87
N LYS A 368 -53.79 102.44 -20.04
CA LYS A 368 -52.52 102.88 -19.46
C LYS A 368 -51.33 102.35 -20.26
N CYS A 369 -51.53 101.28 -20.95
CA CYS A 369 -50.36 100.66 -21.58
C CYS A 369 -50.44 100.76 -23.09
N PHE A 370 -51.70 101.24 -23.64
CA PHE A 370 -51.85 101.27 -25.09
C PHE A 370 -52.61 102.51 -25.53
N ALA B 1 -34.22 35.23 -64.81
CA ALA B 1 -34.99 35.74 -63.68
C ALA B 1 -34.21 36.81 -62.92
N ALA B 2 -34.86 37.83 -62.58
CA ALA B 2 -34.25 38.87 -61.75
C ALA B 2 -34.00 38.38 -60.33
N LEU B 3 -32.98 38.95 -59.69
CA LEU B 3 -32.74 38.69 -58.27
C LEU B 3 -33.43 39.74 -57.42
N VAL B 4 -34.06 39.30 -56.36
CA VAL B 4 -34.69 40.21 -55.41
C VAL B 4 -34.00 40.10 -54.05
N VAL B 5 -33.54 41.27 -53.56
CA VAL B 5 -32.81 41.29 -52.29
C VAL B 5 -33.45 42.31 -51.34
N ASP B 6 -34.04 41.83 -50.31
CA ASP B 6 -34.55 42.70 -49.25
C ASP B 6 -33.52 42.92 -48.15
N ASN B 7 -33.08 44.15 -48.06
CA ASN B 7 -32.02 44.53 -47.12
C ASN B 7 -32.60 44.91 -45.76
N GLY B 8 -32.59 43.93 -44.89
CA GLY B 8 -33.06 44.21 -43.55
C GLY B 8 -31.94 44.47 -42.56
N SER B 9 -32.25 45.13 -41.52
CA SER B 9 -31.26 45.45 -40.50
C SER B 9 -30.67 44.19 -39.88
N GLY B 10 -31.57 43.21 -39.71
CA GLY B 10 -31.12 42.00 -39.04
C GLY B 10 -31.10 40.79 -39.95
N MET B 11 -31.89 40.84 -40.95
CA MET B 11 -32.01 39.69 -41.83
C MET B 11 -31.98 40.11 -43.30
N CYS B 12 -31.25 39.32 -44.01
CA CYS B 12 -31.29 39.48 -45.46
C CYS B 12 -32.17 38.40 -46.10
N LYS B 13 -33.10 38.82 -46.92
CA LYS B 13 -33.93 37.91 -47.72
C LYS B 13 -33.64 38.06 -49.21
N ALA B 14 -33.39 36.87 -49.80
CA ALA B 14 -33.00 36.93 -51.20
C ALA B 14 -33.55 35.74 -51.98
N GLY B 15 -33.83 35.98 -53.21
CA GLY B 15 -34.33 34.93 -54.10
C GLY B 15 -34.54 35.40 -55.52
N PHE B 16 -35.32 34.58 -56.26
CA PHE B 16 -35.58 34.86 -57.66
C PHE B 16 -36.98 35.41 -57.86
N ALA B 17 -37.07 36.41 -58.74
CA ALA B 17 -38.38 36.98 -59.06
C ALA B 17 -39.33 35.89 -59.54
N GLY B 18 -40.53 35.97 -59.07
CA GLY B 18 -41.55 35.00 -59.44
C GLY B 18 -41.76 33.92 -58.39
N ASP B 19 -40.79 33.82 -57.53
CA ASP B 19 -40.94 32.84 -56.45
C ASP B 19 -41.92 33.35 -55.39
N ASP B 20 -42.49 32.41 -54.65
CA ASP B 20 -43.52 32.75 -53.67
C ASP B 20 -42.89 33.13 -52.33
N ALA B 21 -41.64 32.73 -52.19
CA ALA B 21 -40.90 33.05 -50.98
C ALA B 21 -39.41 33.15 -51.26
N PRO B 22 -38.72 33.92 -50.42
CA PRO B 22 -37.27 33.99 -50.63
C PRO B 22 -36.59 32.61 -50.52
N ARG B 23 -35.54 32.42 -51.24
CA ARG B 23 -34.77 31.18 -51.21
C ARG B 23 -33.78 31.19 -50.05
N ALA B 24 -33.35 32.38 -49.77
CA ALA B 24 -32.38 32.51 -48.68
C ALA B 24 -32.81 33.59 -47.70
N VAL B 25 -32.80 33.18 -46.49
CA VAL B 25 -32.98 34.10 -45.36
C VAL B 25 -31.88 33.88 -44.33
N PHE B 26 -31.05 34.94 -44.11
CA PHE B 26 -29.94 34.77 -43.20
C PHE B 26 -29.64 36.07 -42.46
N PRO B 27 -28.95 35.99 -41.33
CA PRO B 27 -28.59 37.21 -40.61
C PRO B 27 -27.69 38.14 -41.42
N SER B 28 -28.01 39.35 -41.33
CA SER B 28 -27.19 40.36 -42.00
C SER B 28 -26.03 40.79 -41.12
N ILE B 29 -25.06 39.87 -40.96
CA ILE B 29 -23.95 40.16 -40.05
C ILE B 29 -22.64 39.71 -40.69
N VAL B 30 -21.61 40.40 -40.38
CA VAL B 30 -20.24 40.07 -40.75
C VAL B 30 -19.39 39.89 -39.50
N GLY B 31 -18.72 38.75 -39.50
CA GLY B 31 -17.87 38.46 -38.35
C GLY B 31 -16.40 38.41 -38.69
N ARG B 32 -15.62 38.90 -37.81
CA ARG B 32 -14.17 38.84 -37.93
C ARG B 32 -13.54 38.27 -36.65
N PRO B 33 -12.47 37.50 -36.85
CA PRO B 33 -11.81 36.92 -35.67
C PRO B 33 -11.33 37.98 -34.68
N ARG B 34 -11.53 37.79 -33.43
CA ARG B 34 -11.16 38.72 -32.38
C ARG B 34 -9.64 38.77 -32.20
N HIS B 35 -8.97 37.62 -32.33
CA HIS B 35 -7.52 37.56 -32.21
C HIS B 35 -6.87 37.10 -33.51
N LYS B 45 -10.68 32.21 -42.87
CA LYS B 45 -11.10 33.37 -43.65
C LYS B 45 -10.95 34.66 -42.85
N ASP B 46 -10.71 35.70 -43.55
CA ASP B 46 -10.58 37.01 -42.91
C ASP B 46 -11.92 37.49 -42.37
N SER B 47 -12.99 36.95 -42.90
CA SER B 47 -14.31 37.35 -42.43
C SER B 47 -15.36 36.28 -42.74
N TYR B 48 -16.39 36.28 -41.92
CA TYR B 48 -17.51 35.35 -42.06
C TYR B 48 -18.83 36.10 -42.17
N VAL B 49 -19.72 35.52 -42.95
CA VAL B 49 -20.96 36.25 -43.21
C VAL B 49 -22.16 35.37 -42.88
N GLY B 50 -23.25 35.95 -42.42
CA GLY B 50 -24.53 35.29 -42.26
C GLY B 50 -24.51 34.16 -41.24
N ASP B 51 -24.99 33.00 -41.61
CA ASP B 51 -25.12 31.87 -40.70
C ASP B 51 -23.74 31.37 -40.26
N GLU B 52 -22.83 31.48 -41.19
CA GLU B 52 -21.48 31.06 -40.84
C GLU B 52 -20.89 31.93 -39.74
N ALA B 53 -21.07 33.21 -39.90
CA ALA B 53 -20.60 34.12 -38.86
C ALA B 53 -21.32 33.86 -37.53
N GLN B 54 -22.62 33.64 -37.65
CA GLN B 54 -23.43 33.38 -36.46
C GLN B 54 -22.97 32.11 -35.75
N SER B 55 -22.58 31.06 -36.47
CA SER B 55 -22.17 29.78 -35.90
C SER B 55 -20.81 29.87 -35.23
N LYS B 56 -20.04 30.92 -35.58
CA LYS B 56 -18.70 31.10 -35.03
C LYS B 56 -18.65 32.34 -34.14
N ARG B 57 -19.75 32.71 -33.68
CA ARG B 57 -19.88 33.96 -32.95
C ARG B 57 -19.01 33.97 -31.70
N GLY B 58 -18.66 32.78 -31.11
CA GLY B 58 -17.83 32.68 -29.91
C GLY B 58 -16.42 33.18 -30.11
N ILE B 59 -16.02 33.20 -31.33
CA ILE B 59 -14.64 33.58 -31.58
C ILE B 59 -14.59 34.78 -32.52
N LEU B 60 -15.73 35.29 -32.90
CA LEU B 60 -15.77 36.39 -33.85
C LEU B 60 -16.35 37.64 -33.21
N THR B 61 -15.86 38.78 -33.70
CA THR B 61 -16.59 40.03 -33.48
C THR B 61 -17.63 40.24 -34.58
N LEU B 62 -18.93 40.32 -34.14
CA LEU B 62 -20.01 40.43 -35.12
C LEU B 62 -20.46 41.88 -35.27
N LYS B 63 -20.65 42.28 -36.50
CA LYS B 63 -21.15 43.63 -36.79
C LYS B 63 -22.30 43.58 -37.78
N TYR B 64 -23.22 44.53 -37.58
CA TYR B 64 -24.31 44.73 -38.52
C TYR B 64 -24.05 45.92 -39.42
N PRO B 65 -24.01 45.64 -40.70
CA PRO B 65 -23.74 46.78 -41.57
C PRO B 65 -24.94 47.71 -41.73
N ILE B 66 -26.14 47.21 -41.41
CA ILE B 66 -27.36 48.02 -41.44
C ILE B 66 -27.85 48.27 -40.02
N GLU B 67 -27.91 49.49 -39.69
CA GLU B 67 -28.43 49.89 -38.38
C GLU B 67 -29.74 50.64 -38.50
N HIS B 68 -30.73 50.09 -37.97
CA HIS B 68 -32.07 50.66 -37.98
C HIS B 68 -32.48 51.05 -39.40
N GLY B 69 -32.13 50.21 -40.35
CA GLY B 69 -32.59 50.34 -41.72
C GLY B 69 -31.63 51.10 -42.61
N ILE B 70 -30.54 51.61 -42.03
CA ILE B 70 -29.62 52.45 -42.79
C ILE B 70 -28.25 51.77 -42.86
N VAL B 71 -27.74 51.68 -44.06
CA VAL B 71 -26.40 51.11 -44.20
C VAL B 71 -25.37 52.06 -43.62
N THR B 72 -24.59 51.55 -42.72
CA THR B 72 -23.59 52.38 -42.07
C THR B 72 -22.18 51.88 -42.36
N ASN B 73 -22.09 50.67 -42.85
CA ASN B 73 -20.82 50.09 -43.22
C ASN B 73 -20.87 49.45 -44.61
N TRP B 74 -20.28 50.12 -45.58
CA TRP B 74 -20.43 49.72 -46.97
C TRP B 74 -19.51 48.55 -47.31
N ASP B 75 -18.36 48.50 -46.67
CA ASP B 75 -17.47 47.37 -46.89
C ASP B 75 -18.15 46.06 -46.49
N ASP B 76 -18.74 46.11 -45.36
CA ASP B 76 -19.43 44.92 -44.88
C ASP B 76 -20.68 44.64 -45.69
N MET B 77 -21.34 45.69 -46.13
CA MET B 77 -22.54 45.49 -46.94
C MET B 77 -22.18 44.78 -48.26
N GLU B 78 -21.09 45.16 -48.84
CA GLU B 78 -20.63 44.49 -50.05
C GLU B 78 -20.37 43.01 -49.80
N LYS B 79 -19.85 42.71 -48.62
CA LYS B 79 -19.63 41.31 -48.27
C LYS B 79 -20.95 40.56 -48.14
N ILE B 80 -21.93 41.23 -47.60
CA ILE B 80 -23.25 40.63 -47.47
C ILE B 80 -23.81 40.33 -48.85
N TRP B 81 -23.69 41.26 -49.73
CA TRP B 81 -24.20 41.06 -51.09
C TRP B 81 -23.41 39.99 -51.81
N HIS B 82 -22.07 40.06 -51.61
CA HIS B 82 -21.25 39.00 -52.19
C HIS B 82 -21.71 37.63 -51.72
N HIS B 83 -21.89 37.54 -50.44
CA HIS B 83 -22.37 36.30 -49.85
C HIS B 83 -23.74 35.92 -50.40
N THR B 84 -24.63 36.87 -50.59
CA THR B 84 -25.98 36.64 -51.11
C THR B 84 -25.92 36.03 -52.51
N PHE B 85 -25.13 36.63 -53.38
CA PHE B 85 -25.09 36.25 -54.79
C PHE B 85 -24.35 34.93 -54.98
N TYR B 86 -23.23 34.76 -54.32
CA TYR B 86 -22.33 33.67 -54.68
C TYR B 86 -22.50 32.49 -53.73
N ASN B 87 -22.79 32.80 -52.53
CA ASN B 87 -22.85 31.70 -51.56
C ASN B 87 -24.28 31.20 -51.36
N GLU B 88 -25.25 32.10 -51.27
CA GLU B 88 -26.62 31.70 -50.97
C GLU B 88 -27.39 31.36 -52.25
N LEU B 89 -27.34 32.25 -53.23
CA LEU B 89 -28.13 32.04 -54.44
C LEU B 89 -27.33 31.30 -55.49
N ARG B 90 -25.99 31.36 -55.37
CA ARG B 90 -25.08 30.69 -56.29
C ARG B 90 -25.32 31.13 -57.72
N VAL B 91 -25.28 32.43 -57.95
CA VAL B 91 -25.49 33.00 -59.29
C VAL B 91 -24.47 34.09 -59.55
N ALA B 92 -24.26 34.32 -60.79
CA ALA B 92 -23.45 35.48 -61.17
C ALA B 92 -24.32 36.72 -61.33
N PRO B 93 -24.14 37.69 -60.52
CA PRO B 93 -24.98 38.88 -60.56
C PRO B 93 -24.90 39.60 -61.90
N GLU B 94 -23.81 39.44 -62.65
CA GLU B 94 -23.63 40.13 -63.93
C GLU B 94 -24.59 39.57 -64.98
N GLU B 95 -25.29 38.54 -64.62
CA GLU B 95 -26.21 37.91 -65.57
C GLU B 95 -27.66 38.20 -65.21
N HIS B 96 -27.88 38.89 -64.10
CA HIS B 96 -29.24 39.05 -63.63
C HIS B 96 -29.53 40.51 -63.27
N PRO B 97 -30.72 41.01 -63.76
CA PRO B 97 -31.14 42.24 -63.11
C PRO B 97 -31.37 42.06 -61.61
N VAL B 98 -31.21 43.18 -60.80
CA VAL B 98 -31.33 43.03 -59.36
C VAL B 98 -32.28 44.10 -58.82
N LEU B 99 -33.30 43.66 -58.12
CA LEU B 99 -34.15 44.56 -57.34
C LEU B 99 -33.74 44.58 -55.88
N LEU B 100 -33.41 45.71 -55.38
CA LEU B 100 -33.07 45.89 -53.98
C LEU B 100 -34.13 46.71 -53.25
N THR B 101 -34.38 46.35 -52.02
CA THR B 101 -35.28 47.16 -51.23
C THR B 101 -34.51 48.09 -50.29
N GLU B 102 -35.16 49.14 -49.94
CA GLU B 102 -34.59 50.07 -48.97
C GLU B 102 -35.63 50.49 -47.93
N ALA B 103 -35.10 50.88 -46.75
CA ALA B 103 -35.98 51.39 -45.70
C ALA B 103 -36.48 52.79 -46.04
N PRO B 104 -37.62 53.17 -45.40
CA PRO B 104 -38.00 54.57 -45.57
C PRO B 104 -36.96 55.54 -45.00
N LEU B 105 -36.82 56.70 -45.59
CA LEU B 105 -35.95 57.79 -45.16
C LEU B 105 -34.48 57.46 -45.44
N ASN B 106 -34.24 56.47 -46.23
CA ASN B 106 -32.87 56.22 -46.69
C ASN B 106 -32.27 57.44 -47.34
N PRO B 107 -31.06 57.85 -46.90
CA PRO B 107 -30.43 59.02 -47.51
C PRO B 107 -30.16 58.84 -48.99
N LYS B 108 -30.24 59.92 -49.70
CA LYS B 108 -30.02 59.90 -51.15
C LYS B 108 -28.62 59.37 -51.47
N ALA B 109 -27.70 59.79 -50.63
CA ALA B 109 -26.32 59.36 -50.84
C ALA B 109 -26.19 57.84 -50.74
N ASN B 110 -26.89 57.28 -49.80
CA ASN B 110 -26.84 55.83 -49.64
C ASN B 110 -27.46 55.12 -50.85
N ARG B 111 -28.50 55.68 -51.36
CA ARG B 111 -29.15 55.11 -52.53
C ARG B 111 -28.20 55.12 -53.73
N GLU B 112 -27.53 56.22 -53.84
CA GLU B 112 -26.58 56.36 -54.94
C GLU B 112 -25.41 55.39 -54.77
N LYS B 113 -24.93 55.29 -53.52
CA LYS B 113 -23.84 54.37 -53.25
C LYS B 113 -24.24 52.92 -53.55
N MET B 114 -25.40 52.57 -53.20
CA MET B 114 -25.93 51.25 -53.50
C MET B 114 -25.96 51.00 -55.00
N THR B 115 -26.42 51.97 -55.73
CA THR B 115 -26.49 51.89 -57.18
C THR B 115 -25.10 51.75 -57.79
N GLN B 116 -24.19 52.48 -57.26
CA GLN B 116 -22.81 52.43 -57.73
C GLN B 116 -22.21 51.04 -57.52
N ILE B 117 -22.38 50.49 -56.41
CA ILE B 117 -21.79 49.20 -56.06
C ILE B 117 -22.39 48.10 -56.93
N MET B 118 -23.68 48.15 -57.25
CA MET B 118 -24.33 47.12 -58.06
C MET B 118 -23.78 47.14 -59.49
N PHE B 119 -23.61 48.35 -60.01
CA PHE B 119 -23.20 48.43 -61.40
C PHE B 119 -21.68 48.30 -61.53
N GLU B 120 -20.93 48.84 -60.58
CA GLU B 120 -19.48 48.92 -60.76
C GLU B 120 -18.77 47.74 -60.10
N THR B 121 -19.26 47.28 -58.98
CA THR B 121 -18.61 46.18 -58.28
C THR B 121 -19.19 44.84 -58.71
N PHE B 122 -20.50 44.74 -58.88
CA PHE B 122 -21.12 43.44 -59.18
C PHE B 122 -21.49 43.35 -60.65
N ASN B 123 -21.39 44.40 -61.37
CA ASN B 123 -21.58 44.48 -62.82
C ASN B 123 -22.94 43.95 -63.24
N THR B 124 -23.96 44.22 -62.42
CA THR B 124 -25.30 43.80 -62.81
C THR B 124 -25.75 44.53 -64.08
N PRO B 125 -26.51 43.83 -64.96
CA PRO B 125 -26.93 44.47 -66.21
C PRO B 125 -28.02 45.52 -65.99
N ALA B 126 -28.78 45.41 -64.92
CA ALA B 126 -29.86 46.33 -64.58
C ALA B 126 -30.21 46.24 -63.11
N MET B 127 -30.77 47.32 -62.58
CA MET B 127 -31.16 47.29 -61.17
C MET B 127 -32.35 48.23 -60.92
N TYR B 128 -33.04 48.00 -59.84
CA TYR B 128 -34.15 48.82 -59.36
C TYR B 128 -34.17 48.86 -57.84
N VAL B 129 -34.51 50.00 -57.31
CA VAL B 129 -34.65 50.13 -55.86
C VAL B 129 -36.09 50.43 -55.49
N ALA B 130 -36.60 49.74 -54.52
CA ALA B 130 -37.97 49.97 -54.08
C ALA B 130 -38.04 50.13 -52.57
N ILE B 131 -38.96 50.98 -52.14
CA ILE B 131 -39.13 51.22 -50.70
C ILE B 131 -39.92 50.07 -50.08
N GLN B 132 -39.46 49.55 -49.00
CA GLN B 132 -39.99 48.36 -48.35
C GLN B 132 -41.48 48.54 -48.01
N ALA B 133 -41.84 49.63 -47.46
CA ALA B 133 -43.21 49.85 -47.00
C ALA B 133 -44.16 49.98 -48.17
N VAL B 134 -43.70 50.60 -49.26
CA VAL B 134 -44.54 50.78 -50.43
C VAL B 134 -44.84 49.42 -51.07
N LEU B 135 -43.81 48.57 -51.13
CA LEU B 135 -44.01 47.23 -51.67
C LEU B 135 -45.05 46.46 -50.85
N SER B 136 -44.94 46.59 -49.57
CA SER B 136 -45.87 45.89 -48.69
C SER B 136 -47.30 46.39 -48.87
N LEU B 137 -47.44 47.65 -49.02
CA LEU B 137 -48.77 48.22 -49.19
C LEU B 137 -49.39 47.76 -50.50
N TYR B 138 -48.60 47.83 -51.55
CA TYR B 138 -49.10 47.42 -52.85
C TYR B 138 -49.47 45.93 -52.85
N ALA B 139 -48.67 45.15 -52.16
CA ALA B 139 -48.92 43.71 -52.08
C ALA B 139 -50.26 43.42 -51.41
N SER B 140 -50.78 44.38 -50.78
CA SER B 140 -52.07 44.21 -50.12
C SER B 140 -53.21 44.77 -50.97
N GLY B 141 -52.88 45.28 -52.16
CA GLY B 141 -53.86 45.78 -53.10
C GLY B 141 -54.25 47.23 -52.87
N ARG B 142 -53.43 47.90 -52.14
CA ARG B 142 -53.70 49.29 -51.78
C ARG B 142 -52.60 50.21 -52.29
N THR B 143 -53.01 51.46 -52.55
CA THR B 143 -52.02 52.48 -52.91
C THR B 143 -51.99 53.59 -51.86
N THR B 144 -53.02 53.61 -51.08
CA THR B 144 -53.12 54.57 -49.98
C THR B 144 -53.36 53.86 -48.65
N GLY B 145 -52.55 54.14 -47.67
CA GLY B 145 -52.62 53.57 -46.33
C GLY B 145 -51.37 53.87 -45.51
N ILE B 146 -51.37 53.34 -44.35
CA ILE B 146 -50.18 53.45 -43.52
C ILE B 146 -49.67 52.05 -43.17
N VAL B 147 -48.33 51.89 -43.30
CA VAL B 147 -47.71 50.60 -43.04
C VAL B 147 -46.95 50.66 -41.71
N LEU B 148 -47.29 49.77 -40.82
CA LEU B 148 -46.43 49.49 -39.68
C LEU B 148 -45.46 48.35 -39.99
N ASP B 149 -44.27 48.76 -40.33
CA ASP B 149 -43.24 47.80 -40.69
C ASP B 149 -42.29 47.55 -39.52
N SER B 150 -42.37 46.30 -39.04
CA SER B 150 -41.50 45.94 -37.92
C SER B 150 -40.71 44.67 -38.23
N GLY B 151 -39.39 44.90 -38.38
CA GLY B 151 -38.51 43.78 -38.66
C GLY B 151 -37.71 43.33 -37.45
N ASP B 152 -36.48 43.06 -37.66
CA ASP B 152 -35.60 42.59 -36.60
C ASP B 152 -34.94 43.74 -35.86
N GLY B 153 -34.78 44.81 -36.60
CA GLY B 153 -33.92 45.82 -36.01
C GLY B 153 -34.63 47.15 -35.80
N VAL B 154 -35.73 47.31 -36.46
CA VAL B 154 -36.36 48.63 -36.38
C VAL B 154 -37.84 48.52 -36.73
N SER B 155 -38.66 49.37 -36.21
CA SER B 155 -40.06 49.53 -36.58
C SER B 155 -40.32 50.92 -37.17
N HIS B 156 -41.07 50.94 -38.31
CA HIS B 156 -41.46 52.19 -38.96
C HIS B 156 -42.97 52.26 -39.14
N THR B 157 -43.49 53.43 -38.93
CA THR B 157 -44.80 53.77 -39.47
C THR B 157 -44.67 54.66 -40.70
N VAL B 158 -45.25 54.17 -41.80
CA VAL B 158 -45.00 54.84 -43.07
C VAL B 158 -46.34 55.16 -43.75
N PRO B 159 -46.80 56.42 -43.61
CA PRO B 159 -48.00 56.78 -44.37
C PRO B 159 -47.71 56.93 -45.87
N ILE B 160 -48.56 56.39 -46.66
CA ILE B 160 -48.44 56.41 -48.12
C ILE B 160 -49.75 56.90 -48.74
N TYR B 161 -49.61 57.89 -49.60
CA TYR B 161 -50.78 58.44 -50.29
C TYR B 161 -50.61 58.34 -51.81
N GLU B 162 -51.47 57.50 -52.40
CA GLU B 162 -51.47 57.27 -53.84
C GLU B 162 -50.09 56.84 -54.34
N GLY B 163 -49.47 56.04 -53.51
CA GLY B 163 -48.24 55.40 -53.91
C GLY B 163 -47.00 56.17 -53.50
N TYR B 164 -47.23 57.33 -52.85
CA TYR B 164 -46.10 58.14 -52.42
C TYR B 164 -45.98 58.17 -50.90
N ALA B 165 -44.82 57.74 -50.45
CA ALA B 165 -44.58 57.87 -49.01
C ALA B 165 -44.51 59.33 -48.59
N LEU B 166 -45.01 59.64 -47.40
CA LEU B 166 -44.98 60.99 -46.85
C LEU B 166 -43.87 61.13 -45.81
N PRO B 167 -42.71 61.59 -46.30
CA PRO B 167 -41.51 61.57 -45.46
C PRO B 167 -41.70 62.33 -44.15
N HIS B 168 -42.43 63.41 -44.13
CA HIS B 168 -42.58 64.24 -42.94
C HIS B 168 -43.38 63.52 -41.85
N ALA B 169 -44.05 62.52 -42.26
CA ALA B 169 -44.95 61.85 -41.33
C ALA B 169 -44.44 60.45 -41.00
N ILE B 170 -43.32 60.08 -41.52
CA ILE B 170 -42.72 58.78 -41.20
C ILE B 170 -42.09 58.83 -39.81
N LEU B 171 -42.44 57.84 -38.98
CA LEU B 171 -41.86 57.77 -37.64
C LEU B 171 -41.12 56.46 -37.45
N ARG B 172 -40.06 56.57 -36.67
CA ARG B 172 -39.20 55.41 -36.42
C ARG B 172 -39.15 55.08 -34.94
N LEU B 173 -39.27 53.81 -34.65
CA LEU B 173 -39.04 53.26 -33.33
C LEU B 173 -37.90 52.24 -33.34
N ASP B 174 -36.78 52.59 -32.71
CA ASP B 174 -35.62 51.70 -32.70
C ASP B 174 -35.84 50.53 -31.74
N LEU B 175 -36.88 49.89 -31.86
CA LEU B 175 -37.33 48.72 -31.12
C LEU B 175 -38.02 47.72 -32.05
N ALA B 176 -37.47 46.52 -32.07
CA ALA B 176 -38.06 45.48 -32.92
C ALA B 176 -37.69 44.09 -32.42
N GLY B 177 -37.59 43.17 -33.25
CA GLY B 177 -37.48 41.76 -32.89
C GLY B 177 -36.25 41.45 -32.06
N ARG B 178 -35.18 41.98 -32.43
CA ARG B 178 -33.93 41.70 -31.71
C ARG B 178 -34.00 42.19 -30.27
N ASP B 179 -34.55 43.34 -30.09
CA ASP B 179 -34.72 43.88 -28.75
C ASP B 179 -35.65 43.01 -27.92
N LEU B 180 -36.62 42.48 -28.53
CA LEU B 180 -37.57 41.63 -27.83
C LEU B 180 -36.94 40.31 -27.43
N THR B 181 -36.12 39.82 -28.29
CA THR B 181 -35.39 38.61 -27.94
C THR B 181 -34.52 38.84 -26.71
N ASP B 182 -33.83 39.96 -26.69
CA ASP B 182 -33.01 40.31 -25.54
C ASP B 182 -33.86 40.48 -24.28
N TYR B 183 -34.95 41.09 -24.48
CA TYR B 183 -35.85 41.29 -23.35
C TYR B 183 -36.36 39.96 -22.81
N LEU B 184 -36.71 39.09 -23.69
CA LEU B 184 -37.19 37.78 -23.26
C LEU B 184 -36.11 37.03 -22.50
N MET B 185 -34.92 37.12 -22.99
CA MET B 185 -33.80 36.52 -22.26
C MET B 185 -33.73 37.03 -20.83
N LYS B 186 -33.86 38.30 -20.68
CA LYS B 186 -33.79 38.93 -19.37
C LYS B 186 -34.90 38.42 -18.45
N ILE B 187 -36.11 38.34 -18.93
CA ILE B 187 -37.22 38.01 -18.05
C ILE B 187 -37.27 36.50 -17.83
N LEU B 188 -36.73 35.72 -18.71
CA LEU B 188 -36.57 34.30 -18.45
C LEU B 188 -35.53 34.05 -17.36
N THR B 189 -34.50 34.88 -17.41
CA THR B 189 -33.50 34.79 -16.35
C THR B 189 -34.14 35.05 -14.99
N GLU B 190 -35.05 35.96 -14.93
CA GLU B 190 -35.76 36.26 -13.68
C GLU B 190 -36.56 35.06 -13.21
N ARG B 191 -36.95 34.23 -14.14
CA ARG B 191 -37.71 33.03 -13.81
C ARG B 191 -36.79 31.88 -13.42
N GLY B 192 -35.53 32.03 -13.70
CA GLY B 192 -34.56 31.04 -13.26
C GLY B 192 -33.89 30.32 -14.42
N TYR B 193 -34.24 30.75 -15.61
CA TYR B 193 -33.57 30.18 -16.78
C TYR B 193 -32.47 31.11 -17.27
N SER B 194 -31.35 30.53 -17.39
CA SER B 194 -30.24 31.37 -17.78
C SER B 194 -29.76 31.05 -19.19
N PHE B 195 -29.88 32.03 -20.05
CA PHE B 195 -29.37 31.99 -21.41
C PHE B 195 -28.32 33.06 -21.62
N THR B 196 -27.12 32.66 -21.68
CA THR B 196 -26.08 33.68 -21.63
C THR B 196 -25.26 33.69 -22.92
N THR B 197 -25.38 32.61 -23.66
CA THR B 197 -24.55 32.54 -24.87
C THR B 197 -25.35 32.96 -26.09
N THR B 198 -24.65 33.26 -27.12
CA THR B 198 -25.28 33.65 -28.37
C THR B 198 -26.13 32.50 -28.92
N ALA B 199 -25.57 31.31 -28.84
CA ALA B 199 -26.35 30.15 -29.27
C ALA B 199 -27.65 30.03 -28.49
N GLU B 200 -27.54 30.35 -27.30
CA GLU B 200 -28.73 30.29 -26.44
C GLU B 200 -29.71 31.42 -26.78
N ARG B 201 -29.16 32.45 -27.23
CA ARG B 201 -30.01 33.55 -27.67
C ARG B 201 -30.93 33.13 -28.81
N GLU B 202 -30.39 32.28 -29.72
CA GLU B 202 -31.19 31.77 -30.84
C GLU B 202 -32.30 30.85 -30.34
N ILE B 203 -31.97 30.22 -29.33
CA ILE B 203 -33.01 29.38 -28.73
C ILE B 203 -34.14 30.26 -28.19
N VAL B 204 -33.74 31.35 -27.59
CA VAL B 204 -34.73 32.26 -27.03
C VAL B 204 -35.54 32.89 -28.16
N ARG B 205 -34.87 33.21 -29.22
CA ARG B 205 -35.59 33.74 -30.38
C ARG B 205 -36.64 32.75 -30.86
N ASP B 206 -36.22 31.49 -30.89
CA ASP B 206 -37.15 30.45 -31.30
C ASP B 206 -38.33 30.35 -30.34
N ILE B 207 -38.08 30.45 -29.06
CA ILE B 207 -39.12 30.44 -28.05
C ILE B 207 -40.08 31.62 -28.29
N LYS B 208 -39.52 32.76 -28.49
CA LYS B 208 -40.29 33.97 -28.73
C LYS B 208 -41.22 33.80 -29.92
N GLU B 209 -40.74 33.31 -31.00
CA GLU B 209 -41.48 33.24 -32.26
C GLU B 209 -42.54 32.14 -32.20
N LYS B 210 -42.33 31.15 -31.32
CA LYS B 210 -43.24 30.02 -31.28
C LYS B 210 -44.30 30.20 -30.19
N LEU B 211 -43.91 30.90 -29.16
CA LEU B 211 -44.77 30.78 -27.99
C LEU B 211 -45.35 32.14 -27.60
N CYS B 212 -44.74 33.19 -27.99
CA CYS B 212 -45.18 34.50 -27.52
C CYS B 212 -46.39 34.98 -28.31
N TYR B 213 -47.17 35.83 -27.65
CA TYR B 213 -48.35 36.42 -28.25
C TYR B 213 -48.68 37.77 -27.64
N VAL B 214 -49.54 38.54 -28.28
CA VAL B 214 -49.95 39.85 -27.77
C VAL B 214 -51.32 39.73 -27.10
N ALA B 215 -51.37 40.15 -25.87
CA ALA B 215 -52.63 40.15 -25.13
C ALA B 215 -53.53 41.31 -25.56
N LEU B 216 -54.81 40.96 -25.64
CA LEU B 216 -55.76 42.04 -25.93
C LEU B 216 -55.80 43.05 -24.79
N ASP B 217 -55.97 42.57 -23.60
CA ASP B 217 -55.89 43.33 -22.36
C ASP B 217 -54.76 42.83 -21.48
N PHE B 218 -53.72 43.62 -21.39
CA PHE B 218 -52.49 43.20 -20.73
C PHE B 218 -52.72 43.00 -19.24
N GLU B 219 -53.43 43.86 -18.60
CA GLU B 219 -53.66 43.77 -17.16
C GLU B 219 -54.51 42.55 -16.81
N GLN B 220 -55.51 42.36 -17.61
CA GLN B 220 -56.35 41.19 -17.38
C GLN B 220 -55.57 39.90 -17.57
N GLU B 221 -54.74 39.91 -18.55
CA GLU B 221 -53.96 38.70 -18.84
C GLU B 221 -52.97 38.42 -17.72
N MET B 222 -52.41 39.50 -17.16
CA MET B 222 -51.52 39.36 -16.01
C MET B 222 -52.26 38.75 -14.82
N ALA B 223 -53.48 39.16 -14.65
CA ALA B 223 -54.30 38.62 -13.56
C ALA B 223 -54.61 37.14 -13.77
N THR B 224 -54.88 36.82 -14.99
CA THR B 224 -55.16 35.43 -15.32
C THR B 224 -53.93 34.56 -15.09
N ALA B 225 -52.81 35.09 -15.50
CA ALA B 225 -51.57 34.33 -15.35
C ALA B 225 -51.24 34.11 -13.87
N ALA B 226 -51.67 35.03 -13.02
CA ALA B 226 -51.38 34.95 -11.58
C ALA B 226 -52.32 33.95 -10.89
N SER B 227 -53.44 33.74 -11.51
CA SER B 227 -54.46 32.95 -10.83
C SER B 227 -54.55 31.54 -11.41
N SER B 228 -53.97 31.35 -12.61
CA SER B 228 -54.09 30.05 -13.25
C SER B 228 -52.85 29.73 -14.07
N SER B 229 -52.68 28.44 -14.34
CA SER B 229 -51.56 28.01 -15.18
C SER B 229 -52.01 27.78 -16.62
N SER B 230 -53.14 28.28 -16.93
CA SER B 230 -53.74 28.01 -18.23
C SER B 230 -52.95 28.68 -19.36
N LEU B 231 -52.18 29.63 -19.03
CA LEU B 231 -51.46 30.37 -20.04
C LEU B 231 -50.03 29.85 -20.20
N GLU B 232 -49.69 28.91 -19.40
CA GLU B 232 -48.34 28.36 -19.44
C GLU B 232 -48.16 27.42 -20.63
N LYS B 233 -46.99 27.50 -21.24
CA LYS B 233 -46.59 26.59 -22.30
C LYS B 233 -45.20 26.04 -22.08
N SER B 234 -45.01 24.85 -22.56
CA SER B 234 -43.70 24.22 -22.41
C SER B 234 -42.91 24.26 -23.71
N TYR B 235 -41.58 24.31 -23.53
CA TYR B 235 -40.64 24.30 -24.66
C TYR B 235 -39.48 23.35 -24.39
N GLU B 236 -39.25 22.43 -25.27
CA GLU B 236 -38.15 21.49 -25.11
C GLU B 236 -36.85 22.06 -25.68
N LEU B 237 -35.91 22.18 -24.86
CA LEU B 237 -34.60 22.68 -25.26
C LEU B 237 -33.85 21.62 -26.09
N PRO B 238 -32.87 22.04 -26.77
CA PRO B 238 -32.10 21.10 -27.59
C PRO B 238 -31.48 19.98 -26.76
N ASP B 239 -31.15 20.22 -25.52
CA ASP B 239 -30.53 19.21 -24.66
C ASP B 239 -31.58 18.30 -24.03
N GLY B 240 -32.85 18.52 -24.32
CA GLY B 240 -33.93 17.67 -23.86
C GLY B 240 -34.65 18.22 -22.64
N GLN B 241 -34.08 19.17 -22.03
CA GLN B 241 -34.73 19.79 -20.88
C GLN B 241 -35.98 20.57 -21.31
N VAL B 242 -37.01 20.43 -20.52
CA VAL B 242 -38.26 21.13 -20.80
C VAL B 242 -38.41 22.32 -19.86
N ILE B 243 -38.60 23.44 -20.42
CA ILE B 243 -38.84 24.61 -19.58
C ILE B 243 -40.29 25.08 -19.75
N THR B 244 -40.77 25.74 -18.72
CA THR B 244 -42.13 26.28 -18.74
C THR B 244 -42.10 27.80 -18.80
N ILE B 245 -42.82 28.32 -19.78
CA ILE B 245 -42.92 29.77 -19.96
C ILE B 245 -44.34 30.23 -19.62
N GLY B 246 -44.46 31.27 -18.70
CA GLY B 246 -45.77 31.75 -18.28
C GLY B 246 -46.12 33.11 -18.83
N ASN B 247 -46.05 34.06 -17.90
CA ASN B 247 -46.48 35.39 -18.31
C ASN B 247 -45.44 36.08 -19.18
N GLU B 248 -44.25 35.41 -19.34
CA GLU B 248 -43.24 35.94 -20.25
C GLU B 248 -43.72 35.91 -21.70
N ARG B 249 -44.68 35.02 -21.96
CA ARG B 249 -45.20 34.83 -23.31
C ARG B 249 -45.81 36.12 -23.86
N PHE B 250 -46.48 36.86 -22.98
CA PHE B 250 -47.14 38.05 -23.48
C PHE B 250 -46.48 39.32 -22.94
N ARG B 251 -45.63 39.18 -21.93
CA ARG B 251 -44.86 40.32 -21.45
C ARG B 251 -43.82 40.75 -22.47
N CYS B 252 -43.29 39.84 -23.13
CA CYS B 252 -42.23 40.13 -24.09
C CYS B 252 -42.74 41.04 -25.20
N PRO B 253 -43.79 40.65 -25.96
CA PRO B 253 -44.21 41.53 -27.05
C PRO B 253 -44.93 42.79 -26.56
N GLU B 254 -45.28 42.82 -25.27
CA GLU B 254 -45.90 44.01 -24.71
C GLU B 254 -44.98 45.22 -24.82
N ALA B 255 -43.71 44.89 -24.88
CA ALA B 255 -42.71 45.95 -25.00
C ALA B 255 -42.94 46.78 -26.26
N LEU B 256 -43.58 46.25 -27.28
CA LEU B 256 -43.89 46.99 -28.49
C LEU B 256 -44.91 48.10 -28.22
N PHE B 257 -45.83 47.78 -27.29
CA PHE B 257 -46.89 48.72 -26.95
C PHE B 257 -46.46 49.61 -25.78
N GLN B 258 -45.58 49.08 -24.98
CA GLN B 258 -45.03 49.79 -23.83
C GLN B 258 -43.51 49.69 -23.80
N PRO B 259 -42.84 50.55 -24.53
CA PRO B 259 -41.39 50.47 -24.62
C PRO B 259 -40.69 50.69 -23.28
N SER B 260 -41.40 51.20 -22.33
CA SER B 260 -40.84 51.39 -21.00
C SER B 260 -40.40 50.06 -20.39
N PHE B 261 -40.96 48.93 -20.81
CA PHE B 261 -40.53 47.61 -20.36
C PHE B 261 -39.04 47.41 -20.63
N LEU B 262 -38.56 48.11 -21.63
CA LEU B 262 -37.15 48.00 -21.99
C LEU B 262 -36.38 49.23 -21.52
N GLY B 263 -37.05 50.09 -20.80
CA GLY B 263 -36.41 51.30 -20.30
C GLY B 263 -36.35 52.41 -21.33
N MET B 264 -37.10 52.30 -22.37
CA MET B 264 -37.09 53.29 -23.44
C MET B 264 -38.16 54.36 -23.21
N GLU B 265 -37.71 55.59 -23.35
CA GLU B 265 -38.68 56.68 -23.32
C GLU B 265 -39.27 56.95 -24.70
N ALA B 266 -40.06 56.07 -25.17
CA ALA B 266 -40.68 56.16 -26.49
C ALA B 266 -42.13 55.70 -26.46
N CYS B 267 -42.86 56.20 -27.46
CA CYS B 267 -44.22 55.73 -27.61
C CYS B 267 -44.26 54.33 -28.21
N GLY B 268 -45.26 53.55 -27.80
CA GLY B 268 -45.45 52.23 -28.41
C GLY B 268 -45.88 52.30 -29.86
N ILE B 269 -46.00 51.21 -30.49
CA ILE B 269 -46.25 51.14 -31.94
C ILE B 269 -47.65 51.67 -32.24
N HIS B 270 -48.65 51.48 -31.31
CA HIS B 270 -49.99 51.99 -31.55
C HIS B 270 -50.01 53.53 -31.51
N GLU B 271 -49.33 54.07 -30.52
CA GLU B 271 -49.25 55.54 -30.41
C GLU B 271 -48.42 56.13 -31.55
N THR B 272 -47.38 55.45 -31.86
CA THR B 272 -46.55 55.92 -32.97
C THR B 272 -47.34 55.95 -34.26
N THR B 273 -48.13 54.93 -34.50
CA THR B 273 -48.99 54.88 -35.68
C THR B 273 -49.98 56.04 -35.67
N TYR B 274 -50.56 56.23 -34.53
CA TYR B 274 -51.51 57.34 -34.38
C TYR B 274 -50.82 58.68 -34.63
N ASN B 275 -49.69 58.84 -34.03
CA ASN B 275 -48.95 60.09 -34.19
C ASN B 275 -48.56 60.32 -35.65
N SER B 276 -48.21 59.27 -36.34
CA SER B 276 -47.88 59.37 -37.76
C SER B 276 -49.08 59.84 -38.58
N ILE B 277 -50.22 59.35 -38.31
CA ILE B 277 -51.44 59.73 -39.00
C ILE B 277 -51.75 61.19 -38.73
N MET B 278 -51.53 61.61 -37.52
CA MET B 278 -51.85 62.97 -37.12
C MET B 278 -50.90 63.97 -37.77
N LYS B 279 -49.79 63.52 -38.21
CA LYS B 279 -48.85 64.40 -38.89
C LYS B 279 -49.25 64.62 -40.35
N CYS B 280 -50.20 63.84 -40.82
CA CYS B 280 -50.65 63.96 -42.21
C CYS B 280 -51.80 64.95 -42.32
N ASP B 281 -52.08 65.36 -43.58
CA ASP B 281 -53.20 66.25 -43.84
C ASP B 281 -54.51 65.63 -43.39
N VAL B 282 -55.37 66.44 -42.92
CA VAL B 282 -56.63 66.03 -42.32
C VAL B 282 -57.46 65.24 -43.34
N ASP B 283 -57.31 65.50 -44.58
CA ASP B 283 -58.16 64.93 -45.62
C ASP B 283 -57.74 63.50 -45.96
N ILE B 284 -56.62 63.11 -45.55
CA ILE B 284 -56.22 61.77 -45.93
C ILE B 284 -56.21 60.86 -44.70
N ARG B 285 -56.40 61.41 -43.53
CA ARG B 285 -56.32 60.65 -42.28
C ARG B 285 -57.35 59.54 -42.24
N LYS B 286 -58.51 59.87 -42.73
CA LYS B 286 -59.57 58.86 -42.75
C LYS B 286 -59.12 57.62 -43.50
N ASP B 287 -58.43 57.84 -44.63
CA ASP B 287 -57.94 56.73 -45.44
C ASP B 287 -56.85 55.96 -44.71
N LEU B 288 -56.07 56.63 -43.99
CA LEU B 288 -54.97 56.00 -43.27
C LEU B 288 -55.50 55.14 -42.13
N TYR B 289 -56.49 55.63 -41.42
CA TYR B 289 -57.11 54.86 -40.34
C TYR B 289 -57.73 53.59 -40.87
N ALA B 290 -58.24 53.67 -42.06
CA ALA B 290 -59.02 52.56 -42.61
C ALA B 290 -58.12 51.60 -43.40
N ASN B 291 -56.86 51.91 -43.40
CA ASN B 291 -55.93 51.10 -44.17
C ASN B 291 -54.56 51.01 -43.50
N THR B 292 -54.53 50.44 -42.33
CA THR B 292 -53.29 50.18 -41.61
C THR B 292 -52.79 48.76 -41.86
N VAL B 293 -51.63 48.71 -42.51
CA VAL B 293 -51.12 47.41 -42.92
C VAL B 293 -49.93 47.02 -42.06
N LEU B 294 -50.01 45.81 -41.49
CA LEU B 294 -48.89 45.27 -40.74
C LEU B 294 -47.93 44.51 -41.66
N SER B 295 -46.65 44.77 -41.41
CA SER B 295 -45.63 44.10 -42.22
C SER B 295 -44.36 43.83 -41.41
N GLY B 296 -43.71 42.66 -41.68
CA GLY B 296 -42.47 42.32 -41.01
C GLY B 296 -42.62 41.18 -40.01
N GLY B 297 -41.56 40.55 -39.67
CA GLY B 297 -41.57 39.37 -38.81
C GLY B 297 -42.08 39.66 -37.42
N THR B 298 -41.80 40.85 -36.97
CA THR B 298 -42.16 41.18 -35.59
C THR B 298 -43.66 41.46 -35.48
N THR B 299 -44.36 41.43 -36.58
CA THR B 299 -45.80 41.63 -36.56
C THR B 299 -46.54 40.30 -36.61
N MET B 300 -45.82 39.21 -36.44
CA MET B 300 -46.40 37.89 -36.61
C MET B 300 -47.00 37.39 -35.30
N TYR B 301 -46.90 38.14 -34.25
CA TYR B 301 -47.45 37.71 -32.96
C TYR B 301 -48.96 37.53 -33.05
N PRO B 302 -49.37 36.33 -32.60
CA PRO B 302 -50.83 36.22 -32.48
C PRO B 302 -51.43 37.30 -31.58
N GLY B 303 -52.49 37.89 -32.09
CA GLY B 303 -53.22 38.87 -31.28
C GLY B 303 -52.83 40.30 -31.59
N ILE B 304 -51.79 40.48 -32.31
CA ILE B 304 -51.27 41.82 -32.50
C ILE B 304 -52.27 42.66 -33.29
N ALA B 305 -52.89 42.08 -34.28
CA ALA B 305 -53.86 42.83 -35.09
C ALA B 305 -55.04 43.30 -34.25
N ASP B 306 -55.53 42.44 -33.42
CA ASP B 306 -56.65 42.78 -32.55
C ASP B 306 -56.26 43.85 -31.54
N ARG B 307 -55.09 43.67 -31.01
CA ARG B 307 -54.62 44.67 -30.06
C ARG B 307 -54.46 46.03 -30.72
N MET B 308 -53.90 46.05 -31.89
CA MET B 308 -53.76 47.31 -32.64
C MET B 308 -55.13 47.93 -32.91
N GLN B 309 -56.03 47.10 -33.37
CA GLN B 309 -57.39 47.57 -33.61
C GLN B 309 -57.97 48.24 -32.37
N LYS B 310 -57.86 47.61 -31.29
CA LYS B 310 -58.38 48.14 -30.03
C LYS B 310 -57.72 49.46 -29.66
N GLU B 311 -56.41 49.48 -29.72
CA GLU B 311 -55.66 50.64 -29.26
C GLU B 311 -55.88 51.84 -30.17
N ILE B 312 -55.94 51.63 -31.47
CA ILE B 312 -56.11 52.73 -32.41
C ILE B 312 -57.55 53.26 -32.31
N THR B 313 -58.48 52.39 -32.16
CA THR B 313 -59.87 52.79 -31.97
C THR B 313 -60.00 53.74 -30.77
N ALA B 314 -59.27 53.43 -29.75
CA ALA B 314 -59.32 54.23 -28.52
C ALA B 314 -58.69 55.60 -28.73
N LEU B 315 -57.74 55.72 -29.60
CA LEU B 315 -57.00 56.95 -29.81
C LEU B 315 -57.68 57.82 -30.86
N ALA B 316 -58.31 57.20 -31.86
CA ALA B 316 -58.88 57.90 -33.01
C ALA B 316 -60.21 58.55 -32.65
N PRO B 317 -60.60 59.57 -33.42
CA PRO B 317 -61.97 60.08 -33.23
C PRO B 317 -63.02 58.98 -33.35
N SER B 318 -64.09 59.11 -32.68
CA SER B 318 -65.09 58.07 -32.52
C SER B 318 -65.77 57.74 -33.84
N THR B 319 -65.77 58.63 -34.74
CA THR B 319 -66.48 58.44 -35.98
C THR B 319 -65.58 57.78 -37.03
N MET B 320 -64.39 57.56 -36.61
CA MET B 320 -63.43 57.09 -37.59
C MET B 320 -63.49 55.56 -37.74
N LYS B 321 -63.56 55.12 -38.97
CA LYS B 321 -63.44 53.68 -39.22
C LYS B 321 -61.98 53.23 -39.14
N ILE B 322 -61.82 52.13 -38.35
CA ILE B 322 -60.47 51.62 -38.15
C ILE B 322 -60.36 50.22 -38.76
N LYS B 323 -59.37 50.05 -39.57
CA LYS B 323 -59.14 48.73 -40.15
C LYS B 323 -57.67 48.37 -40.14
N ILE B 324 -57.37 47.27 -39.45
CA ILE B 324 -56.02 46.74 -39.41
C ILE B 324 -55.91 45.55 -40.36
N ILE B 325 -54.95 45.66 -41.23
CA ILE B 325 -54.76 44.58 -42.20
C ILE B 325 -53.50 43.80 -41.86
N ALA B 326 -53.67 42.51 -41.60
CA ALA B 326 -52.57 41.61 -41.29
C ALA B 326 -52.52 40.44 -42.26
N PRO B 327 -51.89 40.71 -43.42
CA PRO B 327 -51.83 39.60 -44.37
C PRO B 327 -51.08 38.39 -43.82
N PRO B 328 -51.48 37.25 -44.21
CA PRO B 328 -50.83 36.05 -43.69
C PRO B 328 -49.37 35.95 -44.10
N GLU B 329 -49.08 36.48 -45.24
CA GLU B 329 -47.72 36.37 -45.77
C GLU B 329 -46.88 37.56 -45.37
N ARG B 330 -47.26 38.26 -44.33
CA ARG B 330 -46.70 39.58 -44.04
C ARG B 330 -45.27 39.45 -43.51
N LYS B 331 -44.88 38.23 -43.19
CA LYS B 331 -43.49 38.06 -42.78
C LYS B 331 -42.53 38.45 -43.90
N TYR B 332 -42.95 38.12 -45.11
CA TYR B 332 -42.10 38.38 -46.27
C TYR B 332 -42.81 39.27 -47.29
N SER B 333 -43.70 40.08 -46.84
CA SER B 333 -44.51 40.89 -47.73
C SER B 333 -43.66 41.78 -48.64
N VAL B 334 -42.65 42.33 -48.06
CA VAL B 334 -41.79 43.21 -48.82
C VAL B 334 -41.13 42.44 -49.96
N TRP B 335 -40.54 41.32 -49.62
CA TRP B 335 -39.84 40.52 -50.62
C TRP B 335 -40.81 40.01 -51.68
N ILE B 336 -41.96 39.55 -51.25
CA ILE B 336 -42.95 38.99 -52.16
C ILE B 336 -43.41 40.06 -53.14
N GLY B 337 -43.66 41.23 -52.60
CA GLY B 337 -44.02 42.33 -53.48
C GLY B 337 -42.97 42.61 -54.54
N GLY B 338 -41.72 42.62 -54.13
CA GLY B 338 -40.64 42.80 -55.08
C GLY B 338 -40.52 41.66 -56.07
N SER B 339 -40.74 40.46 -55.60
CA SER B 339 -40.66 39.27 -56.44
C SER B 339 -41.71 39.31 -57.55
N ILE B 340 -42.88 39.70 -57.21
CA ILE B 340 -43.98 39.75 -58.18
C ILE B 340 -43.72 40.88 -59.17
N LEU B 341 -43.39 42.00 -58.66
CA LEU B 341 -43.15 43.16 -59.52
C LEU B 341 -42.06 42.86 -60.54
N ALA B 342 -40.99 42.30 -60.09
CA ALA B 342 -39.81 42.08 -60.93
C ALA B 342 -40.04 40.92 -61.89
N SER B 343 -41.05 40.16 -61.70
CA SER B 343 -41.32 39.01 -62.55
C SER B 343 -42.21 39.38 -63.73
N LEU B 344 -42.83 40.56 -63.62
CA LEU B 344 -43.71 41.00 -64.71
C LEU B 344 -42.89 41.35 -65.95
N SER B 345 -43.41 40.90 -67.09
CA SER B 345 -42.71 41.18 -68.34
C SER B 345 -42.72 42.68 -68.65
N THR B 346 -43.71 43.39 -68.23
CA THR B 346 -43.86 44.81 -68.51
C THR B 346 -42.95 45.63 -67.61
N PHE B 347 -42.47 45.02 -66.51
CA PHE B 347 -41.61 45.73 -65.58
C PHE B 347 -40.21 45.92 -66.16
N GLN B 348 -39.86 45.18 -67.19
CA GLN B 348 -38.53 45.18 -67.78
C GLN B 348 -38.14 46.58 -68.26
N GLN B 349 -39.09 47.38 -68.56
CA GLN B 349 -38.83 48.73 -69.06
C GLN B 349 -38.54 49.70 -67.91
N MET B 350 -38.73 49.20 -66.74
CA MET B 350 -38.62 50.09 -65.59
C MET B 350 -37.22 50.01 -64.99
N TRP B 351 -36.41 49.12 -65.34
CA TRP B 351 -35.08 48.91 -64.81
C TRP B 351 -34.16 50.10 -65.15
N ILE B 352 -33.27 50.39 -64.24
CA ILE B 352 -32.10 51.18 -64.63
C ILE B 352 -31.09 50.27 -65.36
N SER B 353 -30.82 50.53 -66.60
CA SER B 353 -29.84 49.73 -67.35
C SER B 353 -28.42 50.21 -67.09
N LYS B 354 -27.52 49.30 -67.34
CA LYS B 354 -26.12 49.69 -67.21
C LYS B 354 -25.79 50.87 -68.12
N GLN B 355 -26.33 50.94 -69.26
CA GLN B 355 -26.12 52.02 -70.20
C GLN B 355 -26.61 53.35 -69.62
N GLU B 356 -27.78 53.32 -69.06
CA GLU B 356 -28.33 54.53 -68.45
C GLU B 356 -27.45 55.00 -67.29
N TYR B 357 -26.98 54.07 -66.52
CA TYR B 357 -26.08 54.40 -65.41
C TYR B 357 -24.78 55.02 -65.93
N ASP B 358 -24.22 54.48 -66.98
CA ASP B 358 -22.96 54.98 -67.54
C ASP B 358 -23.11 56.40 -68.07
N GLU B 359 -24.36 56.73 -68.46
CA GLU B 359 -24.62 58.04 -69.05
C GLU B 359 -24.95 59.07 -67.97
N SER B 360 -25.59 58.68 -66.93
CA SER B 360 -26.19 59.66 -66.03
C SER B 360 -25.55 59.57 -64.65
N GLY B 361 -24.84 58.49 -64.39
CA GLY B 361 -24.26 58.29 -63.08
C GLY B 361 -25.24 57.77 -62.06
N PRO B 362 -24.88 57.69 -60.80
CA PRO B 362 -25.68 57.07 -59.74
C PRO B 362 -26.97 57.83 -59.45
N SER B 363 -27.03 59.11 -59.83
CA SER B 363 -28.20 59.94 -59.53
C SER B 363 -29.41 59.49 -60.34
N ILE B 364 -29.25 58.61 -61.30
CA ILE B 364 -30.31 58.12 -62.17
C ILE B 364 -31.35 57.36 -61.35
N VAL B 365 -30.88 56.84 -60.19
CA VAL B 365 -31.77 56.04 -59.35
C VAL B 365 -32.96 56.89 -58.89
N HIS B 366 -32.80 58.18 -58.71
CA HIS B 366 -33.85 59.06 -58.20
C HIS B 366 -34.89 59.34 -59.28
N ARG B 367 -34.47 59.30 -60.51
CA ARG B 367 -35.37 59.57 -61.63
C ARG B 367 -36.15 58.33 -62.03
N LYS B 368 -35.56 57.21 -61.94
CA LYS B 368 -36.14 55.99 -62.51
C LYS B 368 -36.94 55.23 -61.45
N CYS B 369 -36.61 55.43 -60.21
CA CYS B 369 -37.23 54.58 -59.21
C CYS B 369 -38.17 55.38 -58.32
N PHE B 370 -38.11 56.82 -58.47
CA PHE B 370 -38.94 57.63 -57.58
C PHE B 370 -39.54 58.82 -58.33
N ALA C 1 -32.86 43.76 20.01
CA ALA C 1 -32.08 44.01 18.81
C ALA C 1 -32.67 43.28 17.60
N ALA C 2 -32.72 43.93 16.52
CA ALA C 2 -33.17 43.32 15.28
C ALA C 2 -32.14 42.31 14.76
N LEU C 3 -32.64 41.30 14.06
CA LEU C 3 -31.76 40.36 13.35
C LEU C 3 -31.50 40.82 11.92
N VAL C 4 -30.27 40.73 11.50
CA VAL C 4 -29.91 41.06 10.13
C VAL C 4 -29.39 39.82 9.42
N VAL C 5 -30.03 39.51 8.27
CA VAL C 5 -29.65 38.31 7.54
C VAL C 5 -29.36 38.67 6.07
N ASP C 6 -28.14 38.55 5.70
CA ASP C 6 -27.74 38.72 4.31
C ASP C 6 -27.76 37.40 3.56
N ASN C 7 -28.67 37.31 2.62
CA ASN C 7 -28.88 36.09 1.85
C ASN C 7 -27.99 36.04 0.62
N GLY C 8 -26.88 35.35 0.81
CA GLY C 8 -25.98 35.19 -0.33
C GLY C 8 -26.13 33.86 -1.03
N SER C 9 -25.74 33.81 -2.24
CA SER C 9 -25.84 32.57 -3.01
C SER C 9 -25.02 31.46 -2.39
N GLY C 10 -23.86 31.87 -1.86
CA GLY C 10 -22.97 30.84 -1.32
C GLY C 10 -22.81 30.93 0.18
N MET C 11 -23.02 32.08 0.68
CA MET C 11 -22.80 32.29 2.11
C MET C 11 -23.96 33.06 2.74
N CYS C 12 -24.31 32.58 3.88
CA CYS C 12 -25.26 33.33 4.70
C CYS C 12 -24.53 34.07 5.81
N LYS C 13 -24.79 35.37 5.92
CA LYS C 13 -24.29 36.20 7.01
C LYS C 13 -25.44 36.68 7.90
N ALA C 14 -25.20 36.44 9.21
CA ALA C 14 -26.30 36.79 10.11
C ALA C 14 -25.77 37.30 11.45
N GLY C 15 -26.51 38.18 12.02
CA GLY C 15 -26.15 38.72 13.32
C GLY C 15 -27.18 39.69 13.87
N PHE C 16 -26.73 40.49 14.86
CA PHE C 16 -27.61 41.44 15.53
C PHE C 16 -27.32 42.86 15.08
N ALA C 17 -28.39 43.61 14.86
CA ALA C 17 -28.24 45.01 14.49
C ALA C 17 -27.37 45.75 15.51
N GLY C 18 -26.50 46.56 15.01
CA GLY C 18 -25.61 47.32 15.87
C GLY C 18 -24.22 46.72 15.97
N ASP C 19 -24.15 45.47 15.62
CA ASP C 19 -22.84 44.83 15.64
C ASP C 19 -21.98 45.29 14.46
N ASP C 20 -20.67 45.17 14.63
CA ASP C 20 -19.74 45.67 13.61
C ASP C 20 -19.48 44.60 12.54
N ALA C 21 -19.83 43.39 12.90
CA ALA C 21 -19.68 42.28 11.96
C ALA C 21 -20.71 41.19 12.24
N PRO C 22 -21.01 40.41 11.20
CA PRO C 22 -21.94 39.31 11.47
C PRO C 22 -21.42 38.34 12.52
N ARG C 23 -22.28 37.73 13.24
CA ARG C 23 -21.94 36.73 14.25
C ARG C 23 -21.77 35.35 13.62
N ALA C 24 -22.53 35.18 12.58
CA ALA C 24 -22.47 33.90 11.90
C ALA C 24 -22.29 34.08 10.40
N VAL C 25 -21.32 33.40 9.93
CA VAL C 25 -21.10 33.27 8.49
C VAL C 25 -20.92 31.80 8.12
N PHE C 26 -21.86 31.28 7.29
CA PHE C 26 -21.80 29.87 6.96
C PHE C 26 -22.28 29.62 5.54
N PRO C 27 -21.92 28.49 4.95
CA PRO C 27 -22.39 28.17 3.60
C PRO C 27 -23.91 28.04 3.52
N SER C 28 -24.42 28.61 2.52
CA SER C 28 -25.85 28.50 2.28
C SER C 28 -26.20 27.22 1.53
N ILE C 29 -26.06 26.08 2.23
CA ILE C 29 -26.27 24.80 1.57
C ILE C 29 -27.10 23.87 2.47
N VAL C 30 -27.85 23.06 1.86
CA VAL C 30 -28.60 21.99 2.52
C VAL C 30 -28.19 20.64 1.94
N GLY C 31 -27.86 19.77 2.90
CA GLY C 31 -27.44 18.44 2.47
C GLY C 31 -28.40 17.34 2.90
N ARG C 32 -28.57 16.41 2.06
CA ARG C 32 -29.36 15.23 2.34
C ARG C 32 -28.59 13.95 2.03
N PRO C 33 -28.83 12.93 2.86
CA PRO C 33 -28.12 11.66 2.63
C PRO C 33 -28.40 11.08 1.24
N ARG C 34 -27.42 10.61 0.57
CA ARG C 34 -27.54 10.05 -0.78
C ARG C 34 -28.27 8.70 -0.74
N HIS C 35 -28.02 7.90 0.28
CA HIS C 35 -28.66 6.60 0.43
C HIS C 35 -29.52 6.54 1.68
N LYS C 45 -30.26 12.83 10.96
CA LYS C 45 -31.19 13.87 10.53
C LYS C 45 -31.55 13.71 9.06
N ASP C 46 -32.72 14.12 8.76
CA ASP C 46 -33.19 14.05 7.37
C ASP C 46 -32.43 15.06 6.50
N SER C 47 -31.88 16.07 7.11
CA SER C 47 -31.13 17.07 6.36
C SER C 47 -30.13 17.80 7.24
N TYR C 48 -29.08 18.28 6.59
CA TYR C 48 -28.02 19.03 7.25
C TYR C 48 -27.83 20.40 6.59
N VAL C 49 -27.49 21.37 7.43
CA VAL C 49 -27.43 22.72 6.90
C VAL C 49 -26.08 23.35 7.22
N GLY C 50 -25.56 24.19 6.35
CA GLY C 50 -24.40 25.02 6.60
C GLY C 50 -23.12 24.22 6.79
N ASP C 51 -22.39 24.49 7.86
CA ASP C 51 -21.10 23.86 8.11
C ASP C 51 -21.26 22.37 8.37
N GLU C 52 -22.36 22.06 8.99
CA GLU C 52 -22.63 20.65 9.25
C GLU C 52 -22.79 19.88 7.94
N ALA C 53 -23.56 20.43 7.06
CA ALA C 53 -23.72 19.80 5.75
C ALA C 53 -22.39 19.72 5.02
N GLN C 54 -21.63 20.80 5.11
CA GLN C 54 -20.34 20.85 4.44
C GLN C 54 -19.39 19.79 5.00
N SER C 55 -19.41 19.52 6.30
CA SER C 55 -18.51 18.56 6.96
C SER C 55 -18.89 17.13 6.60
N LYS C 56 -20.12 16.94 6.14
CA LYS C 56 -20.60 15.60 5.80
C LYS C 56 -20.82 15.46 4.30
N ARG C 57 -20.19 16.27 3.59
CA ARG C 57 -20.44 16.38 2.16
C ARG C 57 -20.16 15.06 1.45
N GLY C 58 -19.26 14.17 2.01
CA GLY C 58 -18.92 12.89 1.41
C GLY C 58 -20.09 11.93 1.33
N ILE C 59 -21.04 12.17 2.15
CA ILE C 59 -22.16 11.22 2.19
C ILE C 59 -23.47 11.95 1.89
N LEU C 60 -23.39 13.21 1.61
CA LEU C 60 -24.60 14.00 1.39
C LEU C 60 -24.66 14.53 -0.04
N THR C 61 -25.89 14.65 -0.52
CA THR C 61 -26.11 15.49 -1.69
C THR C 61 -26.35 16.94 -1.28
N LEU C 62 -25.45 17.85 -1.77
CA LEU C 62 -25.53 19.25 -1.35
C LEU C 62 -26.25 20.09 -2.40
N LYS C 63 -27.14 20.92 -1.94
CA LYS C 63 -27.85 21.84 -2.83
C LYS C 63 -27.81 23.27 -2.30
N TYR C 64 -27.77 24.19 -3.25
CA TYR C 64 -27.88 25.61 -2.93
C TYR C 64 -29.27 26.14 -3.21
N PRO C 65 -29.90 26.64 -2.17
CA PRO C 65 -31.25 27.12 -2.43
C PRO C 65 -31.26 28.46 -3.19
N ILE C 66 -30.14 29.18 -3.16
CA ILE C 66 -30.00 30.44 -3.89
C ILE C 66 -29.03 30.25 -5.05
N GLU C 67 -29.53 30.48 -6.20
CA GLU C 67 -28.70 30.39 -7.40
C GLU C 67 -28.53 31.76 -8.05
N HIS C 68 -27.35 32.18 -8.10
CA HIS C 68 -27.00 33.47 -8.67
C HIS C 68 -27.87 34.59 -8.11
N GLY C 69 -28.12 34.52 -6.83
CA GLY C 69 -28.78 35.59 -6.08
C GLY C 69 -30.28 35.40 -5.97
N ILE C 70 -30.81 34.35 -6.61
CA ILE C 70 -32.26 34.16 -6.64
C ILE C 70 -32.62 32.86 -5.93
N VAL C 71 -33.55 32.97 -5.03
CA VAL C 71 -34.01 31.77 -4.34
C VAL C 71 -34.77 30.88 -5.31
N THR C 72 -34.34 29.66 -5.41
CA THR C 72 -34.97 28.74 -6.35
C THR C 72 -35.59 27.55 -5.60
N ASN C 73 -35.22 27.38 -4.37
CA ASN C 73 -35.76 26.32 -3.52
C ASN C 73 -36.20 26.86 -2.17
N TRP C 74 -37.49 26.99 -1.98
CA TRP C 74 -38.02 27.67 -0.81
C TRP C 74 -38.01 26.74 0.41
N ASP C 75 -38.21 25.47 0.17
CA ASP C 75 -38.13 24.51 1.27
C ASP C 75 -36.75 24.53 1.92
N ASP C 76 -35.78 24.52 1.09
CA ASP C 76 -34.41 24.55 1.60
C ASP C 76 -34.08 25.91 2.19
N MET C 77 -34.61 26.95 1.59
CA MET C 77 -34.36 28.29 2.13
C MET C 77 -34.92 28.42 3.55
N GLU C 78 -36.09 27.88 3.77
CA GLU C 78 -36.66 27.88 5.10
C GLU C 78 -35.75 27.15 6.10
N LYS C 79 -35.14 26.07 5.63
CA LYS C 79 -34.21 25.34 6.49
C LYS C 79 -32.98 26.19 6.82
N ILE C 80 -32.53 26.94 5.84
CA ILE C 80 -31.40 27.83 6.06
C ILE C 80 -31.75 28.87 7.11
N TRP C 81 -32.92 29.42 6.99
CA TRP C 81 -33.34 30.44 7.95
C TRP C 81 -33.56 29.83 9.33
N HIS C 82 -34.19 28.63 9.29
CA HIS C 82 -34.34 27.93 10.57
C HIS C 82 -32.99 27.73 11.25
N HIS C 83 -32.08 27.26 10.47
CA HIS C 83 -30.73 27.04 10.97
C HIS C 83 -30.10 28.36 11.44
N THR C 84 -30.31 29.45 10.75
CA THR C 84 -29.79 30.77 11.10
C THR C 84 -30.30 31.20 12.47
N PHE C 85 -31.60 31.11 12.67
CA PHE C 85 -32.23 31.65 13.87
C PHE C 85 -31.97 30.75 15.07
N TYR C 86 -32.05 29.46 14.92
CA TYR C 86 -32.10 28.57 16.07
C TYR C 86 -30.73 27.95 16.34
N ASN C 87 -30.03 27.71 15.30
CA ASN C 87 -28.76 27.02 15.49
C ASN C 87 -27.59 27.99 15.58
N GLU C 88 -27.56 29.02 14.73
CA GLU C 88 -26.40 29.91 14.68
C GLU C 88 -26.58 31.07 15.66
N LEU C 89 -27.73 31.72 15.63
CA LEU C 89 -27.92 32.90 16.46
C LEU C 89 -28.53 32.52 17.81
N ARG C 90 -29.19 31.36 17.83
CA ARG C 90 -29.84 30.84 19.03
C ARG C 90 -30.84 31.84 19.60
N VAL C 91 -31.78 32.26 18.78
CA VAL C 91 -32.81 33.22 19.17
C VAL C 91 -34.16 32.77 18.63
N ALA C 92 -35.16 33.24 19.28
CA ALA C 92 -36.50 33.06 18.75
C ALA C 92 -36.88 34.20 17.80
N PRO C 93 -37.06 33.92 16.58
CA PRO C 93 -37.36 34.97 15.60
C PRO C 93 -38.64 35.73 15.93
N GLU C 94 -39.58 35.11 16.66
CA GLU C 94 -40.85 35.76 16.99
C GLU C 94 -40.64 36.90 17.97
N GLU C 95 -39.43 37.05 18.43
CA GLU C 95 -39.15 38.09 19.41
C GLU C 95 -38.35 39.23 18.79
N HIS C 96 -37.98 39.07 17.54
CA HIS C 96 -37.05 40.03 16.94
C HIS C 96 -37.55 40.50 15.58
N PRO C 97 -37.53 41.87 15.37
CA PRO C 97 -37.65 42.25 13.97
C PRO C 97 -36.51 41.69 13.12
N VAL C 98 -36.77 41.48 11.78
CA VAL C 98 -35.75 40.86 10.94
C VAL C 98 -35.55 41.68 9.67
N LEU C 99 -34.33 42.10 9.43
CA LEU C 99 -33.96 42.69 8.16
C LEU C 99 -33.30 41.66 7.25
N LEU C 100 -33.84 41.46 6.11
CA LEU C 100 -33.29 40.55 5.10
C LEU C 100 -32.78 41.33 3.89
N THR C 101 -31.69 40.85 3.35
CA THR C 101 -31.21 41.46 2.11
C THR C 101 -31.60 40.61 0.90
N GLU C 102 -31.69 41.29 -0.20
CA GLU C 102 -31.95 40.60 -1.45
C GLU C 102 -31.02 41.10 -2.56
N ALA C 103 -30.81 40.20 -3.55
CA ALA C 103 -30.02 40.60 -4.72
C ALA C 103 -30.80 41.55 -5.62
N PRO C 104 -30.04 42.30 -6.45
CA PRO C 104 -30.78 43.08 -7.45
C PRO C 104 -31.55 42.20 -8.43
N LEU C 105 -32.68 42.67 -8.92
CA LEU C 105 -33.53 42.02 -9.91
C LEU C 105 -34.27 40.83 -9.30
N ASN C 106 -34.30 40.74 -8.02
CA ASN C 106 -35.14 39.74 -7.37
C ASN C 106 -36.59 39.86 -7.81
N PRO C 107 -37.19 38.75 -8.25
CA PRO C 107 -38.59 38.83 -8.68
C PRO C 107 -39.53 39.25 -7.55
N LYS C 108 -40.57 39.95 -7.92
CA LYS C 108 -41.54 40.42 -6.95
C LYS C 108 -42.16 39.26 -6.18
N ALA C 109 -42.38 38.20 -6.92
CA ALA C 109 -43.00 37.03 -6.30
C ALA C 109 -42.09 36.46 -5.21
N ASN C 110 -40.81 36.45 -5.47
CA ASN C 110 -39.87 35.96 -4.46
C ASN C 110 -39.85 36.84 -3.22
N ARG C 111 -39.95 38.12 -3.45
CA ARG C 111 -39.98 39.06 -2.33
C ARG C 111 -41.21 38.83 -1.46
N GLU C 112 -42.29 38.61 -2.14
CA GLU C 112 -43.53 38.37 -1.42
C GLU C 112 -43.48 37.05 -0.66
N LYS C 113 -42.91 36.03 -1.34
CA LYS C 113 -42.77 34.73 -0.68
C LYS C 113 -41.89 34.82 0.55
N MET C 114 -40.85 35.53 0.47
CA MET C 114 -39.95 35.77 1.60
C MET C 114 -40.70 36.44 2.74
N THR C 115 -41.49 37.41 2.42
CA THR C 115 -42.28 38.14 3.40
C THR C 115 -43.29 37.22 4.07
N GLN C 116 -43.89 36.41 3.28
CA GLN C 116 -44.87 35.46 3.78
C GLN C 116 -44.24 34.48 4.77
N ILE C 117 -43.14 33.95 4.46
CA ILE C 117 -42.47 32.94 5.27
C ILE C 117 -42.03 33.56 6.60
N MET C 118 -41.56 34.81 6.62
CA MET C 118 -41.11 35.46 7.84
C MET C 118 -42.27 35.67 8.81
N PHE C 119 -43.40 36.11 8.25
CA PHE C 119 -44.51 36.43 9.13
C PHE C 119 -45.30 35.17 9.49
N GLU C 120 -45.45 34.25 8.57
CA GLU C 120 -46.37 33.13 8.78
C GLU C 120 -45.64 31.91 9.34
N THR C 121 -44.44 31.67 8.91
CA THR C 121 -43.69 30.51 9.36
C THR C 121 -42.86 30.84 10.59
N PHE C 122 -42.20 31.98 10.62
CA PHE C 122 -41.28 32.30 11.71
C PHE C 122 -41.93 33.28 12.70
N ASN C 123 -43.04 33.81 12.37
CA ASN C 123 -43.86 34.67 13.22
C ASN C 123 -43.07 35.87 13.73
N THR C 124 -42.20 36.42 12.87
CA THR C 124 -41.48 37.62 13.30
C THR C 124 -42.45 38.78 13.50
N PRO C 125 -42.16 39.66 14.50
CA PRO C 125 -43.07 40.77 14.77
C PRO C 125 -42.99 41.87 13.71
N ALA C 126 -41.89 41.97 13.03
CA ALA C 126 -41.64 42.96 11.99
C ALA C 126 -40.52 42.53 11.06
N MET C 127 -40.55 43.06 9.83
CA MET C 127 -39.47 42.72 8.90
C MET C 127 -39.25 43.84 7.90
N TYR C 128 -38.11 43.86 7.29
CA TYR C 128 -37.71 44.78 6.23
C TYR C 128 -36.81 44.09 5.21
N VAL C 129 -36.98 44.44 3.97
CA VAL C 129 -36.12 43.90 2.93
C VAL C 129 -35.31 45.04 2.30
N ALA C 130 -34.05 44.82 2.13
CA ALA C 130 -33.17 45.82 1.51
C ALA C 130 -32.33 45.21 0.40
N ILE C 131 -32.10 46.01 -0.62
CA ILE C 131 -31.28 45.55 -1.75
C ILE C 131 -29.81 45.60 -1.37
N GLN C 132 -29.09 44.57 -1.61
CA GLN C 132 -27.70 44.40 -1.20
C GLN C 132 -26.83 45.53 -1.72
N ALA C 133 -26.94 45.86 -2.96
CA ALA C 133 -26.08 46.86 -3.57
C ALA C 133 -26.36 48.25 -3.03
N VAL C 134 -27.62 48.54 -2.74
CA VAL C 134 -27.99 49.85 -2.22
C VAL C 134 -27.42 50.03 -0.82
N LEU C 135 -27.48 48.96 -0.01
CA LEU C 135 -26.90 49.03 1.32
C LEU C 135 -25.40 49.32 1.26
N SER C 136 -24.76 48.65 0.34
CA SER C 136 -23.32 48.82 0.19
C SER C 136 -22.98 50.25 -0.23
N LEU C 137 -23.75 50.78 -1.11
CA LEU C 137 -23.49 52.14 -1.59
C LEU C 137 -23.67 53.15 -0.47
N TYR C 138 -24.76 52.99 0.24
CA TYR C 138 -25.04 53.91 1.34
C TYR C 138 -23.96 53.82 2.41
N ALA C 139 -23.50 52.61 2.65
CA ALA C 139 -22.47 52.41 3.67
C ALA C 139 -21.18 53.14 3.30
N SER C 140 -21.09 53.54 2.10
CA SER C 140 -19.91 54.27 1.65
C SER C 140 -20.17 55.78 1.65
N GLY C 141 -21.36 56.19 2.06
CA GLY C 141 -21.70 57.59 2.18
C GLY C 141 -22.21 58.20 0.88
N ARG C 142 -22.61 57.34 0.00
CA ARG C 142 -23.08 57.79 -1.31
C ARG C 142 -24.52 57.34 -1.55
N THR C 143 -25.20 58.14 -2.38
CA THR C 143 -26.55 57.76 -2.81
C THR C 143 -26.59 57.54 -4.31
N THR C 144 -25.59 58.04 -4.96
CA THR C 144 -25.45 57.86 -6.40
C THR C 144 -24.09 57.26 -6.74
N GLY C 145 -24.09 56.19 -7.49
CA GLY C 145 -22.92 55.46 -7.93
C GLY C 145 -23.25 54.11 -8.53
N ILE C 146 -22.24 53.42 -8.87
CA ILE C 146 -22.43 52.06 -9.36
C ILE C 146 -21.66 51.08 -8.47
N VAL C 147 -22.34 49.98 -8.11
CA VAL C 147 -21.74 48.98 -7.22
C VAL C 147 -21.37 47.74 -8.03
N LEU C 148 -20.13 47.36 -7.97
CA LEU C 148 -19.73 46.03 -8.39
C LEU C 148 -19.74 45.06 -7.21
N ASP C 149 -20.83 44.33 -7.16
CA ASP C 149 -21.02 43.37 -6.08
C ASP C 149 -20.66 41.95 -6.53
N SER C 150 -19.59 41.46 -5.91
CA SER C 150 -19.15 40.11 -6.26
C SER C 150 -19.01 39.25 -5.00
N GLY C 151 -19.92 38.27 -4.93
CA GLY C 151 -19.90 37.36 -3.79
C GLY C 151 -19.31 36.00 -4.14
N ASP C 152 -19.94 34.99 -3.65
CA ASP C 152 -19.47 33.62 -3.87
C ASP C 152 -20.07 33.04 -5.14
N GLY C 153 -21.24 33.54 -5.46
CA GLY C 153 -21.94 32.81 -6.50
C GLY C 153 -22.23 33.66 -7.72
N VAL C 154 -22.14 34.94 -7.55
CA VAL C 154 -22.54 35.78 -8.67
C VAL C 154 -21.91 37.17 -8.54
N SER C 155 -21.67 37.84 -9.62
CA SER C 155 -21.25 39.24 -9.66
C SER C 155 -22.29 40.10 -10.35
N HIS C 156 -22.60 41.27 -9.74
CA HIS C 156 -23.53 42.25 -10.30
C HIS C 156 -22.89 43.62 -10.42
N THR C 157 -23.19 44.27 -11.51
CA THR C 157 -23.03 45.71 -11.57
C THR C 157 -24.36 46.42 -11.44
N VAL C 158 -24.43 47.29 -10.44
CA VAL C 158 -25.72 47.87 -10.10
C VAL C 158 -25.62 49.39 -10.04
N PRO C 159 -26.03 50.05 -11.14
CA PRO C 159 -26.09 51.52 -11.06
C PRO C 159 -27.23 52.02 -10.19
N ILE C 160 -26.93 52.97 -9.37
CA ILE C 160 -27.90 53.55 -8.44
C ILE C 160 -27.87 55.08 -8.56
N TYR C 161 -29.06 55.63 -8.74
CA TYR C 161 -29.19 57.08 -8.84
C TYR C 161 -30.12 57.62 -7.77
N GLU C 162 -29.53 58.40 -6.86
CA GLU C 162 -30.25 59.02 -5.76
C GLU C 162 -31.03 57.98 -4.95
N GLY C 163 -30.38 56.85 -4.81
CA GLY C 163 -30.90 55.83 -3.91
C GLY C 163 -31.76 54.80 -4.62
N TYR C 164 -31.93 55.00 -5.94
CA TYR C 164 -32.76 54.06 -6.69
C TYR C 164 -31.92 53.26 -7.68
N ALA C 165 -32.01 51.95 -7.51
CA ALA C 165 -31.33 51.12 -8.50
C ALA C 165 -32.01 51.25 -9.87
N LEU C 166 -31.20 51.20 -10.93
CA LEU C 166 -31.69 51.27 -12.30
C LEU C 166 -31.73 49.90 -12.95
N PRO C 167 -32.91 49.28 -12.84
CA PRO C 167 -33.02 47.86 -13.23
C PRO C 167 -32.59 47.60 -14.67
N HIS C 168 -32.83 48.51 -15.58
CA HIS C 168 -32.53 48.29 -17.00
C HIS C 168 -31.03 48.25 -17.24
N ALA C 169 -30.32 48.75 -16.30
CA ALA C 169 -28.88 48.88 -16.50
C ALA C 169 -28.11 47.94 -15.59
N ILE C 170 -28.81 47.13 -14.85
CA ILE C 170 -28.15 46.13 -14.00
C ILE C 170 -27.68 44.96 -14.86
N LEU C 171 -26.40 44.59 -14.69
CA LEU C 171 -25.86 43.46 -15.42
C LEU C 171 -25.34 42.39 -14.47
N ARG C 172 -25.51 41.17 -14.93
CA ARG C 172 -25.12 40.02 -14.12
C ARG C 172 -24.05 39.18 -14.81
N LEU C 173 -23.06 38.81 -14.04
CA LEU C 173 -22.04 37.84 -14.46
C LEU C 173 -22.05 36.63 -13.55
N ASP C 174 -22.48 35.47 -14.08
CA ASP C 174 -22.55 34.25 -13.28
C ASP C 174 -21.15 33.67 -13.04
N LEU C 175 -20.29 34.43 -12.60
CA LEU C 175 -18.91 34.15 -12.24
C LEU C 175 -18.51 34.90 -10.97
N ALA C 176 -18.09 34.12 -9.98
CA ALA C 176 -17.68 34.74 -8.72
C ALA C 176 -16.74 33.82 -7.94
N GLY C 177 -16.75 33.88 -6.70
CA GLY C 177 -15.75 33.24 -5.85
C GLY C 177 -15.70 31.73 -6.01
N ARG C 178 -16.81 31.14 -6.04
CA ARG C 178 -16.88 29.69 -6.14
C ARG C 178 -16.26 29.20 -7.45
N ASP C 179 -16.55 29.89 -8.51
CA ASP C 179 -15.97 29.54 -9.79
C ASP C 179 -14.46 29.70 -9.78
N LEU C 180 -14.00 30.66 -9.10
CA LEU C 180 -12.56 30.91 -9.02
C LEU C 180 -11.87 29.83 -8.21
N THR C 181 -12.54 29.41 -7.18
CA THR C 181 -11.98 28.31 -6.41
C THR C 181 -11.84 27.06 -7.27
N ASP C 182 -12.85 26.78 -8.05
CA ASP C 182 -12.81 25.63 -8.96
C ASP C 182 -11.69 25.81 -9.99
N TYR C 183 -11.60 26.98 -10.45
CA TYR C 183 -10.57 27.25 -11.45
C TYR C 183 -9.18 27.07 -10.85
N LEU C 184 -9.01 27.55 -9.66
CA LEU C 184 -7.71 27.39 -9.01
C LEU C 184 -7.38 25.93 -8.80
N MET C 185 -8.35 25.18 -8.41
CA MET C 185 -8.15 23.75 -8.29
C MET C 185 -7.63 23.15 -9.59
N LYS C 186 -8.22 23.53 -10.66
CA LYS C 186 -7.85 23.02 -11.97
C LYS C 186 -6.39 23.37 -12.31
N ILE C 187 -6.00 24.61 -12.08
CA ILE C 187 -4.67 25.03 -12.53
C ILE C 187 -3.62 24.56 -11.54
N LEU C 188 -3.98 24.32 -10.32
CA LEU C 188 -3.06 23.68 -9.39
C LEU C 188 -2.80 22.24 -9.78
N THR C 189 -3.87 21.60 -10.25
CA THR C 189 -3.71 20.25 -10.75
C THR C 189 -2.70 20.21 -11.89
N GLU C 190 -2.73 21.19 -12.74
CA GLU C 190 -1.78 21.28 -13.84
C GLU C 190 -0.35 21.41 -13.34
N ARG C 191 -0.20 21.96 -12.16
CA ARG C 191 1.11 22.12 -11.55
C ARG C 191 1.54 20.86 -10.82
N GLY C 192 0.62 19.96 -10.62
CA GLY C 192 0.96 18.68 -10.03
C GLY C 192 0.33 18.46 -8.66
N TYR C 193 -0.45 19.43 -8.25
CA TYR C 193 -1.17 19.27 -7.01
C TYR C 193 -2.61 18.82 -7.26
N SER C 194 -2.92 17.78 -6.61
CA SER C 194 -4.26 17.25 -6.87
C SER C 194 -5.16 17.43 -5.65
N PHE C 195 -6.20 18.20 -5.87
CA PHE C 195 -7.27 18.40 -4.88
C PHE C 195 -8.60 17.90 -5.44
N THR C 196 -9.03 16.81 -4.96
CA THR C 196 -10.16 16.19 -5.64
C THR C 196 -11.37 16.12 -4.71
N THR C 197 -11.11 16.27 -3.45
CA THR C 197 -12.24 16.12 -2.52
C THR C 197 -12.80 17.49 -2.14
N THR C 198 -13.97 17.46 -1.63
CA THR C 198 -14.63 18.68 -1.17
C THR C 198 -13.83 19.35 -0.06
N ALA C 199 -13.36 18.53 0.85
CA ALA C 199 -12.52 19.06 1.92
C ALA C 199 -11.29 19.75 1.34
N GLU C 200 -10.82 19.19 0.35
CA GLU C 200 -9.64 19.77 -0.30
C GLU C 200 -10.00 21.06 -1.04
N ARG C 201 -11.19 21.08 -1.47
CA ARG C 201 -11.65 22.30 -2.13
C ARG C 201 -11.60 23.49 -1.17
N GLU C 202 -11.92 23.25 0.11
CA GLU C 202 -11.88 24.30 1.12
C GLU C 202 -10.44 24.76 1.37
N ILE C 203 -9.62 23.83 1.24
CA ILE C 203 -8.22 24.19 1.36
C ILE C 203 -7.82 25.13 0.22
N VAL C 204 -8.32 24.81 -0.95
CA VAL C 204 -8.00 25.62 -2.11
C VAL C 204 -8.63 27.00 -1.96
N ARG C 205 -9.82 27.03 -1.44
CA ARG C 205 -10.45 28.32 -1.18
C ARG C 205 -9.59 29.16 -0.24
N ASP C 206 -9.09 28.48 0.77
CA ASP C 206 -8.22 29.17 1.72
C ASP C 206 -6.96 29.69 1.03
N ILE C 207 -6.37 28.90 0.17
CA ILE C 207 -5.20 29.31 -0.59
C ILE C 207 -5.54 30.53 -1.44
N LYS C 208 -6.64 30.47 -2.11
CA LYS C 208 -7.10 31.54 -2.98
C LYS C 208 -7.24 32.85 -2.19
N GLU C 209 -7.85 32.82 -1.07
CA GLU C 209 -8.17 34.01 -0.28
C GLU C 209 -6.92 34.58 0.39
N LYS C 210 -5.91 33.73 0.59
CA LYS C 210 -4.73 34.18 1.31
C LYS C 210 -3.62 34.59 0.35
N LEU C 211 -3.62 33.97 -0.80
CA LEU C 211 -2.39 34.11 -1.56
C LEU C 211 -2.65 34.79 -2.91
N CYS C 212 -3.84 34.74 -3.38
CA CYS C 212 -4.10 35.23 -4.72
C CYS C 212 -4.23 36.76 -4.72
N TYR C 213 -3.92 37.32 -5.88
CA TYR C 213 -4.02 38.76 -6.08
C TYR C 213 -4.28 39.10 -7.53
N VAL C 214 -4.67 40.34 -7.81
CA VAL C 214 -4.92 40.80 -9.17
C VAL C 214 -3.72 41.61 -9.68
N ALA C 215 -3.21 41.18 -10.80
CA ALA C 215 -2.08 41.90 -11.41
C ALA C 215 -2.57 43.17 -12.12
N LEU C 216 -1.73 44.19 -11.96
CA LEU C 216 -2.06 45.41 -12.71
C LEU C 216 -1.94 45.19 -14.20
N ASP C 217 -0.85 44.64 -14.62
CA ASP C 217 -0.60 44.19 -15.99
C ASP C 217 -0.36 42.69 -16.04
N PHE C 218 -1.33 41.99 -16.58
CA PHE C 218 -1.33 40.53 -16.54
C PHE C 218 -0.19 39.96 -17.37
N GLU C 219 0.07 40.50 -18.51
CA GLU C 219 1.11 39.99 -19.40
C GLU C 219 2.50 40.22 -18.81
N GLN C 220 2.66 41.38 -18.27
CA GLN C 220 3.94 41.66 -17.63
C GLN C 220 4.18 40.75 -16.43
N GLU C 221 3.14 40.51 -15.71
CA GLU C 221 3.26 39.67 -14.53
C GLU C 221 3.59 38.22 -14.91
N MET C 222 2.99 37.78 -16.03
CA MET C 222 3.30 36.47 -16.57
C MET C 222 4.78 36.36 -16.95
N ALA C 223 5.29 37.41 -17.51
CA ALA C 223 6.69 37.45 -17.91
C ALA C 223 7.61 37.41 -16.68
N THR C 224 7.21 38.13 -15.69
CA THR C 224 7.98 38.15 -14.46
C THR C 224 7.99 36.76 -13.80
N ALA C 225 6.84 36.16 -13.81
CA ALA C 225 6.72 34.84 -13.19
C ALA C 225 7.57 33.81 -13.92
N ALA C 226 7.77 34.01 -15.23
CA ALA C 226 8.54 33.08 -16.05
C ALA C 226 10.03 33.27 -15.85
N SER C 227 10.39 34.45 -15.42
CA SER C 227 11.82 34.77 -15.38
C SER C 227 12.34 34.75 -13.96
N SER C 228 11.43 34.78 -12.98
CA SER C 228 11.88 34.82 -11.60
C SER C 228 10.92 34.08 -10.67
N SER C 229 11.43 33.72 -9.52
CA SER C 229 10.59 33.05 -8.51
C SER C 229 10.10 34.05 -7.47
N SER C 230 10.21 35.28 -7.77
CA SER C 230 9.90 36.33 -6.81
C SER C 230 8.41 36.37 -6.49
N LEU C 231 7.63 35.82 -7.33
CA LEU C 231 6.19 35.89 -7.15
C LEU C 231 5.65 34.63 -6.49
N GLU C 232 6.52 33.70 -6.25
CA GLU C 232 6.11 32.44 -5.65
C GLU C 232 5.86 32.59 -4.16
N LYS C 233 4.82 31.93 -3.70
CA LYS C 233 4.51 31.86 -2.27
C LYS C 233 4.24 30.42 -1.84
N SER C 234 4.55 30.17 -0.59
CA SER C 234 4.32 28.83 -0.06
C SER C 234 3.10 28.79 0.84
N TYR C 235 2.47 27.60 0.84
CA TYR C 235 1.31 27.33 1.68
C TYR C 235 1.43 25.98 2.37
N GLU C 236 1.32 25.95 3.65
CA GLU C 236 1.39 24.69 4.40
C GLU C 236 0.02 24.03 4.47
N LEU C 237 -0.05 22.87 3.97
CA LEU C 237 -1.29 22.11 4.01
C LEU C 237 -1.55 21.59 5.43
N PRO C 238 -2.73 21.19 5.68
CA PRO C 238 -3.06 20.67 7.00
C PRO C 238 -2.23 19.46 7.39
N ASP C 239 -1.80 18.65 6.44
CA ASP C 239 -1.01 17.47 6.72
C ASP C 239 0.48 17.82 6.89
N GLY C 240 0.84 19.08 6.75
CA GLY C 240 2.20 19.54 6.97
C GLY C 240 2.98 19.73 5.69
N GLN C 241 2.50 19.20 4.65
CA GLN C 241 3.16 19.39 3.36
C GLN C 241 3.09 20.83 2.91
N VAL C 242 4.21 21.30 2.37
CA VAL C 242 4.26 22.67 1.89
C VAL C 242 4.22 22.67 0.36
N ILE C 243 3.31 23.39 -0.16
CA ILE C 243 3.24 23.52 -1.61
C ILE C 243 3.63 24.94 -2.02
N THR C 244 4.10 25.03 -3.24
CA THR C 244 4.49 26.34 -3.80
C THR C 244 3.53 26.75 -4.91
N ILE C 245 3.00 27.96 -4.76
CA ILE C 245 2.08 28.51 -5.75
C ILE C 245 2.77 29.66 -6.49
N GLY C 246 2.78 29.62 -7.86
CA GLY C 246 3.44 30.64 -8.66
C GLY C 246 2.47 31.57 -9.38
N ASN C 247 2.43 31.33 -10.68
CA ASN C 247 1.62 32.24 -11.48
C ASN C 247 0.13 31.96 -11.32
N GLU C 248 -0.20 30.86 -10.57
CA GLU C 248 -1.60 30.57 -10.27
C GLU C 248 -2.20 31.66 -9.37
N ARG C 249 -1.33 32.34 -8.64
CA ARG C 249 -1.75 33.36 -7.69
C ARG C 249 -2.53 34.47 -8.39
N PHE C 250 -2.09 34.82 -9.59
CA PHE C 250 -2.75 35.94 -10.24
C PHE C 250 -3.52 35.47 -11.47
N ARG C 251 -3.29 34.24 -11.91
CA ARG C 251 -4.08 33.68 -13.00
C ARG C 251 -5.50 33.40 -12.55
N CYS C 252 -5.63 33.02 -11.37
CA CYS C 252 -6.95 32.67 -10.84
C CYS C 252 -7.89 33.87 -10.88
N PRO C 253 -7.57 34.99 -10.21
CA PRO C 253 -8.53 36.10 -10.23
C PRO C 253 -8.59 36.80 -11.58
N GLU C 254 -7.65 36.49 -12.47
CA GLU C 254 -7.70 37.08 -13.81
C GLU C 254 -8.98 36.68 -14.55
N ALA C 255 -9.48 35.55 -14.11
CA ALA C 255 -10.72 35.05 -14.72
C ALA C 255 -11.85 36.05 -14.56
N LEU C 256 -11.82 36.94 -13.59
CA LEU C 256 -12.83 37.97 -13.41
C LEU C 256 -12.78 38.99 -14.53
N PHE C 257 -11.55 39.25 -14.99
CA PHE C 257 -11.34 40.22 -16.06
C PHE C 257 -11.39 39.55 -17.42
N GLN C 258 -11.05 38.30 -17.44
CA GLN C 258 -11.08 37.49 -18.65
C GLN C 258 -11.80 36.16 -18.41
N PRO C 259 -13.10 36.18 -18.51
CA PRO C 259 -13.88 34.98 -18.22
C PRO C 259 -13.57 33.82 -19.17
N SER C 260 -12.92 34.11 -20.25
CA SER C 260 -12.53 33.06 -21.19
C SER C 260 -11.60 32.05 -20.52
N PHE C 261 -10.90 32.42 -19.46
CA PHE C 261 -10.06 31.48 -18.71
C PHE C 261 -10.89 30.31 -18.20
N LEU C 262 -12.16 30.56 -18.03
CA LEU C 262 -13.06 29.51 -17.54
C LEU C 262 -13.92 28.98 -18.69
N GLY C 263 -13.64 29.44 -19.88
CA GLY C 263 -14.39 28.99 -21.05
C GLY C 263 -15.72 29.71 -21.21
N MET C 264 -15.88 30.80 -20.55
CA MET C 264 -17.13 31.56 -20.61
C MET C 264 -17.05 32.64 -21.69
N GLU C 265 -18.12 32.67 -22.48
CA GLU C 265 -18.23 33.76 -23.44
C GLU C 265 -18.91 34.98 -22.83
N ALA C 266 -18.26 35.61 -21.94
CA ALA C 266 -18.78 36.79 -21.23
C ALA C 266 -17.72 37.87 -21.08
N CYS C 267 -18.24 39.09 -20.91
CA CYS C 267 -17.33 40.18 -20.62
C CYS C 267 -16.84 40.11 -19.18
N GLY C 268 -15.59 40.56 -18.96
CA GLY C 268 -15.07 40.65 -17.60
C GLY C 268 -15.76 41.71 -16.77
N ILE C 269 -15.43 41.81 -15.54
CA ILE C 269 -16.13 42.69 -14.60
C ILE C 269 -15.88 44.14 -14.97
N HIS C 270 -14.69 44.50 -15.54
CA HIS C 270 -14.43 45.88 -15.93
C HIS C 270 -15.31 46.28 -17.11
N GLU C 271 -15.40 45.40 -18.09
CA GLU C 271 -16.25 45.67 -19.25
C GLU C 271 -17.73 45.68 -18.88
N THR C 272 -18.06 44.76 -18.04
CA THR C 272 -19.44 44.70 -17.59
C THR C 272 -19.83 45.99 -16.87
N THR C 273 -18.95 46.49 -16.04
CA THR C 273 -19.17 47.76 -15.35
C THR C 273 -19.34 48.89 -16.35
N TYR C 274 -18.46 48.91 -17.29
CA TYR C 274 -18.52 49.92 -18.34
C TYR C 274 -19.83 49.82 -19.11
N ASN C 275 -20.17 48.62 -19.48
CA ASN C 275 -21.40 48.42 -20.24
C ASN C 275 -22.63 48.84 -19.44
N SER C 276 -22.61 48.58 -18.14
CA SER C 276 -23.69 49.01 -17.27
C SER C 276 -23.83 50.52 -17.24
N ILE C 277 -22.78 51.22 -17.18
CA ILE C 277 -22.77 52.68 -17.16
C ILE C 277 -23.33 53.20 -18.49
N MET C 278 -22.97 52.56 -19.54
CA MET C 278 -23.37 53.01 -20.87
C MET C 278 -24.85 52.79 -21.09
N LYS C 279 -25.44 51.94 -20.35
CA LYS C 279 -26.87 51.70 -20.46
C LYS C 279 -27.66 52.78 -19.73
N CYS C 280 -26.99 53.60 -18.96
CA CYS C 280 -27.64 54.66 -18.21
C CYS C 280 -27.71 55.94 -19.03
N ASP C 281 -28.57 56.88 -18.55
CA ASP C 281 -28.66 58.18 -19.19
C ASP C 281 -27.33 58.91 -19.17
N VAL C 282 -27.07 59.63 -20.18
CA VAL C 282 -25.79 60.29 -20.40
C VAL C 282 -25.51 61.25 -19.24
N ASP C 283 -26.50 61.78 -18.63
CA ASP C 283 -26.34 62.84 -17.63
C ASP C 283 -25.91 62.26 -16.28
N ILE C 284 -26.02 61.02 -16.12
CA ILE C 284 -25.65 60.50 -14.81
C ILE C 284 -24.38 59.67 -14.91
N ARG C 285 -23.89 59.42 -16.10
CA ARG C 285 -22.73 58.57 -16.33
C ARG C 285 -21.50 59.12 -15.63
N LYS C 286 -21.38 60.41 -15.71
CA LYS C 286 -20.23 61.04 -15.05
C LYS C 286 -20.18 60.68 -13.57
N ASP C 287 -21.35 60.70 -12.93
CA ASP C 287 -21.43 60.36 -11.52
C ASP C 287 -21.12 58.89 -11.28
N LEU C 288 -21.50 58.08 -12.16
CA LEU C 288 -21.27 56.66 -12.01
C LEU C 288 -19.79 56.33 -12.15
N TYR C 289 -19.13 56.97 -13.10
CA TYR C 289 -17.70 56.75 -13.29
C TYR C 289 -16.92 57.20 -12.06
N ALA C 290 -17.42 58.20 -11.41
CA ALA C 290 -16.68 58.82 -10.31
C ALA C 290 -17.05 58.18 -8.98
N ASN C 291 -17.91 57.20 -9.05
CA ASN C 291 -18.38 56.56 -7.84
C ASN C 291 -18.65 55.08 -8.04
N THR C 292 -17.60 54.35 -8.36
CA THR C 292 -17.68 52.89 -8.49
C THR C 292 -17.26 52.21 -7.19
N VAL C 293 -18.22 51.53 -6.60
CA VAL C 293 -17.97 50.94 -5.28
C VAL C 293 -17.85 49.43 -5.39
N LEU C 294 -16.74 48.91 -4.87
CA LEU C 294 -16.55 47.47 -4.80
C LEU C 294 -17.17 46.89 -3.54
N SER C 295 -17.84 45.76 -3.73
CA SER C 295 -18.48 45.11 -2.59
C SER C 295 -18.49 43.59 -2.75
N GLY C 296 -18.30 42.86 -1.62
CA GLY C 296 -18.35 41.41 -1.64
C GLY C 296 -16.99 40.76 -1.45
N GLY C 297 -16.97 39.54 -1.05
CA GLY C 297 -15.75 38.83 -0.71
C GLY C 297 -14.80 38.67 -1.89
N THR C 298 -15.37 38.55 -3.05
CA THR C 298 -14.56 38.30 -4.23
C THR C 298 -13.87 39.57 -4.69
N THR C 299 -14.14 40.67 -4.05
CA THR C 299 -13.48 41.93 -4.38
C THR C 299 -12.33 42.21 -3.42
N MET C 300 -11.97 41.23 -2.63
CA MET C 300 -10.97 41.44 -1.59
C MET C 300 -9.56 41.20 -2.12
N TYR C 301 -9.43 40.82 -3.37
CA TYR C 301 -8.10 40.57 -3.92
C TYR C 301 -7.26 41.84 -3.91
N PRO C 302 -6.05 41.63 -3.33
CA PRO C 302 -5.14 42.78 -3.50
C PRO C 302 -4.93 43.15 -4.97
N GLY C 303 -5.02 44.44 -5.22
CA GLY C 303 -4.74 44.93 -6.55
C GLY C 303 -5.98 45.14 -7.40
N ILE C 304 -7.06 44.66 -6.95
CA ILE C 304 -8.26 44.66 -7.79
C ILE C 304 -8.71 46.10 -8.03
N ALA C 305 -8.64 46.94 -7.03
CA ALA C 305 -9.05 48.33 -7.18
C ALA C 305 -8.21 49.06 -8.21
N ASP C 306 -6.93 48.85 -8.16
CA ASP C 306 -6.02 49.47 -9.10
C ASP C 306 -6.26 48.96 -10.52
N ARG C 307 -6.45 47.67 -10.59
CA ARG C 307 -6.71 47.10 -11.90
C ARG C 307 -8.01 47.64 -12.49
N MET C 308 -9.03 47.73 -11.68
CA MET C 308 -10.29 48.30 -12.13
C MET C 308 -10.11 49.75 -12.58
N GLN C 309 -9.41 50.50 -11.78
CA GLN C 309 -9.12 51.87 -12.14
C GLN C 309 -8.47 51.96 -13.51
N LYS C 310 -7.50 51.19 -13.73
CA LYS C 310 -6.77 51.18 -14.98
C LYS C 310 -7.69 50.81 -16.15
N GLU C 311 -8.43 49.75 -15.97
CA GLU C 311 -9.24 49.20 -17.06
C GLU C 311 -10.39 50.14 -17.41
N ILE C 312 -11.01 50.74 -16.41
CA ILE C 312 -12.14 51.63 -16.67
C ILE C 312 -11.66 52.93 -17.29
N THR C 313 -10.54 53.40 -16.84
CA THR C 313 -9.95 54.60 -17.43
C THR C 313 -9.71 54.40 -18.93
N ALA C 314 -9.30 53.20 -19.28
CA ALA C 314 -9.00 52.90 -20.68
C ALA C 314 -10.29 52.84 -21.50
N LEU C 315 -11.38 52.47 -20.91
CA LEU C 315 -12.64 52.28 -21.62
C LEU C 315 -13.43 53.58 -21.70
N ALA C 316 -13.33 54.42 -20.65
CA ALA C 316 -14.14 55.62 -20.52
C ALA C 316 -13.60 56.75 -21.39
N PRO C 317 -14.47 57.71 -21.72
CA PRO C 317 -13.93 58.90 -22.38
C PRO C 317 -12.80 59.55 -21.60
N SER C 318 -11.91 60.18 -22.26
CA SER C 318 -10.66 60.65 -21.69
C SER C 318 -10.91 61.76 -20.67
N THR C 319 -11.98 62.42 -20.77
CA THR C 319 -12.24 63.56 -19.90
C THR C 319 -12.96 63.12 -18.63
N MET C 320 -13.20 61.87 -18.59
CA MET C 320 -14.01 61.38 -17.49
C MET C 320 -13.16 61.09 -16.26
N LYS C 321 -13.60 61.61 -15.13
CA LYS C 321 -12.96 61.24 -13.86
C LYS C 321 -13.42 59.86 -13.40
N ILE C 322 -12.37 59.05 -13.06
CA ILE C 322 -12.65 57.69 -12.64
C ILE C 322 -12.26 57.51 -11.18
N LYS C 323 -13.16 57.01 -10.41
CA LYS C 323 -12.84 56.74 -9.01
C LYS C 323 -13.41 55.38 -8.58
N ILE C 324 -12.49 54.54 -8.15
CA ILE C 324 -12.86 53.23 -7.61
C ILE C 324 -12.78 53.26 -6.09
N ILE C 325 -13.88 52.89 -5.50
CA ILE C 325 -13.93 52.90 -4.05
C ILE C 325 -13.92 51.47 -3.52
N ALA C 326 -12.91 51.15 -2.73
CA ALA C 326 -12.77 49.83 -2.12
C ALA C 326 -12.67 49.94 -0.60
N PRO C 327 -13.87 50.03 0.01
CA PRO C 327 -13.81 50.13 1.47
C PRO C 327 -13.15 48.90 2.11
N PRO C 328 -12.50 49.13 3.18
CA PRO C 328 -11.82 48.01 3.83
C PRO C 328 -12.77 46.95 4.35
N GLU C 329 -13.93 47.38 4.71
CA GLU C 329 -14.89 46.46 5.30
C GLU C 329 -15.83 45.88 4.24
N ARG C 330 -15.40 45.91 3.00
CA ARG C 330 -16.31 45.64 1.88
C ARG C 330 -16.67 44.16 1.81
N LYS C 331 -15.95 43.36 2.56
CA LYS C 331 -16.34 41.95 2.60
C LYS C 331 -17.76 41.77 3.14
N TYR C 332 -18.07 42.61 4.11
CA TYR C 332 -19.38 42.51 4.76
C TYR C 332 -20.14 43.82 4.66
N SER C 333 -19.89 44.57 3.66
CA SER C 333 -20.48 45.90 3.53
C SER C 333 -22.01 45.84 3.54
N VAL C 334 -22.53 44.87 2.86
CA VAL C 334 -23.97 44.75 2.78
C VAL C 334 -24.54 44.52 4.19
N TRP C 335 -23.96 43.56 4.89
CA TRP C 335 -24.47 43.23 6.21
C TRP C 335 -24.30 44.40 7.17
N ILE C 336 -23.16 45.03 7.11
CA ILE C 336 -22.85 46.15 8.00
C ILE C 336 -23.84 47.30 7.76
N GLY C 337 -24.07 47.57 6.50
CA GLY C 337 -25.08 48.57 6.19
C GLY C 337 -26.44 48.26 6.79
N GLY C 338 -26.85 47.02 6.65
CA GLY C 338 -28.11 46.59 7.26
C GLY C 338 -28.08 46.67 8.78
N SER C 339 -26.97 46.31 9.36
CA SER C 339 -26.81 46.32 10.81
C SER C 339 -26.95 47.74 11.37
N ILE C 340 -26.36 48.66 10.72
CA ILE C 340 -26.40 50.05 11.17
C ILE C 340 -27.81 50.61 10.99
N LEU C 341 -28.34 50.40 9.85
CA LEU C 341 -29.67 50.90 9.56
C LEU C 341 -30.69 50.38 10.56
N ALA C 342 -30.66 49.12 10.81
CA ALA C 342 -31.65 48.47 11.67
C ALA C 342 -31.41 48.81 13.14
N SER C 343 -30.31 49.35 13.47
CA SER C 343 -29.99 49.67 14.86
C SER C 343 -30.47 51.07 15.23
N LEU C 344 -30.77 51.87 14.19
CA LEU C 344 -31.23 53.23 14.46
C LEU C 344 -32.61 53.23 15.09
N SER C 345 -32.76 54.07 16.10
CA SER C 345 -34.06 54.15 16.77
C SER C 345 -35.13 54.70 15.84
N THR C 346 -34.77 55.54 14.92
CA THR C 346 -35.71 56.17 14.00
C THR C 346 -36.14 55.21 12.91
N PHE C 347 -35.36 54.12 12.73
CA PHE C 347 -35.68 53.14 11.69
C PHE C 347 -36.88 52.30 12.08
N GLN C 348 -37.25 52.29 13.35
CA GLN C 348 -38.32 51.44 13.88
C GLN C 348 -39.64 51.72 13.18
N GLN C 349 -39.80 52.87 12.65
CA GLN C 349 -41.04 53.26 11.99
C GLN C 349 -41.08 52.74 10.55
N MET C 350 -39.97 52.21 10.15
CA MET C 350 -39.87 51.81 8.75
C MET C 350 -40.19 50.33 8.58
N TRP C 351 -40.31 49.58 9.59
CA TRP C 351 -40.57 48.14 9.55
C TRP C 351 -41.96 47.86 8.99
N ILE C 352 -42.07 46.76 8.28
CA ILE C 352 -43.38 46.17 8.09
C ILE C 352 -43.81 45.42 9.35
N SER C 353 -44.87 45.84 9.99
CA SER C 353 -45.35 45.16 11.18
C SER C 353 -46.24 43.97 10.83
N LYS C 354 -46.32 43.08 11.77
CA LYS C 354 -47.22 41.95 11.57
C LYS C 354 -48.65 42.42 11.30
N GLN C 355 -49.08 43.43 11.91
CA GLN C 355 -50.42 43.99 11.72
C GLN C 355 -50.60 44.49 10.29
N GLU C 356 -49.62 45.20 9.81
CA GLU C 356 -49.68 45.69 8.44
C GLU C 356 -49.73 44.54 7.45
N TYR C 357 -48.96 43.53 7.71
CA TYR C 357 -48.95 42.34 6.85
C TYR C 357 -50.33 41.66 6.87
N ASP C 358 -50.95 41.53 8.03
CA ASP C 358 -52.24 40.87 8.16
C ASP C 358 -53.32 41.64 7.40
N GLU C 359 -53.10 42.96 7.26
CA GLU C 359 -54.10 43.80 6.61
C GLU C 359 -53.89 43.84 5.11
N SER C 360 -52.69 43.81 4.65
CA SER C 360 -52.42 44.13 3.26
C SER C 360 -51.86 42.93 2.51
N GLY C 361 -51.44 41.92 3.26
CA GLY C 361 -50.84 40.76 2.63
C GLY C 361 -49.38 40.97 2.25
N PRO C 362 -48.76 40.05 1.54
CA PRO C 362 -47.33 40.07 1.24
C PRO C 362 -46.93 41.21 0.31
N SER C 363 -47.90 41.78 -0.42
CA SER C 363 -47.59 42.84 -1.37
C SER C 363 -47.18 44.13 -0.65
N ILE C 364 -47.32 44.20 0.66
CA ILE C 364 -46.98 45.37 1.46
C ILE C 364 -45.49 45.65 1.38
N VAL C 365 -44.73 44.59 1.09
CA VAL C 365 -43.26 44.71 1.04
C VAL C 365 -42.87 45.72 -0.03
N HIS C 366 -43.61 45.86 -1.12
CA HIS C 366 -43.28 46.74 -2.23
C HIS C 366 -43.55 48.19 -1.87
N ARG C 367 -44.48 48.41 -0.99
CA ARG C 367 -44.85 49.76 -0.59
C ARG C 367 -43.94 50.27 0.52
N LYS C 368 -43.53 49.43 1.38
CA LYS C 368 -42.84 49.86 2.59
C LYS C 368 -41.33 49.82 2.40
N CYS C 369 -40.88 49.02 1.49
CA CYS C 369 -39.42 48.85 1.41
C CYS C 369 -38.88 49.43 0.12
N PHE C 370 -39.85 49.85 -0.87
CA PHE C 370 -39.37 50.34 -2.15
C PHE C 370 -40.21 51.51 -2.64
N MET D 1 -34.47 53.66 0.18
CA MET D 1 -34.05 53.28 1.53
C MET D 1 -34.00 54.52 2.44
N ALA D 2 -34.62 54.34 3.65
CA ALA D 2 -34.69 55.49 4.56
C ALA D 2 -34.33 55.07 5.98
N SER D 3 -33.73 56.01 6.70
CA SER D 3 -33.31 55.78 8.08
C SER D 3 -34.42 56.11 9.06
N GLY D 4 -35.35 56.90 8.71
CA GLY D 4 -36.40 57.36 9.59
C GLY D 4 -36.06 58.65 10.31
N VAL D 5 -34.87 59.17 10.11
CA VAL D 5 -34.46 60.44 10.69
C VAL D 5 -35.36 61.56 10.20
N THR D 6 -35.82 62.43 11.13
CA THR D 6 -36.75 63.49 10.79
C THR D 6 -36.02 64.81 10.58
N VAL D 7 -36.75 65.81 10.01
CA VAL D 7 -36.19 67.14 9.75
C VAL D 7 -36.89 68.17 10.64
N SER D 8 -36.09 68.90 11.40
CA SER D 8 -36.64 69.89 12.31
C SER D 8 -37.31 71.03 11.55
N ASP D 9 -38.25 71.67 12.19
CA ASP D 9 -38.98 72.78 11.59
C ASP D 9 -38.04 73.96 11.31
N VAL D 10 -37.07 74.09 12.13
CA VAL D 10 -36.12 75.19 11.97
C VAL D 10 -35.40 75.07 10.64
N CYS D 11 -35.17 73.85 10.22
CA CYS D 11 -34.54 73.63 8.92
C CYS D 11 -35.37 74.23 7.80
N LYS D 12 -36.69 74.02 7.88
CA LYS D 12 -37.61 74.53 6.86
C LYS D 12 -37.69 76.05 6.90
N THR D 13 -37.70 76.54 8.13
CA THR D 13 -37.75 77.99 8.29
C THR D 13 -36.50 78.66 7.74
N THR D 14 -35.39 78.10 8.07
CA THR D 14 -34.13 78.65 7.60
C THR D 14 -34.02 78.54 6.08
N TYR D 15 -34.51 77.49 5.58
CA TYR D 15 -34.52 77.30 4.14
C TYR D 15 -35.33 78.40 3.45
N GLU D 16 -36.45 78.76 3.97
CA GLU D 16 -37.29 79.80 3.40
C GLU D 16 -36.62 81.17 3.50
N GLU D 17 -35.87 81.36 4.56
CA GLU D 17 -35.14 82.61 4.75
C GLU D 17 -34.03 82.77 3.72
N ILE D 18 -33.56 81.72 3.25
CA ILE D 18 -32.50 81.75 2.24
C ILE D 18 -33.11 81.84 0.85
N LYS D 19 -34.09 81.04 0.57
CA LYS D 19 -34.66 80.92 -0.78
C LYS D 19 -35.52 82.14 -1.12
N LYS D 20 -36.41 82.55 -0.22
CA LYS D 20 -37.39 83.59 -0.53
C LYS D 20 -36.90 84.96 -0.07
N ASP D 21 -36.33 84.99 1.19
CA ASP D 21 -36.03 86.27 1.81
C ASP D 21 -34.60 86.72 1.50
N LYS D 22 -33.84 85.84 1.07
CA LYS D 22 -32.44 86.11 0.76
C LYS D 22 -31.72 86.72 1.97
N LYS D 23 -32.11 86.22 3.17
CA LYS D 23 -31.55 86.74 4.41
C LYS D 23 -30.16 86.15 4.67
N HIS D 24 -29.96 84.94 4.25
CA HIS D 24 -28.71 84.22 4.47
C HIS D 24 -28.17 83.62 3.18
N ARG D 25 -26.83 83.37 3.22
CA ARG D 25 -26.19 82.83 2.02
C ARG D 25 -26.25 81.31 2.01
N TYR D 26 -25.96 80.75 3.16
CA TYR D 26 -25.99 79.29 3.23
C TYR D 26 -26.31 78.83 4.65
N VAL D 27 -26.61 77.56 4.76
CA VAL D 27 -26.84 76.91 6.05
C VAL D 27 -26.19 75.53 6.04
N ILE D 28 -25.59 75.14 7.21
CA ILE D 28 -25.06 73.80 7.41
C ILE D 28 -25.98 73.02 8.36
N PHE D 29 -26.35 71.84 7.92
CA PHE D 29 -27.20 70.97 8.74
C PHE D 29 -26.39 69.80 9.30
N TYR D 30 -26.80 69.30 10.47
CA TYR D 30 -26.25 68.08 11.05
C TYR D 30 -27.35 67.22 11.65
N ILE D 31 -27.05 65.98 11.90
CA ILE D 31 -28.02 65.09 12.53
C ILE D 31 -27.78 65.04 14.04
N ARG D 32 -28.78 65.48 14.74
CA ARG D 32 -28.70 65.54 16.20
C ARG D 32 -29.14 64.22 16.82
N ASP D 33 -28.34 63.57 17.61
CA ASP D 33 -28.62 62.36 18.38
C ASP D 33 -29.08 61.23 17.46
N GLU D 34 -28.69 61.29 16.20
CA GLU D 34 -29.04 60.29 15.20
C GLU D 34 -30.54 60.23 14.97
N LYS D 35 -31.24 61.34 15.29
CA LYS D 35 -32.71 61.25 15.28
C LYS D 35 -33.31 62.33 14.38
N GLN D 36 -32.60 63.48 14.34
CA GLN D 36 -33.25 64.60 13.66
C GLN D 36 -32.23 65.51 13.00
N ILE D 37 -32.51 65.86 11.80
CA ILE D 37 -31.67 66.86 11.12
C ILE D 37 -32.00 68.25 11.66
N ASP D 38 -30.95 68.94 12.00
CA ASP D 38 -31.11 70.27 12.58
C ASP D 38 -30.08 71.24 12.00
N VAL D 39 -30.23 72.54 12.36
CA VAL D 39 -29.36 73.59 11.83
C VAL D 39 -28.13 73.74 12.71
N GLU D 40 -26.99 73.71 12.09
CA GLU D 40 -25.73 73.88 12.82
C GLU D 40 -25.19 75.29 12.67
N THR D 41 -25.05 75.75 11.43
CA THR D 41 -24.48 77.06 11.14
C THR D 41 -25.30 77.78 10.06
N VAL D 42 -25.57 79.07 10.31
CA VAL D 42 -26.20 79.93 9.31
C VAL D 42 -25.29 81.12 9.00
N ALA D 43 -25.02 81.29 7.79
CA ALA D 43 -24.09 82.34 7.42
C ALA D 43 -24.82 83.53 6.81
N ASP D 44 -24.24 84.69 7.04
CA ASP D 44 -24.84 85.92 6.54
C ASP D 44 -24.87 85.94 5.01
N ARG D 45 -25.64 86.82 4.45
CA ARG D 45 -25.90 86.90 3.02
C ARG D 45 -24.62 87.21 2.25
N ASN D 46 -23.61 87.84 2.89
CA ASN D 46 -22.40 88.25 2.19
C ASN D 46 -21.32 87.19 2.29
N ALA D 47 -21.63 86.09 2.86
CA ALA D 47 -20.63 85.03 3.01
C ALA D 47 -20.26 84.43 1.65
N GLU D 48 -19.00 84.01 1.56
CA GLU D 48 -18.48 83.45 0.31
C GLU D 48 -18.41 81.93 0.37
N TYR D 49 -18.18 81.39 -0.80
CA TYR D 49 -18.22 79.93 -0.91
C TYR D 49 -17.10 79.29 -0.09
N ASP D 50 -15.94 79.92 -0.04
CA ASP D 50 -14.81 79.40 0.74
C ASP D 50 -15.18 79.24 2.21
N GLN D 51 -15.92 80.22 2.68
CA GLN D 51 -16.38 80.11 4.06
C GLN D 51 -17.31 78.91 4.24
N PHE D 52 -18.13 78.66 3.26
CA PHE D 52 -19.01 77.50 3.25
C PHE D 52 -18.22 76.21 3.38
N LEU D 53 -17.11 76.12 2.62
CA LEU D 53 -16.28 74.92 2.64
C LEU D 53 -15.61 74.75 4.00
N GLU D 54 -15.24 75.86 4.56
CA GLU D 54 -14.63 75.82 5.88
C GLU D 54 -15.62 75.38 6.95
N ASP D 55 -16.84 75.88 6.82
CA ASP D 55 -17.85 75.61 7.83
C ASP D 55 -18.33 74.16 7.77
N ILE D 56 -18.44 73.64 6.59
CA ILE D 56 -18.99 72.30 6.44
C ILE D 56 -17.97 71.27 6.94
N GLN D 57 -16.69 71.65 7.01
CA GLN D 57 -15.61 70.74 7.42
C GLN D 57 -15.15 71.05 8.84
N LYS D 58 -15.66 72.00 9.43
CA LYS D 58 -15.14 72.58 10.65
C LYS D 58 -15.19 71.58 11.80
N CYS D 59 -16.05 70.58 11.69
CA CYS D 59 -16.21 69.67 12.82
C CYS D 59 -15.26 68.49 12.72
N GLY D 60 -14.38 68.40 11.68
CA GLY D 60 -13.36 67.37 11.60
C GLY D 60 -13.42 66.58 10.30
N PRO D 61 -12.34 65.88 10.07
CA PRO D 61 -12.21 65.19 8.79
C PRO D 61 -13.13 63.98 8.67
N GLY D 62 -13.74 63.54 9.66
CA GLY D 62 -14.58 62.35 9.62
C GLY D 62 -16.04 62.64 9.90
N GLU D 63 -16.29 63.94 9.90
CA GLU D 63 -17.66 64.33 10.21
C GLU D 63 -18.46 64.61 8.95
N CYS D 64 -19.66 64.14 8.93
CA CYS D 64 -20.57 64.35 7.81
C CYS D 64 -21.53 65.51 8.09
N ARG D 65 -21.96 66.16 7.02
CA ARG D 65 -22.91 67.27 7.11
C ARG D 65 -23.70 67.42 5.82
N TYR D 66 -24.72 68.14 5.94
CA TYR D 66 -25.42 68.67 4.77
C TYR D 66 -25.23 70.19 4.66
N GLY D 67 -25.16 70.66 3.41
CA GLY D 67 -25.03 72.10 3.22
C GLY D 67 -25.92 72.63 2.11
N LEU D 68 -26.64 73.64 2.43
CA LEU D 68 -27.42 74.39 1.44
C LEU D 68 -26.77 75.72 1.14
N PHE D 69 -26.65 76.02 -0.14
CA PHE D 69 -25.98 77.26 -0.55
C PHE D 69 -26.72 77.92 -1.70
N ASP D 70 -26.96 79.17 -1.59
CA ASP D 70 -27.46 79.99 -2.69
C ASP D 70 -26.31 80.51 -3.56
N PHE D 71 -25.93 79.79 -4.56
CA PHE D 71 -24.73 79.97 -5.35
C PHE D 71 -24.96 80.98 -6.47
N GLU D 72 -24.05 81.94 -6.57
CA GLU D 72 -24.11 82.96 -7.63
C GLU D 72 -22.95 82.82 -8.61
N TYR D 73 -23.34 82.86 -9.87
CA TYR D 73 -22.28 82.83 -10.88
C TYR D 73 -22.71 83.59 -12.14
N MET D 74 -21.71 83.92 -12.90
CA MET D 74 -21.98 84.67 -14.13
C MET D 74 -22.26 83.71 -15.29
N HIS D 75 -23.34 84.06 -16.03
CA HIS D 75 -23.72 83.24 -17.18
C HIS D 75 -23.76 84.08 -18.46
N GLN D 76 -23.00 83.63 -19.39
CA GLN D 76 -23.06 84.28 -20.70
C GLN D 76 -23.90 83.47 -21.68
N CYS D 77 -25.08 84.09 -22.09
CA CYS D 77 -25.89 83.42 -23.09
C CYS D 77 -25.22 83.44 -24.45
N GLN D 78 -25.24 82.21 -25.06
CA GLN D 78 -24.66 82.15 -26.40
C GLN D 78 -25.27 83.21 -27.30
N GLY D 79 -24.43 84.01 -27.91
CA GLY D 79 -24.83 84.99 -28.92
C GLY D 79 -25.02 86.38 -28.35
N THR D 80 -25.01 86.33 -26.98
CA THR D 80 -25.13 87.66 -26.38
C THR D 80 -23.83 88.06 -25.70
N SER D 81 -23.36 89.22 -25.91
CA SER D 81 -22.15 89.73 -25.28
C SER D 81 -22.38 90.06 -23.82
N GLU D 82 -23.61 89.91 -23.29
CA GLU D 82 -23.91 90.33 -21.93
C GLU D 82 -23.96 89.15 -20.97
N SER D 83 -23.10 89.17 -19.91
CA SER D 83 -23.12 88.19 -18.83
C SER D 83 -24.18 88.57 -17.78
N SER D 84 -25.07 87.58 -17.56
CA SER D 84 -26.06 87.81 -16.51
C SER D 84 -25.75 86.97 -15.26
N LYS D 85 -26.06 87.52 -14.12
CA LYS D 85 -25.87 86.83 -12.84
C LYS D 85 -26.98 85.79 -12.62
N LYS D 86 -26.57 84.60 -12.39
CA LYS D 86 -27.52 83.54 -12.07
C LYS D 86 -27.34 83.06 -10.63
N GLN D 87 -28.45 82.79 -10.08
CA GLN D 87 -28.44 82.25 -8.73
C GLN D 87 -29.17 80.91 -8.66
N LYS D 88 -28.50 79.92 -8.14
CA LYS D 88 -29.11 78.62 -8.00
C LYS D 88 -28.84 78.03 -6.61
N LEU D 89 -29.84 77.44 -6.10
CA LEU D 89 -29.70 76.77 -4.81
C LEU D 89 -29.22 75.33 -5.00
N PHE D 90 -28.23 75.02 -4.29
CA PHE D 90 -27.87 73.60 -4.29
C PHE D 90 -27.83 73.07 -2.86
N LEU D 91 -28.06 71.77 -2.75
CA LEU D 91 -27.95 71.04 -1.49
C LEU D 91 -26.87 69.96 -1.59
N MET D 92 -25.91 70.07 -0.66
CA MET D 92 -24.76 69.17 -0.71
C MET D 92 -24.81 68.15 0.42
N SER D 93 -24.63 66.92 0.07
CA SER D 93 -24.32 65.88 1.05
C SER D 93 -22.81 65.68 1.19
N TRP D 94 -22.27 66.13 2.33
CA TRP D 94 -20.84 66.00 2.63
C TRP D 94 -20.58 64.79 3.51
N CYS D 95 -20.03 63.76 2.88
CA CYS D 95 -19.64 62.53 3.57
C CYS D 95 -18.20 62.15 3.20
N PRO D 96 -17.28 62.70 3.97
CA PRO D 96 -15.88 62.45 3.61
C PRO D 96 -15.51 60.97 3.68
N ASP D 97 -14.59 60.56 2.85
CA ASP D 97 -14.15 59.17 2.79
C ASP D 97 -13.52 58.73 4.12
N THR D 98 -13.11 59.71 4.87
CA THR D 98 -12.45 59.42 6.13
C THR D 98 -13.47 59.14 7.24
N ALA D 99 -14.76 59.41 6.92
CA ALA D 99 -15.80 59.19 7.93
C ALA D 99 -15.98 57.71 8.22
N LYS D 100 -16.43 57.45 9.47
CA LYS D 100 -16.74 56.08 9.84
C LYS D 100 -18.01 55.59 9.14
N VAL D 101 -18.10 54.30 9.01
CA VAL D 101 -19.16 53.68 8.21
C VAL D 101 -20.52 54.01 8.81
N LYS D 102 -20.58 54.03 10.11
CA LYS D 102 -21.86 54.31 10.76
C LYS D 102 -22.36 55.70 10.40
N LYS D 103 -21.46 56.67 10.45
CA LYS D 103 -21.83 58.04 10.11
C LYS D 103 -22.20 58.15 8.63
N LYS D 104 -21.45 57.50 7.83
CA LYS D 104 -21.74 57.51 6.40
C LYS D 104 -23.13 56.94 6.12
N MET D 105 -23.42 55.87 6.74
CA MET D 105 -24.72 55.22 6.55
C MET D 105 -25.85 56.11 7.06
N LEU D 106 -25.62 56.70 8.18
CA LEU D 106 -26.63 57.57 8.78
C LEU D 106 -26.95 58.74 7.86
N TYR D 107 -25.98 59.41 7.39
CA TYR D 107 -26.18 60.62 6.59
C TYR D 107 -26.70 60.28 5.19
N SER D 108 -26.16 59.26 4.60
CA SER D 108 -26.62 58.91 3.26
C SER D 108 -28.07 58.43 3.28
N SER D 109 -28.46 57.76 4.36
CA SER D 109 -29.81 57.21 4.43
C SER D 109 -30.80 58.24 4.94
N SER D 110 -30.35 59.41 5.29
CA SER D 110 -31.21 60.47 5.81
C SER D 110 -31.35 61.61 4.82
N PHE D 111 -30.59 61.58 3.81
CA PHE D 111 -30.49 62.68 2.87
C PHE D 111 -31.83 62.93 2.16
N ASP D 112 -32.50 61.85 1.83
CA ASP D 112 -33.75 61.97 1.10
C ASP D 112 -34.80 62.71 1.92
N ALA D 113 -34.79 62.50 3.19
CA ALA D 113 -35.72 63.22 4.06
C ALA D 113 -35.50 64.73 3.96
N LEU D 114 -34.28 65.08 3.92
CA LEU D 114 -33.95 66.49 3.83
C LEU D 114 -34.34 67.04 2.46
N LYS D 115 -34.10 66.35 1.44
CA LYS D 115 -34.45 66.76 0.08
C LYS D 115 -35.95 67.01 -0.05
N LYS D 116 -36.71 66.13 0.49
CA LYS D 116 -38.17 66.21 0.38
C LYS D 116 -38.72 67.39 1.17
N SER D 117 -37.96 67.75 2.19
CA SER D 117 -38.41 68.84 3.06
C SER D 117 -38.05 70.20 2.46
N LEU D 118 -37.04 70.23 1.67
CA LEU D 118 -36.59 71.48 1.08
C LEU D 118 -36.94 71.53 -0.40
N VAL D 119 -38.16 71.98 -0.73
CA VAL D 119 -38.67 71.96 -2.10
C VAL D 119 -38.14 73.17 -2.87
N GLY D 120 -37.66 72.90 -4.04
CA GLY D 120 -37.23 73.99 -4.90
C GLY D 120 -35.72 74.05 -5.07
N VAL D 121 -35.00 73.11 -4.46
CA VAL D 121 -33.55 73.05 -4.65
C VAL D 121 -33.24 72.61 -6.08
N GLN D 122 -32.28 73.26 -6.71
CA GLN D 122 -32.04 73.06 -8.13
C GLN D 122 -31.08 71.90 -8.37
N LYS D 123 -30.19 71.79 -7.45
CA LYS D 123 -29.22 70.72 -7.67
C LYS D 123 -28.82 70.06 -6.35
N TYR D 124 -28.80 68.77 -6.39
CA TYR D 124 -28.26 67.99 -5.28
C TYR D 124 -26.84 67.51 -5.58
N ILE D 125 -25.92 67.81 -4.65
CA ILE D 125 -24.50 67.51 -4.87
C ILE D 125 -24.01 66.52 -3.81
N GLN D 126 -23.43 65.47 -4.25
CA GLN D 126 -22.75 64.49 -3.42
C GLN D 126 -21.24 64.73 -3.41
N ALA D 127 -20.66 64.93 -2.18
CA ALA D 127 -19.23 65.20 -2.10
C ALA D 127 -18.58 64.40 -0.99
N THR D 128 -17.41 63.81 -1.31
CA THR D 128 -16.69 62.99 -0.35
C THR D 128 -15.30 63.55 -0.08
N ASP D 129 -14.91 64.47 -0.89
CA ASP D 129 -13.66 65.19 -0.73
C ASP D 129 -13.73 66.57 -1.39
N LEU D 130 -12.74 67.34 -1.36
CA LEU D 130 -12.77 68.73 -1.79
C LEU D 130 -12.83 68.82 -3.32
N SER D 131 -12.32 67.83 -3.98
CA SER D 131 -12.37 67.84 -5.43
C SER D 131 -13.80 67.80 -5.94
N GLU D 132 -14.64 67.33 -5.18
CA GLU D 132 -16.05 67.23 -5.55
C GLU D 132 -16.85 68.41 -5.01
N ALA D 133 -16.27 69.13 -4.02
CA ALA D 133 -17.00 70.21 -3.35
C ALA D 133 -16.47 71.57 -3.76
N SER D 134 -15.41 71.58 -4.48
CA SER D 134 -14.78 72.84 -4.86
C SER D 134 -15.74 73.73 -5.64
N ARG D 135 -15.43 75.00 -5.66
CA ARG D 135 -16.25 75.96 -6.38
C ARG D 135 -16.38 75.57 -7.86
N GLU D 136 -15.28 75.17 -8.41
CA GLU D 136 -15.24 74.81 -9.83
C GLU D 136 -16.11 73.58 -10.11
N ALA D 137 -16.01 72.65 -9.25
CA ALA D 137 -16.78 71.42 -9.44
C ALA D 137 -18.27 71.68 -9.30
N VAL D 138 -18.62 72.49 -8.36
CA VAL D 138 -20.03 72.78 -8.09
C VAL D 138 -20.61 73.64 -9.22
N GLU D 139 -19.84 74.61 -9.60
CA GLU D 139 -20.31 75.49 -10.68
C GLU D 139 -20.55 74.70 -11.96
N GLU D 140 -19.67 73.80 -12.24
CA GLU D 140 -19.82 72.95 -13.41
C GLU D 140 -21.12 72.18 -13.37
N LYS D 141 -21.45 71.68 -12.26
CA LYS D 141 -22.68 70.91 -12.10
C LYS D 141 -23.92 71.81 -12.24
N LEU D 142 -23.80 72.94 -11.75
CA LEU D 142 -24.91 73.87 -11.82
C LEU D 142 -25.14 74.36 -13.25
N ARG D 143 -24.10 74.53 -13.94
CA ARG D 143 -24.19 75.03 -15.31
C ARG D 143 -24.76 73.96 -16.24
N ALA D 144 -24.57 72.79 -15.87
CA ALA D 144 -25.06 71.70 -16.70
C ALA D 144 -26.59 71.74 -16.81
N THR D 145 -27.19 72.52 -16.04
CA THR D 145 -28.65 72.61 -16.05
C THR D 145 -29.10 73.89 -16.74
N ASP D 146 -28.09 74.67 -17.11
CA ASP D 146 -28.42 75.93 -17.75
C ASP D 146 -29.02 75.70 -19.13
N ARG D 147 -30.31 76.21 -19.19
CA ARG D 147 -30.92 76.14 -20.52
C ARG D 147 -30.11 76.92 -21.54
N GLN D 148 -29.55 76.28 -22.53
CA GLN D 148 -28.89 77.00 -23.62
C GLN D 148 -29.83 78.00 -24.27
N ALA E 1 12.58 5.02 -40.85
CA ALA E 1 11.29 4.99 -40.17
C ALA E 1 11.31 5.86 -38.92
N ALA E 2 10.30 6.59 -38.73
CA ALA E 2 10.14 7.38 -37.51
C ALA E 2 9.90 6.50 -36.31
N LEU E 3 10.34 6.98 -35.13
CA LEU E 3 10.01 6.31 -33.88
C LEU E 3 8.73 6.89 -33.28
N VAL E 4 7.88 6.03 -32.79
CA VAL E 4 6.65 6.46 -32.12
C VAL E 4 6.69 6.02 -30.65
N VAL E 5 6.53 7.01 -29.75
CA VAL E 5 6.59 6.72 -28.32
C VAL E 5 5.34 7.26 -27.63
N ASP E 6 4.54 6.38 -27.16
CA ASP E 6 3.39 6.74 -26.34
C ASP E 6 3.73 6.75 -24.85
N ASN E 7 3.70 7.95 -24.30
CA ASN E 7 4.08 8.16 -22.91
C ASN E 7 2.89 7.96 -21.97
N GLY E 8 2.83 6.76 -21.43
CA GLY E 8 1.76 6.50 -20.48
C GLY E 8 2.22 6.60 -19.03
N SER E 9 1.31 6.82 -18.17
CA SER E 9 1.62 6.94 -16.75
C SER E 9 2.24 5.65 -16.21
N GLY E 10 1.70 4.55 -16.73
CA GLY E 10 2.16 3.27 -16.19
C GLY E 10 2.93 2.44 -17.20
N MET E 11 2.66 2.70 -18.43
CA MET E 11 3.28 1.90 -19.48
C MET E 11 3.81 2.78 -20.60
N CYS E 12 4.98 2.41 -21.00
CA CYS E 12 5.53 3.02 -22.22
C CYS E 12 5.37 2.10 -23.41
N LYS E 13 4.80 2.61 -24.49
CA LYS E 13 4.70 1.89 -25.76
C LYS E 13 5.56 2.57 -26.84
N ALA E 14 6.37 1.70 -27.47
CA ALA E 14 7.29 2.29 -28.44
C ALA E 14 7.50 1.35 -29.62
N GLY E 15 7.73 1.94 -30.75
CA GLY E 15 8.00 1.18 -31.95
C GLY E 15 8.29 2.04 -33.16
N PHE E 16 8.17 1.40 -34.35
CA PHE E 16 8.48 2.08 -35.60
C PHE E 16 7.20 2.44 -36.35
N ALA E 17 7.19 3.65 -36.90
CA ALA E 17 6.05 4.06 -37.70
C ALA E 17 5.77 3.06 -38.82
N GLY E 18 4.52 2.78 -39.00
CA GLY E 18 4.11 1.83 -40.03
C GLY E 18 3.80 0.45 -39.47
N ASP E 19 4.30 0.22 -38.29
CA ASP E 19 4.00 -1.06 -37.67
C ASP E 19 2.56 -1.11 -37.17
N ASP E 20 2.04 -2.32 -37.02
CA ASP E 20 0.65 -2.49 -36.64
C ASP E 20 0.49 -2.49 -35.11
N ALA E 21 1.62 -2.70 -34.46
CA ALA E 21 1.63 -2.69 -33.00
C ALA E 21 2.99 -2.24 -32.48
N PRO E 22 2.99 -1.70 -31.26
CA PRO E 22 4.29 -1.34 -30.71
C PRO E 22 5.24 -2.53 -30.58
N ARG E 23 6.50 -2.31 -30.69
CA ARG E 23 7.52 -3.34 -30.54
C ARG E 23 7.87 -3.56 -29.07
N ALA E 24 7.75 -2.48 -28.37
CA ALA E 24 8.07 -2.55 -26.94
C ALA E 24 6.96 -1.94 -26.10
N VAL E 25 6.57 -2.72 -25.16
CA VAL E 25 5.66 -2.28 -24.12
C VAL E 25 6.22 -2.65 -22.75
N PHE E 26 6.51 -1.60 -21.93
CA PHE E 26 7.13 -1.87 -20.64
C PHE E 26 6.68 -0.86 -19.60
N PRO E 27 6.80 -1.20 -18.33
CA PRO E 27 6.42 -0.25 -17.27
C PRO E 27 7.25 1.03 -17.31
N SER E 28 6.59 2.07 -17.14
CA SER E 28 7.26 3.37 -17.08
C SER E 28 7.75 3.66 -15.66
N ILE E 29 8.79 2.92 -15.24
CA ILE E 29 9.26 3.06 -13.87
C ILE E 29 10.78 3.09 -13.85
N VAL E 30 11.31 3.78 -12.93
CA VAL E 30 12.74 3.81 -12.63
C VAL E 30 12.98 3.38 -11.19
N GLY E 31 13.90 2.42 -11.10
CA GLY E 31 14.22 1.91 -9.78
C GLY E 31 15.63 2.21 -9.34
N ARG E 32 15.77 2.50 -8.10
CA ARG E 32 17.08 2.72 -7.50
C ARG E 32 17.24 1.88 -6.23
N PRO E 33 18.47 1.40 -6.03
CA PRO E 33 18.70 0.58 -4.84
C PRO E 33 18.37 1.32 -3.54
N ARG E 34 17.73 0.69 -2.63
CA ARG E 34 17.31 1.27 -1.35
C ARG E 34 18.51 1.50 -0.45
N HIS E 35 19.49 0.59 -0.47
CA HIS E 35 20.69 0.72 0.35
C HIS E 35 21.94 0.83 -0.52
N LYS E 45 24.18 -1.22 -11.33
CA LYS E 45 23.80 0.04 -11.95
C LYS E 45 23.19 0.99 -10.93
N ASP E 46 23.38 2.23 -11.17
CA ASP E 46 22.82 3.25 -10.29
C ASP E 46 21.30 3.30 -10.40
N SER E 47 20.77 2.81 -11.49
CA SER E 47 19.33 2.81 -11.67
C SER E 47 18.90 1.75 -12.68
N TYR E 48 17.66 1.31 -12.50
CA TYR E 48 17.06 0.31 -13.38
C TYR E 48 15.75 0.83 -13.97
N VAL E 49 15.49 0.40 -15.19
CA VAL E 49 14.33 0.96 -15.87
C VAL E 49 13.44 -0.16 -16.38
N GLY E 50 12.14 0.05 -16.41
CA GLY E 50 11.18 -0.82 -17.05
C GLY E 50 11.10 -2.20 -16.42
N ASP E 51 11.20 -3.24 -17.23
CA ASP E 51 11.04 -4.62 -16.77
C ASP E 51 12.17 -5.01 -15.81
N GLU E 52 13.31 -4.45 -16.12
CA GLU E 52 14.45 -4.73 -15.23
C GLU E 52 14.21 -4.19 -13.84
N ALA E 53 13.75 -2.97 -13.79
CA ALA E 53 13.41 -2.40 -12.49
C ALA E 53 12.32 -3.20 -11.79
N GLN E 54 11.33 -3.58 -12.57
CA GLN E 54 10.22 -4.35 -12.04
C GLN E 54 10.68 -5.69 -11.48
N SER E 55 11.64 -6.36 -12.11
CA SER E 55 12.14 -7.67 -11.71
C SER E 55 12.97 -7.58 -10.44
N LYS E 56 13.47 -6.37 -10.14
CA LYS E 56 14.31 -6.16 -8.97
C LYS E 56 13.60 -5.31 -7.92
N ARG E 57 12.36 -5.29 -8.00
CA ARG E 57 11.56 -4.38 -7.19
C ARG E 57 11.77 -4.64 -5.70
N GLY E 58 12.16 -5.90 -5.29
CA GLY E 58 12.39 -6.25 -3.89
C GLY E 58 13.53 -5.49 -3.25
N ILE E 59 14.38 -5.00 -4.07
CA ILE E 59 15.56 -4.35 -3.51
C ILE E 59 15.64 -2.91 -4.02
N LEU E 60 14.68 -2.49 -4.80
CA LEU E 60 14.71 -1.16 -5.39
C LEU E 60 13.57 -0.30 -4.87
N THR E 61 13.85 1.00 -4.80
CA THR E 61 12.75 1.95 -4.71
C THR E 61 12.27 2.36 -6.11
N LEU E 62 10.95 2.07 -6.37
CA LEU E 62 10.41 2.31 -7.70
C LEU E 62 9.66 3.64 -7.75
N LYS E 63 9.91 4.40 -8.78
CA LYS E 63 9.21 5.66 -9.00
C LYS E 63 8.65 5.75 -10.41
N TYR E 64 7.50 6.42 -10.49
CA TYR E 64 6.91 6.75 -11.79
C TYR E 64 7.16 8.20 -12.15
N PRO E 65 7.82 8.36 -13.28
CA PRO E 65 8.08 9.76 -13.63
C PRO E 65 6.84 10.47 -14.17
N ILE E 66 5.84 9.71 -14.60
CA ILE E 66 4.58 10.28 -15.06
C ILE E 66 3.46 9.96 -14.06
N GLU E 67 2.90 10.97 -13.55
CA GLU E 67 1.79 10.82 -12.62
C GLU E 67 0.49 11.34 -13.21
N HIS E 68 -0.41 10.50 -13.37
CA HIS E 68 -1.72 10.81 -13.94
C HIS E 68 -1.58 11.58 -15.24
N GLY E 69 -0.62 11.16 -16.04
CA GLY E 69 -0.47 11.66 -17.40
C GLY E 69 0.51 12.82 -17.51
N ILE E 70 1.02 13.28 -16.37
CA ILE E 70 1.89 14.46 -16.38
C ILE E 70 3.29 14.08 -15.90
N VAL E 71 4.25 14.48 -16.67
CA VAL E 71 5.62 14.22 -16.25
C VAL E 71 5.97 15.08 -15.04
N THR E 72 6.41 14.43 -14.01
CA THR E 72 6.73 15.15 -12.78
C THR E 72 8.21 15.00 -12.44
N ASN E 73 8.86 14.06 -13.06
CA ASN E 73 10.29 13.85 -12.87
C ASN E 73 11.02 13.71 -14.20
N TRP E 74 11.74 14.75 -14.57
CA TRP E 74 12.32 14.82 -15.90
C TRP E 74 13.61 14.00 -15.97
N ASP E 75 14.32 13.92 -14.88
CA ASP E 75 15.52 13.09 -14.87
C ASP E 75 15.17 11.63 -15.13
N ASP E 76 14.16 11.20 -14.47
CA ASP E 76 13.73 9.82 -14.66
C ASP E 76 13.10 9.63 -16.03
N MET E 77 12.40 10.65 -16.51
CA MET E 77 11.80 10.53 -17.83
C MET E 77 12.87 10.37 -18.90
N GLU E 78 13.94 11.10 -18.77
CA GLU E 78 15.05 10.95 -19.70
C GLU E 78 15.61 9.53 -19.68
N LYS E 79 15.64 8.95 -18.49
CA LYS E 79 16.10 7.56 -18.38
C LYS E 79 15.15 6.61 -19.10
N ILE E 80 13.88 6.89 -18.98
CA ILE E 80 12.88 6.07 -19.66
C ILE E 80 13.09 6.16 -21.17
N TRP E 81 13.28 7.34 -21.65
CA TRP E 81 13.49 7.51 -23.08
C TRP E 81 14.80 6.89 -23.53
N HIS E 82 15.83 7.12 -22.68
CA HIS E 82 17.10 6.45 -22.98
C HIS E 82 16.91 4.95 -23.10
N HIS E 83 16.24 4.41 -22.14
CA HIS E 83 15.96 2.98 -22.14
C HIS E 83 15.13 2.59 -23.36
N THR E 84 14.17 3.39 -23.77
CA THR E 84 13.32 3.14 -24.93
C THR E 84 14.16 3.04 -26.20
N PHE E 85 15.02 4.02 -26.42
CA PHE E 85 15.76 4.13 -27.66
C PHE E 85 16.88 3.09 -27.73
N TYR E 86 17.60 2.89 -26.66
CA TYR E 86 18.85 2.15 -26.74
C TYR E 86 18.66 0.71 -26.28
N ASN E 87 17.80 0.54 -25.36
CA ASN E 87 17.67 -0.80 -24.81
C ASN E 87 16.51 -1.56 -25.46
N GLU E 88 15.38 -0.92 -25.67
CA GLU E 88 14.21 -1.61 -26.19
C GLU E 88 14.20 -1.62 -27.71
N LEU E 89 14.40 -0.47 -28.32
CA LEU E 89 14.30 -0.38 -29.78
C LEU E 89 15.65 -0.60 -30.43
N ARG E 90 16.72 -0.37 -29.64
CA ARG E 90 18.09 -0.53 -30.10
C ARG E 90 18.37 0.30 -31.33
N VAL E 91 18.11 1.60 -31.24
CA VAL E 91 18.33 2.54 -32.33
C VAL E 91 18.98 3.81 -31.81
N ALA E 92 19.62 4.46 -32.70
CA ALA E 92 20.13 5.80 -32.38
C ALA E 92 19.08 6.87 -32.68
N PRO E 93 18.59 7.52 -31.69
CA PRO E 93 17.53 8.51 -31.91
C PRO E 93 17.96 9.64 -32.84
N GLU E 94 19.26 9.92 -32.95
CA GLU E 94 19.75 11.01 -33.79
C GLU E 94 19.54 10.68 -35.27
N GLU E 95 19.10 9.49 -35.53
CA GLU E 95 18.92 9.07 -36.93
C GLU E 95 17.44 8.98 -37.29
N HIS E 96 16.58 9.23 -36.32
CA HIS E 96 15.17 8.99 -36.56
C HIS E 96 14.32 10.18 -36.10
N PRO E 97 13.38 10.62 -37.00
CA PRO E 97 12.36 11.47 -36.39
C PRO E 97 11.57 10.78 -35.29
N VAL E 98 11.03 11.57 -34.30
CA VAL E 98 10.36 10.94 -33.17
C VAL E 98 9.00 11.59 -32.95
N LEU E 99 7.95 10.79 -32.97
CA LEU E 99 6.63 11.24 -32.55
C LEU E 99 6.35 10.83 -31.11
N LEU E 100 6.07 11.76 -30.28
CA LEU E 100 5.71 11.53 -28.90
C LEU E 100 4.25 11.88 -28.63
N THR E 101 3.63 11.08 -27.80
CA THR E 101 2.26 11.43 -27.41
C THR E 101 2.25 12.10 -26.04
N GLU E 102 1.22 12.87 -25.85
CA GLU E 102 1.01 13.49 -24.55
C GLU E 102 -0.44 13.38 -24.10
N ALA E 103 -0.62 13.42 -22.76
CA ALA E 103 -1.98 13.41 -22.21
C ALA E 103 -2.67 14.75 -22.45
N PRO E 104 -4.03 14.70 -22.40
CA PRO E 104 -4.71 16.00 -22.43
C PRO E 104 -4.37 16.88 -21.23
N LEU E 105 -4.34 18.18 -21.40
CA LEU E 105 -4.10 19.18 -20.37
C LEU E 105 -2.64 19.20 -19.95
N ASN E 106 -1.79 18.59 -20.71
CA ASN E 106 -0.36 18.72 -20.47
C ASN E 106 0.06 20.19 -20.45
N PRO E 107 0.78 20.61 -19.39
CA PRO E 107 1.21 22.01 -19.34
C PRO E 107 2.14 22.38 -20.51
N LYS E 108 2.05 23.61 -20.91
CA LYS E 108 2.87 24.09 -22.01
C LYS E 108 4.36 23.94 -21.70
N ALA E 109 4.66 24.19 -20.45
CA ALA E 109 6.05 24.11 -20.03
C ALA E 109 6.58 22.68 -20.20
N ASN E 110 5.74 21.73 -19.88
CA ASN E 110 6.15 20.33 -20.03
C ASN E 110 6.36 19.97 -21.50
N ARG E 111 5.52 20.49 -22.34
CA ARG E 111 5.65 20.25 -23.76
C ARG E 111 6.96 20.81 -24.30
N GLU E 112 7.25 21.97 -23.82
CA GLU E 112 8.48 22.62 -24.25
C GLU E 112 9.70 21.86 -23.73
N LYS E 113 9.60 21.43 -22.46
CA LYS E 113 10.70 20.66 -21.88
C LYS E 113 10.92 19.35 -22.64
N MET E 114 9.90 18.72 -23.00
CA MET E 114 9.96 17.50 -23.80
C MET E 114 10.66 17.77 -25.13
N THR E 115 10.29 18.84 -25.76
CA THR E 115 10.87 19.24 -27.04
C THR E 115 12.36 19.53 -26.90
N GLN E 116 12.68 20.19 -25.84
CA GLN E 116 14.07 20.51 -25.55
C GLN E 116 14.91 19.25 -25.37
N ILE E 117 14.47 18.34 -24.64
CA ILE E 117 15.20 17.12 -24.33
C ILE E 117 15.41 16.30 -25.60
N MET E 118 14.42 16.23 -26.50
CA MET E 118 14.54 15.45 -27.72
C MET E 118 15.60 16.02 -28.64
N PHE E 119 15.60 17.35 -28.74
CA PHE E 119 16.53 17.96 -29.68
C PHE E 119 17.91 18.12 -29.06
N GLU E 120 17.99 18.43 -27.79
CA GLU E 120 19.27 18.80 -27.19
C GLU E 120 19.95 17.60 -26.54
N THR E 121 19.20 16.72 -25.93
CA THR E 121 19.78 15.57 -25.26
C THR E 121 19.88 14.38 -26.20
N PHE E 122 18.86 14.12 -27.01
CA PHE E 122 18.85 12.92 -27.85
C PHE E 122 19.20 13.27 -29.29
N ASN E 123 19.27 14.50 -29.62
CA ASN E 123 19.71 15.02 -30.91
C ASN E 123 18.88 14.44 -32.06
N THR E 124 17.57 14.25 -31.82
CA THR E 124 16.74 13.77 -32.90
C THR E 124 16.68 14.80 -34.04
N PRO E 125 16.61 14.32 -35.31
CA PRO E 125 16.59 15.27 -36.43
C PRO E 125 15.25 15.99 -36.56
N ALA E 126 14.19 15.41 -36.07
CA ALA E 126 12.84 15.97 -36.13
C ALA E 126 11.94 15.33 -35.07
N MET E 127 10.90 16.08 -34.69
CA MET E 127 9.98 15.52 -33.70
C MET E 127 8.59 16.11 -33.88
N TYR E 128 7.61 15.44 -33.37
CA TYR E 128 6.21 15.86 -33.34
C TYR E 128 5.53 15.37 -32.06
N VAL E 129 4.66 16.21 -31.54
CA VAL E 129 3.89 15.83 -30.36
C VAL E 129 2.41 15.75 -30.70
N ALA E 130 1.77 14.71 -30.29
CA ALA E 130 0.34 14.54 -30.55
C ALA E 130 -0.42 14.19 -29.27
N ILE E 131 -1.63 14.69 -29.19
CA ILE E 131 -2.47 14.41 -28.03
C ILE E 131 -3.06 13.00 -28.13
N GLN E 132 -2.96 12.23 -27.11
CA GLN E 132 -3.35 10.82 -27.09
C GLN E 132 -4.80 10.63 -27.50
N ALA E 133 -5.68 11.41 -26.98
CA ALA E 133 -7.10 11.23 -27.23
C ALA E 133 -7.46 11.60 -28.67
N VAL E 134 -6.79 12.59 -29.21
CA VAL E 134 -7.06 13.02 -30.58
C VAL E 134 -6.63 11.93 -31.56
N LEU E 135 -5.47 11.31 -31.27
CA LEU E 135 -5.00 10.21 -32.11
C LEU E 135 -6.01 9.07 -32.11
N SER E 136 -6.51 8.78 -30.94
CA SER E 136 -7.46 7.68 -30.82
C SER E 136 -8.75 7.98 -31.57
N LEU E 137 -9.19 9.17 -31.50
CA LEU E 137 -10.42 9.55 -32.19
C LEU E 137 -10.24 9.45 -33.70
N TYR E 138 -9.14 9.98 -34.16
CA TYR E 138 -8.89 9.96 -35.59
C TYR E 138 -8.76 8.52 -36.09
N ALA E 139 -8.14 7.69 -35.28
CA ALA E 139 -7.95 6.29 -35.65
C ALA E 139 -9.29 5.57 -35.81
N SER E 140 -10.30 6.18 -35.33
CA SER E 140 -11.63 5.59 -35.46
C SER E 140 -12.39 6.21 -36.63
N GLY E 141 -11.76 7.13 -37.35
CA GLY E 141 -12.35 7.74 -38.53
C GLY E 141 -13.21 8.94 -38.21
N ARG E 142 -13.03 9.46 -37.05
CA ARG E 142 -13.83 10.59 -36.60
C ARG E 142 -12.96 11.80 -36.27
N THR E 143 -13.57 12.97 -36.42
CA THR E 143 -12.89 14.20 -36.02
C THR E 143 -13.65 14.89 -34.89
N THR E 144 -14.86 14.49 -34.73
CA THR E 144 -15.71 15.00 -33.66
C THR E 144 -16.27 13.86 -32.82
N GLY E 145 -16.08 13.92 -31.52
CA GLY E 145 -16.54 12.95 -30.55
C GLY E 145 -15.92 13.14 -29.18
N ILE E 146 -16.25 12.27 -28.32
CA ILE E 146 -15.63 12.29 -27.00
C ILE E 146 -14.92 10.96 -26.75
N VAL E 147 -13.67 11.07 -26.23
CA VAL E 147 -12.86 9.87 -25.97
C VAL E 147 -12.81 9.61 -24.47
N LEU E 148 -13.20 8.45 -24.08
CA LEU E 148 -12.87 7.95 -22.75
C LEU E 148 -11.58 7.15 -22.78
N ASP E 149 -10.54 7.83 -22.38
CA ASP E 149 -9.21 7.23 -22.37
C ASP E 149 -8.83 6.76 -20.97
N SER E 150 -8.72 5.43 -20.88
CA SER E 150 -8.35 4.86 -19.58
C SER E 150 -7.17 3.91 -19.72
N GLY E 151 -6.05 4.40 -19.12
CA GLY E 151 -4.84 3.60 -19.16
C GLY E 151 -4.54 2.91 -17.85
N ASP E 152 -3.32 2.93 -17.47
CA ASP E 152 -2.88 2.27 -16.24
C ASP E 152 -2.99 3.22 -15.05
N GLY E 153 -2.84 4.47 -15.37
CA GLY E 153 -2.68 5.36 -14.23
C GLY E 153 -3.78 6.41 -14.11
N VAL E 154 -4.49 6.60 -15.18
CA VAL E 154 -5.45 7.69 -15.15
C VAL E 154 -6.53 7.47 -16.21
N SER E 155 -7.72 7.95 -15.99
CA SER E 155 -8.79 8.00 -16.97
C SER E 155 -9.17 9.44 -17.30
N HIS E 156 -9.33 9.71 -18.63
CA HIS E 156 -9.76 11.02 -19.10
C HIS E 156 -11.00 10.91 -19.99
N THR E 157 -11.88 11.85 -19.81
CA THR E 157 -12.87 12.13 -20.86
C THR E 157 -12.50 13.38 -21.64
N VAL E 158 -12.38 13.20 -22.95
CA VAL E 158 -11.84 14.28 -23.76
C VAL E 158 -12.77 14.58 -24.93
N PRO E 159 -13.61 15.62 -24.76
CA PRO E 159 -14.40 16.02 -25.93
C PRO E 159 -13.57 16.70 -27.01
N ILE E 160 -13.80 16.32 -28.22
CA ILE E 160 -13.07 16.86 -29.37
C ILE E 160 -14.07 17.30 -30.44
N TYR E 161 -13.88 18.53 -30.88
CA TYR E 161 -14.74 19.08 -31.92
C TYR E 161 -13.93 19.51 -33.14
N GLU E 162 -14.15 18.78 -34.25
CA GLU E 162 -13.46 19.05 -35.51
C GLU E 162 -11.95 19.03 -35.32
N GLY E 163 -11.54 18.12 -34.50
CA GLY E 163 -10.12 17.87 -34.37
C GLY E 163 -9.47 18.64 -33.23
N TYR E 164 -10.29 19.47 -32.55
CA TYR E 164 -9.75 20.27 -31.45
C TYR E 164 -10.31 19.80 -30.12
N ALA E 165 -9.39 19.45 -29.24
CA ALA E 165 -9.84 19.13 -27.89
C ALA E 165 -10.40 20.36 -27.20
N LEU E 166 -11.42 20.17 -26.38
CA LEU E 166 -12.04 21.25 -25.61
C LEU E 166 -11.58 21.22 -24.16
N PRO E 167 -10.53 21.99 -23.90
CA PRO E 167 -9.86 21.89 -22.60
C PRO E 167 -10.80 22.13 -21.42
N HIS E 168 -11.77 23.01 -21.54
CA HIS E 168 -12.65 23.37 -20.44
C HIS E 168 -13.58 22.20 -20.08
N ALA E 169 -13.68 21.30 -20.96
CA ALA E 169 -14.64 20.22 -20.77
C ALA E 169 -13.93 18.88 -20.55
N ILE E 170 -12.63 18.90 -20.50
CA ILE E 170 -11.87 17.69 -20.21
C ILE E 170 -11.94 17.39 -18.72
N LEU E 171 -12.30 16.13 -18.40
CA LEU E 171 -12.35 15.72 -17.00
C LEU E 171 -11.41 14.54 -16.75
N ARG E 172 -10.88 14.56 -15.55
CA ARG E 172 -9.90 13.56 -15.16
C ARG E 172 -10.39 12.76 -13.95
N LEU E 173 -10.23 11.46 -14.04
CA LEU E 173 -10.44 10.54 -12.93
C LEU E 173 -9.16 9.79 -12.59
N ASP E 174 -8.56 10.09 -11.43
CA ASP E 174 -7.32 9.45 -11.03
C ASP E 174 -7.56 8.01 -10.57
N LEU E 175 -8.21 7.28 -11.34
CA LEU E 175 -8.54 5.87 -11.19
C LEU E 175 -8.44 5.15 -12.53
N ALA E 176 -7.60 4.12 -12.53
CA ALA E 176 -7.42 3.34 -13.76
C ALA E 176 -6.90 1.94 -13.45
N GLY E 177 -6.18 1.37 -14.29
CA GLY E 177 -5.82 -0.03 -14.24
C GLY E 177 -5.03 -0.39 -12.99
N ARG E 178 -4.12 0.40 -12.66
CA ARG E 178 -3.27 0.10 -11.50
C ARG E 178 -4.10 0.07 -10.22
N ASP E 179 -4.99 0.98 -10.10
CA ASP E 179 -5.88 1.02 -8.93
C ASP E 179 -6.77 -0.23 -8.88
N LEU E 180 -7.16 -0.66 -9.99
CA LEU E 180 -8.03 -1.85 -10.05
C LEU E 180 -7.25 -3.10 -9.68
N THR E 181 -6.04 -3.14 -10.11
CA THR E 181 -5.21 -4.27 -9.70
C THR E 181 -5.05 -4.30 -8.19
N ASP E 182 -4.82 -3.18 -7.60
CA ASP E 182 -4.71 -3.10 -6.14
C ASP E 182 -6.03 -3.49 -5.47
N TYR E 183 -7.06 -3.04 -6.05
CA TYR E 183 -8.37 -3.36 -5.50
C TYR E 183 -8.64 -4.86 -5.58
N LEU E 184 -8.29 -5.44 -6.69
CA LEU E 184 -8.49 -6.88 -6.84
C LEU E 184 -7.66 -7.65 -5.82
N MET E 185 -6.48 -7.21 -5.63
CA MET E 185 -5.65 -7.83 -4.59
C MET E 185 -6.35 -7.81 -3.25
N LYS E 186 -6.90 -6.71 -2.91
CA LYS E 186 -7.60 -6.55 -1.64
C LYS E 186 -8.77 -7.50 -1.52
N ILE E 187 -9.59 -7.61 -2.54
CA ILE E 187 -10.81 -8.40 -2.43
C ILE E 187 -10.49 -9.89 -2.58
N LEU E 188 -9.42 -10.22 -3.23
CA LEU E 188 -8.96 -11.60 -3.24
C LEU E 188 -8.46 -12.03 -1.86
N THR E 189 -7.82 -11.07 -1.21
CA THR E 189 -7.40 -11.34 0.17
C THR E 189 -8.59 -11.66 1.05
N GLU E 190 -9.67 -10.98 0.84
CA GLU E 190 -10.89 -11.23 1.60
C GLU E 190 -11.42 -12.64 1.35
N ARG E 191 -11.11 -13.17 0.19
CA ARG E 191 -11.54 -14.52 -0.17
C ARG E 191 -10.57 -15.56 0.36
N GLY E 192 -9.43 -15.12 0.80
CA GLY E 192 -8.49 -16.02 1.44
C GLY E 192 -7.20 -16.19 0.65
N TYR E 193 -7.12 -15.47 -0.44
CA TYR E 193 -5.89 -15.50 -1.21
C TYR E 193 -5.00 -14.29 -0.87
N SER E 194 -3.84 -14.62 -0.55
CA SER E 194 -2.97 -13.52 -0.14
C SER E 194 -1.86 -13.27 -1.16
N PHE E 195 -1.90 -12.10 -1.73
CA PHE E 195 -0.86 -11.61 -2.63
C PHE E 195 -0.20 -10.35 -2.06
N THR E 196 0.97 -10.52 -1.60
CA THR E 196 1.52 -9.42 -0.82
C THR E 196 2.76 -8.85 -1.50
N THR E 197 3.31 -9.62 -2.40
CA THR E 197 4.54 -9.15 -3.01
C THR E 197 4.26 -8.48 -4.37
N THR E 198 5.21 -7.75 -4.81
CA THR E 198 5.10 -7.09 -6.10
C THR E 198 4.96 -8.10 -7.23
N ALA E 199 5.75 -9.14 -7.14
CA ALA E 199 5.63 -10.20 -8.13
C ALA E 199 4.22 -10.78 -8.14
N GLU E 200 3.70 -10.87 -7.02
CA GLU E 200 2.35 -11.40 -6.90
C GLU E 200 1.33 -10.40 -7.44
N ARG E 201 1.67 -9.20 -7.33
CA ARG E 201 0.79 -8.18 -7.88
C ARG E 201 0.64 -8.34 -9.38
N GLU E 202 1.72 -8.74 -10.06
CA GLU E 202 1.67 -8.96 -11.51
C GLU E 202 0.80 -10.16 -11.84
N ILE E 203 0.84 -11.04 -10.96
CA ILE E 203 -0.05 -12.19 -11.14
C ILE E 203 -1.51 -11.73 -11.08
N VAL E 204 -1.75 -10.86 -10.14
CA VAL E 204 -3.11 -10.35 -9.97
C VAL E 204 -3.51 -9.52 -11.19
N ARG E 205 -2.59 -8.76 -11.67
CA ARG E 205 -2.85 -8.01 -12.89
C ARG E 205 -3.25 -8.93 -14.03
N ASP E 206 -2.50 -10.02 -14.12
CA ASP E 206 -2.79 -11.01 -15.14
C ASP E 206 -4.19 -11.61 -14.94
N ILE E 207 -4.55 -11.91 -13.72
CA ILE E 207 -5.87 -12.42 -13.40
C ILE E 207 -6.93 -11.41 -13.82
N LYS E 208 -6.72 -10.19 -13.47
CA LYS E 208 -7.64 -9.10 -13.79
C LYS E 208 -7.87 -9.01 -15.30
N GLU E 209 -6.84 -9.03 -16.07
CA GLU E 209 -6.92 -8.81 -17.51
C GLU E 209 -7.52 -10.03 -18.22
N LYS E 210 -7.41 -11.20 -17.60
CA LYS E 210 -7.87 -12.42 -18.26
C LYS E 210 -9.29 -12.78 -17.81
N LEU E 211 -9.61 -12.41 -16.60
CA LEU E 211 -10.81 -13.05 -16.08
C LEU E 211 -11.88 -12.02 -15.76
N CYS E 212 -11.51 -10.80 -15.56
CA CYS E 212 -12.48 -9.81 -15.10
C CYS E 212 -13.32 -9.30 -16.26
N TYR E 213 -14.53 -8.86 -15.90
CA TYR E 213 -15.45 -8.31 -16.89
C TYR E 213 -16.40 -7.30 -16.23
N VAL E 214 -17.09 -6.52 -17.04
CA VAL E 214 -18.06 -5.54 -16.55
C VAL E 214 -19.47 -6.10 -16.69
N ALA E 215 -20.17 -6.12 -15.59
CA ALA E 215 -21.56 -6.57 -15.59
C ALA E 215 -22.48 -5.50 -16.15
N LEU E 216 -23.45 -6.00 -16.93
CA LEU E 216 -24.45 -5.05 -17.42
C LEU E 216 -25.28 -4.50 -16.27
N ASP E 217 -25.79 -5.37 -15.47
CA ASP E 217 -26.48 -5.06 -14.21
C ASP E 217 -25.74 -5.64 -13.02
N PHE E 218 -25.14 -4.77 -12.25
CA PHE E 218 -24.24 -5.17 -11.18
C PHE E 218 -25.01 -5.90 -10.08
N GLU E 219 -26.16 -5.42 -9.71
CA GLU E 219 -26.94 -6.01 -8.64
C GLU E 219 -27.44 -7.40 -9.02
N GLN E 220 -27.89 -7.47 -10.23
CA GLN E 220 -28.36 -8.78 -10.70
C GLN E 220 -27.22 -9.79 -10.76
N GLU E 221 -26.10 -9.33 -11.17
CA GLU E 221 -24.94 -10.20 -11.27
C GLU E 221 -24.48 -10.70 -9.90
N MET E 222 -24.59 -9.78 -8.92
CA MET E 222 -24.27 -10.14 -7.54
C MET E 222 -25.22 -11.22 -7.04
N ALA E 223 -26.47 -11.11 -7.40
CA ALA E 223 -27.47 -12.10 -7.02
C ALA E 223 -27.20 -13.45 -7.67
N THR E 224 -26.81 -13.39 -8.90
CA THR E 224 -26.48 -14.62 -9.61
C THR E 224 -25.27 -15.31 -8.98
N ALA E 225 -24.30 -14.50 -8.66
CA ALA E 225 -23.08 -15.04 -8.08
C ALA E 225 -23.36 -15.69 -6.73
N ALA E 226 -24.38 -15.19 -6.01
CA ALA E 226 -24.72 -15.70 -4.69
C ALA E 226 -25.51 -16.99 -4.79
N SER E 227 -26.14 -17.18 -5.91
CA SER E 227 -27.06 -18.30 -6.01
C SER E 227 -26.46 -19.43 -6.85
N SER E 228 -25.40 -19.12 -7.61
CA SER E 228 -24.84 -20.13 -8.48
C SER E 228 -23.32 -19.95 -8.62
N SER E 229 -22.67 -21.03 -9.03
CA SER E 229 -21.24 -20.98 -9.28
C SER E 229 -20.94 -20.79 -10.76
N SER E 230 -21.92 -20.40 -11.48
CA SER E 230 -21.79 -20.31 -12.93
C SER E 230 -20.84 -19.20 -13.34
N LEU E 231 -20.61 -18.29 -12.47
CA LEU E 231 -19.78 -17.15 -12.82
C LEU E 231 -18.34 -17.35 -12.35
N GLU E 232 -18.12 -18.44 -11.70
CA GLU E 232 -16.78 -18.71 -11.19
C GLU E 232 -15.83 -19.16 -12.28
N LYS E 233 -14.59 -18.69 -12.21
CA LYS E 233 -13.53 -19.12 -13.11
C LYS E 233 -12.26 -19.48 -12.32
N SER E 234 -11.54 -20.40 -12.90
CA SER E 234 -10.30 -20.82 -12.26
C SER E 234 -9.08 -20.22 -12.95
N TYR E 235 -8.04 -20.02 -12.12
CA TYR E 235 -6.76 -19.50 -12.61
C TYR E 235 -5.60 -20.29 -12.00
N GLU E 236 -4.75 -20.80 -12.83
CA GLU E 236 -3.59 -21.55 -12.34
C GLU E 236 -2.42 -20.62 -12.05
N LEU E 237 -2.00 -20.63 -10.86
CA LEU E 237 -0.86 -19.82 -10.46
C LEU E 237 0.45 -20.40 -11.00
N PRO E 238 1.45 -19.63 -11.00
CA PRO E 238 2.74 -20.11 -11.51
C PRO E 238 3.25 -21.33 -10.74
N ASP E 239 2.93 -21.46 -9.47
CA ASP E 239 3.39 -22.57 -8.65
C ASP E 239 2.50 -23.80 -8.85
N GLY E 240 1.48 -23.71 -9.67
CA GLY E 240 0.62 -24.83 -10.00
C GLY E 240 -0.69 -24.84 -9.23
N GLN E 241 -0.74 -24.08 -8.22
CA GLN E 241 -1.98 -23.98 -7.45
C GLN E 241 -3.09 -23.32 -8.26
N VAL E 242 -4.27 -23.88 -8.14
CA VAL E 242 -5.41 -23.33 -8.86
C VAL E 242 -6.31 -22.58 -7.88
N ILE E 243 -6.57 -21.38 -8.21
CA ILE E 243 -7.49 -20.60 -7.38
C ILE E 243 -8.79 -20.35 -8.13
N THR E 244 -9.84 -20.15 -7.36
CA THR E 244 -11.15 -19.87 -7.95
C THR E 244 -11.57 -18.42 -7.66
N ILE E 245 -11.92 -17.73 -8.73
CA ILE E 245 -12.37 -16.35 -8.62
C ILE E 245 -13.86 -16.26 -8.94
N GLY E 246 -14.66 -15.63 -8.02
CA GLY E 246 -16.10 -15.54 -8.21
C GLY E 246 -16.57 -14.14 -8.56
N ASN E 247 -17.21 -13.56 -7.53
CA ASN E 247 -17.80 -12.26 -7.81
C ASN E 247 -16.74 -11.16 -7.88
N GLU E 248 -15.46 -11.52 -7.56
CA GLU E 248 -14.37 -10.57 -7.72
C GLU E 248 -14.16 -10.19 -9.18
N ARG E 249 -14.59 -11.08 -10.06
CA ARG E 249 -14.40 -10.91 -11.50
C ARG E 249 -15.07 -9.63 -11.98
N PHE E 250 -16.24 -9.34 -11.42
CA PHE E 250 -16.96 -8.17 -11.93
C PHE E 250 -17.01 -7.07 -10.87
N ARG E 251 -16.66 -7.39 -9.63
CA ARG E 251 -16.57 -6.37 -8.60
C ARG E 251 -15.37 -5.45 -8.84
N CYS E 252 -14.37 -6.00 -9.33
CA CYS E 252 -13.14 -5.24 -9.55
C CYS E 252 -13.37 -4.11 -10.54
N PRO E 253 -13.82 -4.39 -11.79
CA PRO E 253 -13.98 -3.27 -12.73
C PRO E 253 -15.19 -2.40 -12.40
N GLU E 254 -16.04 -2.85 -11.48
CA GLU E 254 -17.17 -2.03 -11.07
C GLU E 254 -16.70 -0.71 -10.45
N ALA E 255 -15.49 -0.80 -9.93
CA ALA E 255 -14.90 0.39 -9.31
C ALA E 255 -14.82 1.54 -10.31
N LEU E 256 -14.78 1.29 -11.59
CA LEU E 256 -14.75 2.34 -12.62
C LEU E 256 -16.06 3.10 -12.65
N PHE E 257 -17.15 2.35 -12.40
CA PHE E 257 -18.48 2.94 -12.44
C PHE E 257 -18.88 3.43 -11.05
N GLN E 258 -18.32 2.82 -10.05
CA GLN E 258 -18.55 3.20 -8.66
C GLN E 258 -17.24 3.33 -7.90
N PRO E 259 -16.62 4.49 -8.00
CA PRO E 259 -15.31 4.68 -7.37
C PRO E 259 -15.36 4.55 -5.85
N SER E 260 -16.53 4.60 -5.30
CA SER E 260 -16.68 4.43 -3.86
C SER E 260 -16.16 3.06 -3.40
N PHE E 261 -16.11 2.06 -4.28
CA PHE E 261 -15.55 0.76 -3.97
C PHE E 261 -14.10 0.90 -3.51
N LEU E 262 -13.46 1.95 -3.95
CA LEU E 262 -12.08 2.22 -3.58
C LEU E 262 -12.00 3.32 -2.54
N GLY E 263 -13.14 3.78 -2.08
CA GLY E 263 -13.18 4.83 -1.09
C GLY E 263 -13.00 6.22 -1.69
N MET E 264 -13.18 6.33 -2.96
CA MET E 264 -13.00 7.62 -3.64
C MET E 264 -14.34 8.35 -3.75
N GLU E 265 -14.27 9.62 -3.39
CA GLU E 265 -15.44 10.47 -3.61
C GLU E 265 -15.43 11.07 -5.01
N ALA E 266 -15.63 10.28 -5.99
CA ALA E 266 -15.62 10.71 -7.38
C ALA E 266 -16.74 10.02 -8.17
N CYS E 267 -17.08 10.71 -9.27
CA CYS E 267 -18.04 10.10 -10.18
C CYS E 267 -17.39 9.00 -10.99
N GLY E 268 -18.19 7.96 -11.32
CA GLY E 268 -17.69 6.91 -12.20
C GLY E 268 -17.46 7.39 -13.62
N ILE E 269 -16.95 6.57 -14.46
CA ILE E 269 -16.54 6.93 -15.80
C ILE E 269 -17.76 7.30 -16.64
N HIS E 270 -18.95 6.66 -16.40
CA HIS E 270 -20.14 7.00 -17.15
C HIS E 270 -20.64 8.40 -16.80
N GLU E 271 -20.65 8.70 -15.51
CA GLU E 271 -21.06 10.03 -15.07
C GLU E 271 -20.06 11.09 -15.49
N THR E 272 -18.83 10.73 -15.37
CA THR E 272 -17.79 11.67 -15.79
C THR E 272 -17.91 12.00 -17.28
N THR E 273 -18.18 11.01 -18.08
CA THR E 273 -18.40 11.21 -19.52
C THR E 273 -19.60 12.12 -19.75
N TYR E 274 -20.64 11.83 -19.04
CA TYR E 274 -21.84 12.65 -19.15
C TYR E 274 -21.56 14.10 -18.73
N ASN E 275 -20.89 14.23 -17.62
CA ASN E 275 -20.58 15.57 -17.13
C ASN E 275 -19.69 16.33 -18.11
N SER E 276 -18.77 15.64 -18.74
CA SER E 276 -17.92 16.25 -19.76
C SER E 276 -18.74 16.77 -20.94
N ILE E 277 -19.67 16.04 -21.39
CA ILE E 277 -20.54 16.42 -22.49
C ILE E 277 -21.35 17.64 -22.11
N MET E 278 -21.80 17.67 -20.90
CA MET E 278 -22.66 18.74 -20.42
C MET E 278 -21.88 20.05 -20.29
N LYS E 279 -20.62 19.95 -20.20
CA LYS E 279 -19.78 21.14 -20.12
C LYS E 279 -19.57 21.76 -21.50
N CYS E 280 -19.93 21.05 -22.52
CA CYS E 280 -19.77 21.54 -23.89
C CYS E 280 -21.00 22.32 -24.35
N ASP E 281 -20.81 23.07 -25.46
CA ASP E 281 -21.93 23.81 -26.04
C ASP E 281 -23.06 22.86 -26.45
N VAL E 282 -24.22 23.32 -26.31
CA VAL E 282 -25.43 22.53 -26.53
C VAL E 282 -25.45 22.00 -27.96
N ASP E 283 -24.88 22.68 -28.88
CA ASP E 283 -24.99 22.36 -30.30
C ASP E 283 -24.06 21.21 -30.68
N ILE E 284 -23.16 20.89 -29.85
CA ILE E 284 -22.25 19.83 -30.27
C ILE E 284 -22.50 18.59 -29.42
N ARG E 285 -23.33 18.66 -28.41
CA ARG E 285 -23.56 17.57 -27.48
C ARG E 285 -24.13 16.35 -28.21
N LYS E 286 -25.00 16.64 -29.12
CA LYS E 286 -25.59 15.54 -29.88
C LYS E 286 -24.51 14.70 -30.55
N ASP E 287 -23.51 15.39 -31.11
CA ASP E 287 -22.41 14.70 -31.78
C ASP E 287 -21.55 13.93 -30.78
N LEU E 288 -21.41 14.45 -29.65
CA LEU E 288 -20.59 13.80 -28.65
C LEU E 288 -21.26 12.53 -28.13
N TYR E 289 -22.56 12.59 -27.91
CA TYR E 289 -23.31 11.42 -27.48
C TYR E 289 -23.23 10.30 -28.51
N ALA E 290 -23.18 10.70 -29.74
CA ALA E 290 -23.27 9.73 -30.83
C ALA E 290 -21.88 9.24 -31.25
N ASN E 291 -20.90 9.74 -30.55
CA ASN E 291 -19.52 9.39 -30.92
C ASN E 291 -18.62 9.30 -29.69
N THR E 292 -18.93 8.38 -28.81
CA THR E 292 -18.11 8.12 -27.64
C THR E 292 -17.14 6.96 -27.91
N VAL E 293 -15.86 7.31 -27.88
CA VAL E 293 -14.85 6.32 -28.26
C VAL E 293 -14.08 5.87 -27.02
N LEU E 294 -14.04 4.54 -26.85
CA LEU E 294 -13.24 3.98 -25.77
C LEU E 294 -11.81 3.74 -26.22
N SER E 295 -10.90 4.09 -25.33
CA SER E 295 -9.48 3.92 -25.63
C SER E 295 -8.67 3.60 -24.38
N GLY E 296 -7.65 2.71 -24.54
CA GLY E 296 -6.76 2.36 -23.44
C GLY E 296 -6.98 0.96 -22.91
N GLY E 297 -6.04 0.43 -22.24
CA GLY E 297 -6.04 -0.95 -21.77
C GLY E 297 -7.16 -1.23 -20.78
N THR E 298 -7.49 -0.23 -20.01
CA THR E 298 -8.48 -0.43 -18.97
C THR E 298 -9.89 -0.45 -19.55
N THR E 299 -10.01 -0.23 -20.83
CA THR E 299 -11.31 -0.28 -21.49
C THR E 299 -11.51 -1.63 -22.19
N MET E 300 -10.63 -2.58 -21.92
CA MET E 300 -10.66 -3.85 -22.63
C MET E 300 -11.58 -4.84 -21.93
N TYR E 301 -12.18 -4.48 -20.83
CA TYR E 301 -13.06 -5.40 -20.13
C TYR E 301 -14.25 -5.78 -20.99
N PRO E 302 -14.43 -7.11 -21.06
CA PRO E 302 -15.70 -7.50 -21.71
C PRO E 302 -16.91 -6.88 -21.02
N GLY E 303 -17.79 -6.34 -21.85
CA GLY E 303 -19.04 -5.82 -21.34
C GLY E 303 -19.01 -4.32 -21.09
N ILE E 304 -17.87 -3.75 -21.15
CA ILE E 304 -17.76 -2.35 -20.75
C ILE E 304 -18.52 -1.47 -21.74
N ALA E 305 -18.45 -1.77 -23.00
CA ALA E 305 -19.15 -0.97 -24.01
C ALA E 305 -20.67 -1.01 -23.78
N ASP E 306 -21.18 -2.17 -23.52
CA ASP E 306 -22.61 -2.33 -23.28
C ASP E 306 -23.03 -1.59 -22.00
N ARG E 307 -22.20 -1.74 -21.02
CA ARG E 307 -22.50 -1.06 -19.77
C ARG E 307 -22.49 0.45 -19.95
N MET E 308 -21.54 0.95 -20.66
CA MET E 308 -21.47 2.38 -20.95
C MET E 308 -22.70 2.83 -21.72
N GLN E 309 -23.04 2.06 -22.72
CA GLN E 309 -24.24 2.36 -23.51
C GLN E 309 -25.46 2.48 -22.61
N LYS E 310 -25.63 1.56 -21.78
CA LYS E 310 -26.77 1.54 -20.87
C LYS E 310 -26.77 2.75 -19.95
N GLU E 311 -25.64 3.01 -19.35
CA GLU E 311 -25.55 4.06 -18.33
C GLU E 311 -25.70 5.44 -18.96
N ILE E 312 -25.14 5.66 -20.12
CA ILE E 312 -25.22 6.97 -20.77
C ILE E 312 -26.64 7.20 -21.29
N THR E 313 -27.24 6.18 -21.81
CA THR E 313 -28.62 6.27 -22.26
C THR E 313 -29.52 6.73 -21.12
N ALA E 314 -29.25 6.22 -19.95
CA ALA E 314 -30.06 6.54 -18.78
C ALA E 314 -29.84 7.99 -18.34
N LEU E 315 -28.70 8.54 -18.58
CA LEU E 315 -28.35 9.88 -18.13
C LEU E 315 -28.75 10.93 -19.15
N ALA E 316 -28.67 10.58 -20.45
CA ALA E 316 -28.87 11.52 -21.54
C ALA E 316 -30.36 11.79 -21.77
N PRO E 317 -30.67 12.93 -22.38
CA PRO E 317 -32.07 13.12 -22.80
C PRO E 317 -32.59 11.96 -23.66
N SER E 318 -33.82 11.70 -23.60
CA SER E 318 -34.43 10.51 -24.18
C SER E 318 -34.34 10.53 -25.71
N THR E 319 -34.22 11.65 -26.26
CA THR E 319 -34.25 11.78 -27.71
C THR E 319 -32.83 11.65 -28.29
N MET E 320 -31.93 11.50 -27.39
CA MET E 320 -30.54 11.55 -27.83
C MET E 320 -30.08 10.17 -28.31
N LYS E 321 -29.47 10.15 -29.48
CA LYS E 321 -28.82 8.92 -29.94
C LYS E 321 -27.49 8.70 -29.24
N ILE E 322 -27.36 7.45 -28.73
CA ILE E 322 -26.13 7.13 -28.00
C ILE E 322 -25.35 6.06 -28.76
N LYS E 323 -24.11 6.33 -28.98
CA LYS E 323 -23.28 5.33 -29.63
C LYS E 323 -21.91 5.22 -28.96
N ILE E 324 -21.63 4.03 -28.47
CA ILE E 324 -20.33 3.74 -27.89
C ILE E 324 -19.47 2.96 -28.88
N ILE E 325 -18.31 3.51 -29.11
CA ILE E 325 -17.41 2.87 -30.06
C ILE E 325 -16.24 2.24 -29.31
N ALA E 326 -16.11 0.92 -29.46
CA ALA E 326 -15.04 0.16 -28.83
C ALA E 326 -14.22 -0.60 -29.88
N PRO E 327 -13.29 0.14 -30.49
CA PRO E 327 -12.48 -0.56 -31.49
C PRO E 327 -11.72 -1.75 -30.90
N PRO E 328 -11.56 -2.75 -31.68
CA PRO E 328 -10.86 -3.93 -31.18
C PRO E 328 -9.40 -3.64 -30.82
N GLU E 329 -8.83 -2.74 -31.52
CA GLU E 329 -7.41 -2.44 -31.31
C GLU E 329 -7.22 -1.31 -30.29
N ARG E 330 -8.21 -1.08 -29.47
CA ARG E 330 -8.24 0.14 -28.66
C ARG E 330 -7.21 0.07 -27.54
N LYS E 331 -6.65 -1.10 -27.33
CA LYS E 331 -5.59 -1.17 -26.33
C LYS E 331 -4.42 -0.28 -26.72
N TYR E 332 -4.15 -0.25 -28.01
CA TYR E 332 -3.02 0.52 -28.50
C TYR E 332 -3.45 1.55 -29.53
N SER E 333 -4.64 2.02 -29.42
CA SER E 333 -5.20 2.94 -30.41
C SER E 333 -4.35 4.19 -30.55
N VAL E 334 -3.91 4.69 -29.44
CA VAL E 334 -3.11 5.91 -29.47
C VAL E 334 -1.84 5.68 -30.27
N TRP E 335 -1.14 4.61 -29.93
CA TRP E 335 0.12 4.32 -30.58
C TRP E 335 -0.09 4.03 -32.07
N ILE E 336 -1.11 3.27 -32.38
CA ILE E 336 -1.40 2.90 -33.75
C ILE E 336 -1.70 4.14 -34.57
N GLY E 337 -2.50 5.00 -34.01
CA GLY E 337 -2.76 6.26 -34.68
C GLY E 337 -1.49 7.05 -35.00
N GLY E 338 -0.61 7.13 -34.02
CA GLY E 338 0.66 7.78 -34.24
C GLY E 338 1.53 7.08 -35.26
N SER E 339 1.51 5.76 -35.23
CA SER E 339 2.30 4.94 -36.16
C SER E 339 1.86 5.19 -37.61
N ILE E 340 0.60 5.24 -37.81
CA ILE E 340 0.07 5.44 -39.16
C ILE E 340 0.37 6.86 -39.63
N LEU E 341 0.09 7.78 -38.80
CA LEU E 341 0.32 9.18 -39.15
C LEU E 341 1.77 9.41 -39.53
N ALA E 342 2.66 8.93 -38.74
CA ALA E 342 4.09 9.19 -38.91
C ALA E 342 4.64 8.39 -40.08
N SER E 343 3.94 7.46 -40.58
CA SER E 343 4.43 6.62 -41.67
C SER E 343 4.06 7.23 -43.02
N LEU E 344 3.13 8.18 -43.00
CA LEU E 344 2.72 8.80 -44.26
C LEU E 344 3.83 9.67 -44.82
N SER E 345 4.01 9.55 -46.13
CA SER E 345 5.06 10.34 -46.77
C SER E 345 4.73 11.83 -46.71
N THR E 346 3.48 12.19 -46.72
CA THR E 346 3.05 13.58 -46.71
C THR E 346 3.20 14.19 -45.33
N PHE E 347 3.32 13.34 -44.30
CA PHE E 347 3.44 13.82 -42.93
C PHE E 347 4.82 14.44 -42.69
N GLN E 348 5.79 14.14 -43.54
CA GLN E 348 7.17 14.55 -43.37
C GLN E 348 7.28 16.07 -43.28
N GLN E 349 6.36 16.77 -43.83
CA GLN E 349 6.39 18.23 -43.84
C GLN E 349 5.86 18.79 -42.53
N MET E 350 5.34 17.90 -41.75
CA MET E 350 4.68 18.36 -40.53
C MET E 350 5.63 18.32 -39.34
N TRP E 351 6.75 17.75 -39.43
CA TRP E 351 7.73 17.60 -38.36
C TRP E 351 8.28 18.95 -37.94
N ILE E 352 8.57 19.08 -36.67
CA ILE E 352 9.50 20.12 -36.26
C ILE E 352 10.93 19.69 -36.55
N SER E 353 11.63 20.39 -37.40
CA SER E 353 13.01 20.05 -37.71
C SER E 353 13.97 20.64 -36.69
N LYS E 354 15.12 20.04 -36.63
CA LYS E 354 16.15 20.58 -35.75
C LYS E 354 16.46 22.03 -36.10
N GLN E 355 16.46 22.38 -37.32
CA GLN E 355 16.72 23.74 -37.77
C GLN E 355 15.65 24.70 -37.25
N GLU E 356 14.41 24.29 -37.36
CA GLU E 356 13.32 25.12 -36.86
C GLU E 356 13.44 25.32 -35.35
N TYR E 357 13.79 24.28 -34.66
CA TYR E 357 13.99 24.35 -33.22
C TYR E 357 15.12 25.32 -32.87
N ASP E 358 16.22 25.26 -33.59
CA ASP E 358 17.38 26.11 -33.33
C ASP E 358 17.04 27.58 -33.55
N GLU E 359 16.05 27.82 -34.43
CA GLU E 359 15.68 29.19 -34.77
C GLU E 359 14.63 29.73 -33.81
N SER E 360 13.76 28.93 -33.35
CA SER E 360 12.57 29.43 -32.67
C SER E 360 12.55 29.00 -31.21
N GLY E 361 13.37 28.02 -30.88
CA GLY E 361 13.37 27.50 -29.52
C GLY E 361 12.24 26.51 -29.26
N PRO E 362 12.04 26.09 -28.04
CA PRO E 362 11.09 25.02 -27.68
C PRO E 362 9.64 25.43 -27.91
N SER E 363 9.36 26.73 -27.99
CA SER E 363 7.99 27.20 -28.15
C SER E 363 7.44 26.87 -29.53
N ILE E 364 8.25 26.39 -30.45
CA ILE E 364 7.87 26.05 -31.81
C ILE E 364 6.87 24.91 -31.80
N VAL E 365 6.92 24.11 -30.70
CA VAL E 365 6.05 22.95 -30.60
C VAL E 365 4.59 23.38 -30.62
N HIS E 366 4.25 24.55 -30.12
CA HIS E 366 2.87 25.04 -30.03
C HIS E 366 2.36 25.49 -31.40
N ARG E 367 3.25 25.91 -32.23
CA ARG E 367 2.88 26.40 -33.56
C ARG E 367 2.77 25.25 -34.55
N LYS E 368 3.58 24.27 -34.42
CA LYS E 368 3.68 23.24 -35.44
C LYS E 368 2.79 22.05 -35.11
N CYS E 369 2.49 21.88 -33.87
CA CYS E 369 1.78 20.65 -33.51
C CYS E 369 0.36 20.95 -33.07
N PHE E 370 0.02 22.35 -32.86
CA PHE E 370 -1.30 22.68 -32.35
C PHE E 370 -1.85 23.93 -33.02
N MET F 1 -4.46 18.35 -35.77
CA MET F 1 -3.65 17.26 -36.32
C MET F 1 -3.86 17.13 -37.82
N ALA F 2 -2.69 17.03 -38.54
CA ALA F 2 -2.79 16.98 -40.00
C ALA F 2 -1.86 15.89 -40.56
N SER F 3 -2.31 15.30 -41.67
CA SER F 3 -1.57 14.23 -42.33
C SER F 3 -0.58 14.80 -43.35
N GLY F 4 -0.78 15.95 -43.81
CA GLY F 4 0.04 16.56 -44.86
C GLY F 4 -0.48 16.27 -46.25
N VAL F 5 -1.54 15.50 -46.37
CA VAL F 5 -2.15 15.22 -47.66
C VAL F 5 -2.64 16.52 -48.30
N THR F 6 -2.35 16.69 -49.61
CA THR F 6 -2.70 17.93 -50.31
C THR F 6 -4.01 17.77 -51.07
N VAL F 7 -4.56 18.91 -51.56
CA VAL F 7 -5.80 18.92 -52.33
C VAL F 7 -5.51 19.36 -53.76
N SER F 8 -5.91 18.54 -54.71
CA SER F 8 -5.67 18.84 -56.12
C SER F 8 -6.45 20.06 -56.56
N ASP F 9 -5.94 20.73 -57.57
CA ASP F 9 -6.59 21.92 -58.11
C ASP F 9 -7.95 21.59 -58.71
N VAL F 10 -8.05 20.41 -59.22
CA VAL F 10 -9.30 19.98 -59.85
C VAL F 10 -10.42 19.97 -58.81
N CYS F 11 -10.07 19.65 -57.58
CA CYS F 11 -11.05 19.67 -56.51
C CYS F 11 -11.65 21.06 -56.35
N LYS F 12 -10.77 22.08 -56.40
CA LYS F 12 -11.21 23.46 -56.23
C LYS F 12 -12.05 23.92 -57.42
N THR F 13 -11.60 23.48 -58.58
CA THR F 13 -12.33 23.84 -59.79
C THR F 13 -13.72 23.22 -59.78
N THR F 14 -13.78 21.99 -59.44
CA THR F 14 -15.06 21.29 -59.41
C THR F 14 -15.98 21.89 -58.35
N TYR F 15 -15.38 22.25 -57.28
CA TYR F 15 -16.14 22.89 -56.21
C TYR F 15 -16.79 24.19 -56.69
N GLU F 16 -16.09 24.99 -57.43
CA GLU F 16 -16.61 26.24 -57.96
C GLU F 16 -17.72 25.99 -58.98
N GLU F 17 -17.59 24.91 -59.72
CA GLU F 17 -18.60 24.55 -60.70
C GLU F 17 -19.91 24.15 -60.02
N ILE F 18 -19.82 23.68 -58.87
CA ILE F 18 -21.00 23.28 -58.12
C ILE F 18 -21.58 24.47 -57.36
N LYS F 19 -20.75 25.22 -56.69
CA LYS F 19 -21.18 26.30 -55.80
C LYS F 19 -21.68 27.50 -56.60
N LYS F 20 -20.90 27.94 -57.60
CA LYS F 20 -21.18 29.18 -58.30
C LYS F 20 -21.99 28.92 -59.57
N ASP F 21 -21.54 27.86 -60.34
CA ASP F 21 -22.10 27.67 -61.68
C ASP F 21 -23.30 26.73 -61.64
N LYS F 22 -23.44 26.06 -60.62
CA LYS F 22 -24.53 25.08 -60.46
C LYS F 22 -24.54 24.09 -61.62
N LYS F 23 -23.32 23.72 -62.05
CA LYS F 23 -23.17 22.79 -63.17
C LYS F 23 -23.41 21.35 -62.73
N HIS F 24 -23.03 21.06 -61.52
CA HIS F 24 -23.14 19.71 -60.98
C HIS F 24 -23.84 19.70 -59.63
N ARG F 25 -24.38 18.49 -59.30
CA ARG F 25 -25.12 18.37 -58.05
C ARG F 25 -24.19 18.02 -56.89
N TYR F 26 -23.31 17.08 -57.18
CA TYR F 26 -22.38 16.68 -56.13
C TYR F 26 -21.08 16.15 -56.73
N VAL F 27 -20.10 16.02 -55.87
CA VAL F 27 -18.82 15.42 -56.24
C VAL F 27 -18.33 14.51 -55.11
N ILE F 28 -17.72 13.36 -55.49
CA ILE F 28 -17.07 12.45 -54.55
C ILE F 28 -15.56 12.57 -54.68
N PHE F 29 -14.91 12.77 -53.54
CA PHE F 29 -13.46 12.86 -53.52
C PHE F 29 -12.85 11.62 -52.89
N TYR F 30 -11.62 11.28 -53.32
CA TYR F 30 -10.83 10.21 -52.70
C TYR F 30 -9.37 10.63 -52.57
N ILE F 31 -8.64 9.92 -51.76
CA ILE F 31 -7.22 10.21 -51.61
C ILE F 31 -6.41 9.28 -52.51
N ARG F 32 -5.71 9.90 -53.41
CA ARG F 32 -4.92 9.16 -54.38
C ARG F 32 -3.51 8.89 -53.84
N ASP F 33 -3.08 7.67 -53.75
CA ASP F 33 -1.74 7.22 -53.37
C ASP F 33 -1.38 7.73 -51.98
N GLU F 34 -2.38 8.02 -51.17
CA GLU F 34 -2.20 8.51 -49.81
C GLU F 34 -1.51 9.88 -49.79
N LYS F 35 -1.61 10.60 -50.93
CA LYS F 35 -0.80 11.81 -51.02
C LYS F 35 -1.66 13.03 -51.33
N GLN F 36 -2.75 12.77 -52.10
CA GLN F 36 -3.48 13.94 -52.57
C GLN F 36 -4.97 13.62 -52.72
N ILE F 37 -5.75 14.52 -52.26
CA ILE F 37 -7.19 14.41 -52.47
C ILE F 37 -7.52 14.80 -53.91
N ASP F 38 -8.28 13.95 -54.52
CA ASP F 38 -8.65 14.17 -55.92
C ASP F 38 -10.12 13.84 -56.17
N VAL F 39 -10.61 14.14 -57.39
CA VAL F 39 -12.01 13.95 -57.74
C VAL F 39 -12.21 12.53 -58.28
N GLU F 40 -13.18 11.85 -57.72
CA GLU F 40 -13.50 10.50 -58.17
C GLU F 40 -14.71 10.50 -59.07
N THR F 41 -15.81 11.09 -58.60
CA THR F 41 -17.07 11.10 -59.35
C THR F 41 -17.71 12.48 -59.30
N VAL F 42 -18.19 12.94 -60.46
CA VAL F 42 -18.98 14.17 -60.54
C VAL F 42 -20.36 13.86 -61.14
N ALA F 43 -21.33 14.25 -60.46
CA ALA F 43 -22.67 13.93 -60.91
C ALA F 43 -23.36 15.17 -61.50
N ASP F 44 -24.22 14.87 -62.45
CA ASP F 44 -24.95 15.95 -63.13
C ASP F 44 -25.87 16.69 -62.16
N ARG F 45 -26.32 17.83 -62.57
CA ARG F 45 -27.10 18.75 -61.73
C ARG F 45 -28.41 18.12 -61.31
N ASN F 46 -28.94 17.14 -62.09
CA ASN F 46 -30.25 16.56 -61.80
C ASN F 46 -30.14 15.31 -60.94
N ALA F 47 -28.97 15.01 -60.51
CA ALA F 47 -28.76 13.82 -59.68
C ALA F 47 -29.43 13.99 -58.32
N GLU F 48 -29.90 12.86 -57.79
CA GLU F 48 -30.60 12.85 -56.50
C GLU F 48 -29.69 12.36 -55.38
N TYR F 49 -30.19 12.58 -54.19
CA TYR F 49 -29.37 12.26 -53.02
C TYR F 49 -29.09 10.77 -52.94
N ASP F 50 -30.05 9.93 -53.31
CA ASP F 50 -29.87 8.49 -53.28
C ASP F 50 -28.69 8.05 -54.15
N GLN F 51 -28.59 8.73 -55.28
CA GLN F 51 -27.45 8.44 -56.14
C GLN F 51 -26.14 8.82 -55.46
N PHE F 52 -26.14 9.89 -54.73
CA PHE F 52 -24.98 10.33 -53.96
C PHE F 52 -24.56 9.25 -52.98
N LEU F 53 -25.55 8.65 -52.29
CA LEU F 53 -25.26 7.61 -51.29
C LEU F 53 -24.70 6.37 -51.96
N GLU F 54 -25.21 6.10 -53.12
CA GLU F 54 -24.73 4.95 -53.86
C GLU F 54 -23.28 5.16 -54.33
N ASP F 55 -23.02 6.39 -54.78
CA ASP F 55 -21.71 6.69 -55.35
C ASP F 55 -20.64 6.72 -54.26
N ILE F 56 -20.98 7.23 -53.12
CA ILE F 56 -19.98 7.41 -52.08
C ILE F 56 -19.60 6.04 -51.50
N GLN F 57 -20.46 5.02 -51.68
CA GLN F 57 -20.24 3.69 -51.13
C GLN F 57 -19.82 2.71 -52.22
N LYS F 58 -19.75 3.13 -53.37
CA LYS F 58 -19.63 2.27 -54.54
C LYS F 58 -18.32 1.50 -54.52
N CYS F 59 -17.33 2.00 -53.81
CA CYS F 59 -16.02 1.37 -53.87
C CYS F 59 -15.87 0.30 -52.80
N GLY F 60 -16.92 0.02 -51.95
CA GLY F 60 -16.91 -1.07 -51.00
C GLY F 60 -17.18 -0.64 -49.57
N PRO F 61 -17.47 -1.61 -48.78
CA PRO F 61 -17.90 -1.30 -47.41
C PRO F 61 -16.76 -0.79 -46.53
N GLY F 62 -15.58 -0.88 -46.90
CA GLY F 62 -14.45 -0.47 -46.08
C GLY F 62 -13.68 0.71 -46.65
N GLU F 63 -14.32 1.27 -47.66
CA GLU F 63 -13.64 2.38 -48.33
C GLU F 63 -14.14 3.72 -47.81
N CYS F 64 -13.25 4.61 -47.59
CA CYS F 64 -13.57 5.96 -47.12
C CYS F 64 -13.58 6.94 -48.30
N ARG F 65 -14.39 7.98 -48.15
CA ARG F 65 -14.50 9.03 -49.16
C ARG F 65 -14.95 10.35 -48.54
N TYR F 66 -14.77 11.34 -49.29
CA TYR F 66 -15.42 12.62 -49.02
C TYR F 66 -16.49 12.92 -50.07
N GLY F 67 -17.56 13.59 -49.62
CA GLY F 67 -18.61 13.95 -50.56
C GLY F 67 -19.12 15.37 -50.36
N LEU F 68 -19.15 16.09 -51.41
CA LEU F 68 -19.77 17.41 -51.43
C LEU F 68 -21.11 17.37 -52.17
N PHE F 69 -22.13 17.95 -51.56
CA PHE F 69 -23.46 17.89 -52.15
C PHE F 69 -24.17 19.24 -52.00
N ASP F 70 -24.71 19.73 -53.05
CA ASP F 70 -25.60 20.89 -53.02
C ASP F 70 -27.03 20.47 -52.71
N PHE F 71 -27.41 20.42 -51.49
CA PHE F 71 -28.64 19.84 -50.97
C PHE F 71 -29.79 20.83 -51.04
N GLU F 72 -30.92 20.37 -51.58
CA GLU F 72 -32.11 21.19 -51.69
C GLU F 72 -33.24 20.64 -50.82
N TYR F 73 -33.83 21.57 -50.08
CA TYR F 73 -34.98 21.16 -49.28
C TYR F 73 -35.96 22.30 -49.10
N MET F 74 -37.15 21.91 -48.75
CA MET F 74 -38.19 22.92 -48.55
C MET F 74 -38.18 23.44 -47.12
N HIS F 75 -38.27 24.79 -47.02
CA HIS F 75 -38.27 25.42 -45.71
C HIS F 75 -39.51 26.29 -45.52
N GLN F 76 -40.22 25.97 -44.50
CA GLN F 76 -41.36 26.81 -44.16
C GLN F 76 -41.03 27.76 -43.02
N CYS F 77 -41.03 29.11 -43.36
CA CYS F 77 -40.79 30.08 -42.29
C CYS F 77 -41.99 30.17 -41.36
N GLN F 78 -41.61 30.13 -40.05
CA GLN F 78 -42.69 30.26 -39.07
C GLN F 78 -43.55 31.48 -39.36
N GLY F 79 -44.84 31.29 -39.47
CA GLY F 79 -45.81 32.36 -39.61
C GLY F 79 -46.20 32.61 -41.05
N THR F 80 -45.34 31.96 -41.90
CA THR F 80 -45.71 32.14 -43.30
C THR F 80 -46.23 30.83 -43.89
N SER F 81 -47.29 30.84 -44.57
CA SER F 81 -47.86 29.67 -45.23
C SER F 81 -47.05 29.25 -46.45
N GLU F 82 -45.99 30.01 -46.81
CA GLU F 82 -45.27 29.72 -48.04
C GLU F 82 -43.95 29.00 -47.78
N SER F 83 -43.79 27.78 -48.37
CA SER F 83 -42.54 27.04 -48.33
C SER F 83 -41.56 27.52 -49.40
N SER F 84 -40.36 27.90 -48.91
CA SER F 84 -39.35 28.30 -49.88
C SER F 84 -38.26 27.25 -50.01
N LYS F 85 -37.73 27.10 -51.21
CA LYS F 85 -36.65 26.17 -51.48
C LYS F 85 -35.32 26.72 -50.97
N LYS F 86 -34.68 25.94 -50.16
CA LYS F 86 -33.35 26.30 -49.67
C LYS F 86 -32.29 25.35 -50.22
N GLN F 87 -31.21 25.95 -50.49
CA GLN F 87 -30.07 25.16 -50.96
C GLN F 87 -28.85 25.39 -50.07
N LYS F 88 -28.31 24.30 -49.59
CA LYS F 88 -27.11 24.40 -48.75
C LYS F 88 -26.06 23.37 -49.17
N LEU F 89 -24.89 23.80 -49.18
CA LEU F 89 -23.78 22.90 -49.48
C LEU F 89 -23.29 22.21 -48.21
N PHE F 90 -23.19 20.95 -48.32
CA PHE F 90 -22.54 20.27 -47.22
C PHE F 90 -21.37 19.42 -47.71
N LEU F 91 -20.41 19.21 -46.84
CA LEU F 91 -19.28 18.33 -47.07
C LEU F 91 -19.26 17.18 -46.06
N MET F 92 -19.28 15.96 -46.64
CA MET F 92 -19.37 14.78 -45.79
C MET F 92 -18.06 14.02 -45.75
N SER F 93 -17.63 13.70 -44.58
CA SER F 93 -16.58 12.70 -44.38
C SER F 93 -17.17 11.32 -44.15
N TRP F 94 -17.04 10.44 -45.15
CA TRP F 94 -17.53 9.06 -45.08
C TRP F 94 -16.42 8.10 -44.69
N CYS F 95 -16.48 7.67 -43.45
CA CYS F 95 -15.54 6.68 -42.92
C CYS F 95 -16.29 5.55 -42.23
N PRO F 96 -16.64 4.55 -43.02
CA PRO F 96 -17.44 3.47 -42.44
C PRO F 96 -16.72 2.75 -41.31
N ASP F 97 -17.46 2.24 -40.36
CA ASP F 97 -16.91 1.52 -39.22
C ASP F 97 -16.18 0.26 -39.67
N THR F 98 -16.51 -0.17 -40.85
CA THR F 98 -15.94 -1.41 -41.37
C THR F 98 -14.56 -1.15 -41.99
N ALA F 99 -14.23 0.17 -42.14
CA ALA F 99 -12.95 0.50 -42.74
C ALA F 99 -11.79 0.12 -41.82
N LYS F 100 -10.63 -0.16 -42.50
CA LYS F 100 -9.43 -0.45 -41.73
C LYS F 100 -8.89 0.81 -41.05
N VAL F 101 -8.16 0.62 -40.01
CA VAL F 101 -7.71 1.71 -39.15
C VAL F 101 -6.83 2.66 -39.95
N LYS F 102 -6.01 2.11 -40.80
CA LYS F 102 -5.11 2.94 -41.58
C LYS F 102 -5.90 3.92 -42.47
N LYS F 103 -6.92 3.40 -43.12
CA LYS F 103 -7.75 4.24 -43.99
C LYS F 103 -8.51 5.28 -43.16
N LYS F 104 -9.00 4.85 -42.07
CA LYS F 104 -9.72 5.77 -41.18
C LYS F 104 -8.81 6.91 -40.73
N MET F 105 -7.65 6.57 -40.36
CA MET F 105 -6.69 7.59 -39.90
C MET F 105 -6.32 8.53 -41.04
N LEU F 106 -6.11 7.98 -42.18
CA LEU F 106 -5.74 8.78 -43.34
C LEU F 106 -6.82 9.80 -43.68
N TYR F 107 -8.02 9.38 -43.75
CA TYR F 107 -9.11 10.25 -44.19
C TYR F 107 -9.48 11.24 -43.10
N SER F 108 -9.52 10.80 -41.87
CA SER F 108 -9.87 11.72 -40.79
C SER F 108 -8.81 12.80 -40.62
N SER F 109 -7.55 12.44 -40.85
CA SER F 109 -6.46 13.39 -40.64
C SER F 109 -6.26 14.27 -41.87
N SER F 110 -6.97 14.04 -42.92
CA SER F 110 -6.83 14.80 -44.16
C SER F 110 -8.05 15.69 -44.40
N PHE F 111 -9.03 15.52 -43.65
CA PHE F 111 -10.32 16.18 -43.86
C PHE F 111 -10.18 17.69 -43.75
N ASP F 112 -9.38 18.12 -42.80
CA ASP F 112 -9.24 19.56 -42.57
C ASP F 112 -8.63 20.25 -43.78
N ALA F 113 -7.74 19.59 -44.44
CA ALA F 113 -7.16 20.15 -45.65
C ALA F 113 -8.23 20.43 -46.70
N LEU F 114 -9.10 19.50 -46.80
CA LEU F 114 -10.17 19.66 -47.77
C LEU F 114 -11.13 20.77 -47.34
N LYS F 115 -11.45 20.87 -46.14
CA LYS F 115 -12.34 21.90 -45.61
C LYS F 115 -11.78 23.30 -45.90
N LYS F 116 -10.52 23.44 -45.67
CA LYS F 116 -9.86 24.74 -45.83
C LYS F 116 -9.79 25.15 -47.30
N SER F 117 -9.80 24.13 -48.14
CA SER F 117 -9.69 24.40 -49.57
C SER F 117 -11.04 24.74 -50.18
N LEU F 118 -12.07 24.26 -49.58
CA LEU F 118 -13.42 24.50 -50.08
C LEU F 118 -14.16 25.51 -49.21
N VAL F 119 -13.99 26.82 -49.49
CA VAL F 119 -14.52 27.88 -48.65
C VAL F 119 -15.99 28.12 -49.01
N GLY F 120 -16.79 28.18 -47.98
CA GLY F 120 -18.19 28.52 -48.22
C GLY F 120 -19.13 27.35 -47.98
N VAL F 121 -18.58 26.20 -47.56
CA VAL F 121 -19.43 25.07 -47.23
C VAL F 121 -20.19 25.35 -45.94
N GLN F 122 -21.47 25.03 -45.91
CA GLN F 122 -22.33 25.43 -44.82
C GLN F 122 -22.28 24.44 -43.67
N LYS F 123 -22.13 23.23 -44.08
CA LYS F 123 -22.15 22.22 -43.02
C LYS F 123 -21.17 21.09 -43.31
N TYR F 124 -20.44 20.74 -42.31
CA TYR F 124 -19.58 19.56 -42.37
C TYR F 124 -20.23 18.38 -41.65
N ILE F 125 -20.33 17.23 -42.37
CA ILE F 125 -21.03 16.08 -41.82
C ILE F 125 -20.07 14.90 -41.71
N GLN F 126 -20.01 14.34 -40.55
CA GLN F 126 -19.28 13.11 -40.27
C GLN F 126 -20.22 11.90 -40.28
N ALA F 127 -19.90 10.89 -41.14
CA ALA F 127 -20.77 9.72 -41.24
C ALA F 127 -19.96 8.43 -41.27
N THR F 128 -20.43 7.45 -40.47
CA THR F 128 -19.73 6.16 -40.40
C THR F 128 -20.65 5.02 -40.82
N ASP F 129 -21.89 5.33 -40.95
CA ASP F 129 -22.88 4.39 -41.46
C ASP F 129 -24.06 5.13 -42.08
N LEU F 130 -25.03 4.49 -42.57
CA LEU F 130 -26.11 5.09 -43.34
C LEU F 130 -27.05 5.88 -42.44
N SER F 131 -27.13 5.50 -41.20
CA SER F 131 -27.98 6.23 -40.28
C SER F 131 -27.50 7.66 -40.09
N GLU F 132 -26.33 7.88 -40.33
CA GLU F 132 -25.74 9.22 -40.18
C GLU F 132 -25.70 9.95 -41.52
N ALA F 133 -25.84 9.19 -42.63
CA ALA F 133 -25.69 9.78 -43.96
C ALA F 133 -27.03 9.89 -44.66
N SER F 134 -28.04 9.34 -44.08
CA SER F 134 -29.35 9.33 -44.71
C SER F 134 -29.85 10.75 -44.99
N ARG F 135 -30.77 10.83 -45.91
CA ARG F 135 -31.35 12.12 -46.27
C ARG F 135 -31.94 12.81 -45.04
N GLU F 136 -32.61 12.04 -44.25
CA GLU F 136 -33.28 12.58 -43.06
C GLU F 136 -32.25 13.12 -42.07
N ALA F 137 -31.24 12.38 -41.89
CA ALA F 137 -30.21 12.77 -40.93
C ALA F 137 -29.49 14.04 -41.39
N VAL F 138 -29.22 14.11 -42.65
CA VAL F 138 -28.49 15.25 -43.21
C VAL F 138 -29.38 16.49 -43.21
N GLU F 139 -30.60 16.30 -43.61
CA GLU F 139 -31.52 17.43 -43.63
C GLU F 139 -31.70 18.01 -42.23
N GLU F 140 -31.80 17.15 -41.28
CA GLU F 140 -31.92 17.61 -39.89
C GLU F 140 -30.74 18.49 -39.49
N LYS F 141 -29.60 18.10 -39.86
CA LYS F 141 -28.39 18.86 -39.53
C LYS F 141 -28.36 20.20 -40.26
N LEU F 142 -28.81 20.18 -41.42
CA LEU F 142 -28.81 21.40 -42.22
C LEU F 142 -29.85 22.39 -41.69
N ARG F 143 -30.92 21.89 -41.25
CA ARG F 143 -32.00 22.74 -40.76
C ARG F 143 -31.62 23.37 -39.42
N ALA F 144 -30.80 22.72 -38.75
CA ALA F 144 -30.38 23.23 -37.45
C ALA F 144 -29.67 24.57 -37.59
N THR F 145 -29.35 24.93 -38.74
CA THR F 145 -28.64 26.18 -38.98
C THR F 145 -29.58 27.23 -39.56
N ASP F 146 -30.81 26.76 -39.79
CA ASP F 146 -31.77 27.67 -40.37
C ASP F 146 -32.15 28.79 -39.38
N ARG F 147 -31.81 30.03 -39.88
CA ARG F 147 -32.25 31.14 -39.05
C ARG F 147 -33.76 31.15 -38.88
N GLN F 148 -34.27 30.98 -37.69
CA GLN F 148 -35.70 31.12 -37.46
C GLN F 148 -36.19 32.49 -37.92
N ALA G 1 -25.11 -14.97 32.97
CA ALA G 1 -24.00 -14.22 32.40
C ALA G 1 -23.76 -14.59 30.95
N ALA G 2 -23.55 -13.63 30.15
CA ALA G 2 -23.21 -13.86 28.74
C ALA G 2 -21.81 -14.46 28.60
N LEU G 3 -21.63 -15.25 27.55
CA LEU G 3 -20.30 -15.74 27.20
C LEU G 3 -19.61 -14.80 26.22
N VAL G 4 -18.35 -14.54 26.46
CA VAL G 4 -17.55 -13.72 25.56
C VAL G 4 -16.43 -14.55 24.95
N VAL G 5 -16.39 -14.56 23.61
CA VAL G 5 -15.39 -15.37 22.91
C VAL G 5 -14.62 -14.50 21.92
N ASP G 6 -13.38 -14.29 22.18
CA ASP G 6 -12.51 -13.60 21.25
C ASP G 6 -11.80 -14.59 20.33
N ASN G 7 -12.15 -14.51 19.05
CA ASN G 7 -11.64 -15.42 18.04
C ASN G 7 -10.32 -14.92 17.45
N GLY G 8 -9.26 -15.45 18.01
CA GLY G 8 -7.96 -15.06 17.46
C GLY G 8 -7.39 -16.09 16.52
N SER G 9 -6.52 -15.68 15.69
CA SER G 9 -5.90 -16.58 14.72
C SER G 9 -5.13 -17.70 15.42
N GLY G 10 -4.49 -17.30 16.52
CA GLY G 10 -3.66 -18.28 17.19
C GLY G 10 -4.18 -18.67 18.56
N MET G 11 -4.94 -17.80 19.13
CA MET G 11 -5.42 -18.04 20.48
C MET G 11 -6.90 -17.72 20.59
N CYS G 12 -7.54 -18.62 21.28
CA CYS G 12 -8.92 -18.34 21.66
C CYS G 12 -9.01 -17.89 23.11
N LYS G 13 -9.67 -16.78 23.35
CA LYS G 13 -9.96 -16.29 24.70
C LYS G 13 -11.47 -16.32 24.98
N ALA G 14 -11.76 -16.94 26.14
CA ALA G 14 -13.18 -17.09 26.43
C ALA G 14 -13.45 -16.97 27.92
N GLY G 15 -14.59 -16.47 28.23
CA GLY G 15 -15.01 -16.33 29.61
C GLY G 15 -16.41 -15.78 29.77
N PHE G 16 -16.69 -15.30 31.00
CA PHE G 16 -18.02 -14.78 31.32
C PHE G 16 -18.00 -13.26 31.39
N ALA G 17 -19.05 -12.68 30.83
CA ALA G 17 -19.18 -11.22 30.90
C ALA G 17 -19.11 -10.73 32.35
N GLY G 18 -18.40 -9.67 32.53
CA GLY G 18 -18.23 -9.10 33.85
C GLY G 18 -16.92 -9.47 34.50
N ASP G 19 -16.32 -10.51 33.97
CA ASP G 19 -15.02 -10.89 34.51
C ASP G 19 -13.93 -9.93 34.04
N ASP G 20 -12.84 -9.89 34.81
CA ASP G 20 -11.77 -8.94 34.52
C ASP G 20 -10.77 -9.52 33.53
N ALA G 21 -10.85 -10.84 33.40
CA ALA G 21 -9.98 -11.53 32.45
C ALA G 21 -10.65 -12.80 31.94
N PRO G 22 -10.24 -13.23 30.75
CA PRO G 22 -10.80 -14.49 30.27
C PRO G 22 -10.52 -15.66 31.20
N ARG G 23 -11.38 -16.60 31.26
CA ARG G 23 -11.22 -17.81 32.06
C ARG G 23 -10.39 -18.85 31.32
N ALA G 24 -10.54 -18.80 30.04
CA ALA G 24 -9.81 -19.76 29.22
C ALA G 24 -9.06 -19.05 28.08
N VAL G 25 -7.84 -19.38 28.02
CA VAL G 25 -6.99 -18.98 26.91
C VAL G 25 -6.24 -20.20 26.37
N PHE G 26 -6.52 -20.55 25.10
CA PHE G 26 -5.90 -21.74 24.54
C PHE G 26 -5.64 -21.58 23.05
N PRO G 27 -4.73 -22.38 22.49
CA PRO G 27 -4.47 -22.30 21.06
C PRO G 27 -5.69 -22.64 20.22
N SER G 28 -5.85 -21.87 19.23
CA SER G 28 -6.95 -22.12 18.30
C SER G 28 -6.53 -23.12 17.22
N ILE G 29 -6.37 -24.38 17.64
CA ILE G 29 -5.88 -25.39 16.70
C ILE G 29 -6.68 -26.68 16.85
N VAL G 30 -6.82 -27.37 15.80
CA VAL G 30 -7.41 -28.70 15.75
C VAL G 30 -6.41 -29.70 15.18
N GLY G 31 -6.28 -30.76 15.96
CA GLY G 31 -5.34 -31.79 15.53
C GLY G 31 -6.01 -33.11 15.19
N ARG G 32 -5.51 -33.73 14.18
CA ARG G 32 -5.95 -35.06 13.77
C ARG G 32 -4.77 -36.01 13.62
N PRO G 33 -5.02 -37.27 14.00
CA PRO G 33 -3.94 -38.25 13.88
C PRO G 33 -3.41 -38.38 12.45
N ARG G 34 -2.15 -38.43 12.26
CA ARG G 34 -1.50 -38.53 10.96
C ARG G 34 -1.73 -39.91 10.34
N HIS G 35 -1.72 -40.96 11.15
CA HIS G 35 -1.93 -42.32 10.68
C HIS G 35 -3.19 -42.93 11.30
N LYS G 45 -9.67 -40.28 20.07
CA LYS G 45 -10.61 -39.33 19.47
C LYS G 45 -10.23 -39.04 18.01
N ASP G 46 -11.22 -38.75 17.25
CA ASP G 46 -11.00 -38.42 15.85
C ASP G 46 -10.29 -37.08 15.71
N SER G 47 -10.38 -36.26 16.72
CA SER G 47 -9.72 -34.95 16.66
C SER G 47 -9.48 -34.40 18.07
N TYR G 48 -8.45 -33.58 18.14
CA TYR G 48 -8.06 -32.92 19.38
C TYR G 48 -8.03 -31.40 19.21
N VAL G 49 -8.39 -30.74 20.30
CA VAL G 49 -8.52 -29.28 20.16
C VAL G 49 -7.68 -28.59 21.24
N GLY G 50 -7.14 -27.44 20.95
CA GLY G 50 -6.49 -26.54 21.91
C GLY G 50 -5.25 -27.15 22.53
N ASP G 51 -5.17 -27.13 23.86
CA ASP G 51 -3.99 -27.60 24.59
C ASP G 51 -3.78 -29.10 24.41
N GLU G 52 -4.90 -29.77 24.31
CA GLU G 52 -4.80 -31.21 24.09
C GLU G 52 -4.15 -31.52 22.74
N ALA G 53 -4.60 -30.83 21.75
CA ALA G 53 -3.99 -31.01 20.43
C ALA G 53 -2.51 -30.63 20.46
N GLN G 54 -2.24 -29.53 21.14
CA GLN G 54 -0.86 -29.05 21.23
C GLN G 54 0.03 -30.07 21.95
N SER G 55 -0.46 -30.75 22.98
CA SER G 55 0.30 -31.71 23.77
C SER G 55 0.57 -32.99 22.98
N LYS G 56 -0.22 -33.22 21.93
CA LYS G 56 -0.08 -34.42 21.12
C LYS G 56 0.40 -34.08 19.71
N ARG G 57 1.01 -33.00 19.61
CA ARG G 57 1.39 -32.46 18.31
C ARG G 57 2.32 -33.41 17.57
N GLY G 58 3.11 -34.28 18.30
CA GLY G 58 4.05 -35.21 17.69
C GLY G 58 3.38 -36.27 16.84
N ILE G 59 2.14 -36.48 17.10
CA ILE G 59 1.46 -37.55 16.39
C ILE G 59 0.26 -36.98 15.63
N LEU G 60 0.05 -35.70 15.70
CA LEU G 60 -1.12 -35.10 15.09
C LEU G 60 -0.71 -34.14 13.97
N THR G 61 -1.60 -34.07 12.97
CA THR G 61 -1.53 -32.93 12.06
C THR G 61 -2.36 -31.77 12.60
N LEU G 62 -1.65 -30.61 12.82
CA LEU G 62 -2.32 -29.47 13.44
C LEU G 62 -2.74 -28.45 12.37
N LYS G 63 -3.95 -27.97 12.50
CA LYS G 63 -4.45 -26.94 11.59
C LYS G 63 -5.08 -25.79 12.36
N TYR G 64 -4.91 -24.60 11.77
CA TYR G 64 -5.58 -23.41 12.30
C TYR G 64 -6.80 -23.05 11.46
N PRO G 65 -7.92 -23.04 12.14
CA PRO G 65 -9.10 -22.72 11.35
C PRO G 65 -9.20 -21.23 11.00
N ILE G 66 -8.48 -20.39 11.74
CA ILE G 66 -8.42 -18.96 11.46
C ILE G 66 -7.04 -18.59 10.92
N GLU G 67 -7.05 -18.08 9.76
CA GLU G 67 -5.80 -17.62 9.15
C GLU G 67 -5.79 -16.11 8.97
N HIS G 68 -4.90 -15.50 9.61
CA HIS G 68 -4.74 -14.05 9.58
C HIS G 68 -6.06 -13.34 9.86
N GLY G 69 -6.80 -13.88 10.80
CA GLY G 69 -8.00 -13.25 11.32
C GLY G 69 -9.27 -13.70 10.63
N ILE G 70 -9.13 -14.55 9.61
CA ILE G 70 -10.30 -14.95 8.81
C ILE G 70 -10.53 -16.45 8.96
N VAL G 71 -11.74 -16.80 9.27
CA VAL G 71 -12.06 -18.22 9.36
C VAL G 71 -12.01 -18.86 7.98
N THR G 72 -11.24 -19.87 7.85
CA THR G 72 -11.10 -20.53 6.56
C THR G 72 -11.58 -21.98 6.62
N ASN G 73 -11.74 -22.49 7.81
CA ASN G 73 -12.25 -23.84 8.02
C ASN G 73 -13.36 -23.86 9.06
N TRP G 74 -14.58 -24.01 8.60
CA TRP G 74 -15.74 -23.86 9.47
C TRP G 74 -15.97 -25.12 10.30
N ASP G 75 -15.65 -26.25 9.73
CA ASP G 75 -15.77 -27.49 10.50
C ASP G 75 -14.88 -27.47 11.73
N ASP G 76 -13.70 -27.05 11.51
CA ASP G 76 -12.75 -26.97 12.62
C ASP G 76 -13.13 -25.84 13.58
N MET G 77 -13.65 -24.76 13.03
CA MET G 77 -14.06 -23.66 13.90
C MET G 77 -15.19 -24.10 14.83
N GLU G 78 -16.11 -24.86 14.32
CA GLU G 78 -17.18 -25.40 15.17
C GLU G 78 -16.61 -26.26 16.29
N LYS G 79 -15.56 -27.01 15.98
CA LYS G 79 -14.91 -27.81 17.01
C LYS G 79 -14.27 -26.94 18.08
N ILE G 80 -13.69 -25.85 17.64
CA ILE G 80 -13.09 -24.91 18.58
C ILE G 80 -14.15 -24.34 19.50
N TRP G 81 -15.26 -23.97 18.94
CA TRP G 81 -16.33 -23.42 19.75
C TRP G 81 -16.93 -24.48 20.68
N HIS G 82 -17.09 -25.70 20.08
CA HIS G 82 -17.55 -26.78 20.92
C HIS G 82 -16.62 -26.98 22.12
N HIS G 83 -15.37 -27.01 21.82
CA HIS G 83 -14.37 -27.16 22.87
C HIS G 83 -14.44 -26.00 23.85
N THR G 84 -14.65 -24.78 23.40
CA THR G 84 -14.75 -23.58 24.24
C THR G 84 -15.91 -23.72 25.22
N PHE G 85 -17.08 -24.08 24.74
CA PHE G 85 -18.29 -24.09 25.54
C PHE G 85 -18.30 -25.27 26.49
N TYR G 86 -17.92 -26.43 26.04
CA TYR G 86 -18.18 -27.65 26.80
C TYR G 86 -16.95 -28.10 27.58
N ASN G 87 -15.83 -27.85 27.00
CA ASN G 87 -14.62 -28.35 27.65
C ASN G 87 -13.96 -27.29 28.51
N GLU G 88 -13.87 -26.05 28.02
CA GLU G 88 -13.15 -25.02 28.74
C GLU G 88 -14.06 -24.30 29.74
N LEU G 89 -15.23 -23.87 29.27
CA LEU G 89 -16.10 -23.08 30.13
C LEU G 89 -17.08 -23.97 30.88
N ARG G 90 -17.30 -25.17 30.32
CA ARG G 90 -18.21 -26.16 30.90
C ARG G 90 -19.61 -25.58 31.10
N VAL G 91 -20.18 -25.06 30.02
CA VAL G 91 -21.52 -24.48 30.05
C VAL G 91 -22.30 -24.93 28.82
N ALA G 92 -23.57 -24.87 28.98
CA ALA G 92 -24.44 -25.09 27.82
C ALA G 92 -24.70 -23.77 27.08
N PRO G 93 -24.24 -23.66 25.89
CA PRO G 93 -24.39 -22.41 25.16
C PRO G 93 -25.86 -22.03 24.95
N GLU G 94 -26.79 -22.98 24.97
CA GLU G 94 -28.20 -22.70 24.76
C GLU G 94 -28.80 -21.93 25.92
N GLU G 95 -28.01 -21.75 26.94
CA GLU G 95 -28.50 -21.06 28.12
C GLU G 95 -27.88 -19.67 28.25
N HIS G 96 -26.99 -19.34 27.34
CA HIS G 96 -26.24 -18.10 27.51
C HIS G 96 -26.23 -17.29 26.22
N PRO G 97 -26.53 -15.94 26.35
CA PRO G 97 -26.15 -15.15 25.19
C PRO G 97 -24.64 -15.19 24.92
N VAL G 98 -24.23 -14.99 23.62
CA VAL G 98 -22.81 -15.13 23.28
C VAL G 98 -22.35 -13.90 22.49
N LEU G 99 -21.33 -13.25 22.99
CA LEU G 99 -20.65 -12.20 22.22
C LEU G 99 -19.38 -12.75 21.57
N LEU G 100 -19.30 -12.65 20.30
CA LEU G 100 -18.14 -13.08 19.54
C LEU G 100 -17.41 -11.87 18.94
N THR G 101 -16.11 -11.95 18.92
CA THR G 101 -15.36 -10.89 18.25
C THR G 101 -14.91 -11.35 16.86
N GLU G 102 -14.72 -10.36 16.04
CA GLU G 102 -14.20 -10.63 14.70
C GLU G 102 -13.09 -9.65 14.34
N ALA G 103 -12.21 -10.12 13.42
CA ALA G 103 -11.16 -9.24 12.91
C ALA G 103 -11.73 -8.18 11.97
N PRO G 104 -10.95 -7.09 11.81
CA PRO G 104 -11.38 -6.15 10.77
C PRO G 104 -11.36 -6.76 9.38
N LEU G 105 -12.26 -6.36 8.50
CA LEU G 105 -12.36 -6.77 7.11
C LEU G 105 -12.89 -8.19 7.00
N ASN G 106 -13.43 -8.71 8.04
CA ASN G 106 -14.13 -9.99 7.96
C ASN G 106 -15.22 -9.97 6.89
N PRO G 107 -15.20 -10.95 5.98
CA PRO G 107 -16.24 -10.97 4.95
C PRO G 107 -17.64 -11.11 5.52
N LYS G 108 -18.57 -10.50 4.83
CA LYS G 108 -19.96 -10.54 5.27
C LYS G 108 -20.47 -11.98 5.37
N ALA G 109 -20.03 -12.75 4.40
CA ALA G 109 -20.46 -14.15 4.37
C ALA G 109 -19.99 -14.89 5.61
N ASN G 110 -18.79 -14.60 6.04
CA ASN G 110 -18.27 -15.24 7.24
C ASN G 110 -19.04 -14.83 8.48
N ARG G 111 -19.41 -13.58 8.52
CA ARG G 111 -20.20 -13.09 9.64
C ARG G 111 -21.56 -13.79 9.71
N GLU G 112 -22.11 -13.94 8.56
CA GLU G 112 -23.40 -14.61 8.49
C GLU G 112 -23.28 -16.08 8.88
N LYS G 113 -22.20 -16.71 8.38
CA LYS G 113 -21.98 -18.11 8.71
C LYS G 113 -21.78 -18.29 10.22
N MET G 114 -21.06 -17.44 10.80
CA MET G 114 -20.86 -17.44 12.25
C MET G 114 -22.19 -17.33 12.99
N THR G 115 -23.02 -16.43 12.54
CA THR G 115 -24.33 -16.21 13.13
C THR G 115 -25.21 -17.46 12.99
N GLN G 116 -25.13 -18.04 11.85
CA GLN G 116 -25.90 -19.26 11.58
C GLN G 116 -25.48 -20.39 12.52
N ILE G 117 -24.25 -20.60 12.69
CA ILE G 117 -23.72 -21.69 13.49
C ILE G 117 -24.11 -21.49 14.96
N MET G 118 -24.10 -20.25 15.47
CA MET G 118 -24.42 -19.98 16.87
C MET G 118 -25.89 -20.30 17.14
N PHE G 119 -26.75 -19.90 16.21
CA PHE G 119 -28.17 -20.08 16.47
C PHE G 119 -28.62 -21.48 16.10
N GLU G 120 -28.07 -22.06 15.06
CA GLU G 120 -28.61 -23.32 14.55
C GLU G 120 -27.85 -24.52 15.12
N THR G 121 -26.56 -24.41 15.30
CA THR G 121 -25.77 -25.52 15.81
C THR G 121 -25.69 -25.48 17.33
N PHE G 122 -25.49 -24.32 17.93
CA PHE G 122 -25.27 -24.24 19.36
C PHE G 122 -26.53 -23.75 20.07
N ASN G 123 -27.51 -23.33 19.36
CA ASN G 123 -28.83 -22.95 19.86
C ASN G 123 -28.74 -21.88 20.93
N THR G 124 -27.79 -20.94 20.76
CA THR G 124 -27.72 -19.85 21.73
C THR G 124 -28.98 -18.99 21.67
N PRO G 125 -29.44 -18.47 22.84
CA PRO G 125 -30.67 -17.67 22.85
C PRO G 125 -30.47 -16.29 22.22
N ALA G 126 -29.26 -15.79 22.23
CA ALA G 126 -28.92 -14.47 21.69
C ALA G 126 -27.42 -14.39 21.37
N MET G 127 -27.09 -13.50 20.43
CA MET G 127 -25.68 -13.33 20.12
C MET G 127 -25.40 -11.92 19.62
N TYR G 128 -24.17 -11.51 19.69
CA TYR G 128 -23.65 -10.24 19.19
C TYR G 128 -22.23 -10.40 18.63
N VAL G 129 -21.97 -9.69 17.58
CA VAL G 129 -20.61 -9.70 17.02
C VAL G 129 -20.00 -8.31 17.13
N ALA G 130 -18.79 -8.24 17.57
CA ALA G 130 -18.09 -6.96 17.70
C ALA G 130 -16.70 -7.04 17.05
N ILE G 131 -16.30 -5.91 16.48
CA ILE G 131 -15.00 -5.84 15.84
C ILE G 131 -13.92 -5.67 16.91
N GLN G 132 -12.89 -6.42 16.84
CA GLN G 132 -11.83 -6.50 17.85
C GLN G 132 -11.20 -5.13 18.08
N ALA G 133 -10.89 -4.44 17.05
CA ALA G 133 -10.17 -3.16 17.17
C ALA G 133 -11.08 -2.08 17.79
N VAL G 134 -12.36 -2.12 17.46
CA VAL G 134 -13.29 -1.14 17.99
C VAL G 134 -13.46 -1.34 19.50
N LEU G 135 -13.53 -2.61 19.91
CA LEU G 135 -13.63 -2.90 21.34
C LEU G 135 -12.41 -2.37 22.09
N SER G 136 -11.27 -2.57 21.49
CA SER G 136 -10.03 -2.13 22.14
C SER G 136 -9.99 -0.61 22.25
N LEU G 137 -10.43 0.05 21.24
CA LEU G 137 -10.42 1.51 21.25
C LEU G 137 -11.36 2.05 22.32
N TYR G 138 -12.55 1.48 22.34
CA TYR G 138 -13.53 1.93 23.32
C TYR G 138 -13.04 1.66 24.74
N ALA G 139 -12.37 0.55 24.92
CA ALA G 139 -11.88 0.18 26.24
C ALA G 139 -10.84 1.19 26.73
N SER G 140 -10.37 1.98 25.84
CA SER G 140 -9.40 3.00 26.21
C SER G 140 -10.06 4.35 26.41
N GLY G 141 -11.38 4.41 26.25
CA GLY G 141 -12.15 5.63 26.48
C GLY G 141 -12.21 6.52 25.26
N ARG G 142 -11.93 5.96 24.13
CA ARG G 142 -11.89 6.73 22.89
C ARG G 142 -12.88 6.17 21.88
N THR G 143 -13.35 7.08 21.02
CA THR G 143 -14.20 6.64 19.91
C THR G 143 -13.53 6.93 18.57
N THR G 144 -12.55 7.77 18.63
CA THR G 144 -11.76 8.10 17.46
C THR G 144 -10.28 7.88 17.71
N GLY G 145 -9.63 7.12 16.86
CA GLY G 145 -8.22 6.78 16.91
C GLY G 145 -7.84 5.69 15.95
N ILE G 146 -6.62 5.32 16.02
CA ILE G 146 -6.17 4.17 15.23
C ILE G 146 -5.60 3.10 16.16
N VAL G 147 -6.00 1.85 15.89
CA VAL G 147 -5.56 0.73 16.71
C VAL G 147 -4.53 -0.11 15.95
N LEU G 148 -3.39 -0.26 16.54
CA LEU G 148 -2.46 -1.30 16.10
C LEU G 148 -2.69 -2.59 16.88
N ASP G 149 -3.41 -3.46 16.23
CA ASP G 149 -3.74 -4.75 16.84
C ASP G 149 -2.83 -5.85 16.34
N SER G 150 -2.02 -6.34 17.29
CA SER G 150 -1.10 -7.42 16.93
C SER G 150 -1.25 -8.60 17.87
N GLY G 151 -1.76 -9.69 17.27
CA GLY G 151 -1.95 -10.90 18.04
C GLY G 151 -0.90 -11.96 17.74
N ASP G 152 -1.32 -13.16 17.64
CA ASP G 152 -0.43 -14.28 17.39
C ASP G 152 -0.20 -14.50 15.90
N GLY G 153 -1.23 -14.13 15.16
CA GLY G 153 -1.16 -14.57 13.78
C GLY G 153 -1.13 -13.42 12.79
N VAL G 154 -1.52 -12.27 13.25
CA VAL G 154 -1.64 -11.18 12.28
C VAL G 154 -1.57 -9.84 13.01
N SER G 155 -1.11 -8.81 12.36
CA SER G 155 -1.16 -7.44 12.83
C SER G 155 -2.01 -6.57 11.92
N HIS G 156 -2.89 -5.73 12.54
CA HIS G 156 -3.74 -4.80 11.80
C HIS G 156 -3.55 -3.37 12.31
N THR G 157 -3.54 -2.47 11.38
CA THR G 157 -3.81 -1.07 11.72
C THR G 157 -5.22 -0.68 11.32
N VAL G 158 -5.98 -0.21 12.32
CA VAL G 158 -7.39 0.00 12.09
C VAL G 158 -7.79 1.42 12.50
N PRO G 159 -7.87 2.33 11.50
CA PRO G 159 -8.39 3.65 11.86
C PRO G 159 -9.89 3.64 12.14
N ILE G 160 -10.28 4.30 13.18
CA ILE G 160 -11.67 4.38 13.61
C ILE G 160 -12.06 5.84 13.84
N TYR G 161 -13.15 6.22 13.21
CA TYR G 161 -13.66 7.58 13.37
C TYR G 161 -15.08 7.57 13.92
N GLU G 162 -15.21 8.09 15.15
CA GLU G 162 -16.48 8.18 15.85
C GLU G 162 -17.17 6.82 15.92
N GLY G 163 -16.34 5.83 16.12
CA GLY G 163 -16.85 4.51 16.40
C GLY G 163 -16.98 3.64 15.16
N TYR G 164 -16.62 4.24 14.00
CA TYR G 164 -16.72 3.48 12.75
C TYR G 164 -15.33 3.20 12.17
N ALA G 165 -15.09 1.91 12.00
CA ALA G 165 -13.84 1.57 11.31
C ALA G 165 -13.86 2.05 9.87
N LEU G 166 -12.70 2.48 9.36
CA LEU G 166 -12.57 2.93 7.98
C LEU G 166 -11.90 1.85 7.13
N PRO G 167 -12.77 1.04 6.49
CA PRO G 167 -12.27 -0.16 5.82
C PRO G 167 -11.21 0.16 4.77
N HIS G 168 -11.30 1.26 4.06
CA HIS G 168 -10.37 1.57 2.98
C HIS G 168 -8.98 1.87 3.52
N ALA G 169 -8.92 2.12 4.76
CA ALA G 169 -7.65 2.55 5.34
C ALA G 169 -7.10 1.49 6.29
N ILE G 170 -7.76 0.38 6.40
CA ILE G 170 -7.26 -0.71 7.21
C ILE G 170 -6.14 -1.44 6.48
N LEU G 171 -5.01 -1.63 7.19
CA LEU G 171 -3.90 -2.35 6.60
C LEU G 171 -3.54 -3.58 7.42
N ARG G 172 -3.11 -4.59 6.70
CA ARG G 172 -2.79 -5.86 7.33
C ARG G 172 -1.33 -6.24 7.10
N LEU G 173 -0.70 -6.67 8.16
CA LEU G 173 0.64 -7.27 8.11
C LEU G 173 0.61 -8.70 8.61
N ASP G 174 0.82 -9.67 7.71
CA ASP G 174 0.79 -11.08 8.08
C ASP G 174 2.05 -11.47 8.86
N LEU G 175 2.37 -10.77 9.81
CA LEU G 175 3.48 -10.92 10.75
C LEU G 175 3.04 -10.59 12.17
N ALA G 176 3.21 -11.57 13.04
CA ALA G 176 2.83 -11.35 14.44
C ALA G 176 3.58 -12.31 15.37
N GLY G 177 3.03 -12.67 16.42
CA GLY G 177 3.72 -13.38 17.50
C GLY G 177 4.27 -14.72 17.06
N ARG G 178 3.52 -15.43 16.35
CA ARG G 178 3.95 -16.76 15.93
C ARG G 178 5.18 -16.68 15.04
N ASP G 179 5.17 -15.75 14.15
CA ASP G 179 6.33 -15.54 13.28
C ASP G 179 7.56 -15.15 14.09
N LEU G 180 7.36 -14.41 15.08
CA LEU G 180 8.48 -13.97 15.92
C LEU G 180 9.06 -15.14 16.71
N THR G 181 8.17 -15.97 17.17
CA THR G 181 8.65 -17.17 17.85
C THR G 181 9.51 -18.01 16.92
N ASP G 182 9.07 -18.19 15.71
CA ASP G 182 9.84 -18.94 14.73
C ASP G 182 11.18 -18.26 14.45
N TYR G 183 11.10 -17.00 14.35
CA TYR G 183 12.33 -16.23 14.09
C TYR G 183 13.31 -16.37 15.25
N LEU G 184 12.80 -16.30 16.44
CA LEU G 184 13.67 -16.45 17.59
C LEU G 184 14.31 -17.83 17.62
N MET G 185 13.54 -18.81 17.30
CA MET G 185 14.10 -20.15 17.20
C MET G 185 15.28 -20.19 16.25
N LYS G 186 15.11 -19.58 15.14
CA LYS G 186 16.15 -19.55 14.11
C LYS G 186 17.42 -18.87 14.62
N ILE G 187 17.29 -17.74 15.26
CA ILE G 187 18.48 -16.98 15.64
C ILE G 187 19.09 -17.58 16.89
N LEU G 188 18.35 -18.26 17.69
CA LEU G 188 18.92 -19.02 18.81
C LEU G 188 19.74 -20.19 18.29
N THR G 189 19.23 -20.79 17.23
CA THR G 189 19.99 -21.86 16.60
C THR G 189 21.35 -21.35 16.13
N GLU G 190 21.39 -20.17 15.62
CA GLU G 190 22.64 -19.56 15.17
C GLU G 190 23.61 -19.37 16.34
N ARG G 191 23.05 -19.24 17.52
CA ARG G 191 23.87 -19.07 18.73
C ARG G 191 24.31 -20.42 19.28
N GLY G 192 23.69 -21.46 18.80
CA GLY G 192 24.12 -22.80 19.19
C GLY G 192 23.08 -23.55 19.98
N TYR G 193 21.95 -22.92 20.14
CA TYR G 193 20.84 -23.60 20.80
C TYR G 193 19.86 -24.18 19.78
N SER G 194 19.63 -25.39 19.95
CA SER G 194 18.76 -26.03 18.96
C SER G 194 17.42 -26.41 19.56
N PHE G 195 16.39 -25.79 19.03
CA PHE G 195 15.01 -26.10 19.37
C PHE G 195 14.26 -26.60 18.14
N THR G 196 14.02 -27.84 18.09
CA THR G 196 13.53 -28.38 16.83
C THR G 196 12.12 -28.95 16.98
N THR G 197 11.75 -29.19 18.21
CA THR G 197 10.45 -29.82 18.39
C THR G 197 9.39 -28.76 18.73
N THR G 198 8.18 -29.16 18.57
CA THR G 198 7.06 -28.27 18.88
C THR G 198 7.06 -27.89 20.36
N ALA G 199 7.32 -28.89 21.18
CA ALA G 199 7.43 -28.60 22.61
C ALA G 199 8.50 -27.57 22.89
N GLU G 200 9.50 -27.68 22.17
CA GLU G 200 10.60 -26.74 22.33
C GLU G 200 10.22 -25.36 21.81
N ARG G 201 9.40 -25.39 20.86
CA ARG G 201 8.92 -24.11 20.33
C ARG G 201 8.19 -23.31 21.42
N GLU G 202 7.43 -24.02 22.28
CA GLU G 202 6.73 -23.36 23.38
C GLU G 202 7.70 -22.79 24.41
N ILE G 203 8.74 -23.47 24.51
CA ILE G 203 9.78 -22.95 25.38
C ILE G 203 10.31 -21.63 24.82
N VAL G 204 10.50 -21.62 23.52
CA VAL G 204 11.01 -20.42 22.87
C VAL G 204 9.99 -19.30 22.98
N ARG G 205 8.76 -19.64 22.84
CA ARG G 205 7.71 -18.64 23.02
C ARG G 205 7.78 -18.02 24.41
N ASP G 206 7.99 -18.92 25.37
CA ASP G 206 8.12 -18.44 26.74
C ASP G 206 9.33 -17.53 26.90
N ILE G 207 10.43 -17.88 26.30
CA ILE G 207 11.64 -17.05 26.32
C ILE G 207 11.33 -15.69 25.70
N LYS G 208 10.71 -15.71 24.57
CA LYS G 208 10.36 -14.50 23.86
C LYS G 208 9.51 -13.57 24.73
N GLU G 209 8.51 -14.07 25.36
CA GLU G 209 7.56 -13.27 26.11
C GLU G 209 8.16 -12.76 27.42
N LYS G 210 9.19 -13.45 27.91
CA LYS G 210 9.76 -13.08 29.20
C LYS G 210 10.98 -12.20 29.04
N LEU G 211 11.66 -12.40 27.93
CA LEU G 211 13.00 -11.81 27.94
C LEU G 211 13.15 -10.79 26.82
N CYS G 212 12.35 -10.87 25.82
CA CYS G 212 12.54 -9.99 24.66
C CYS G 212 11.98 -8.61 24.93
N TYR G 213 12.56 -7.64 24.22
CA TYR G 213 12.14 -6.26 24.32
C TYR G 213 12.43 -5.50 23.03
N VAL G 214 11.85 -4.32 22.88
CA VAL G 214 12.07 -3.48 21.71
C VAL G 214 13.07 -2.38 22.05
N ALA G 215 14.11 -2.32 21.27
CA ALA G 215 15.12 -1.26 21.46
C ALA G 215 14.62 0.07 20.90
N LEU G 216 14.96 1.11 21.66
CA LEU G 216 14.63 2.44 21.15
C LEU G 216 15.43 2.74 19.88
N ASP G 217 16.72 2.56 19.96
CA ASP G 217 17.65 2.63 18.84
C ASP G 217 18.33 1.29 18.59
N PHE G 218 17.94 0.66 17.51
CA PHE G 218 18.36 -0.71 17.24
C PHE G 218 19.86 -0.77 16.99
N GLU G 219 20.41 0.14 16.26
CA GLU G 219 21.82 0.14 15.92
C GLU G 219 22.69 0.38 17.16
N GLN G 220 22.25 1.30 17.94
CA GLN G 220 22.97 1.57 19.18
C GLN G 220 22.94 0.36 20.11
N GLU G 221 21.83 -0.27 20.15
CA GLU G 221 21.68 -1.42 21.02
C GLU G 221 22.55 -2.59 20.56
N MET G 222 22.65 -2.72 19.23
CA MET G 222 23.54 -3.72 18.65
C MET G 222 25.00 -3.45 19.04
N ALA G 223 25.36 -2.20 19.05
CA ALA G 223 26.71 -1.82 19.42
C ALA G 223 26.98 -2.10 20.90
N THR G 224 26.00 -1.83 21.69
CA THR G 224 26.13 -2.10 23.11
C THR G 224 26.28 -3.59 23.37
N ALA G 225 25.48 -4.35 22.67
CA ALA G 225 25.51 -5.80 22.85
C ALA G 225 26.86 -6.37 22.43
N ALA G 226 27.53 -5.71 21.48
CA ALA G 226 28.81 -6.18 20.96
C ALA G 226 29.94 -5.82 21.92
N SER G 227 29.70 -4.82 22.71
CA SER G 227 30.80 -4.30 23.52
C SER G 227 30.65 -4.71 24.98
N SER G 228 29.45 -5.16 25.35
CA SER G 228 29.23 -5.50 26.75
C SER G 228 28.24 -6.65 26.89
N SER G 229 28.29 -7.29 28.05
CA SER G 229 27.34 -8.37 28.32
C SER G 229 26.18 -7.88 29.16
N SER G 230 26.04 -6.61 29.23
CA SER G 230 25.04 -6.01 30.11
C SER G 230 23.62 -6.33 29.65
N LEU G 231 23.49 -6.68 28.43
CA LEU G 231 22.16 -6.90 27.87
C LEU G 231 21.80 -8.39 27.90
N GLU G 232 22.72 -9.17 28.34
CA GLU G 232 22.49 -10.62 28.36
C GLU G 232 21.59 -11.02 29.53
N LYS G 233 20.70 -11.96 29.26
CA LYS G 233 19.85 -12.56 30.29
C LYS G 233 19.88 -14.08 30.22
N SER G 234 19.69 -14.66 31.36
CA SER G 234 19.68 -16.12 31.42
C SER G 234 18.26 -16.66 31.55
N TYR G 235 18.07 -17.88 30.99
CA TYR G 235 16.81 -18.58 31.06
C TYR G 235 17.03 -20.05 31.41
N GLU G 236 16.39 -20.52 32.42
CA GLU G 236 16.51 -21.92 32.82
C GLU G 236 15.51 -22.79 32.06
N LEU G 237 16.02 -23.71 31.36
CA LEU G 237 15.17 -24.64 30.62
C LEU G 237 14.50 -25.63 31.56
N PRO G 238 13.51 -26.28 31.09
CA PRO G 238 12.82 -27.25 31.94
C PRO G 238 13.73 -28.37 32.42
N ASP G 239 14.74 -28.73 31.67
CA ASP G 239 15.65 -29.80 32.05
C ASP G 239 16.74 -29.29 33.00
N GLY G 240 16.73 -28.01 33.33
CA GLY G 240 17.66 -27.44 34.30
C GLY G 240 18.82 -26.71 33.64
N GLN G 241 19.00 -26.93 32.41
CA GLN G 241 20.07 -26.23 31.71
C GLN G 241 19.77 -24.74 31.58
N VAL G 242 20.80 -23.96 31.79
CA VAL G 242 20.65 -22.50 31.71
C VAL G 242 21.26 -22.00 30.40
N ILE G 243 20.48 -21.31 29.67
CA ILE G 243 21.01 -20.72 28.44
C ILE G 243 21.09 -19.21 28.58
N THR G 244 21.99 -18.63 27.82
CA THR G 244 22.16 -17.18 27.82
C THR G 244 21.68 -16.58 26.50
N ILE G 245 20.81 -15.59 26.62
CA ILE G 245 20.30 -14.90 25.45
C ILE G 245 20.84 -13.47 25.42
N GLY G 246 21.44 -13.05 24.25
CA GLY G 246 22.03 -11.74 24.13
C GLY G 246 21.24 -10.79 23.24
N ASN G 247 21.84 -10.59 22.07
CA ASN G 247 21.22 -9.61 21.20
C ASN G 247 19.96 -10.17 20.53
N GLU G 248 19.70 -11.49 20.76
CA GLU G 248 18.46 -12.08 20.25
C GLU G 248 17.24 -11.47 20.93
N ARG G 249 17.46 -10.94 22.13
CA ARG G 249 16.39 -10.38 22.94
C ARG G 249 15.69 -9.23 22.21
N PHE G 250 16.47 -8.44 21.49
CA PHE G 250 15.84 -7.29 20.84
C PHE G 250 15.85 -7.45 19.33
N ARG G 251 16.62 -8.41 18.82
CA ARG G 251 16.58 -8.70 17.38
C ARG G 251 15.25 -9.33 17.00
N CYS G 252 14.75 -10.10 17.84
CA CYS G 252 13.51 -10.82 17.55
C CYS G 252 12.36 -9.85 17.31
N PRO G 253 12.01 -8.98 18.27
CA PRO G 253 10.87 -8.10 18.02
C PRO G 253 11.18 -6.99 16.99
N GLU G 254 12.46 -6.84 16.65
CA GLU G 254 12.81 -5.85 15.62
C GLU G 254 12.16 -6.19 14.29
N ALA G 255 11.88 -7.47 14.16
CA ALA G 255 11.24 -7.93 12.94
C ALA G 255 9.91 -7.24 12.72
N LEU G 256 9.25 -6.73 13.74
CA LEU G 256 7.99 -6.00 13.60
C LEU G 256 8.22 -4.67 12.89
N PHE G 257 9.39 -4.08 13.18
CA PHE G 257 9.72 -2.78 12.59
C PHE G 257 10.47 -2.96 11.27
N GLN G 258 11.14 -4.07 11.17
CA GLN G 258 11.87 -4.42 9.96
C GLN G 258 11.56 -5.85 9.53
N PRO G 259 10.50 -6.02 8.80
CA PRO G 259 10.06 -7.35 8.39
C PRO G 259 11.09 -8.07 7.51
N SER G 260 12.01 -7.33 6.98
CA SER G 260 13.06 -7.93 6.17
C SER G 260 13.87 -8.94 6.97
N PHE G 261 13.91 -8.83 8.29
CA PHE G 261 14.59 -9.82 9.14
C PHE G 261 14.02 -11.21 8.91
N LEU G 262 12.78 -11.25 8.47
CA LEU G 262 12.13 -12.52 8.20
C LEU G 262 12.04 -12.78 6.70
N GLY G 263 12.66 -11.91 5.93
CA GLY G 263 12.64 -12.06 4.48
C GLY G 263 11.37 -11.56 3.84
N MET G 264 10.61 -10.79 4.55
CA MET G 264 9.35 -10.26 4.04
C MET G 264 9.55 -8.89 3.40
N GLU G 265 8.98 -8.78 2.21
CA GLU G 265 8.96 -7.46 1.58
C GLU G 265 7.75 -6.65 2.02
N ALA G 266 7.74 -6.23 3.22
CA ALA G 266 6.63 -5.48 3.81
C ALA G 266 7.15 -4.35 4.69
N CYS G 267 6.25 -3.35 4.84
CA CYS G 267 6.58 -2.29 5.78
C CYS G 267 6.40 -2.75 7.21
N GLY G 268 7.24 -2.20 8.11
CA GLY G 268 7.08 -2.49 9.53
C GLY G 268 5.81 -1.89 10.11
N ILE G 269 5.53 -2.15 11.33
CA ILE G 269 4.27 -1.76 11.96
C ILE G 269 4.19 -0.24 12.08
N HIS G 270 5.35 0.47 12.27
CA HIS G 270 5.32 1.93 12.36
C HIS G 270 4.96 2.55 11.02
N GLU G 271 5.56 2.04 9.96
CA GLU G 271 5.26 2.54 8.63
C GLU G 271 3.84 2.17 8.21
N THR G 272 3.48 0.99 8.55
CA THR G 272 2.12 0.57 8.23
C THR G 272 1.10 1.46 8.92
N THR G 273 1.34 1.79 10.16
CA THR G 273 0.46 2.70 10.89
C THR G 273 0.42 4.07 10.22
N TYR G 274 1.56 4.54 9.87
CA TYR G 274 1.65 5.82 9.17
C TYR G 274 0.89 5.77 7.85
N ASN G 275 1.12 4.72 7.11
CA ASN G 275 0.45 4.58 5.82
C ASN G 275 -1.05 4.51 5.97
N SER G 276 -1.51 3.84 7.01
CA SER G 276 -2.95 3.77 7.30
C SER G 276 -3.52 5.15 7.58
N ILE G 277 -2.87 5.94 8.30
CA ILE G 277 -3.31 7.29 8.62
C ILE G 277 -3.37 8.13 7.35
N MET G 278 -2.42 7.94 6.51
CA MET G 278 -2.33 8.74 5.29
C MET G 278 -3.43 8.36 4.31
N LYS G 279 -3.98 7.24 4.47
CA LYS G 279 -5.09 6.82 3.62
C LYS G 279 -6.40 7.45 4.06
N CYS G 280 -6.41 8.06 5.22
CA CYS G 280 -7.62 8.69 5.74
C CYS G 280 -7.71 10.13 5.30
N ASP G 281 -8.93 10.71 5.48
CA ASP G 281 -9.13 12.13 5.16
C ASP G 281 -8.21 13.01 6.01
N VAL G 282 -7.78 14.05 5.43
CA VAL G 282 -6.80 14.95 6.03
C VAL G 282 -7.34 15.51 7.35
N ASP G 283 -8.61 15.63 7.49
CA ASP G 283 -9.22 16.31 8.62
C ASP G 283 -9.25 15.40 9.84
N ILE G 284 -9.03 14.17 9.66
CA ILE G 284 -9.13 13.31 10.84
C ILE G 284 -7.75 12.78 11.21
N ARG G 285 -6.75 13.03 10.40
CA ARG G 285 -5.42 12.49 10.60
C ARG G 285 -4.83 12.98 11.93
N LYS G 286 -5.08 14.22 12.20
CA LYS G 286 -4.57 14.78 13.45
C LYS G 286 -5.05 13.97 14.65
N ASP G 287 -6.33 13.58 14.60
CA ASP G 287 -6.91 12.78 15.68
C ASP G 287 -6.30 11.39 15.72
N LEU G 288 -6.00 10.87 14.62
CA LEU G 288 -5.43 9.53 14.56
C LEU G 288 -4.01 9.51 15.11
N TYR G 289 -3.23 10.52 14.77
CA TYR G 289 -1.87 10.63 15.28
C TYR G 289 -1.86 10.75 16.80
N ALA G 290 -2.88 11.39 17.30
CA ALA G 290 -2.90 11.71 18.72
C ALA G 290 -3.60 10.62 19.53
N ASN G 291 -4.00 9.59 18.83
CA ASN G 291 -4.73 8.53 19.49
C ASN G 291 -4.42 7.16 18.86
N THR G 292 -3.18 6.76 18.96
CA THR G 292 -2.75 5.44 18.51
C THR G 292 -2.73 4.45 19.66
N VAL G 293 -3.61 3.46 19.54
CA VAL G 293 -3.78 2.52 20.65
C VAL G 293 -3.17 1.17 20.28
N LEU G 294 -2.29 0.69 21.17
CA LEU G 294 -1.72 -0.64 21.00
C LEU G 294 -2.61 -1.69 21.65
N SER G 295 -2.77 -2.79 20.91
CA SER G 295 -3.60 -3.88 21.41
C SER G 295 -3.08 -5.24 20.94
N GLY G 296 -3.18 -6.25 21.83
CA GLY G 296 -2.77 -7.62 21.49
C GLY G 296 -1.50 -8.06 22.19
N GLY G 297 -1.29 -9.31 22.26
CA GLY G 297 -0.17 -9.89 23.00
C GLY G 297 1.18 -9.49 22.45
N THR G 298 1.22 -9.31 21.17
CA THR G 298 2.50 -9.03 20.53
C THR G 298 2.90 -7.57 20.75
N THR G 299 2.06 -6.81 21.40
CA THR G 299 2.38 -5.42 21.71
C THR G 299 2.87 -5.29 23.14
N MET G 300 3.14 -6.40 23.79
CA MET G 300 3.47 -6.39 25.21
C MET G 300 4.98 -6.22 25.40
N TYR G 301 5.74 -6.13 24.35
CA TYR G 301 7.18 -5.96 24.49
C TYR G 301 7.52 -4.65 25.19
N PRO G 302 8.36 -4.83 26.22
CA PRO G 302 8.86 -3.56 26.78
C PRO G 302 9.56 -2.70 25.73
N GLY G 303 9.19 -1.43 25.75
CA GLY G 303 9.87 -0.48 24.87
C GLY G 303 9.10 -0.21 23.59
N ILE G 304 8.12 -0.99 23.33
CA ILE G 304 7.46 -0.90 22.03
C ILE G 304 6.75 0.45 21.91
N ALA G 305 6.13 0.90 22.96
CA ALA G 305 5.41 2.18 22.92
C ALA G 305 6.37 3.33 22.63
N ASP G 306 7.50 3.33 23.27
CA ASP G 306 8.49 4.37 23.06
C ASP G 306 9.05 4.32 21.63
N ARG G 307 9.30 3.13 21.22
CA ARG G 307 9.80 2.97 19.86
C ARG G 307 8.79 3.46 18.83
N MET G 308 7.55 3.12 19.03
CA MET G 308 6.50 3.59 18.14
C MET G 308 6.40 5.11 18.15
N GLN G 309 6.43 5.65 19.34
CA GLN G 309 6.42 7.11 19.47
C GLN G 309 7.54 7.76 18.66
N LYS G 310 8.67 7.26 18.80
CA LYS G 310 9.84 7.78 18.11
C LYS G 310 9.68 7.68 16.59
N GLU G 311 9.28 6.51 16.14
CA GLU G 311 9.22 6.23 14.71
C GLU G 311 8.10 7.02 14.04
N ILE G 312 6.97 7.16 14.70
CA ILE G 312 5.84 7.89 14.11
C ILE G 312 6.14 9.38 14.11
N THR G 313 6.75 9.86 15.14
CA THR G 313 7.15 11.26 15.20
C THR G 313 8.06 11.60 14.01
N ALA G 314 8.91 10.68 13.67
CA ALA G 314 9.86 10.91 12.57
C ALA G 314 9.14 10.91 11.23
N LEU G 315 8.06 10.21 11.10
CA LEU G 315 7.36 10.05 9.83
C LEU G 315 6.32 11.16 9.66
N ALA G 316 5.70 11.60 10.77
CA ALA G 316 4.59 12.55 10.73
C ALA G 316 5.08 13.97 10.50
N PRO G 317 4.19 14.83 10.00
CA PRO G 317 4.57 16.25 9.96
C PRO G 317 5.02 16.78 11.32
N SER G 318 5.87 17.71 11.34
CA SER G 318 6.54 18.18 12.55
C SER G 318 5.56 18.83 13.52
N THR G 319 4.49 19.29 13.04
CA THR G 319 3.54 20.03 13.88
C THR G 319 2.53 19.08 14.51
N MET G 320 2.69 17.87 14.15
CA MET G 320 1.66 16.91 14.57
C MET G 320 1.95 16.38 15.96
N LYS G 321 0.93 16.41 16.81
CA LYS G 321 1.05 15.76 18.11
C LYS G 321 0.89 14.24 17.98
N ILE G 322 1.88 13.55 18.61
CA ILE G 322 1.86 12.10 18.54
C ILE G 322 1.64 11.51 19.93
N LYS G 323 0.68 10.65 20.01
CA LYS G 323 0.45 9.98 21.28
C LYS G 323 0.18 8.49 21.09
N ILE G 324 1.04 7.70 21.72
CA ILE G 324 0.88 6.25 21.71
C ILE G 324 0.29 5.79 23.04
N ILE G 325 -0.78 5.07 22.91
CA ILE G 325 -1.45 4.59 24.12
C ILE G 325 -1.25 3.09 24.25
N ALA G 326 -0.61 2.69 25.35
CA ALA G 326 -0.36 1.29 25.65
C ALA G 326 -0.95 0.90 27.00
N PRO G 327 -2.26 0.58 26.93
CA PRO G 327 -2.87 0.19 28.21
C PRO G 327 -2.22 -1.04 28.82
N PRO G 328 -2.18 -1.08 30.09
CA PRO G 328 -1.54 -2.23 30.74
C PRO G 328 -2.26 -3.54 30.47
N GLU G 329 -3.52 -3.45 30.30
CA GLU G 329 -4.33 -4.65 30.11
C GLU G 329 -4.48 -4.99 28.64
N ARG G 330 -3.60 -4.49 27.81
CA ARG G 330 -3.82 -4.51 26.37
C ARG G 330 -3.65 -5.92 25.80
N LYS G 331 -3.12 -6.80 26.62
CA LYS G 331 -3.04 -8.19 26.16
C LYS G 331 -4.42 -8.75 25.88
N TYR G 332 -5.37 -8.36 26.72
CA TYR G 332 -6.72 -8.88 26.59
C TYR G 332 -7.72 -7.74 26.41
N SER G 333 -7.32 -6.68 25.85
CA SER G 333 -8.16 -5.49 25.73
C SER G 333 -9.44 -5.81 24.97
N VAL G 334 -9.30 -6.56 23.94
CA VAL G 334 -10.47 -6.89 23.11
C VAL G 334 -11.48 -7.65 23.97
N TRP G 335 -11.00 -8.69 24.64
CA TRP G 335 -11.90 -9.52 25.43
C TRP G 335 -12.52 -8.71 26.57
N ILE G 336 -11.71 -7.92 27.22
CA ILE G 336 -12.16 -7.13 28.36
C ILE G 336 -13.25 -6.15 27.91
N GLY G 337 -12.99 -5.52 26.79
CA GLY G 337 -14.01 -4.65 26.24
C GLY G 337 -15.34 -5.36 26.01
N GLY G 338 -15.27 -6.53 25.42
CA GLY G 338 -16.46 -7.33 25.22
C GLY G 338 -17.11 -7.77 26.52
N SER G 339 -16.30 -8.10 27.49
CA SER G 339 -16.79 -8.55 28.79
C SER G 339 -17.58 -7.44 29.49
N ILE G 340 -17.07 -6.27 29.43
CA ILE G 340 -17.72 -5.14 30.09
C ILE G 340 -19.01 -4.79 29.35
N LEU G 341 -18.91 -4.69 28.09
CA LEU G 341 -20.07 -4.35 27.28
C LEU G 341 -21.21 -5.32 27.52
N ALA G 342 -20.92 -6.58 27.48
CA ALA G 342 -21.92 -7.63 27.56
C ALA G 342 -22.46 -7.76 28.99
N SER G 343 -21.83 -7.19 29.93
CA SER G 343 -22.24 -7.30 31.33
C SER G 343 -23.22 -6.20 31.70
N LEU G 344 -23.30 -5.16 30.84
CA LEU G 344 -24.21 -4.06 31.14
C LEU G 344 -25.66 -4.50 30.97
N SER G 345 -26.47 -4.07 31.93
CA SER G 345 -27.88 -4.44 31.86
C SER G 345 -28.56 -3.79 30.67
N THR G 346 -28.12 -2.64 30.25
CA THR G 346 -28.71 -1.91 29.15
C THR G 346 -28.32 -2.52 27.81
N PHE G 347 -27.25 -3.33 27.80
CA PHE G 347 -26.78 -3.95 26.56
C PHE G 347 -27.72 -5.06 26.12
N GLN G 348 -28.57 -5.55 27.00
CA GLN G 348 -29.45 -6.69 26.74
C GLN G 348 -30.37 -6.41 25.55
N GLN G 349 -30.62 -5.18 25.27
CA GLN G 349 -31.52 -4.82 24.18
C GLN G 349 -30.78 -4.83 22.84
N MET G 350 -29.50 -5.01 22.94
CA MET G 350 -28.70 -4.90 21.73
C MET G 350 -28.45 -6.27 21.11
N TRP G 351 -28.76 -7.32 21.74
CA TRP G 351 -28.53 -8.68 21.28
C TRP G 351 -29.37 -8.98 20.05
N ILE G 352 -28.84 -9.79 19.17
CA ILE G 352 -29.70 -10.49 18.22
C ILE G 352 -30.39 -11.67 18.92
N SER G 353 -31.68 -11.67 19.01
CA SER G 353 -32.40 -12.77 19.64
C SER G 353 -32.65 -13.90 18.64
N LYS G 354 -32.85 -15.06 19.20
CA LYS G 354 -33.19 -16.19 18.35
C LYS G 354 -34.43 -15.89 17.50
N GLN G 355 -35.37 -15.24 18.02
CA GLN G 355 -36.59 -14.86 17.32
C GLN G 355 -36.28 -13.96 16.13
N GLU G 356 -35.45 -12.98 16.37
CA GLU G 356 -35.08 -12.07 15.28
C GLU G 356 -34.34 -12.83 14.18
N TYR G 357 -33.49 -13.73 14.57
CA TYR G 357 -32.77 -14.55 13.60
C TYR G 357 -33.73 -15.41 12.79
N ASP G 358 -34.72 -16.01 13.42
CA ASP G 358 -35.67 -16.87 12.75
C ASP G 358 -36.50 -16.09 11.74
N GLU G 359 -36.65 -14.78 12.00
CA GLU G 359 -37.48 -13.95 11.15
C GLU G 359 -36.68 -13.37 9.99
N SER G 360 -35.45 -13.07 10.20
CA SER G 360 -34.72 -12.26 9.23
C SER G 360 -33.56 -13.03 8.62
N GLY G 361 -33.22 -14.15 9.25
CA GLY G 361 -32.08 -14.92 8.77
C GLY G 361 -30.74 -14.36 9.23
N PRO G 362 -29.64 -14.88 8.74
CA PRO G 362 -28.29 -14.53 9.19
C PRO G 362 -27.90 -13.10 8.86
N SER G 363 -28.58 -12.48 7.89
CA SER G 363 -28.24 -11.12 7.47
C SER G 363 -28.58 -10.10 8.55
N ILE G 364 -29.28 -10.50 9.60
CA ILE G 364 -29.71 -9.62 10.69
C ILE G 364 -28.47 -9.08 11.42
N VAL G 365 -27.37 -9.86 11.33
CA VAL G 365 -26.15 -9.49 12.05
C VAL G 365 -25.65 -8.13 11.55
N HIS G 366 -25.87 -7.77 10.30
CA HIS G 366 -25.37 -6.52 9.72
C HIS G 366 -26.19 -5.33 10.20
N ARG G 367 -27.44 -5.58 10.52
CA ARG G 367 -28.32 -4.51 10.95
C ARG G 367 -28.18 -4.25 12.46
N LYS G 368 -27.94 -5.25 13.20
CA LYS G 368 -28.00 -5.15 14.66
C LYS G 368 -26.61 -4.86 15.24
N CYS G 369 -25.60 -5.24 14.53
CA CYS G 369 -24.28 -5.14 15.16
C CYS G 369 -23.43 -4.08 14.46
N PHE G 370 -23.97 -3.52 13.24
CA PHE G 370 -23.16 -2.56 12.50
C PHE G 370 -24.03 -1.45 11.93
N MET H 1 -20.98 0.55 17.61
CA MET H 1 -21.09 -0.18 18.87
C MET H 1 -21.81 0.67 19.92
N ALA H 2 -22.80 0.01 20.59
CA ALA H 2 -23.60 0.75 21.56
C ALA H 2 -23.77 -0.05 22.85
N SER H 3 -23.86 0.68 23.95
CA SER H 3 -24.01 0.09 25.28
C SER H 3 -25.49 -0.11 25.63
N GLY H 4 -26.37 0.59 25.02
CA GLY H 4 -27.78 0.55 25.34
C GLY H 4 -28.18 1.57 26.39
N VAL H 5 -27.23 2.31 26.93
CA VAL H 5 -27.51 3.36 27.90
C VAL H 5 -28.42 4.42 27.26
N THR H 6 -29.46 4.84 28.02
CA THR H 6 -30.44 5.79 27.48
C THR H 6 -30.12 7.21 27.95
N VAL H 7 -30.80 8.20 27.33
CA VAL H 7 -30.62 9.62 27.66
C VAL H 7 -31.90 10.16 28.29
N SER H 8 -31.76 10.72 29.48
CA SER H 8 -32.93 11.26 30.19
C SER H 8 -33.51 12.46 29.45
N ASP H 9 -34.78 12.68 29.66
CA ASP H 9 -35.48 13.80 29.02
C ASP H 9 -34.92 15.14 29.51
N VAL H 10 -34.48 15.15 30.71
CA VAL H 10 -33.95 16.37 31.29
C VAL H 10 -32.72 16.83 30.49
N CYS H 11 -31.97 15.86 30.00
CA CYS H 11 -30.81 16.20 29.18
C CYS H 11 -31.23 16.99 27.94
N LYS H 12 -32.32 16.55 27.31
CA LYS H 12 -32.82 17.21 26.11
C LYS H 12 -33.37 18.60 26.42
N THR H 13 -34.05 18.64 27.57
CA THR H 13 -34.61 19.93 27.98
C THR H 13 -33.49 20.93 28.28
N THR H 14 -32.52 20.49 28.98
CA THR H 14 -31.42 21.36 29.34
C THR H 14 -30.64 21.78 28.09
N TYR H 15 -30.53 20.88 27.20
CA TYR H 15 -29.86 21.19 25.94
C TYR H 15 -30.59 22.31 25.20
N GLU H 16 -31.88 22.29 25.14
CA GLU H 16 -32.67 23.32 24.48
C GLU H 16 -32.55 24.66 25.19
N GLU H 17 -32.42 24.60 26.50
CA GLU H 17 -32.26 25.82 27.28
C GLU H 17 -30.92 26.49 27.00
N ILE H 18 -30.00 25.75 26.61
CA ILE H 18 -28.68 26.29 26.30
C ILE H 18 -28.63 26.73 24.85
N LYS H 19 -29.10 25.92 23.95
CA LYS H 19 -28.97 26.16 22.51
C LYS H 19 -29.92 27.27 22.06
N LYS H 20 -31.19 27.21 22.46
CA LYS H 20 -32.21 28.12 21.93
C LYS H 20 -32.41 29.31 22.85
N ASP H 21 -32.47 29.02 24.20
CA ASP H 21 -32.86 30.06 25.13
C ASP H 21 -31.64 30.80 25.69
N LYS H 22 -30.55 30.26 25.52
CA LYS H 22 -29.31 30.83 26.02
C LYS H 22 -29.41 31.13 27.52
N LYS H 23 -30.09 30.20 28.23
CA LYS H 23 -30.29 30.36 29.67
C LYS H 23 -29.05 29.95 30.45
N HIS H 24 -28.33 29.00 29.92
CA HIS H 24 -27.15 28.46 30.59
C HIS H 24 -25.96 28.42 29.64
N ARG H 25 -24.75 28.39 30.28
CA ARG H 25 -23.53 28.39 29.48
C ARG H 25 -23.11 26.98 29.12
N TYR H 26 -23.19 26.11 30.12
CA TYR H 26 -22.82 24.73 29.85
C TYR H 26 -23.55 23.78 30.79
N VAL H 27 -23.47 22.52 30.46
CA VAL H 27 -24.01 21.45 31.29
C VAL H 27 -23.04 20.26 31.32
N ILE H 28 -22.92 19.62 32.51
CA ILE H 28 -22.15 18.39 32.66
C ILE H 28 -23.10 17.21 32.83
N PHE H 29 -22.87 16.19 32.02
CA PHE H 29 -23.68 14.98 32.11
C PHE H 29 -22.88 13.84 32.73
N TYR H 30 -23.58 12.92 33.40
CA TYR H 30 -23.00 11.68 33.90
C TYR H 30 -23.92 10.50 33.67
N ILE H 31 -23.39 9.31 33.78
CA ILE H 31 -24.23 8.13 33.63
C ILE H 31 -24.65 7.62 35.00
N ARG H 32 -25.94 7.63 35.20
CA ARG H 32 -26.50 7.21 36.48
C ARG H 32 -26.75 5.71 36.50
N ASP H 33 -26.21 4.97 37.42
CA ASP H 33 -26.41 3.56 37.66
C ASP H 33 -26.07 2.72 36.44
N GLU H 34 -25.22 3.26 35.57
CA GLU H 34 -24.78 2.61 34.35
C GLU H 34 -25.95 2.38 33.39
N LYS H 35 -27.03 3.19 33.56
CA LYS H 35 -28.23 2.88 32.80
C LYS H 35 -28.68 4.08 31.97
N GLN H 36 -28.42 5.28 32.53
CA GLN H 36 -29.01 6.44 31.87
C GLN H 36 -28.14 7.67 32.03
N ILE H 37 -27.97 8.35 30.95
CA ILE H 37 -27.28 9.63 31.01
C ILE H 37 -28.20 10.70 31.60
N ASP H 38 -27.66 11.39 32.55
CA ASP H 38 -28.44 12.42 33.24
C ASP H 38 -27.61 13.68 33.47
N VAL H 39 -28.28 14.75 33.97
CA VAL H 39 -27.64 16.04 34.19
C VAL H 39 -27.01 16.07 35.57
N GLU H 40 -25.76 16.44 35.61
CA GLU H 40 -25.06 16.56 36.88
C GLU H 40 -24.95 18.02 37.33
N THR H 41 -24.44 18.87 36.45
CA THR H 41 -24.24 20.28 36.77
C THR H 41 -24.69 21.17 35.61
N VAL H 42 -25.41 22.25 35.96
CA VAL H 42 -25.79 23.28 34.99
C VAL H 42 -25.23 24.63 35.44
N ALA H 43 -24.54 25.23 34.60
CA ALA H 43 -23.91 26.49 34.97
C ALA H 43 -24.63 27.67 34.33
N ASP H 44 -24.58 28.77 35.06
CA ASP H 44 -25.24 29.98 34.61
C ASP H 44 -24.62 30.50 33.31
N ARG H 45 -25.31 31.39 32.65
CA ARG H 45 -24.94 31.90 31.34
C ARG H 45 -23.61 32.63 31.38
N ASN H 46 -23.22 33.17 32.56
CA ASN H 46 -22.01 33.99 32.66
C ASN H 46 -20.81 33.15 33.06
N ALA H 47 -20.98 31.88 33.16
CA ALA H 47 -19.88 31.00 33.54
C ALA H 47 -18.80 30.97 32.47
N GLU H 48 -17.56 30.81 32.92
CA GLU H 48 -16.42 30.79 32.02
C GLU H 48 -15.93 29.37 31.77
N TYR H 49 -15.07 29.28 30.79
CA TYR H 49 -14.62 27.97 30.37
C TYR H 49 -13.80 27.29 31.48
N ASP H 50 -13.04 28.04 32.25
CA ASP H 50 -12.24 27.48 33.33
C ASP H 50 -13.14 26.78 34.36
N GLN H 51 -14.27 27.41 34.58
CA GLN H 51 -15.23 26.79 35.50
C GLN H 51 -15.73 25.46 34.93
N PHE H 52 -15.93 25.42 33.65
CA PHE H 52 -16.33 24.20 32.96
C PHE H 52 -15.33 23.08 33.18
N LEU H 53 -14.03 23.43 33.08
CA LEU H 53 -12.96 22.46 33.25
C LEU H 53 -12.92 21.94 34.69
N GLU H 54 -13.19 22.86 35.58
CA GLU H 54 -13.20 22.48 36.99
C GLU H 54 -14.38 21.55 37.30
N ASP H 55 -15.52 21.87 36.70
CA ASP H 55 -16.73 21.11 36.99
C ASP H 55 -16.66 19.71 36.38
N ILE H 56 -16.10 19.61 35.23
CA ILE H 56 -16.10 18.31 34.55
C ILE H 56 -15.14 17.36 35.24
N GLN H 57 -14.19 17.89 36.03
CA GLN H 57 -13.18 17.10 36.71
C GLN H 57 -13.48 16.99 38.20
N LYS H 58 -14.45 17.58 38.64
CA LYS H 58 -14.72 17.80 40.05
C LYS H 58 -14.93 16.48 40.79
N CYS H 59 -15.32 15.45 40.05
CA CYS H 59 -15.68 14.21 40.73
C CYS H 59 -14.46 13.30 40.86
N GLY H 60 -13.25 13.70 40.41
CA GLY H 60 -12.02 12.94 40.63
C GLY H 60 -11.28 12.62 39.35
N PRO H 61 -10.06 12.23 39.54
CA PRO H 61 -9.19 12.03 38.38
C PRO H 61 -9.56 10.80 37.56
N GLY H 62 -10.36 9.96 37.99
CA GLY H 62 -10.70 8.73 37.30
C GLY H 62 -12.15 8.67 36.86
N GLU H 63 -12.76 9.84 37.02
CA GLU H 63 -14.19 9.87 36.68
C GLU H 63 -14.41 10.42 35.27
N CYS H 64 -15.28 9.80 34.56
CA CYS H 64 -15.63 10.21 33.21
C CYS H 64 -16.92 11.03 33.21
N ARG H 65 -17.02 11.94 32.24
CA ARG H 65 -18.21 12.78 32.08
C ARG H 65 -18.38 13.21 30.63
N TYR H 66 -19.52 13.68 30.39
CA TYR H 66 -19.77 14.45 29.17
C TYR H 66 -20.02 15.92 29.49
N GLY H 67 -19.58 16.79 28.57
CA GLY H 67 -19.81 18.21 28.78
C GLY H 67 -20.26 18.93 27.51
N LEU H 68 -21.33 19.64 27.65
CA LEU H 68 -21.78 20.52 26.59
C LEU H 68 -21.50 21.98 26.93
N PHE H 69 -20.94 22.71 25.99
CA PHE H 69 -20.56 24.10 26.25
C PHE H 69 -20.90 24.98 25.05
N ASP H 70 -21.54 26.06 25.28
CA ASP H 70 -21.74 27.10 24.29
C ASP H 70 -20.55 28.06 24.23
N PHE H 71 -19.58 27.79 23.43
CA PHE H 71 -18.27 28.43 23.40
C PHE H 71 -18.29 29.70 22.57
N GLU H 72 -17.76 30.76 23.13
CA GLU H 72 -17.68 32.04 22.43
C GLU H 72 -16.23 32.44 22.16
N TYR H 73 -16.02 32.82 20.90
CA TYR H 73 -14.69 33.30 20.58
C TYR H 73 -14.75 34.36 19.47
N MET H 74 -13.67 35.09 19.40
CA MET H 74 -13.59 36.14 18.38
C MET H 74 -13.04 35.59 17.07
N HIS H 75 -13.76 35.98 15.98
CA HIS H 75 -13.34 35.54 14.66
C HIS H 75 -13.08 36.73 13.73
N GLN H 76 -11.90 36.76 13.23
CA GLN H 76 -11.59 37.78 12.25
C GLN H 76 -11.64 37.22 10.84
N CYS H 77 -12.66 37.74 10.03
CA CYS H 77 -12.71 37.30 8.64
C CYS H 77 -11.56 37.90 7.84
N GLN H 78 -10.96 36.95 7.05
CA GLN H 78 -9.87 37.43 6.20
C GLN H 78 -10.31 38.62 5.36
N GLY H 79 -9.59 39.70 5.44
CA GLY H 79 -9.80 40.88 4.60
C GLY H 79 -10.62 41.96 5.28
N THR H 80 -11.19 41.46 6.43
CA THR H 80 -11.94 42.47 7.16
C THR H 80 -11.25 42.83 8.46
N SER H 81 -11.11 44.04 8.76
CA SER H 81 -10.50 44.52 10.01
C SER H 81 -11.42 44.29 11.20
N GLU H 82 -12.66 43.78 10.98
CA GLU H 82 -13.61 43.68 12.08
C GLU H 82 -13.71 42.25 12.60
N SER H 83 -13.43 42.07 13.93
CA SER H 83 -13.62 40.79 14.61
C SER H 83 -15.08 40.61 15.05
N SER H 84 -15.64 39.48 14.59
CA SER H 84 -17.00 39.18 15.03
C SER H 84 -17.02 38.05 16.04
N LYS H 85 -17.93 38.13 16.98
CA LYS H 85 -18.12 37.09 18.00
C LYS H 85 -18.84 35.88 17.42
N LYS H 86 -18.22 34.76 17.55
CA LYS H 86 -18.85 33.51 17.12
C LYS H 86 -19.17 32.61 18.32
N GLN H 87 -20.27 32.00 18.17
CA GLN H 87 -20.69 31.04 19.20
C GLN H 87 -20.93 29.67 18.60
N LYS H 88 -20.28 28.69 19.17
CA LYS H 88 -20.47 27.32 18.71
C LYS H 88 -20.65 26.36 19.87
N LEU H 89 -21.54 25.49 19.70
CA LEU H 89 -21.77 24.45 20.69
C LEU H 89 -20.85 23.26 20.47
N PHE H 90 -20.21 22.90 21.50
CA PHE H 90 -19.48 21.64 21.38
C PHE H 90 -19.89 20.66 22.49
N LEU H 91 -19.74 19.40 22.19
CA LEU H 91 -19.97 18.31 23.13
C LEU H 91 -18.68 17.52 23.37
N MET H 92 -18.29 17.48 24.66
CA MET H 92 -17.01 16.84 24.99
C MET H 92 -17.24 15.50 25.69
N SER H 93 -16.56 14.51 25.23
CA SER H 93 -16.40 13.27 25.99
C SER H 93 -15.12 13.29 26.82
N TRP H 94 -15.28 13.40 28.13
CA TRP H 94 -14.15 13.42 29.07
C TRP H 94 -13.94 12.04 29.68
N CYS H 95 -12.90 11.39 29.22
CA CYS H 95 -12.49 10.10 29.73
C CYS H 95 -10.99 10.08 30.05
N PRO H 96 -10.70 10.49 31.27
CA PRO H 96 -9.27 10.60 31.61
C PRO H 96 -8.54 9.27 31.52
N ASP H 97 -7.27 9.31 31.20
CA ASP H 97 -6.46 8.11 31.09
C ASP H 97 -6.36 7.37 32.41
N THR H 98 -6.63 8.08 33.46
CA THR H 98 -6.52 7.51 34.80
C THR H 98 -7.76 6.72 35.15
N ALA H 99 -8.81 6.87 34.30
CA ALA H 99 -10.07 6.16 34.58
C ALA H 99 -9.89 4.65 34.42
N LYS H 100 -10.74 3.93 35.21
CA LYS H 100 -10.75 2.48 35.07
C LYS H 100 -11.37 2.04 33.75
N VAL H 101 -11.01 0.88 33.31
CA VAL H 101 -11.38 0.41 31.98
C VAL H 101 -12.90 0.28 31.88
N LYS H 102 -13.51 -0.14 32.94
CA LYS H 102 -14.96 -0.31 32.92
C LYS H 102 -15.65 1.03 32.66
N LYS H 103 -15.20 2.06 33.36
CA LYS H 103 -15.79 3.38 33.16
C LYS H 103 -15.50 3.92 31.77
N LYS H 104 -14.33 3.71 31.33
CA LYS H 104 -13.96 4.13 29.99
C LYS H 104 -14.85 3.46 28.93
N MET H 105 -15.04 2.22 29.09
CA MET H 105 -15.87 1.47 28.15
C MET H 105 -17.32 1.95 28.21
N LEU H 106 -17.79 2.16 29.38
CA LEU H 106 -19.17 2.61 29.56
C LEU H 106 -19.41 3.95 28.88
N TYR H 107 -18.58 4.88 29.11
CA TYR H 107 -18.77 6.23 28.60
C TYR H 107 -18.51 6.30 27.11
N SER H 108 -17.49 5.64 26.65
CA SER H 108 -17.20 5.67 25.22
C SER H 108 -18.31 5.00 24.41
N SER H 109 -18.89 3.95 24.98
CA SER H 109 -19.91 3.19 24.25
C SER H 109 -21.28 3.83 24.40
N SER H 110 -21.40 4.86 25.17
CA SER H 110 -22.68 5.53 25.40
C SER H 110 -22.72 6.91 24.75
N PHE H 111 -21.64 7.33 24.27
CA PHE H 111 -21.48 8.69 23.76
C PHE H 111 -22.38 8.93 22.56
N ASP H 112 -22.49 7.93 21.72
CA ASP H 112 -23.29 8.07 20.50
C ASP H 112 -24.75 8.33 20.82
N ALA H 113 -25.22 7.72 21.86
CA ALA H 113 -26.60 7.94 22.28
C ALA H 113 -26.84 9.41 22.62
N LEU H 114 -25.88 9.95 23.29
CA LEU H 114 -25.98 11.34 23.66
C LEU H 114 -25.89 12.25 22.43
N LYS H 115 -25.04 11.98 21.54
CA LYS H 115 -24.88 12.75 20.32
C LYS H 115 -26.17 12.79 19.52
N LYS H 116 -26.80 11.66 19.41
CA LYS H 116 -28.02 11.53 18.60
C LYS H 116 -29.18 12.28 19.25
N SER H 117 -29.08 12.41 20.56
CA SER H 117 -30.16 13.06 21.29
C SER H 117 -30.02 14.58 21.26
N LEU H 118 -28.82 15.03 21.11
CA LEU H 118 -28.56 16.46 21.10
C LEU H 118 -28.24 16.94 19.69
N VAL H 119 -29.28 17.28 18.91
CA VAL H 119 -29.13 17.62 17.50
C VAL H 119 -28.71 19.09 17.37
N GLY H 120 -27.71 19.30 16.57
CA GLY H 120 -27.31 20.67 16.30
C GLY H 120 -25.96 21.03 16.91
N VAL H 121 -25.32 20.07 17.59
CA VAL H 121 -23.99 20.32 18.13
C VAL H 121 -22.98 20.44 16.99
N GLN H 122 -22.10 21.40 17.08
CA GLN H 122 -21.22 21.73 15.95
C GLN H 122 -19.96 20.87 15.97
N LYS H 123 -19.56 20.62 17.18
CA LYS H 123 -18.32 19.86 17.24
C LYS H 123 -18.34 18.88 18.41
N TYR H 124 -17.91 17.68 18.11
CA TYR H 124 -17.69 16.68 19.15
C TYR H 124 -16.21 16.57 19.50
N ILE H 125 -15.91 16.68 20.82
CA ILE H 125 -14.52 16.71 21.27
C ILE H 125 -14.26 15.53 22.19
N GLN H 126 -13.25 14.79 21.88
CA GLN H 126 -12.73 13.71 22.72
C GLN H 126 -11.53 14.19 23.53
N ALA H 127 -11.61 14.05 24.89
CA ALA H 127 -10.51 14.51 25.72
C ALA H 127 -10.19 13.50 26.81
N THR H 128 -8.88 13.26 27.00
CA THR H 128 -8.43 12.29 27.99
C THR H 128 -7.53 12.94 29.03
N ASP H 129 -7.12 14.13 28.74
CA ASP H 129 -6.35 14.96 29.65
C ASP H 129 -6.55 16.44 29.34
N LEU H 130 -5.95 17.31 30.04
CA LEU H 130 -6.21 18.74 29.95
C LEU H 130 -5.63 19.32 28.66
N SER H 131 -4.62 18.70 28.15
CA SER H 131 -4.04 19.18 26.90
C SER H 131 -5.04 19.07 25.75
N GLU H 132 -5.94 18.26 25.88
CA GLU H 132 -6.96 18.06 24.84
C GLU H 132 -8.22 18.85 25.15
N ALA H 133 -8.36 19.29 26.42
CA ALA H 133 -9.59 19.94 26.85
C ALA H 133 -9.38 21.43 27.06
N SER H 134 -8.17 21.85 26.98
CA SER H 134 -7.85 23.26 27.25
C SER H 134 -8.60 24.18 26.29
N ARG H 135 -8.71 25.41 26.71
CA ARG H 135 -9.39 26.41 25.89
C ARG H 135 -8.75 26.52 24.51
N GLU H 136 -7.45 26.51 24.50
CA GLU H 136 -6.72 26.65 23.26
C GLU H 136 -6.97 25.47 22.33
N ALA H 137 -6.97 24.33 22.90
CA ALA H 137 -7.17 23.12 22.11
C ALA H 137 -8.58 23.07 21.53
N VAL H 138 -9.52 23.46 22.32
CA VAL H 138 -10.92 23.41 21.91
C VAL H 138 -11.19 24.49 20.85
N GLU H 139 -10.68 25.64 21.12
CA GLU H 139 -10.88 26.73 20.17
C GLU H 139 -10.29 26.39 18.81
N GLU H 140 -9.14 25.80 18.82
CA GLU H 140 -8.51 25.38 17.57
C GLU H 140 -9.42 24.42 16.79
N LYS H 141 -10.02 23.54 17.46
CA LYS H 141 -10.91 22.57 16.82
C LYS H 141 -12.16 23.25 16.27
N LEU H 142 -12.61 24.16 16.98
CA LEU H 142 -13.83 24.87 16.57
C LEU H 142 -13.55 25.76 15.37
N ARG H 143 -12.42 26.31 15.33
CA ARG H 143 -12.06 27.22 14.24
C ARG H 143 -11.83 26.45 12.95
N ALA H 144 -11.46 25.26 13.11
CA ALA H 144 -11.20 24.44 11.93
C ALA H 144 -12.47 24.26 11.08
N THR H 145 -13.54 24.63 11.60
CA THR H 145 -14.81 24.49 10.89
C THR H 145 -15.29 25.84 10.35
N ASP H 146 -14.49 26.84 10.72
CA ASP H 146 -14.88 28.18 10.28
C ASP H 146 -14.75 28.32 8.76
N ARG H 147 -15.98 28.61 8.18
CA ARG H 147 -15.91 28.88 6.75
C ARG H 147 -15.00 30.08 6.47
N GLN H 148 -13.92 29.90 5.78
CA GLN H 148 -13.11 31.04 5.34
C GLN H 148 -13.94 32.03 4.54
N ALA I 1 51.33 -23.37 -3.85
CA ALA I 1 49.95 -23.83 -3.93
C ALA I 1 49.17 -23.44 -2.68
N ALA I 2 48.01 -23.00 -2.86
CA ALA I 2 47.12 -22.68 -1.75
C ALA I 2 46.66 -23.95 -1.05
N LEU I 3 46.38 -23.82 0.25
CA LEU I 3 45.77 -24.91 1.01
C LEU I 3 44.25 -24.77 1.01
N VAL I 4 43.57 -25.87 0.81
CA VAL I 4 42.12 -25.90 0.86
C VAL I 4 41.65 -26.78 2.01
N VAL I 5 40.83 -26.19 2.89
CA VAL I 5 40.36 -26.92 4.06
C VAL I 5 38.84 -26.85 4.14
N ASP I 6 38.22 -27.96 3.95
CA ASP I 6 36.78 -28.07 4.14
C ASP I 6 36.44 -28.51 5.57
N ASN I 7 35.81 -27.60 6.28
CA ASN I 7 35.47 -27.80 7.68
C ASN I 7 34.11 -28.48 7.84
N GLY I 8 34.20 -29.78 8.00
CA GLY I 8 32.96 -30.52 8.21
C GLY I 8 32.69 -30.82 9.68
N SER I 9 31.49 -31.06 10.00
CA SER I 9 31.11 -31.38 11.37
C SER I 9 31.80 -32.64 11.85
N GLY I 10 31.89 -33.59 10.92
CA GLY I 10 32.44 -34.87 11.33
C GLY I 10 33.79 -35.18 10.69
N MET I 11 34.00 -34.59 9.58
CA MET I 11 35.22 -34.88 8.83
C MET I 11 35.88 -33.60 8.34
N CYS I 12 37.17 -33.62 8.50
CA CYS I 12 37.95 -32.56 7.88
C CYS I 12 38.62 -33.05 6.60
N LYS I 13 38.44 -32.31 5.53
CA LYS I 13 39.12 -32.56 4.25
C LYS I 13 40.09 -31.45 3.91
N ALA I 14 41.33 -31.91 3.60
CA ALA I 14 42.34 -30.89 3.37
C ALA I 14 43.32 -31.33 2.29
N GLY I 15 43.81 -30.38 1.57
CA GLY I 15 44.79 -30.65 0.53
C GLY I 15 45.29 -29.38 -0.16
N PHE I 16 45.89 -29.61 -1.34
CA PHE I 16 46.48 -28.50 -2.10
C PHE I 16 45.61 -28.14 -3.30
N ALA I 17 45.47 -26.84 -3.50
CA ALA I 17 44.72 -26.37 -4.66
C ALA I 17 45.26 -26.98 -5.95
N GLY I 18 44.36 -27.38 -6.78
CA GLY I 18 44.73 -27.99 -8.05
C GLY I 18 44.65 -29.50 -8.04
N ASP I 19 44.63 -30.02 -6.84
CA ASP I 19 44.50 -31.47 -6.74
C ASP I 19 43.07 -31.92 -7.04
N ASP I 20 42.93 -33.18 -7.44
CA ASP I 20 41.63 -33.70 -7.84
C ASP I 20 40.85 -34.22 -6.64
N ALA I 21 41.59 -34.45 -5.58
CA ALA I 21 40.98 -34.92 -4.34
C ALA I 21 41.78 -34.46 -3.12
N PRO I 22 41.10 -34.36 -1.99
CA PRO I 22 41.86 -33.99 -0.79
C PRO I 22 42.97 -34.99 -0.47
N ARG I 23 44.02 -34.54 0.10
CA ARG I 23 45.14 -35.38 0.52
C ARG I 23 44.87 -36.02 1.88
N ALA I 24 44.15 -35.27 2.65
CA ALA I 24 43.84 -35.75 3.99
C ALA I 24 42.34 -35.65 4.27
N VAL I 25 41.85 -36.75 4.71
CA VAL I 25 40.49 -36.83 5.22
C VAL I 25 40.49 -37.53 6.58
N PHE I 26 40.07 -36.79 7.62
CA PHE I 26 40.14 -37.37 8.96
C PHE I 26 38.99 -36.85 9.83
N PRO I 27 38.66 -37.56 10.89
CA PRO I 27 37.60 -37.10 11.79
C PRO I 27 37.94 -35.76 12.45
N SER I 28 36.98 -34.95 12.48
CA SER I 28 37.14 -33.66 13.14
C SER I 28 36.86 -33.77 14.63
N ILE I 29 37.79 -34.44 15.35
CA ILE I 29 37.56 -34.68 16.77
C ILE I 29 38.84 -34.42 17.56
N VAL I 30 38.69 -34.00 18.73
CA VAL I 30 39.77 -33.82 19.70
C VAL I 30 39.50 -34.68 20.94
N GLY I 31 40.53 -35.44 21.26
CA GLY I 31 40.38 -36.30 22.43
C GLY I 31 41.32 -35.94 23.57
N ARG I 32 40.81 -36.05 24.73
CA ARG I 32 41.59 -35.84 25.95
C ARG I 32 41.45 -37.02 26.91
N PRO I 33 42.56 -37.32 27.59
CA PRO I 33 42.49 -38.44 28.54
C PRO I 33 41.43 -38.25 29.62
N ARG I 34 40.68 -39.24 29.93
CA ARG I 34 39.62 -39.19 30.91
C ARG I 34 40.17 -39.08 32.33
N HIS I 35 41.30 -39.76 32.60
CA HIS I 35 41.93 -39.71 33.91
C HIS I 35 43.33 -39.12 33.82
N LYS I 45 50.48 -37.08 25.41
CA LYS I 45 50.04 -35.76 24.97
C LYS I 45 48.79 -35.32 25.73
N ASP I 46 48.68 -34.05 25.88
CA ASP I 46 47.53 -33.48 26.57
C ASP I 46 46.26 -33.65 25.73
N SER I 47 46.43 -33.82 24.44
CA SER I 47 45.28 -34.00 23.57
C SER I 47 45.66 -34.73 22.28
N TYR I 48 44.67 -35.39 21.72
CA TYR I 48 44.83 -36.13 20.48
C TYR I 48 43.80 -35.67 19.44
N VAL I 49 44.24 -35.70 18.19
CA VAL I 49 43.37 -35.14 17.16
C VAL I 49 43.17 -36.16 16.05
N GLY I 50 42.01 -36.18 15.43
CA GLY I 50 41.73 -36.93 14.21
C GLY I 50 41.80 -38.43 14.42
N ASP I 51 42.55 -39.12 13.57
CA ASP I 51 42.64 -40.57 13.58
C ASP I 51 43.31 -41.07 14.86
N GLU I 52 44.24 -40.26 15.30
CA GLU I 52 44.92 -40.62 16.53
C GLU I 52 43.95 -40.63 17.72
N ALA I 53 43.17 -39.59 17.79
CA ALA I 53 42.16 -39.54 18.84
C ALA I 53 41.17 -40.69 18.71
N GLN I 54 40.78 -40.95 17.47
CA GLN I 54 39.82 -42.02 17.21
C GLN I 54 40.39 -43.37 17.63
N SER I 55 41.68 -43.64 17.42
CA SER I 55 42.33 -44.91 17.73
C SER I 55 42.47 -45.10 19.23
N LYS I 56 42.40 -44.00 19.99
CA LYS I 56 42.56 -44.06 21.44
C LYS I 56 41.24 -43.73 22.14
N ARG I 57 40.22 -43.89 21.46
CA ARG I 57 38.91 -43.44 21.94
C ARG I 57 38.53 -44.14 23.24
N GLY I 58 39.07 -45.38 23.52
CA GLY I 58 38.77 -46.14 24.73
C GLY I 58 39.24 -45.46 26.00
N ILE I 59 40.17 -44.59 25.84
CA ILE I 59 40.74 -43.98 27.03
C ILE I 59 40.59 -42.46 26.95
N LEU I 60 39.97 -41.97 25.91
CA LEU I 60 39.85 -40.53 25.71
C LEU I 60 38.39 -40.09 25.76
N THR I 61 38.21 -38.87 26.24
CA THR I 61 36.95 -38.18 25.97
C THR I 61 37.02 -37.42 24.65
N LEU I 62 36.09 -37.81 23.71
CA LEU I 62 36.14 -37.24 22.37
C LEU I 62 35.11 -36.11 22.24
N LYS I 63 35.53 -35.03 21.65
CA LYS I 63 34.64 -33.90 21.40
C LYS I 63 34.75 -33.42 19.95
N TYR I 64 33.61 -32.96 19.45
CA TYR I 64 33.56 -32.34 18.13
C TYR I 64 33.49 -30.82 18.25
N PRO I 65 34.48 -30.19 17.68
CA PRO I 65 34.44 -28.73 17.80
C PRO I 65 33.39 -28.09 16.89
N ILE I 66 32.95 -28.82 15.86
CA ILE I 66 31.90 -28.35 14.97
C ILE I 66 30.62 -29.16 15.20
N GLU I 67 29.62 -28.47 15.56
CA GLU I 67 28.32 -29.11 15.76
C GLU I 67 27.31 -28.63 14.72
N HIS I 68 26.86 -29.51 13.96
CA HIS I 68 25.89 -29.24 12.90
C HIS I 68 26.34 -28.07 12.03
N GLY I 69 27.62 -28.04 11.75
CA GLY I 69 28.19 -27.11 10.79
C GLY I 69 28.71 -25.84 11.43
N ILE I 70 28.53 -25.70 12.74
CA ILE I 70 28.90 -24.46 13.42
C ILE I 70 30.01 -24.74 14.43
N VAL I 71 31.04 -23.96 14.35
CA VAL I 71 32.12 -24.12 15.33
C VAL I 71 31.63 -23.67 16.71
N THR I 72 31.76 -24.54 17.66
CA THR I 72 31.29 -24.23 19.00
C THR I 72 32.45 -24.23 19.99
N ASN I 73 33.55 -24.79 19.60
CA ASN I 73 34.75 -24.84 20.42
C ASN I 73 35.99 -24.40 19.64
N TRP I 74 36.44 -23.19 19.91
CA TRP I 74 37.49 -22.59 19.09
C TRP I 74 38.86 -23.12 19.49
N ASP I 75 39.03 -23.43 20.75
CA ASP I 75 40.29 -24.01 21.18
C ASP I 75 40.55 -25.34 20.47
N ASP I 76 39.54 -26.12 20.43
CA ASP I 76 39.67 -27.41 19.77
C ASP I 76 39.78 -27.24 18.26
N MET I 77 39.07 -26.26 17.73
CA MET I 77 39.16 -26.02 16.29
C MET I 77 40.58 -25.63 15.89
N GLU I 78 41.22 -24.82 16.68
CA GLU I 78 42.60 -24.47 16.42
C GLU I 78 43.50 -25.70 16.42
N LYS I 79 43.19 -26.64 17.31
CA LYS I 79 43.96 -27.89 17.34
C LYS I 79 43.75 -28.70 16.06
N ILE I 80 42.52 -28.68 15.58
CA ILE I 80 42.21 -29.38 14.34
C ILE I 80 43.00 -28.76 13.19
N TRP I 81 43.02 -27.48 13.15
CA TRP I 81 43.75 -26.80 12.07
C TRP I 81 45.26 -27.03 12.22
N HIS I 82 45.71 -26.92 13.50
CA HIS I 82 47.11 -27.23 13.72
C HIS I 82 47.46 -28.62 13.21
N HIS I 83 46.63 -29.54 13.58
CA HIS I 83 46.83 -30.92 13.13
C HIS I 83 46.77 -31.02 11.61
N THR I 84 45.87 -30.30 10.96
CA THR I 84 45.73 -30.29 9.51
C THR I 84 47.01 -29.81 8.83
N PHE I 85 47.55 -28.70 9.28
CA PHE I 85 48.68 -28.06 8.63
C PHE I 85 49.97 -28.81 8.91
N TYR I 86 50.19 -29.24 10.12
CA TYR I 86 51.50 -29.70 10.52
C TYR I 86 51.59 -31.22 10.51
N ASN I 87 50.51 -31.83 10.82
CA ASN I 87 50.56 -33.28 10.93
C ASN I 87 50.10 -33.95 9.65
N GLU I 88 49.02 -33.47 9.04
CA GLU I 88 48.45 -34.15 7.88
C GLU I 88 49.10 -33.64 6.58
N LEU I 89 49.18 -32.33 6.42
CA LEU I 89 49.69 -31.79 5.17
C LEU I 89 51.20 -31.55 5.25
N ARG I 90 51.70 -31.42 6.48
CA ARG I 90 53.11 -31.20 6.76
C ARG I 90 53.62 -29.96 6.03
N VAL I 91 52.97 -28.84 6.26
CA VAL I 91 53.34 -27.57 5.64
C VAL I 91 53.29 -26.46 6.68
N ALA I 92 54.02 -25.45 6.39
CA ALA I 92 53.90 -24.22 7.19
C ALA I 92 52.82 -23.30 6.64
N PRO I 93 51.79 -23.10 7.37
CA PRO I 93 50.67 -22.29 6.88
C PRO I 93 51.10 -20.86 6.55
N GLU I 94 52.16 -20.35 7.16
CA GLU I 94 52.62 -18.98 6.92
C GLU I 94 53.17 -18.82 5.50
N GLU I 95 53.27 -19.92 4.81
CA GLU I 95 53.84 -19.88 3.46
C GLU I 95 52.75 -20.08 2.41
N HIS I 96 51.54 -20.32 2.84
CA HIS I 96 50.50 -20.69 1.90
C HIS I 96 49.24 -19.87 2.12
N PRO I 97 48.68 -19.32 0.97
CA PRO I 97 47.29 -18.89 1.16
C PRO I 97 46.36 -20.03 1.54
N VAL I 98 45.24 -19.71 2.29
CA VAL I 98 44.36 -20.78 2.76
C VAL I 98 42.92 -20.47 2.40
N LEU I 99 42.28 -21.39 1.70
CA LEU I 99 40.84 -21.32 1.49
C LEU I 99 40.11 -22.23 2.48
N LEU I 100 39.23 -21.67 3.23
CA LEU I 100 38.40 -22.41 4.17
C LEU I 100 36.94 -22.41 3.73
N THR I 101 36.30 -23.53 3.96
CA THR I 101 34.86 -23.55 3.69
C THR I 101 34.06 -23.40 4.97
N GLU I 102 32.87 -22.91 4.78
CA GLU I 102 31.95 -22.78 5.90
C GLU I 102 30.56 -23.29 5.53
N ALA I 103 29.81 -23.71 6.58
CA ALA I 103 28.43 -24.12 6.37
C ALA I 103 27.53 -22.93 6.10
N PRO I 104 26.37 -23.21 5.47
CA PRO I 104 25.41 -22.10 5.37
C PRO I 104 24.92 -21.62 6.74
N LEU I 105 24.63 -20.36 6.89
CA LEU I 105 24.08 -19.72 8.09
C LEU I 105 25.15 -19.61 9.17
N ASN I 106 26.38 -19.79 8.82
CA ASN I 106 27.46 -19.50 9.77
C ASN I 106 27.37 -18.08 10.30
N PRO I 107 27.40 -17.93 11.65
CA PRO I 107 27.33 -16.57 12.20
C PRO I 107 28.50 -15.70 11.76
N LYS I 108 28.22 -14.43 11.64
CA LYS I 108 29.24 -13.48 11.23
C LYS I 108 30.42 -13.48 12.19
N ALA I 109 30.07 -13.61 13.45
CA ALA I 109 31.11 -13.61 14.47
C ALA I 109 32.06 -14.80 14.29
N ASN I 110 31.50 -15.92 13.93
CA ASN I 110 32.33 -17.10 13.71
C ASN I 110 33.25 -16.92 12.51
N ARG I 111 32.72 -16.29 11.51
CA ARG I 111 33.53 -16.02 10.32
C ARG I 111 34.71 -15.11 10.64
N GLU I 112 34.39 -14.14 11.42
CA GLU I 112 35.44 -13.20 11.82
C GLU I 112 36.48 -13.87 12.70
N LYS I 113 35.98 -14.71 13.63
CA LYS I 113 36.90 -15.44 14.50
C LYS I 113 37.80 -16.37 13.69
N MET I 114 37.28 -17.00 12.74
CA MET I 114 38.05 -17.86 11.84
C MET I 114 39.13 -17.06 11.12
N THR I 115 38.76 -15.92 10.65
CA THR I 115 39.67 -15.02 9.94
C THR I 115 40.80 -14.56 10.87
N GLN I 116 40.42 -14.24 12.05
CA GLN I 116 41.39 -13.80 13.05
C GLN I 116 42.40 -14.90 13.36
N ILE I 117 41.99 -16.08 13.55
CA ILE I 117 42.86 -17.19 13.92
C ILE I 117 43.82 -17.49 12.79
N MET I 118 43.38 -17.41 11.52
CA MET I 118 44.24 -17.72 10.39
C MET I 118 45.37 -16.71 10.26
N PHE I 119 45.01 -15.44 10.46
CA PHE I 119 46.03 -14.41 10.25
C PHE I 119 46.88 -14.24 11.51
N GLU I 120 46.31 -14.36 12.68
CA GLU I 120 47.03 -14.02 13.90
C GLU I 120 47.69 -15.24 14.53
N THR I 121 47.06 -16.37 14.48
CA THR I 121 47.61 -17.57 15.09
C THR I 121 48.46 -18.35 14.09
N PHE I 122 48.02 -18.49 12.85
CA PHE I 122 48.73 -19.33 11.89
C PHE I 122 49.54 -18.46 10.92
N ASN I 123 49.37 -17.21 10.94
CA ASN I 123 50.14 -16.23 10.19
C ASN I 123 50.11 -16.51 8.69
N THR I 124 48.94 -16.97 8.20
CA THR I 124 48.83 -17.19 6.76
C THR I 124 48.95 -15.88 6.00
N PRO I 125 49.59 -15.91 4.80
CA PRO I 125 49.76 -14.67 4.04
C PRO I 125 48.46 -14.17 3.42
N ALA I 126 47.53 -15.05 3.18
CA ALA I 126 46.24 -14.72 2.58
C ALA I 126 45.20 -15.81 2.89
N MET I 127 43.94 -15.41 2.86
CA MET I 127 42.89 -16.41 3.11
C MET I 127 41.60 -16.03 2.38
N TYR I 128 40.75 -16.98 2.18
CA TYR I 128 39.41 -16.84 1.61
C TYR I 128 38.44 -17.82 2.25
N VAL I 129 37.23 -17.36 2.42
CA VAL I 129 36.18 -18.23 2.95
C VAL I 129 35.09 -18.42 1.90
N ALA I 130 34.68 -19.63 1.71
CA ALA I 130 33.63 -19.94 0.75
C ALA I 130 32.55 -20.81 1.38
N ILE I 131 31.31 -20.58 0.94
CA ILE I 131 30.19 -21.36 1.46
C ILE I 131 30.16 -22.72 0.76
N GLN I 132 30.04 -23.76 1.50
CA GLN I 132 30.13 -25.14 1.04
C GLN I 132 29.12 -25.41 -0.08
N ALA I 133 27.92 -25.01 0.09
CA ALA I 133 26.86 -25.32 -0.86
C ALA I 133 27.06 -24.58 -2.17
N VAL I 134 27.57 -23.35 -2.08
CA VAL I 134 27.79 -22.55 -3.29
C VAL I 134 28.91 -23.17 -4.12
N LEU I 135 29.96 -23.64 -3.44
CA LEU I 135 31.04 -24.31 -4.14
C LEU I 135 30.53 -25.55 -4.89
N SER I 136 29.70 -26.27 -4.22
CA SER I 136 29.17 -27.50 -4.81
C SER I 136 28.30 -27.19 -6.03
N LEU I 137 27.54 -26.16 -5.93
CA LEU I 137 26.67 -25.79 -7.04
C LEU I 137 27.49 -25.35 -8.24
N TYR I 138 28.46 -24.51 -7.98
CA TYR I 138 29.31 -24.03 -9.07
C TYR I 138 30.07 -25.17 -9.72
N ALA I 139 30.48 -26.11 -8.91
CA ALA I 139 31.23 -27.26 -9.42
C ALA I 139 30.38 -28.09 -10.38
N SER I 140 29.13 -27.85 -10.35
CA SER I 140 28.23 -28.57 -11.24
C SER I 140 27.90 -27.74 -12.47
N GLY I 141 28.46 -26.54 -12.56
CA GLY I 141 28.28 -25.67 -13.73
C GLY I 141 27.04 -24.80 -13.63
N ARG I 142 26.55 -24.67 -12.45
CA ARG I 142 25.33 -23.91 -12.23
C ARG I 142 25.57 -22.76 -11.26
N THR I 143 24.75 -21.71 -11.45
CA THR I 143 24.80 -20.60 -10.50
C THR I 143 23.45 -20.45 -9.79
N THR I 144 22.48 -21.08 -10.34
CA THR I 144 21.14 -21.09 -9.75
C THR I 144 20.65 -22.53 -9.57
N GLY I 145 20.24 -22.87 -8.38
CA GLY I 145 19.73 -24.17 -7.98
C GLY I 145 19.61 -24.34 -6.48
N ILE I 146 19.22 -25.49 -6.11
CA ILE I 146 19.19 -25.81 -4.69
C ILE I 146 20.09 -27.02 -4.41
N VAL I 147 20.88 -26.88 -3.33
CA VAL I 147 21.83 -27.94 -2.96
C VAL I 147 21.31 -28.67 -1.73
N LEU I 148 21.15 -29.95 -1.84
CA LEU I 148 21.03 -30.81 -0.67
C LEU I 148 22.38 -31.33 -0.22
N ASP I 149 22.89 -30.65 0.78
CA ASP I 149 24.20 -31.00 1.31
C ASP I 149 24.07 -31.84 2.59
N SER I 150 24.51 -33.09 2.44
CA SER I 150 24.45 -33.99 3.59
C SER I 150 25.81 -34.62 3.87
N GLY I 151 26.36 -34.19 5.01
CA GLY I 151 27.65 -34.72 5.42
C GLY I 151 27.55 -35.76 6.52
N ASP I 152 28.42 -35.67 7.45
CA ASP I 152 28.48 -36.61 8.56
C ASP I 152 27.58 -36.14 9.71
N GLY I 153 27.46 -34.85 9.79
CA GLY I 153 26.85 -34.37 11.02
C GLY I 153 25.54 -33.62 10.79
N VAL I 154 25.35 -33.20 9.58
CA VAL I 154 24.17 -32.36 9.37
C VAL I 154 23.78 -32.39 7.89
N SER I 155 22.53 -32.20 7.58
CA SER I 155 22.02 -32.00 6.23
C SER I 155 21.40 -30.63 6.07
N HIS I 156 21.74 -29.96 4.94
CA HIS I 156 21.18 -28.65 4.60
C HIS I 156 20.54 -28.66 3.21
N THR I 157 19.44 -27.99 3.12
CA THR I 157 18.96 -27.55 1.82
C THR I 157 19.23 -26.07 1.61
N VAL I 158 19.95 -25.78 0.52
CA VAL I 158 20.43 -24.42 0.35
C VAL I 158 20.04 -23.90 -1.03
N PRO I 159 18.95 -23.12 -1.10
CA PRO I 159 18.64 -22.50 -2.38
C PRO I 159 19.61 -21.37 -2.73
N ILE I 160 20.04 -21.36 -3.94
CA ILE I 160 20.99 -20.36 -4.44
C ILE I 160 20.47 -19.76 -5.74
N TYR I 161 20.45 -18.44 -5.76
CA TYR I 161 20.00 -17.72 -6.95
C TYR I 161 21.08 -16.78 -7.47
N GLU I 162 21.58 -17.13 -8.66
CA GLU I 162 22.63 -16.35 -9.33
C GLU I 162 23.84 -16.18 -8.43
N GLY I 163 24.12 -17.24 -7.73
CA GLY I 163 25.35 -17.28 -6.96
C GLY I 163 25.17 -16.83 -5.51
N TYR I 164 23.94 -16.43 -5.17
CA TYR I 164 23.68 -15.96 -3.82
C TYR I 164 22.77 -16.93 -3.07
N ALA I 165 23.30 -17.40 -1.95
CA ALA I 165 22.43 -18.21 -1.11
C ALA I 165 21.28 -17.39 -0.53
N LEU I 166 20.11 -18.02 -0.40
CA LEU I 166 18.94 -17.36 0.17
C LEU I 166 18.71 -17.80 1.61
N PRO I 167 19.26 -16.99 2.52
CA PRO I 167 19.32 -17.41 3.93
C PRO I 167 17.94 -17.73 4.49
N HIS I 168 16.89 -17.04 4.10
CA HIS I 168 15.56 -17.21 4.66
C HIS I 168 14.97 -18.56 4.27
N ALA I 169 15.54 -19.12 3.27
CA ALA I 169 14.96 -20.35 2.73
C ALA I 169 15.88 -21.54 2.99
N ILE I 170 16.96 -21.33 3.68
CA ILE I 170 17.84 -22.43 4.04
C ILE I 170 17.24 -23.23 5.20
N LEU I 171 17.18 -24.56 5.02
CA LEU I 171 16.67 -25.41 6.07
C LEU I 171 17.71 -26.43 6.52
N ARG I 172 17.65 -26.72 7.80
CA ARG I 172 18.62 -27.63 8.39
C ARG I 172 17.93 -28.85 9.00
N LEU I 173 18.50 -30.00 8.72
CA LEU I 173 18.11 -31.25 9.35
C LEU I 173 19.29 -31.85 10.11
N ASP I 174 19.20 -31.86 11.45
CA ASP I 174 20.29 -32.40 12.27
C ASP I 174 20.32 -33.92 12.22
N LEU I 175 20.32 -34.45 11.11
CA LEU I 175 20.39 -35.86 10.76
C LEU I 175 21.27 -36.08 9.54
N ALA I 176 22.30 -36.89 9.73
CA ALA I 176 23.22 -37.17 8.62
C ALA I 176 23.95 -38.49 8.84
N GLY I 177 25.09 -38.63 8.37
CA GLY I 177 25.81 -39.89 8.30
C GLY I 177 26.05 -40.52 9.66
N ARG I 178 26.45 -39.75 10.57
CA ARG I 178 26.76 -40.27 11.89
C ARG I 178 25.52 -40.85 12.56
N ASP I 179 24.43 -40.19 12.41
CA ASP I 179 23.17 -40.68 12.96
C ASP I 179 22.77 -42.00 12.29
N LEU I 180 23.03 -42.11 11.07
CA LEU I 180 22.68 -43.32 10.34
C LEU I 180 23.55 -44.49 10.76
N THR I 181 24.79 -44.18 11.00
CA THR I 181 25.67 -45.23 11.51
C THR I 181 25.16 -45.75 12.86
N ASP I 182 24.77 -44.86 13.71
CA ASP I 182 24.21 -45.24 15.01
C ASP I 182 22.92 -46.04 14.83
N TYR I 183 22.16 -45.61 13.94
CA TYR I 183 20.90 -46.30 13.67
C TYR I 183 21.16 -47.72 13.15
N LEU I 184 22.11 -47.82 12.26
CA LEU I 184 22.43 -49.14 11.73
C LEU I 184 22.94 -50.06 12.84
N MET I 185 23.74 -49.53 13.69
CA MET I 185 24.18 -50.31 14.83
C MET I 185 23.00 -50.86 15.62
N LYS I 186 22.05 -50.03 15.86
CA LYS I 186 20.87 -50.41 16.62
C LYS I 186 20.11 -51.54 15.93
N ILE I 187 19.88 -51.43 14.64
CA ILE I 187 19.03 -52.40 13.97
C ILE I 187 19.82 -53.67 13.68
N LEU I 188 21.11 -53.60 13.59
CA LEU I 188 21.92 -54.82 13.52
C LEU I 188 21.87 -55.57 14.84
N THR I 189 21.87 -54.80 15.91
CA THR I 189 21.72 -55.44 17.22
C THR I 189 20.42 -56.22 17.30
N GLU I 190 19.38 -55.69 16.73
CA GLU I 190 18.09 -56.38 16.70
C GLU I 190 18.17 -57.69 15.93
N ARG I 191 19.09 -57.74 15.00
CA ARG I 191 19.29 -58.95 14.20
C ARG I 191 20.20 -59.93 14.90
N GLY I 192 20.86 -59.48 15.94
CA GLY I 192 21.66 -60.39 16.74
C GLY I 192 23.14 -60.08 16.68
N TYR I 193 23.46 -59.03 15.96
CA TYR I 193 24.85 -58.59 15.92
C TYR I 193 25.10 -57.45 16.90
N SER I 194 26.05 -57.66 17.69
CA SER I 194 26.28 -56.63 18.70
C SER I 194 27.58 -55.89 18.44
N PHE I 195 27.44 -54.61 18.19
CA PHE I 195 28.56 -53.69 18.06
C PHE I 195 28.51 -52.61 19.14
N THR I 196 29.35 -52.73 20.07
CA THR I 196 29.16 -51.87 21.24
C THR I 196 30.34 -50.91 21.40
N THR I 197 31.41 -51.24 20.74
CA THR I 197 32.59 -50.40 20.95
C THR I 197 32.72 -49.38 19.81
N THR I 198 33.50 -48.39 20.07
CA THR I 198 33.75 -47.37 19.07
C THR I 198 34.43 -47.96 17.83
N ALA I 199 35.37 -48.83 18.08
CA ALA I 199 36.02 -49.51 16.96
C ALA I 199 35.00 -50.27 16.13
N GLU I 200 34.10 -50.80 16.79
CA GLU I 200 33.06 -51.55 16.10
C GLU I 200 32.11 -50.62 15.35
N ARG I 201 31.99 -49.48 15.89
CA ARG I 201 31.17 -48.49 15.20
C ARG I 201 31.73 -48.17 13.82
N GLU I 202 33.07 -48.14 13.70
CA GLU I 202 33.72 -47.88 12.42
C GLU I 202 33.48 -49.03 11.44
N ILE I 203 33.40 -50.13 12.02
CA ILE I 203 33.07 -51.27 11.18
C ILE I 203 31.66 -51.11 10.62
N VAL I 204 30.79 -50.65 11.46
CA VAL I 204 29.40 -50.46 11.04
C VAL I 204 29.33 -49.35 10.00
N ARG I 205 30.10 -48.33 10.20
CA ARG I 205 30.17 -47.27 9.21
C ARG I 205 30.60 -47.82 7.85
N ASP I 206 31.60 -48.68 7.93
CA ASP I 206 32.08 -49.30 6.70
C ASP I 206 30.99 -50.15 6.05
N ILE I 207 30.26 -50.89 6.83
CA ILE I 207 29.14 -51.70 6.33
C ILE I 207 28.12 -50.79 5.67
N LYS I 208 27.78 -49.73 6.34
CA LYS I 208 26.80 -48.77 5.84
C LYS I 208 27.23 -48.23 4.47
N GLU I 209 28.43 -47.81 4.33
CA GLU I 209 28.92 -47.14 3.12
C GLU I 209 29.08 -48.14 1.98
N LYS I 210 29.25 -49.41 2.31
CA LYS I 210 29.52 -50.41 1.26
C LYS I 210 28.23 -51.12 0.85
N LEU I 211 27.33 -51.22 1.78
CA LEU I 211 26.27 -52.18 1.49
C LEU I 211 24.90 -51.51 1.45
N CYS I 212 24.77 -50.39 2.06
CA CYS I 212 23.45 -49.78 2.18
C CYS I 212 23.08 -49.06 0.89
N TYR I 213 21.78 -48.96 0.68
CA TYR I 213 21.23 -48.26 -0.48
C TYR I 213 19.85 -47.71 -0.19
N VAL I 214 19.36 -46.83 -1.05
CA VAL I 214 18.03 -46.24 -0.91
C VAL I 214 17.05 -46.94 -1.85
N ALA I 215 15.99 -47.44 -1.27
CA ALA I 215 14.95 -48.09 -2.07
C ALA I 215 14.07 -47.06 -2.77
N LEU I 216 13.74 -47.41 -4.01
CA LEU I 216 12.81 -46.54 -4.72
C LEU I 216 11.44 -46.54 -4.05
N ASP I 217 10.92 -47.70 -3.80
CA ASP I 217 9.71 -47.93 -3.03
C ASP I 217 10.00 -48.75 -1.78
N PHE I 218 9.92 -48.10 -0.65
CA PHE I 218 10.35 -48.69 0.61
C PHE I 218 9.44 -49.85 1.00
N GLU I 219 8.17 -49.71 0.84
CA GLU I 219 7.22 -50.75 1.23
C GLU I 219 7.37 -51.99 0.35
N GLN I 220 7.53 -51.74 -0.90
CA GLN I 220 7.73 -52.86 -1.81
C GLN I 220 9.03 -53.60 -1.50
N GLU I 221 10.02 -52.85 -1.19
CA GLU I 221 11.32 -53.46 -0.89
C GLU I 221 11.26 -54.28 0.39
N MET I 222 10.49 -53.77 1.37
CA MET I 222 10.26 -54.51 2.60
C MET I 222 9.57 -55.85 2.31
N ALA I 223 8.64 -55.82 1.41
CA ALA I 223 7.92 -57.03 1.03
C ALA I 223 8.84 -58.03 0.34
N THR I 224 9.67 -57.50 -0.50
CA THR I 224 10.63 -58.35 -1.20
C THR I 224 11.60 -59.00 -0.21
N ALA I 225 12.04 -58.19 0.70
CA ALA I 225 13.00 -58.70 1.69
C ALA I 225 12.38 -59.79 2.55
N ALA I 226 11.05 -59.72 2.75
CA ALA I 226 10.35 -60.70 3.59
C ALA I 226 10.10 -62.00 2.84
N SER I 227 10.11 -61.90 1.55
CA SER I 227 9.71 -63.06 0.75
C SER I 227 10.92 -63.73 0.11
N SER I 228 12.05 -63.02 0.07
CA SER I 228 13.21 -63.59 -0.60
C SER I 228 14.51 -63.12 0.07
N SER I 229 15.56 -63.87 -0.18
CA SER I 229 16.87 -63.52 0.34
C SER I 229 17.71 -62.79 -0.72
N SER I 230 17.06 -62.36 -1.72
CA SER I 230 17.76 -61.78 -2.87
C SER I 230 18.42 -60.45 -2.50
N LEU I 231 17.97 -59.86 -1.46
CA LEU I 231 18.47 -58.55 -1.10
C LEU I 231 19.56 -58.65 -0.03
N GLU I 232 19.81 -59.84 0.39
CA GLU I 232 20.80 -60.05 1.44
C GLU I 232 22.22 -59.95 0.88
N LYS I 233 23.09 -59.33 1.66
CA LYS I 233 24.51 -59.27 1.35
C LYS I 233 25.37 -59.65 2.55
N SER I 234 26.52 -60.19 2.24
CA SER I 234 27.42 -60.59 3.31
C SER I 234 28.57 -59.60 3.46
N TYR I 235 29.05 -59.52 4.71
CA TYR I 235 30.18 -58.69 5.06
C TYR I 235 31.16 -59.42 5.97
N GLU I 236 32.39 -59.49 5.59
CA GLU I 236 33.39 -60.15 6.41
C GLU I 236 33.98 -59.19 7.44
N LEU I 237 33.84 -59.53 8.64
CA LEU I 237 34.39 -58.73 9.73
C LEU I 237 35.91 -58.87 9.80
N PRO I 238 36.54 -57.99 10.47
CA PRO I 238 37.99 -58.06 10.57
C PRO I 238 38.47 -59.36 11.23
N ASP I 239 37.69 -59.96 12.10
CA ASP I 239 38.08 -61.19 12.78
C ASP I 239 37.77 -62.41 11.90
N GLY I 240 37.21 -62.22 10.72
CA GLY I 240 36.98 -63.30 9.78
C GLY I 240 35.53 -63.78 9.78
N GLN I 241 34.82 -63.40 10.75
CA GLN I 241 33.41 -63.77 10.82
C GLN I 241 32.61 -63.07 9.72
N VAL I 242 31.72 -63.82 9.12
CA VAL I 242 30.89 -63.27 8.06
C VAL I 242 29.47 -63.03 8.59
N ILE I 243 29.03 -61.84 8.45
CA ILE I 243 27.66 -61.55 8.86
C ILE I 243 26.80 -61.28 7.62
N THR I 244 25.52 -61.53 7.79
CA THR I 244 24.56 -61.28 6.71
C THR I 244 23.66 -60.10 7.05
N ILE I 245 23.60 -59.16 6.13
CA ILE I 245 22.75 -57.98 6.29
C ILE I 245 21.59 -58.04 5.30
N GLY I 246 20.32 -57.88 5.81
CA GLY I 246 19.15 -57.98 4.95
C GLY I 246 18.47 -56.64 4.72
N ASN I 247 17.33 -56.54 5.39
CA ASN I 247 16.54 -55.33 5.13
C ASN I 247 17.14 -54.12 5.85
N GLU I 248 18.20 -54.36 6.66
CA GLU I 248 18.90 -53.24 7.29
C GLU I 248 19.60 -52.37 6.24
N ARG I 249 19.89 -52.98 5.09
CA ARG I 249 20.60 -52.30 4.02
C ARG I 249 19.85 -51.07 3.55
N PHE I 250 18.53 -51.17 3.50
CA PHE I 250 17.79 -50.04 2.97
C PHE I 250 16.95 -49.37 4.07
N ARG I 251 16.81 -50.03 5.21
CA ARG I 251 16.14 -49.40 6.35
C ARG I 251 16.99 -48.27 6.92
N CYS I 252 18.23 -48.46 6.91
CA CYS I 252 19.14 -47.48 7.49
C CYS I 252 19.02 -46.14 6.78
N PRO I 253 19.26 -46.06 5.45
CA PRO I 253 19.18 -44.74 4.81
C PRO I 253 17.75 -44.23 4.67
N GLU I 254 16.77 -45.10 4.93
CA GLU I 254 15.38 -44.64 4.90
C GLU I 254 15.12 -43.56 5.93
N ALA I 255 15.95 -43.61 6.94
CA ALA I 255 15.82 -42.62 8.01
C ALA I 255 15.99 -41.20 7.46
N LEU I 256 16.64 -41.00 6.34
CA LEU I 256 16.79 -39.68 5.73
C LEU I 256 15.46 -39.18 5.21
N PHE I 257 14.65 -40.13 4.71
CA PHE I 257 13.34 -39.79 4.15
C PHE I 257 12.26 -39.86 5.22
N GLN I 258 12.51 -40.67 6.21
CA GLN I 258 11.60 -40.81 7.33
C GLN I 258 12.35 -40.73 8.66
N PRO I 259 12.57 -39.53 9.14
CA PRO I 259 13.36 -39.33 10.35
C PRO I 259 12.71 -39.97 11.59
N SER I 260 11.46 -40.30 11.47
CA SER I 260 10.77 -40.97 12.57
C SER I 260 11.43 -42.29 12.92
N PHE I 261 12.14 -42.92 11.99
CA PHE I 261 12.89 -44.15 12.27
C PHE I 261 13.88 -43.94 13.40
N LEU I 262 14.29 -42.70 13.56
CA LEU I 262 15.23 -42.37 14.62
C LEU I 262 14.53 -41.67 15.78
N GLY I 263 13.21 -41.58 15.69
CA GLY I 263 12.45 -40.94 16.73
C GLY I 263 12.42 -39.42 16.62
N MET I 264 12.80 -38.91 15.48
CA MET I 264 12.84 -37.47 15.26
C MET I 264 11.54 -36.97 14.66
N GLU I 265 11.05 -35.89 15.27
CA GLU I 265 9.89 -35.23 14.69
C GLU I 265 10.31 -34.21 13.64
N ALA I 266 10.80 -34.64 12.55
CA ALA I 266 11.28 -33.79 11.47
C ALA I 266 10.87 -34.34 10.11
N CYS I 267 10.83 -33.39 9.17
CA CYS I 267 10.59 -33.82 7.79
C CYS I 267 11.83 -34.47 7.19
N GLY I 268 11.61 -35.44 6.30
CA GLY I 268 12.72 -36.05 5.59
C GLY I 268 13.38 -35.10 4.61
N ILE I 269 14.42 -35.50 3.99
CA ILE I 269 15.24 -34.65 3.13
C ILE I 269 14.44 -34.22 1.91
N HIS I 270 13.53 -35.10 1.38
CA HIS I 270 12.72 -34.73 0.22
C HIS I 270 11.73 -33.62 0.56
N GLU I 271 11.08 -33.77 1.71
CA GLU I 271 10.13 -32.75 2.15
C GLU I 271 10.85 -31.46 2.53
N THR I 272 11.95 -31.63 3.16
CA THR I 272 12.74 -30.45 3.53
C THR I 272 13.16 -29.68 2.29
N THR I 273 13.58 -30.37 1.27
CA THR I 273 13.94 -29.74 0.00
C THR I 273 12.75 -29.01 -0.60
N TYR I 274 11.65 -29.68 -0.59
CA TYR I 274 10.42 -29.09 -1.10
C TYR I 274 10.06 -27.84 -0.31
N ASN I 275 10.11 -27.98 0.99
CA ASN I 275 9.75 -26.84 1.84
C ASN I 275 10.70 -25.66 1.63
N SER I 276 11.96 -25.95 1.40
CA SER I 276 12.94 -24.90 1.10
C SER I 276 12.59 -24.17 -0.18
N ILE I 277 12.21 -24.85 -1.17
CA ILE I 277 11.83 -24.27 -2.46
C ILE I 277 10.60 -23.39 -2.28
N MET I 278 9.70 -23.84 -1.48
CA MET I 278 8.43 -23.13 -1.28
C MET I 278 8.65 -21.85 -0.50
N LYS I 279 9.71 -21.76 0.18
CA LYS I 279 10.02 -20.54 0.92
C LYS I 279 10.62 -19.47 0.00
N CYS I 280 10.96 -19.85 -1.21
CA CYS I 280 11.53 -18.92 -2.16
C CYS I 280 10.45 -18.24 -2.99
N ASP I 281 10.86 -17.15 -3.68
CA ASP I 281 9.93 -16.45 -4.57
C ASP I 281 9.43 -17.37 -5.68
N VAL I 282 8.23 -17.19 -6.04
CA VAL I 282 7.54 -18.05 -7.00
C VAL I 282 8.29 -18.07 -8.32
N ASP I 283 8.97 -17.04 -8.66
CA ASP I 283 9.57 -16.88 -9.98
C ASP I 283 10.88 -17.68 -10.08
N ILE I 284 11.38 -18.10 -9.00
CA ILE I 284 12.66 -18.80 -9.12
C ILE I 284 12.47 -20.27 -8.80
N ARG I 285 11.29 -20.66 -8.35
CA ARG I 285 11.04 -22.03 -7.92
C ARG I 285 11.23 -23.02 -9.07
N LYS I 286 10.79 -22.59 -10.21
CA LYS I 286 10.94 -23.46 -11.37
C LYS I 286 12.40 -23.84 -11.59
N ASP I 287 13.29 -22.85 -11.41
CA ASP I 287 14.72 -23.08 -11.56
C ASP I 287 15.26 -24.00 -10.47
N LEU I 288 14.74 -23.87 -9.33
CA LEU I 288 15.20 -24.68 -8.22
C LEU I 288 14.79 -26.13 -8.39
N TYR I 289 13.57 -26.36 -8.84
CA TYR I 289 13.10 -27.71 -9.09
C TYR I 289 13.95 -28.40 -10.16
N ALA I 290 14.40 -27.61 -11.09
CA ALA I 290 15.08 -28.17 -12.25
C ALA I 290 16.59 -28.26 -12.03
N ASN I 291 16.99 -27.87 -10.85
CA ASN I 291 18.41 -27.85 -10.54
C ASN I 291 18.68 -28.19 -9.08
N THR I 292 18.32 -29.38 -8.68
CA THR I 292 18.60 -29.88 -7.35
C THR I 292 19.90 -30.70 -7.34
N VAL I 293 20.86 -30.18 -6.61
CA VAL I 293 22.18 -30.80 -6.63
C VAL I 293 22.44 -31.51 -5.31
N LEU I 294 22.81 -32.80 -5.42
CA LEU I 294 23.20 -33.55 -4.23
C LEU I 294 24.69 -33.39 -3.96
N SER I 295 24.98 -33.21 -2.67
CA SER I 295 26.37 -33.04 -2.26
C SER I 295 26.62 -33.61 -0.88
N GLY I 296 27.82 -34.23 -0.69
CA GLY I 296 28.21 -34.77 0.61
C GLY I 296 28.22 -36.28 0.64
N GLY I 297 28.90 -36.84 1.57
CA GLY I 297 29.10 -38.28 1.66
C GLY I 297 27.81 -39.06 1.87
N THR I 298 26.91 -38.43 2.57
CA THR I 298 25.68 -39.13 2.91
C THR I 298 24.74 -39.18 1.72
N THR I 299 25.12 -38.57 0.63
CA THR I 299 24.31 -38.62 -0.59
C THR I 299 24.84 -39.67 -1.56
N MET I 300 25.75 -40.49 -1.10
CA MET I 300 26.42 -41.45 -1.98
C MET I 300 25.64 -42.75 -2.06
N TYR I 301 24.55 -42.88 -1.36
CA TYR I 301 23.77 -44.11 -1.39
C TYR I 301 23.24 -44.36 -2.80
N PRO I 302 23.53 -45.61 -3.23
CA PRO I 302 22.84 -45.96 -4.49
C PRO I 302 21.32 -45.81 -4.38
N GLY I 303 20.77 -45.18 -5.40
CA GLY I 303 19.32 -45.07 -5.48
C GLY I 303 18.79 -43.75 -4.94
N ILE I 304 19.60 -43.02 -4.30
CA ILE I 304 19.12 -41.83 -3.61
C ILE I 304 18.62 -40.82 -4.64
N ALA I 305 19.32 -40.66 -5.73
CA ALA I 305 18.91 -39.70 -6.75
C ALA I 305 17.54 -40.05 -7.32
N ASP I 306 17.33 -41.31 -7.60
CA ASP I 306 16.06 -41.76 -8.14
C ASP I 306 14.93 -41.57 -7.12
N ARG I 307 15.26 -41.90 -5.92
CA ARG I 307 14.26 -41.74 -4.87
C ARG I 307 13.89 -40.27 -4.71
N MET I 308 14.86 -39.41 -4.71
CA MET I 308 14.60 -37.97 -4.62
C MET I 308 13.76 -37.50 -5.79
N GLN I 309 14.13 -37.94 -6.96
CA GLN I 309 13.36 -37.59 -8.15
C GLN I 309 11.89 -37.97 -7.98
N LYS I 310 11.67 -39.14 -7.56
CA LYS I 310 10.31 -39.65 -7.38
C LYS I 310 9.55 -38.83 -6.34
N GLU I 311 10.19 -38.60 -5.21
CA GLU I 311 9.52 -37.95 -4.09
C GLU I 311 9.23 -36.49 -4.39
N ILE I 312 10.14 -35.80 -5.05
CA ILE I 312 9.96 -34.38 -5.35
C ILE I 312 8.90 -34.23 -6.45
N THR I 313 8.92 -35.10 -7.40
CA THR I 313 7.91 -35.08 -8.44
C THR I 313 6.51 -35.20 -7.85
N ALA I 314 6.39 -36.01 -6.83
CA ALA I 314 5.10 -36.22 -6.18
C ALA I 314 4.66 -34.98 -5.41
N LEU I 315 5.58 -34.21 -4.90
CA LEU I 315 5.28 -33.06 -4.06
C LEU I 315 5.06 -31.81 -4.91
N ALA I 316 5.78 -31.69 -6.03
CA ALA I 316 5.80 -30.48 -6.86
C ALA I 316 4.55 -30.41 -7.73
N PRO I 317 4.20 -29.19 -8.16
CA PRO I 317 3.14 -29.11 -9.16
C PRO I 317 3.40 -29.98 -10.39
N SER I 318 2.41 -30.45 -11.01
CA SER I 318 2.50 -31.47 -12.06
C SER I 318 3.22 -30.92 -13.29
N THR I 319 3.22 -29.67 -13.45
CA THR I 319 3.79 -29.09 -14.67
C THR I 319 5.27 -28.78 -14.47
N MET I 320 5.70 -29.06 -13.31
CA MET I 320 7.06 -28.65 -12.96
C MET I 320 8.07 -29.70 -13.44
N LYS I 321 9.10 -29.23 -14.12
CA LYS I 321 10.21 -30.11 -14.45
C LYS I 321 11.12 -30.32 -13.23
N ILE I 322 11.39 -31.64 -13.00
CA ILE I 322 12.22 -31.98 -11.86
C ILE I 322 13.53 -32.60 -12.33
N LYS I 323 14.60 -32.08 -11.85
CA LYS I 323 15.89 -32.65 -12.19
C LYS I 323 16.80 -32.74 -10.96
N ILE I 324 17.20 -33.97 -10.67
CA ILE I 324 18.14 -34.22 -9.60
C ILE I 324 19.53 -34.47 -10.17
N ILE I 325 20.45 -33.70 -9.67
CA ILE I 325 21.81 -33.83 -10.16
C ILE I 325 22.69 -34.48 -9.08
N ALA I 326 23.26 -35.63 -9.42
CA ALA I 326 24.14 -36.37 -8.52
C ALA I 326 25.50 -36.60 -9.16
N PRO I 327 26.34 -35.56 -9.04
CA PRO I 327 27.66 -35.75 -9.64
C PRO I 327 28.43 -36.92 -9.02
N PRO I 328 29.20 -37.55 -9.80
CA PRO I 328 29.93 -38.71 -9.28
C PRO I 328 30.93 -38.34 -8.19
N GLU I 329 31.44 -37.16 -8.30
CA GLU I 329 32.47 -36.72 -7.37
C GLU I 329 31.87 -35.99 -6.18
N ARG I 330 30.60 -36.21 -5.93
CA ARG I 330 29.86 -35.35 -5.00
C ARG I 330 30.28 -35.61 -3.56
N LYS I 331 31.01 -36.68 -3.35
CA LYS I 331 31.52 -36.90 -2.00
C LYS I 331 32.41 -35.75 -1.56
N TYR I 332 33.19 -35.25 -2.50
CA TYR I 332 34.13 -34.19 -2.18
C TYR I 332 33.88 -32.95 -3.05
N SER I 333 32.69 -32.75 -3.44
CA SER I 333 32.35 -31.67 -4.36
C SER I 333 32.75 -30.31 -3.78
N VAL I 334 32.50 -30.15 -2.54
CA VAL I 334 32.82 -28.88 -1.90
C VAL I 334 34.33 -28.62 -1.98
N TRP I 335 35.10 -29.62 -1.57
CA TRP I 335 36.55 -29.46 -1.56
C TRP I 335 37.09 -29.27 -2.98
N ILE I 336 36.57 -30.04 -3.91
CA ILE I 336 37.03 -29.98 -5.29
C ILE I 336 36.75 -28.60 -5.86
N GLY I 337 35.56 -28.12 -5.60
CA GLY I 337 35.25 -26.76 -6.03
C GLY I 337 36.23 -25.73 -5.50
N GLY I 338 36.53 -25.83 -4.22
CA GLY I 338 37.52 -24.94 -3.63
C GLY I 338 38.91 -25.12 -4.21
N SER I 339 39.28 -26.35 -4.47
CA SER I 339 40.58 -26.67 -5.03
C SER I 339 40.77 -26.04 -6.41
N ILE I 340 39.77 -26.13 -7.21
CA ILE I 340 39.83 -25.58 -8.57
C ILE I 340 39.86 -24.06 -8.51
N LEU I 341 38.98 -23.52 -7.75
CA LEU I 341 38.90 -22.08 -7.64
C LEU I 341 40.24 -21.49 -7.19
N ALA I 342 40.80 -22.06 -6.17
CA ALA I 342 42.01 -21.53 -5.55
C ALA I 342 43.23 -21.79 -6.43
N SER I 343 43.12 -22.60 -7.40
CA SER I 343 44.25 -22.94 -8.27
C SER I 343 44.34 -21.99 -9.46
N LEU I 344 43.24 -21.26 -9.68
CA LEU I 344 43.25 -20.33 -10.82
C LEU I 344 44.17 -19.15 -10.55
N SER I 345 44.93 -18.81 -11.59
CA SER I 345 45.86 -17.69 -11.44
C SER I 345 45.10 -16.37 -11.23
N THR I 346 43.93 -16.25 -11.78
CA THR I 346 43.14 -15.03 -11.70
C THR I 346 42.48 -14.90 -10.33
N PHE I 347 42.41 -16.01 -9.59
CA PHE I 347 41.78 -15.99 -8.27
C PHE I 347 42.67 -15.29 -7.26
N GLN I 348 43.95 -15.12 -7.55
CA GLN I 348 44.93 -14.56 -6.63
C GLN I 348 44.52 -13.16 -6.18
N GLN I 349 43.77 -12.49 -6.95
CA GLN I 349 43.36 -11.12 -6.63
C GLN I 349 42.17 -11.12 -5.67
N MET I 350 41.65 -12.28 -5.46
CA MET I 350 40.44 -12.36 -4.67
C MET I 350 40.75 -12.65 -3.20
N TRP I 351 41.92 -12.97 -2.85
CA TRP I 351 42.33 -13.31 -1.49
C TRP I 351 42.22 -12.10 -0.57
N ILE I 352 41.88 -12.35 0.66
CA ILE I 352 42.18 -11.36 1.70
C ILE I 352 43.66 -11.44 2.06
N SER I 353 44.41 -10.39 1.85
CA SER I 353 45.82 -10.38 2.20
C SER I 353 46.02 -10.01 3.67
N LYS I 354 47.16 -10.41 4.15
CA LYS I 354 47.51 -10.03 5.52
C LYS I 354 47.47 -8.51 5.70
N GLN I 355 47.88 -7.79 4.74
CA GLN I 355 47.88 -6.34 4.79
C GLN I 355 46.46 -5.78 4.89
N GLU I 356 45.59 -6.33 4.09
CA GLU I 356 44.19 -5.90 4.16
C GLU I 356 43.59 -6.19 5.53
N TYR I 357 43.90 -7.34 6.05
CA TYR I 357 43.43 -7.70 7.39
C TYR I 357 43.97 -6.75 8.44
N ASP I 358 45.22 -6.38 8.38
CA ASP I 358 45.84 -5.48 9.35
C ASP I 358 45.19 -4.10 9.31
N GLU I 359 44.66 -3.76 8.13
CA GLU I 359 44.08 -2.43 7.95
C GLU I 359 42.61 -2.42 8.35
N SER I 360 41.91 -3.46 8.13
CA SER I 360 40.46 -3.40 8.22
C SER I 360 39.94 -4.29 9.35
N GLY I 361 40.80 -5.18 9.82
CA GLY I 361 40.37 -6.11 10.85
C GLY I 361 39.60 -7.30 10.30
N PRO I 362 39.03 -8.14 11.13
CA PRO I 362 38.40 -9.40 10.74
C PRO I 362 37.13 -9.19 9.91
N SER I 363 36.53 -7.99 9.98
CA SER I 363 35.29 -7.72 9.27
C SER I 363 35.51 -7.67 7.76
N ILE I 364 36.75 -7.68 7.30
CA ILE I 364 37.10 -7.60 5.89
C ILE I 364 36.59 -8.83 5.16
N VAL I 365 36.41 -9.92 5.92
CA VAL I 365 35.98 -11.19 5.33
C VAL I 365 34.60 -11.00 4.68
N HIS I 366 33.74 -10.14 5.19
CA HIS I 366 32.39 -9.94 4.68
C HIS I 366 32.40 -9.15 3.37
N ARG I 367 33.40 -8.34 3.21
CA ARG I 367 33.50 -7.50 2.02
C ARG I 367 34.18 -8.26 0.88
N LYS I 368 35.10 -9.08 1.18
CA LYS I 368 35.94 -9.69 0.15
C LYS I 368 35.40 -11.05 -0.27
N CYS I 369 34.66 -11.67 0.59
CA CYS I 369 34.28 -13.04 0.28
C CYS I 369 32.78 -13.15 0.01
N PHE I 370 31.99 -11.97 0.31
CA PHE I 370 30.54 -12.05 0.16
C PHE I 370 29.99 -10.75 -0.41
N MET J 1 30.62 -15.45 -5.22
CA MET J 1 31.87 -16.14 -5.50
C MET J 1 32.38 -15.81 -6.90
N ALA J 2 33.71 -15.45 -6.95
CA ALA J 2 34.27 -15.05 -8.24
C ALA J 2 35.62 -15.72 -8.48
N SER J 3 35.89 -15.98 -9.75
CA SER J 3 37.13 -16.63 -10.16
C SER J 3 38.24 -15.61 -10.42
N GLY J 4 37.92 -14.40 -10.65
CA GLY J 4 38.89 -13.37 -11.00
C GLY J 4 39.13 -13.26 -12.50
N VAL J 5 38.50 -14.10 -13.28
CA VAL J 5 38.62 -14.04 -14.74
C VAL J 5 38.08 -12.69 -15.24
N THR J 6 38.83 -12.05 -16.16
CA THR J 6 38.46 -10.73 -16.65
C THR J 6 37.72 -10.83 -17.99
N VAL J 7 37.12 -9.70 -18.43
CA VAL J 7 36.38 -9.63 -19.69
C VAL J 7 37.11 -8.71 -20.66
N SER J 8 37.43 -9.23 -21.83
CA SER J 8 38.15 -8.44 -22.82
C SER J 8 37.30 -7.28 -23.34
N ASP J 9 37.96 -6.24 -23.78
CA ASP J 9 37.27 -5.07 -24.30
C ASP J 9 36.48 -5.40 -25.56
N VAL J 10 36.97 -6.34 -26.29
CA VAL J 10 36.29 -6.73 -27.53
C VAL J 10 34.90 -7.26 -27.21
N CYS J 11 34.78 -7.92 -26.07
CA CYS J 11 33.47 -8.41 -25.66
C CYS J 11 32.47 -7.27 -25.52
N LYS J 12 32.93 -6.17 -24.91
CA LYS J 12 32.07 -5.01 -24.69
C LYS J 12 31.72 -4.32 -26.01
N THR J 13 32.75 -4.29 -26.86
CA THR J 13 32.53 -3.66 -28.16
C THR J 13 31.52 -4.46 -28.99
N THR J 14 31.70 -5.74 -28.98
CA THR J 14 30.81 -6.59 -29.74
C THR J 14 29.40 -6.54 -29.17
N TYR J 15 29.32 -6.47 -27.90
CA TYR J 15 28.04 -6.35 -27.24
C TYR J 15 27.30 -5.09 -27.69
N GLU J 16 27.97 -3.99 -27.81
CA GLU J 16 27.37 -2.73 -28.24
C GLU J 16 26.93 -2.81 -29.70
N GLU J 17 27.69 -3.55 -30.48
CA GLU J 17 27.35 -3.72 -31.89
C GLU J 17 26.07 -4.53 -32.06
N ILE J 18 25.80 -5.33 -31.14
CA ILE J 18 24.58 -6.16 -31.19
C ILE J 18 23.42 -5.38 -30.60
N LYS J 19 23.60 -4.78 -29.45
CA LYS J 19 22.53 -4.15 -28.70
C LYS J 19 22.09 -2.84 -29.35
N LYS J 20 23.04 -1.98 -29.71
CA LYS J 20 22.73 -0.63 -30.18
C LYS J 20 22.66 -0.58 -31.70
N ASP J 21 23.70 -1.24 -32.35
CA ASP J 21 23.85 -1.07 -33.79
C ASP J 21 23.10 -2.15 -34.56
N LYS J 22 22.74 -3.14 -33.91
CA LYS J 22 22.04 -4.27 -34.53
C LYS J 22 22.82 -4.81 -35.72
N LYS J 23 24.17 -4.82 -35.56
CA LYS J 23 25.05 -5.28 -36.63
C LYS J 23 25.10 -6.80 -36.68
N HIS J 24 24.99 -7.41 -35.53
CA HIS J 24 25.08 -8.86 -35.42
C HIS J 24 23.90 -9.43 -34.63
N ARG J 25 23.66 -10.76 -34.88
CA ARG J 25 22.53 -11.41 -34.22
C ARG J 25 22.94 -11.96 -32.86
N TYR J 26 24.09 -12.60 -32.87
CA TYR J 26 24.56 -13.17 -31.61
C TYR J 26 26.08 -13.25 -31.58
N VAL J 27 26.59 -13.49 -30.40
CA VAL J 27 28.02 -13.72 -30.19
C VAL J 27 28.22 -14.86 -29.20
N ILE J 28 29.27 -15.70 -29.47
CA ILE J 28 29.69 -16.75 -28.54
C ILE J 28 31.00 -16.34 -27.87
N PHE J 29 31.00 -16.44 -26.55
CA PHE J 29 32.19 -16.12 -25.78
C PHE J 29 32.82 -17.40 -25.23
N TYR J 30 34.16 -17.37 -25.04
CA TYR J 30 34.89 -18.43 -24.36
C TYR J 30 35.95 -17.85 -23.43
N ILE J 31 36.44 -18.67 -22.53
CA ILE J 31 37.49 -18.21 -21.65
C ILE J 31 38.85 -18.64 -22.19
N ARG J 32 39.64 -17.65 -22.48
CA ARG J 32 40.97 -17.90 -23.05
C ARG J 32 42.01 -18.09 -21.95
N ASP J 33 42.71 -19.19 -21.93
CA ASP J 33 43.81 -19.51 -21.04
C ASP J 33 43.38 -19.44 -19.58
N GLU J 34 42.09 -19.60 -19.33
CA GLU J 34 41.52 -19.57 -18.00
C GLU J 34 41.68 -18.20 -17.35
N LYS J 35 41.87 -17.16 -18.19
CA LYS J 35 42.23 -15.87 -17.62
C LYS J 35 41.25 -14.77 -18.04
N GLN J 36 40.75 -14.94 -19.28
CA GLN J 36 39.96 -13.82 -19.80
C GLN J 36 38.86 -14.30 -20.73
N ILE J 37 37.72 -13.75 -20.54
CA ILE J 37 36.62 -14.02 -21.46
C ILE J 37 36.83 -13.23 -22.75
N ASP J 38 36.71 -13.94 -23.83
CA ASP J 38 36.93 -13.33 -25.13
C ASP J 38 35.88 -13.80 -26.14
N VAL J 39 35.90 -13.19 -27.36
CA VAL J 39 34.92 -13.48 -28.39
C VAL J 39 35.40 -14.66 -29.24
N GLU J 40 34.54 -15.62 -29.40
CA GLU J 40 34.87 -16.78 -30.21
C GLU J 40 34.22 -16.69 -31.59
N THR J 41 32.90 -16.48 -31.61
CA THR J 41 32.15 -16.42 -32.86
C THR J 41 31.16 -15.26 -32.85
N VAL J 42 31.10 -14.52 -33.97
CA VAL J 42 30.10 -13.48 -34.17
C VAL J 42 29.27 -13.79 -35.41
N ALA J 43 28.04 -13.81 -35.24
CA ALA J 43 27.17 -14.18 -36.36
C ALA J 43 26.47 -12.95 -36.94
N ASP J 44 26.24 -13.05 -38.23
CA ASP J 44 25.59 -11.94 -38.92
C ASP J 44 24.17 -11.73 -38.41
N ARG J 45 23.61 -10.59 -38.74
CA ARG J 45 22.31 -10.15 -38.23
C ARG J 45 21.20 -11.09 -38.66
N ASN J 46 21.38 -11.83 -39.79
CA ASN J 46 20.32 -12.68 -40.32
C ASN J 46 20.42 -14.11 -39.80
N ALA J 47 21.33 -14.34 -38.92
CA ALA J 47 21.51 -15.69 -38.38
C ALA J 47 20.30 -16.09 -37.53
N GLU J 48 20.02 -17.39 -37.55
CA GLU J 48 18.87 -17.94 -36.82
C GLU J 48 19.32 -18.61 -35.53
N TYR J 49 18.32 -18.90 -34.74
CA TYR J 49 18.61 -19.44 -33.42
C TYR J 49 19.26 -20.81 -33.53
N ASP J 50 18.87 -21.62 -34.49
CA ASP J 50 19.44 -22.95 -34.69
C ASP J 50 20.95 -22.87 -34.91
N GLN J 51 21.31 -21.84 -35.68
CA GLN J 51 22.74 -21.65 -35.90
C GLN J 51 23.46 -21.31 -34.59
N PHE J 52 22.81 -20.55 -33.75
CA PHE J 52 23.33 -20.21 -32.43
C PHE J 52 23.60 -21.47 -31.62
N LEU J 53 22.64 -22.42 -31.66
CA LEU J 53 22.77 -23.66 -30.90
C LEU J 53 23.91 -24.51 -31.45
N GLU J 54 24.05 -24.46 -32.74
CA GLU J 54 25.15 -25.20 -33.36
C GLU J 54 26.50 -24.61 -33.00
N ASP J 55 26.55 -23.28 -32.98
CA ASP J 55 27.82 -22.60 -32.74
C ASP J 55 28.25 -22.75 -31.28
N ILE J 56 27.32 -22.71 -30.39
CA ILE J 56 27.67 -22.74 -28.98
C ILE J 56 28.16 -24.13 -28.60
N GLN J 57 27.81 -25.16 -29.39
CA GLN J 57 28.17 -26.55 -29.11
C GLN J 57 29.29 -27.03 -30.03
N LYS J 58 29.71 -26.25 -30.87
CA LYS J 58 30.58 -26.64 -31.97
C LYS J 58 31.93 -27.15 -31.47
N CYS J 59 32.30 -26.75 -30.27
CA CYS J 59 33.64 -27.10 -29.80
C CYS J 59 33.62 -28.44 -29.06
N GLY J 60 32.45 -29.13 -28.93
CA GLY J 60 32.40 -30.47 -28.35
C GLY J 60 31.43 -30.58 -27.20
N PRO J 61 31.13 -31.80 -26.87
CA PRO J 61 30.08 -32.04 -25.87
C PRO J 61 30.52 -31.67 -24.46
N GLY J 62 31.71 -31.43 -24.20
CA GLY J 62 32.21 -31.14 -22.86
C GLY J 62 32.74 -29.74 -22.71
N GLU J 63 32.46 -28.98 -23.76
CA GLU J 63 32.99 -27.62 -23.74
C GLU J 63 31.93 -26.62 -23.28
N CYS J 64 32.33 -25.73 -22.46
CA CYS J 64 31.45 -24.68 -21.94
C CYS J 64 31.64 -23.38 -22.72
N ARG J 65 30.58 -22.59 -22.78
CA ARG J 65 30.61 -21.30 -23.46
C ARG J 65 29.56 -20.35 -22.87
N TYR J 66 29.73 -19.15 -23.20
CA TYR J 66 28.68 -18.17 -23.03
C TYR J 66 28.12 -17.71 -24.38
N GLY J 67 26.81 -17.42 -24.39
CA GLY J 67 26.22 -16.94 -25.63
C GLY J 67 25.27 -15.77 -25.41
N LEU J 68 25.48 -14.75 -26.16
CA LEU J 68 24.55 -13.63 -26.20
C LEU J 68 23.74 -13.63 -27.50
N PHE J 69 22.44 -13.47 -27.37
CA PHE J 69 21.57 -13.53 -28.54
C PHE J 69 20.50 -12.45 -28.47
N ASP J 70 20.34 -11.74 -29.53
CA ASP J 70 19.22 -10.81 -29.70
C ASP J 70 17.99 -11.53 -30.25
N PHE J 71 17.15 -12.05 -29.40
CA PHE J 71 16.06 -12.97 -29.71
C PHE J 71 14.81 -12.20 -30.14
N GLU J 72 14.23 -12.63 -31.25
CA GLU J 72 13.00 -12.02 -31.75
C GLU J 72 11.85 -13.01 -31.70
N TYR J 73 10.74 -12.49 -31.17
CA TYR J 73 9.55 -13.32 -31.17
C TYR J 73 8.29 -12.48 -31.25
N MET J 74 7.23 -13.15 -31.64
CA MET J 74 5.96 -12.45 -31.77
C MET J 74 5.21 -12.45 -30.44
N HIS J 75 4.68 -11.24 -30.13
CA HIS J 75 3.92 -11.08 -28.89
C HIS J 75 2.52 -10.54 -29.16
N GLN J 76 1.59 -11.29 -28.72
CA GLN J 76 0.21 -10.82 -28.83
C GLN J 76 -0.28 -10.26 -27.49
N CYS J 77 -0.55 -8.89 -27.50
CA CYS J 77 -1.09 -8.30 -26.29
C CYS J 77 -2.54 -8.73 -26.07
N GLN J 78 -2.77 -9.13 -24.79
CA GLN J 78 -4.14 -9.51 -24.47
C GLN J 78 -5.13 -8.42 -24.88
N GLY J 79 -6.11 -8.78 -25.67
CA GLY J 79 -7.20 -7.89 -26.04
C GLY J 79 -7.01 -7.24 -27.39
N THR J 80 -5.71 -7.44 -27.82
CA THR J 80 -5.47 -6.86 -29.14
C THR J 80 -5.27 -7.96 -30.18
N SER J 81 -5.88 -7.90 -31.27
CA SER J 81 -5.74 -8.87 -32.36
C SER J 81 -4.40 -8.71 -33.06
N GLU J 82 -3.57 -7.72 -32.67
CA GLU J 82 -2.34 -7.46 -33.42
C GLU J 82 -1.12 -8.00 -32.69
N SER J 83 -0.35 -8.91 -33.36
CA SER J 83 0.92 -9.41 -32.87
C SER J 83 2.06 -8.45 -33.19
N SER J 84 2.76 -8.07 -32.10
CA SER J 84 3.91 -7.20 -32.32
C SER J 84 5.22 -7.97 -32.12
N LYS J 85 6.22 -7.62 -32.89
CA LYS J 85 7.55 -8.22 -32.77
C LYS J 85 8.31 -7.66 -31.57
N LYS J 86 8.73 -8.55 -30.74
CA LYS J 86 9.54 -8.15 -29.59
C LYS J 86 10.97 -8.69 -29.72
N GLN J 87 11.82 -7.86 -29.29
CA GLN J 87 13.23 -8.25 -29.28
C GLN J 87 13.83 -8.14 -27.88
N LYS J 88 14.41 -9.21 -27.43
CA LYS J 88 15.05 -9.21 -26.12
C LYS J 88 16.42 -9.86 -26.16
N LEU J 89 17.30 -9.26 -25.49
CA LEU J 89 18.65 -9.81 -25.39
C LEU J 89 18.73 -10.81 -24.22
N PHE J 90 19.23 -11.93 -24.54
CA PHE J 90 19.53 -12.81 -23.43
C PHE J 90 20.99 -13.25 -23.45
N LEU J 91 21.50 -13.57 -22.28
CA LEU J 91 22.83 -14.13 -22.10
C LEU J 91 22.76 -15.53 -21.49
N MET J 92 23.36 -16.48 -22.24
CA MET J 92 23.27 -17.87 -21.82
C MET J 92 24.61 -18.38 -21.29
N SER J 93 24.56 -19.00 -20.16
CA SER J 93 25.67 -19.81 -19.69
C SER J 93 25.49 -21.28 -20.09
N TRP J 94 26.29 -21.74 -21.04
CA TRP J 94 26.26 -23.12 -21.52
C TRP J 94 27.34 -23.96 -20.85
N CYS J 95 26.89 -24.78 -19.94
CA CYS J 95 27.75 -25.73 -19.23
C CYS J 95 27.17 -27.13 -19.26
N PRO J 96 27.50 -27.85 -20.32
CA PRO J 96 26.90 -29.18 -20.46
C PRO J 96 27.26 -30.11 -19.31
N ASP J 97 26.37 -31.01 -18.98
CA ASP J 97 26.57 -31.96 -17.89
C ASP J 97 27.77 -32.87 -18.18
N THR J 98 28.11 -32.94 -19.43
CA THR J 98 29.20 -33.82 -19.85
C THR J 98 30.56 -33.15 -19.62
N ALA J 99 30.51 -31.82 -19.30
CA ALA J 99 31.76 -31.10 -19.10
C ALA J 99 32.46 -31.57 -17.83
N LYS J 100 33.82 -31.41 -17.89
CA LYS J 100 34.61 -31.74 -16.70
C LYS J 100 34.40 -30.71 -15.60
N VAL J 101 34.63 -31.12 -14.40
CA VAL J 101 34.31 -30.31 -13.23
C VAL J 101 35.13 -29.02 -13.24
N LYS J 102 36.35 -29.12 -13.68
CA LYS J 102 37.19 -27.94 -13.71
C LYS J 102 36.62 -26.87 -14.64
N LYS J 103 36.17 -27.30 -15.81
CA LYS J 103 35.59 -26.37 -16.77
C LYS J 103 34.27 -25.80 -16.23
N LYS J 104 33.52 -26.64 -15.65
CA LYS J 104 32.25 -26.20 -15.07
C LYS J 104 32.48 -25.14 -14.00
N MET J 105 33.42 -25.38 -13.17
CA MET J 105 33.74 -24.45 -12.10
C MET J 105 34.26 -23.13 -12.67
N LEU J 106 35.09 -23.23 -13.64
CA LEU J 106 35.66 -22.04 -14.26
C LEU J 106 34.57 -21.16 -14.85
N TYR J 107 33.71 -21.71 -15.62
CA TYR J 107 32.71 -20.95 -16.34
C TYR J 107 31.62 -20.45 -15.40
N SER J 108 31.19 -21.27 -14.48
CA SER J 108 30.16 -20.83 -13.54
C SER J 108 30.66 -19.70 -12.64
N SER J 109 31.94 -19.76 -12.28
CA SER J 109 32.50 -18.76 -11.37
C SER J 109 32.92 -17.50 -12.11
N SER J 110 32.84 -17.49 -13.41
CA SER J 110 33.25 -16.34 -14.20
C SER J 110 32.06 -15.64 -14.83
N PHE J 111 30.94 -16.21 -14.72
CA PHE J 111 29.74 -15.74 -15.40
C PHE J 111 29.35 -14.35 -14.92
N ASP J 112 29.50 -14.13 -13.63
CA ASP J 112 29.10 -12.85 -13.04
C ASP J 112 29.91 -11.70 -13.63
N ALA J 113 31.16 -11.96 -13.88
CA ALA J 113 32.01 -10.94 -14.48
C ALA J 113 31.46 -10.50 -15.84
N LEU J 114 31.03 -11.47 -16.55
CA LEU J 114 30.48 -11.19 -17.87
C LEU J 114 29.15 -10.45 -17.75
N LYS J 115 28.33 -10.81 -16.88
CA LYS J 115 27.04 -10.16 -16.66
C LYS J 115 27.22 -8.69 -16.32
N LYS J 116 28.15 -8.41 -15.47
CA LYS J 116 28.39 -7.05 -15.00
C LYS J 116 28.95 -6.17 -16.12
N SER J 117 29.61 -6.84 -17.05
CA SER J 117 30.24 -6.10 -18.14
C SER J 117 29.24 -5.80 -19.25
N LEU J 118 28.24 -6.62 -19.35
CA LEU J 118 27.24 -6.45 -20.40
C LEU J 118 25.93 -5.92 -19.82
N VAL J 119 25.81 -4.58 -19.69
CA VAL J 119 24.66 -3.96 -19.03
C VAL J 119 23.50 -3.86 -20.01
N GLY J 120 22.36 -4.27 -19.53
CA GLY J 120 21.17 -4.11 -20.34
C GLY J 120 20.62 -5.43 -20.86
N VAL J 121 21.25 -6.54 -20.48
CA VAL J 121 20.73 -7.84 -20.87
C VAL J 121 19.44 -8.13 -20.10
N GLN J 122 18.45 -8.65 -20.79
CA GLN J 122 17.12 -8.78 -20.21
C GLN J 122 16.97 -10.08 -19.43
N LYS J 123 17.64 -11.04 -19.96
CA LYS J 123 17.48 -12.33 -19.29
C LYS J 123 18.78 -13.12 -19.30
N TYR J 124 19.08 -13.67 -18.15
CA TYR J 124 20.18 -14.60 -18.03
C TYR J 124 19.69 -16.05 -18.00
N ILE J 125 20.25 -16.89 -18.89
CA ILE J 125 19.77 -18.25 -19.04
C ILE J 125 20.90 -19.23 -18.71
N GLN J 126 20.62 -20.12 -17.83
CA GLN J 126 21.50 -21.25 -17.50
C GLN J 126 21.07 -22.52 -18.23
N ALA J 127 22.01 -23.12 -19.01
CA ALA J 127 21.66 -24.31 -19.78
C ALA J 127 22.76 -25.37 -19.67
N THR J 128 22.31 -26.62 -19.44
CA THR J 128 23.26 -27.72 -19.30
C THR J 128 23.01 -28.80 -20.35
N ASP J 129 21.93 -28.67 -21.01
CA ASP J 129 21.57 -29.53 -22.14
C ASP J 129 20.60 -28.83 -23.09
N LEU J 130 20.19 -29.43 -24.12
CA LEU J 130 19.41 -28.79 -25.18
C LEU J 130 17.99 -28.50 -24.72
N SER J 131 17.51 -29.29 -23.80
CA SER J 131 16.17 -29.05 -23.29
C SER J 131 16.06 -27.70 -22.60
N GLU J 132 17.11 -27.22 -22.16
CA GLU J 132 17.13 -25.94 -21.46
C GLU J 132 17.51 -24.81 -22.40
N ALA J 133 18.10 -25.17 -23.57
CA ALA J 133 18.62 -24.16 -24.49
C ALA J 133 17.74 -24.04 -25.74
N SER J 134 16.80 -24.90 -25.85
CA SER J 134 15.96 -24.92 -27.05
C SER J 134 15.23 -23.59 -27.22
N ARG J 135 14.81 -23.37 -28.44
CA ARG J 135 14.07 -22.13 -28.74
C ARG J 135 12.84 -22.00 -27.87
N GLU J 136 12.15 -23.08 -27.70
CA GLU J 136 10.92 -23.08 -26.92
C GLU J 136 11.21 -22.75 -25.45
N ALA J 137 12.22 -23.33 -24.96
CA ALA J 137 12.58 -23.10 -23.56
C ALA J 137 13.00 -21.66 -23.32
N VAL J 138 13.74 -21.13 -24.22
CA VAL J 138 14.26 -19.78 -24.09
C VAL J 138 13.12 -18.77 -24.27
N GLU J 139 12.33 -19.02 -25.25
CA GLU J 139 11.21 -18.11 -25.48
C GLU J 139 10.28 -18.05 -24.27
N GLU J 140 10.04 -19.18 -23.70
CA GLU J 140 9.20 -19.24 -22.51
C GLU J 140 9.77 -18.37 -21.39
N LYS J 141 11.03 -18.41 -21.22
CA LYS J 141 11.68 -17.63 -20.18
C LYS J 141 11.61 -16.13 -20.49
N LEU J 142 11.74 -15.84 -21.69
CA LEU J 142 11.71 -14.44 -22.10
C LEU J 142 10.30 -13.87 -21.97
N ARG J 143 9.35 -14.66 -22.23
CA ARG J 143 7.97 -14.20 -22.18
C ARG J 143 7.52 -14.00 -20.73
N ALA J 144 8.13 -14.70 -19.90
CA ALA J 144 7.77 -14.58 -18.48
C ALA J 144 8.03 -13.17 -17.96
N THR J 145 8.69 -12.40 -18.70
CA THR J 145 9.01 -11.04 -18.28
C THR J 145 8.14 -10.03 -19.01
N ASP J 146 7.34 -10.59 -19.91
CA ASP J 146 6.49 -9.70 -20.69
C ASP J 146 5.42 -9.07 -19.80
N ARG J 147 5.55 -7.68 -19.79
CA ARG J 147 4.48 -6.99 -19.07
C ARG J 147 3.12 -7.31 -19.68
N GLN J 148 2.23 -7.93 -18.97
CA GLN J 148 0.86 -8.11 -19.46
C GLN J 148 0.22 -6.77 -19.80
N ALA K 1 -6.31 -72.58 35.21
CA ALA K 1 -5.34 -71.50 35.45
C ALA K 1 -4.40 -71.33 34.26
N ALA K 2 -4.17 -70.14 33.91
CA ALA K 2 -3.22 -69.83 32.84
C ALA K 2 -1.79 -70.12 33.30
N LEU K 3 -0.94 -70.46 32.33
CA LEU K 3 0.49 -70.59 32.59
C LEU K 3 1.21 -69.28 32.32
N VAL K 4 2.11 -68.92 33.19
CA VAL K 4 2.92 -67.72 33.01
C VAL K 4 4.39 -68.11 32.88
N VAL K 5 5.00 -67.68 31.77
CA VAL K 5 6.40 -68.03 31.52
C VAL K 5 7.21 -66.76 31.23
N ASP K 6 8.08 -66.46 32.12
CA ASP K 6 9.03 -65.36 31.92
C ASP K 6 10.32 -65.86 31.28
N ASN K 7 10.54 -65.42 30.06
CA ASN K 7 11.69 -65.85 29.27
C ASN K 7 12.91 -64.97 29.52
N GLY K 8 13.74 -65.47 30.42
CA GLY K 8 14.96 -64.72 30.69
C GLY K 8 16.17 -65.28 29.95
N SER K 9 17.13 -64.48 29.78
CA SER K 9 18.35 -64.89 29.09
C SER K 9 19.05 -66.03 29.82
N GLY K 10 18.99 -65.93 31.15
CA GLY K 10 19.71 -66.92 31.92
C GLY K 10 18.80 -67.83 32.73
N MET K 11 17.67 -67.33 33.01
CA MET K 11 16.75 -68.08 33.86
C MET K 11 15.34 -68.06 33.28
N CYS K 12 14.76 -69.23 33.35
CA CYS K 12 13.34 -69.32 33.03
C CYS K 12 12.51 -69.41 34.32
N LYS K 13 11.51 -68.54 34.42
CA LYS K 13 10.53 -68.59 35.51
C LYS K 13 9.15 -68.96 35.00
N ALA K 14 8.59 -69.97 35.69
CA ALA K 14 7.30 -70.43 35.19
C ALA K 14 6.39 -70.87 36.34
N GLY K 15 5.13 -70.68 36.14
CA GLY K 15 4.14 -71.09 37.13
C GLY K 15 2.72 -70.84 36.67
N PHE K 16 1.82 -70.86 37.67
CA PHE K 16 0.39 -70.70 37.40
C PHE K 16 -0.09 -69.31 37.79
N ALA K 17 -0.93 -68.75 36.92
CA ALA K 17 -1.50 -67.44 37.23
C ALA K 17 -2.21 -67.45 38.58
N GLY K 18 -1.99 -66.41 39.32
CA GLY K 18 -2.59 -66.29 40.64
C GLY K 18 -1.64 -66.64 41.75
N ASP K 19 -0.59 -67.32 41.38
CA ASP K 19 0.40 -67.65 42.40
C ASP K 19 1.24 -66.42 42.76
N ASP K 20 1.83 -66.47 43.94
CA ASP K 20 2.58 -65.32 44.45
C ASP K 20 4.03 -65.37 43.98
N ALA K 21 4.41 -66.55 43.55
CA ALA K 21 5.76 -66.74 43.04
C ALA K 21 5.80 -67.87 42.01
N PRO K 22 6.79 -67.80 41.12
CA PRO K 22 6.89 -68.90 40.17
C PRO K 22 7.09 -70.25 40.84
N ARG K 23 6.62 -71.29 40.26
CA ARG K 23 6.78 -72.65 40.76
C ARG K 23 8.12 -73.24 40.33
N ALA K 24 8.51 -72.79 39.19
CA ALA K 24 9.78 -73.28 38.66
C ALA K 24 10.69 -72.14 38.22
N VAL K 25 11.86 -72.21 38.72
CA VAL K 25 12.94 -71.34 38.28
C VAL K 25 14.17 -72.17 37.94
N PHE K 26 14.59 -72.11 36.65
CA PHE K 26 15.71 -72.95 36.24
C PHE K 26 16.53 -72.25 35.15
N PRO K 27 17.77 -72.66 34.97
CA PRO K 27 18.59 -72.07 33.91
C PRO K 27 18.02 -72.31 32.52
N SER K 28 18.06 -71.30 31.77
CA SER K 28 17.61 -71.40 30.39
C SER K 28 18.73 -71.90 29.48
N ILE K 29 19.06 -73.19 29.64
CA ILE K 29 20.18 -73.73 28.88
C ILE K 29 19.82 -75.11 28.34
N VAL K 30 20.37 -75.42 27.23
CA VAL K 30 20.28 -76.74 26.61
C VAL K 30 21.68 -77.31 26.42
N GLY K 31 21.79 -78.55 26.91
CA GLY K 31 23.08 -79.19 26.80
C GLY K 31 23.05 -80.42 25.89
N ARG K 32 24.10 -80.58 25.17
CA ARG K 32 24.29 -81.75 24.33
C ARG K 32 25.64 -82.39 24.58
N PRO K 33 25.66 -83.73 24.51
CA PRO K 33 26.92 -84.42 24.74
C PRO K 33 28.03 -83.98 23.77
N ARG K 34 29.20 -83.76 24.23
CA ARG K 34 30.33 -83.32 23.43
C ARG K 34 30.83 -84.43 22.51
N HIS K 35 30.80 -85.68 22.97
CA HIS K 35 31.23 -86.82 22.18
C HIS K 35 30.08 -87.79 21.94
N LYS K 45 20.01 -89.30 26.66
CA LYS K 45 19.19 -88.36 25.89
C LYS K 45 20.03 -87.55 24.92
N ASP K 46 19.43 -87.20 23.85
CA ASP K 46 20.12 -86.39 22.84
C ASP K 46 20.38 -84.98 23.36
N SER K 47 19.62 -84.57 24.34
CA SER K 47 19.80 -83.23 24.90
C SER K 47 19.26 -83.14 26.32
N TYR K 48 19.84 -82.24 27.07
CA TYR K 48 19.45 -81.97 28.46
C TYR K 48 19.09 -80.50 28.65
N VAL K 49 18.12 -80.29 29.52
CA VAL K 49 17.62 -78.93 29.65
C VAL K 49 17.66 -78.50 31.12
N GLY K 50 17.91 -77.24 31.39
CA GLY K 50 17.77 -76.64 32.71
C GLY K 50 18.75 -77.20 33.73
N ASP K 51 18.25 -77.61 34.88
CA ASP K 51 19.09 -78.09 35.98
C ASP K 51 19.80 -79.39 35.61
N GLU K 52 19.08 -80.16 34.83
CA GLU K 52 19.70 -81.41 34.40
C GLU K 52 20.92 -81.14 33.51
N ALA K 53 20.76 -80.25 32.60
CA ALA K 53 21.90 -79.87 31.77
C ALA K 53 23.03 -79.29 32.61
N GLN K 54 22.63 -78.46 33.55
CA GLN K 54 23.62 -77.82 34.42
C GLN K 54 24.39 -78.85 35.24
N SER K 55 23.74 -79.91 35.71
CA SER K 55 24.34 -80.94 36.56
C SER K 55 25.29 -81.82 35.76
N LYS K 56 25.13 -81.82 34.43
CA LYS K 56 25.96 -82.65 33.56
C LYS K 56 26.88 -81.78 32.69
N ARG K 57 27.11 -80.64 33.14
CA ARG K 57 27.82 -79.65 32.34
C ARG K 57 29.22 -80.14 31.99
N GLY K 58 29.85 -81.05 32.80
CA GLY K 58 31.18 -81.57 32.57
C GLY K 58 31.29 -82.38 31.29
N ILE K 59 30.20 -82.85 30.85
CA ILE K 59 30.25 -83.72 29.68
C ILE K 59 29.37 -83.15 28.56
N LEU K 60 28.78 -82.02 28.80
CA LEU K 60 27.86 -81.43 27.83
C LEU K 60 28.40 -80.12 27.29
N THR K 61 28.05 -79.86 26.03
CA THR K 61 28.15 -78.49 25.53
C THR K 61 26.87 -77.72 25.82
N LEU K 62 27.02 -76.60 26.61
CA LEU K 62 25.85 -75.85 27.04
C LEU K 62 25.63 -74.63 26.15
N LYS K 63 24.41 -74.41 25.76
CA LYS K 63 24.06 -73.25 24.96
C LYS K 63 22.85 -72.53 25.55
N TYR K 64 22.87 -71.20 25.39
CA TYR K 64 21.73 -70.37 25.76
C TYR K 64 20.93 -69.97 24.53
N PRO K 65 19.68 -70.37 24.53
CA PRO K 65 18.91 -70.00 23.34
C PRO K 65 18.53 -68.52 23.33
N ILE K 66 18.58 -67.86 24.48
CA ILE K 66 18.31 -66.42 24.57
C ILE K 66 19.61 -65.68 24.89
N GLU K 67 19.95 -64.82 24.03
CA GLU K 67 21.13 -63.99 24.22
C GLU K 67 20.75 -62.53 24.41
N HIS K 68 21.05 -62.03 25.51
CA HIS K 68 20.77 -60.64 25.88
C HIS K 68 19.31 -60.29 25.61
N GLY K 69 18.45 -61.22 25.91
CA GLY K 69 17.00 -61.00 25.89
C GLY K 69 16.36 -61.41 24.58
N ILE K 70 17.17 -61.83 23.60
CA ILE K 70 16.64 -62.13 22.27
C ILE K 70 16.83 -63.62 21.97
N VAL K 71 15.77 -64.23 21.55
CA VAL K 71 15.90 -65.64 21.18
C VAL K 71 16.71 -65.76 19.89
N THR K 72 17.73 -66.54 19.95
CA THR K 72 18.60 -66.70 18.80
C THR K 72 18.60 -68.14 18.30
N ASN K 73 18.12 -69.03 19.11
CA ASN K 73 18.00 -70.44 18.75
C ASN K 73 16.61 -70.99 19.07
N TRP K 74 15.82 -71.18 18.03
CA TRP K 74 14.41 -71.51 18.23
C TRP K 74 14.24 -73.00 18.53
N ASP K 75 15.10 -73.81 17.98
CA ASP K 75 15.05 -75.23 18.29
C ASP K 75 15.26 -75.48 19.79
N ASP K 76 16.25 -74.82 20.28
CA ASP K 76 16.55 -74.96 21.70
C ASP K 76 15.47 -74.29 22.56
N MET K 77 14.94 -73.19 22.07
CA MET K 77 13.89 -72.53 22.82
C MET K 77 12.66 -73.43 22.96
N GLU K 78 12.32 -74.12 21.91
CA GLU K 78 11.22 -75.07 21.98
C GLU K 78 11.48 -76.15 23.02
N LYS K 79 12.74 -76.57 23.12
CA LYS K 79 13.09 -77.55 24.13
C LYS K 79 12.91 -76.98 25.54
N ILE K 80 13.27 -75.74 25.69
CA ILE K 80 13.09 -75.07 26.98
C ILE K 80 11.61 -75.03 27.35
N TRP K 81 10.81 -74.68 26.40
CA TRP K 81 9.38 -74.61 26.67
C TRP K 81 8.80 -76.00 26.92
N HIS K 82 9.28 -76.96 26.08
CA HIS K 82 8.85 -78.33 26.33
C HIS K 82 9.19 -78.75 27.76
N HIS K 83 10.40 -78.48 28.12
CA HIS K 83 10.85 -78.80 29.47
C HIS K 83 10.01 -78.06 30.51
N THR K 84 9.66 -76.81 30.28
CA THR K 84 8.85 -75.99 31.19
C THR K 84 7.50 -76.63 31.42
N PHE K 85 6.82 -77.00 30.34
CA PHE K 85 5.44 -77.46 30.42
C PHE K 85 5.38 -78.89 30.96
N TYR K 86 6.25 -79.76 30.53
CA TYR K 86 6.07 -81.18 30.78
C TYR K 86 6.92 -81.65 31.94
N ASN K 87 8.04 -81.05 32.07
CA ASN K 87 8.95 -81.54 33.10
C ASN K 87 8.82 -80.72 34.39
N GLU K 88 8.74 -79.41 34.29
CA GLU K 88 8.73 -78.56 35.47
C GLU K 88 7.31 -78.36 36.00
N LEU K 89 6.39 -78.00 35.13
CA LEU K 89 5.04 -77.71 35.58
C LEU K 89 4.15 -78.94 35.54
N ARG K 90 4.56 -79.91 34.71
CA ARG K 90 3.84 -81.16 34.53
C ARG K 90 2.39 -80.92 34.12
N VAL K 91 2.20 -80.17 33.04
CA VAL K 91 0.88 -79.86 32.53
C VAL K 91 0.87 -80.00 31.00
N ALA K 92 -0.29 -80.20 30.51
CA ALA K 92 -0.48 -80.16 29.07
C ALA K 92 -0.78 -78.74 28.59
N PRO K 93 0.09 -78.17 27.85
CA PRO K 93 -0.11 -76.78 27.41
C PRO K 93 -1.39 -76.59 26.60
N GLU K 94 -1.89 -77.64 25.95
CA GLU K 94 -3.09 -77.54 25.12
C GLU K 94 -4.33 -77.31 25.98
N GLU K 95 -4.14 -77.35 27.26
CA GLU K 95 -5.29 -77.19 28.16
C GLU K 95 -5.23 -75.83 28.87
N HIS K 96 -4.18 -75.07 28.62
CA HIS K 96 -3.99 -73.86 29.40
C HIS K 96 -3.67 -72.67 28.49
N PRO K 97 -4.40 -71.52 28.73
CA PRO K 97 -3.81 -70.33 28.13
C PRO K 97 -2.40 -70.04 28.63
N VAL K 98 -1.55 -69.36 27.78
CA VAL K 98 -0.17 -69.13 28.18
C VAL K 98 0.20 -67.66 28.01
N LEU K 99 0.65 -67.05 29.07
CA LEU K 99 1.25 -65.72 28.99
C LEU K 99 2.77 -65.80 28.94
N LEU K 100 3.35 -65.28 27.95
CA LEU K 100 4.81 -65.22 27.80
C LEU K 100 5.32 -63.79 27.90
N THR K 101 6.46 -63.64 28.53
CA THR K 101 7.07 -62.32 28.56
C THR K 101 8.17 -62.21 27.52
N GLU K 102 8.40 -60.99 27.13
CA GLU K 102 9.49 -60.72 26.20
C GLU K 102 10.30 -59.51 26.66
N ALA K 103 11.58 -59.48 26.22
CA ALA K 103 12.43 -58.33 26.51
C ALA K 103 12.02 -57.13 25.66
N PRO K 104 12.42 -55.92 26.15
CA PRO K 104 12.22 -54.78 25.26
C PRO K 104 13.02 -54.88 23.96
N LEU K 105 12.51 -54.36 22.87
CA LEU K 105 13.14 -54.30 21.56
C LEU K 105 13.16 -55.67 20.90
N ASN K 106 12.40 -56.59 21.40
CA ASN K 106 12.25 -57.86 20.70
C ASN K 106 11.77 -57.67 19.28
N PRO K 107 12.46 -58.28 18.30
CA PRO K 107 12.03 -58.12 16.92
C PRO K 107 10.63 -58.66 16.67
N LYS K 108 9.95 -58.03 15.75
CA LYS K 108 8.59 -58.44 15.42
C LYS K 108 8.55 -59.88 14.95
N ALA K 109 9.57 -60.21 14.19
CA ALA K 109 9.64 -61.57 13.66
C ALA K 109 9.73 -62.60 14.78
N ASN K 110 10.50 -62.27 15.79
CA ASN K 110 10.62 -63.18 16.93
C ASN K 110 9.29 -63.33 17.67
N ARG K 111 8.59 -62.25 17.78
CA ARG K 111 7.29 -62.29 18.44
C ARG K 111 6.32 -63.19 17.68
N GLU K 112 6.37 -63.03 16.40
CA GLU K 112 5.51 -63.84 15.55
C GLU K 112 5.89 -65.32 15.63
N LYS K 113 7.21 -65.56 15.61
CA LYS K 113 7.68 -66.94 15.71
C LYS K 113 7.26 -67.57 17.04
N MET K 114 7.36 -66.85 18.07
CA MET K 114 6.92 -67.31 19.39
C MET K 114 5.43 -67.66 19.37
N THR K 115 4.66 -66.81 18.76
CA THR K 115 3.22 -67.02 18.64
C THR K 115 2.91 -68.27 17.84
N GLN K 116 3.64 -68.43 16.79
CA GLN K 116 3.46 -69.59 15.93
C GLN K 116 3.76 -70.89 16.68
N ILE K 117 4.80 -70.94 17.39
CA ILE K 117 5.23 -72.13 18.10
C ILE K 117 4.22 -72.50 19.18
N MET K 118 3.64 -71.52 19.88
CA MET K 118 2.68 -71.78 20.94
C MET K 118 1.40 -72.41 20.38
N PHE K 119 0.95 -71.86 19.26
CA PHE K 119 -0.31 -72.33 18.73
C PHE K 119 -0.11 -73.60 17.90
N GLU K 120 0.98 -73.70 17.17
CA GLU K 120 1.12 -74.79 16.21
C GLU K 120 1.87 -75.97 16.81
N THR K 121 2.86 -75.72 17.62
CA THR K 121 3.65 -76.79 18.20
C THR K 121 3.06 -77.25 19.54
N PHE K 122 2.63 -76.33 20.39
CA PHE K 122 2.17 -76.71 21.72
C PHE K 122 0.66 -76.70 21.79
N ASN K 123 0.00 -76.23 20.80
CA ASN K 123 -1.46 -76.25 20.64
C ASN K 123 -2.16 -75.60 21.81
N THR K 124 -1.57 -74.51 22.34
CA THR K 124 -2.25 -73.81 23.42
C THR K 124 -3.56 -73.19 22.93
N PRO K 125 -4.60 -73.17 23.80
CA PRO K 125 -5.89 -72.64 23.37
C PRO K 125 -5.88 -71.11 23.24
N ALA K 126 -5.01 -70.45 23.94
CA ALA K 126 -4.87 -68.99 23.94
C ALA K 126 -3.49 -68.56 24.43
N MET K 127 -3.08 -67.38 24.01
CA MET K 127 -1.79 -66.88 24.48
C MET K 127 -1.76 -65.35 24.50
N TYR K 128 -0.86 -64.80 25.25
CA TYR K 128 -0.60 -63.37 25.35
C TYR K 128 0.88 -63.11 25.56
N VAL K 129 1.36 -62.05 24.96
CA VAL K 129 2.75 -61.65 25.16
C VAL K 129 2.82 -60.30 25.85
N ALA K 130 3.64 -60.18 26.85
CA ALA K 130 3.78 -58.93 27.57
C ALA K 130 5.26 -58.56 27.70
N ILE K 131 5.51 -57.25 27.66
CA ILE K 131 6.88 -56.75 27.79
C ILE K 131 7.29 -56.78 29.26
N GLN K 132 8.42 -57.30 29.56
CA GLN K 132 8.91 -57.53 30.90
C GLN K 132 8.94 -56.23 31.71
N ALA K 133 9.44 -55.18 31.16
CA ALA K 133 9.61 -53.93 31.88
C ALA K 133 8.25 -53.28 32.18
N VAL K 134 7.31 -53.42 31.26
CA VAL K 134 5.99 -52.84 31.45
C VAL K 134 5.27 -53.54 32.59
N LEU K 135 5.41 -54.88 32.64
CA LEU K 135 4.81 -55.63 33.71
C LEU K 135 5.36 -55.19 35.06
N SER K 136 6.65 -54.99 35.09
CA SER K 136 7.29 -54.60 36.34
C SER K 136 6.83 -53.22 36.79
N LEU K 137 6.68 -52.34 35.85
CA LEU K 137 6.25 -50.99 36.19
C LEU K 137 4.82 -50.99 36.72
N TYR K 138 3.98 -51.72 36.04
CA TYR K 138 2.59 -51.78 36.46
C TYR K 138 2.47 -52.42 37.84
N ALA K 139 3.29 -53.42 38.09
CA ALA K 139 3.27 -54.10 39.37
C ALA K 139 3.64 -53.16 40.51
N SER K 140 4.18 -52.07 40.16
CA SER K 140 4.55 -51.09 41.17
C SER K 140 3.49 -49.99 41.30
N GLY K 141 2.41 -50.10 40.52
CA GLY K 141 1.29 -49.17 40.59
C GLY K 141 1.48 -47.94 39.73
N ARG K 142 2.38 -48.05 38.81
CA ARG K 142 2.71 -46.92 37.95
C ARG K 142 2.47 -47.26 36.48
N THR K 143 2.17 -46.22 35.72
CA THR K 143 2.05 -46.40 34.27
C THR K 143 3.10 -45.56 33.53
N THR K 144 3.66 -44.65 34.25
CA THR K 144 4.74 -43.82 33.73
C THR K 144 5.95 -43.86 34.64
N GLY K 145 7.09 -44.18 34.08
CA GLY K 145 8.38 -44.28 34.75
C GLY K 145 9.45 -44.92 33.89
N ILE K 146 10.57 -45.09 34.49
CA ILE K 146 11.64 -45.81 33.80
C ILE K 146 12.05 -47.02 34.64
N VAL K 147 12.20 -48.17 33.94
CA VAL K 147 12.56 -49.41 34.62
C VAL K 147 14.02 -49.76 34.31
N LEU K 148 14.78 -49.92 35.34
CA LEU K 148 16.08 -50.59 35.22
C LEU K 148 15.94 -52.09 35.48
N ASP K 149 15.87 -52.80 34.38
CA ASP K 149 15.71 -54.25 34.47
C ASP K 149 17.05 -54.95 34.26
N SER K 150 17.47 -55.59 35.35
CA SER K 150 18.74 -56.32 35.29
C SER K 150 18.56 -57.76 35.75
N GLY K 151 18.70 -58.66 34.75
CA GLY K 151 18.59 -60.07 35.04
C GLY K 151 19.92 -60.79 35.09
N ASP K 152 19.97 -61.94 34.54
CA ASP K 152 21.18 -62.76 34.54
C ASP K 152 22.07 -62.42 33.34
N GLY K 153 21.40 -62.00 32.29
CA GLY K 153 22.19 -61.94 31.08
C GLY K 153 22.29 -60.54 30.50
N VAL K 154 21.41 -59.68 30.94
CA VAL K 154 21.40 -58.37 30.31
C VAL K 154 20.73 -57.36 31.23
N SER K 155 21.10 -56.11 31.14
CA SER K 155 20.43 -54.99 31.80
C SER K 155 19.84 -54.02 30.79
N HIS K 156 18.57 -53.60 31.05
CA HIS K 156 17.89 -52.62 30.21
C HIS K 156 17.39 -51.44 31.04
N THR K 157 17.53 -50.28 30.46
CA THR K 157 16.73 -49.15 30.91
C THR K 157 15.58 -48.87 29.95
N VAL K 158 14.38 -48.89 30.51
CA VAL K 158 13.20 -48.85 29.66
C VAL K 158 12.26 -47.74 30.12
N PRO K 159 12.33 -46.57 29.43
CA PRO K 159 11.35 -45.55 29.75
C PRO K 159 9.95 -45.89 29.24
N ILE K 160 8.98 -45.69 30.06
CA ILE K 160 7.58 -45.98 29.74
C ILE K 160 6.71 -44.76 30.05
N TYR K 161 5.93 -44.39 29.07
CA TYR K 161 5.03 -43.26 29.23
C TYR K 161 3.57 -43.67 28.99
N GLU K 162 2.79 -43.62 30.08
CA GLU K 162 1.38 -43.98 30.04
C GLU K 162 1.17 -45.38 29.48
N GLY K 163 2.09 -46.22 29.85
CA GLY K 163 1.93 -47.64 29.54
C GLY K 163 2.63 -48.04 28.25
N TYR K 164 3.24 -47.06 27.58
CA TYR K 164 3.93 -47.36 26.32
C TYR K 164 5.43 -47.20 26.47
N ALA K 165 6.11 -48.30 26.16
CA ALA K 165 7.56 -48.18 26.14
C ALA K 165 8.02 -47.27 25.00
N LEU K 166 9.09 -46.51 25.25
CA LEU K 166 9.66 -45.61 24.25
C LEU K 166 10.92 -46.22 23.64
N PRO K 167 10.69 -46.90 22.50
CA PRO K 167 11.77 -47.71 21.92
C PRO K 167 13.03 -46.90 21.64
N HIS K 168 12.92 -45.66 21.24
CA HIS K 168 14.08 -44.86 20.86
C HIS K 168 14.96 -44.54 22.06
N ALA K 169 14.38 -44.69 23.19
CA ALA K 169 15.10 -44.29 24.40
C ALA K 169 15.48 -45.50 25.25
N ILE K 170 15.20 -46.67 24.77
CA ILE K 170 15.61 -47.88 25.48
C ILE K 170 17.10 -48.13 25.25
N LEU K 171 17.81 -48.35 26.37
CA LEU K 171 19.23 -48.64 26.27
C LEU K 171 19.56 -50.00 26.89
N ARG K 172 20.53 -50.63 26.28
CA ARG K 172 20.92 -51.97 26.70
C ARG K 172 22.38 -52.00 27.14
N LEU K 173 22.60 -52.66 28.27
CA LEU K 173 23.93 -52.98 28.76
C LEU K 173 24.13 -54.48 28.86
N ASP K 174 24.99 -55.04 28.00
CA ASP K 174 25.22 -56.49 28.00
C ASP K 174 26.09 -56.90 29.19
N LEU K 175 25.73 -56.52 30.31
CA LEU K 175 26.33 -56.80 31.61
C LEU K 175 25.25 -57.02 32.67
N ALA K 176 25.32 -58.19 33.28
CA ALA K 176 24.33 -58.52 34.31
C ALA K 176 24.87 -59.59 35.26
N GLY K 177 24.05 -60.36 35.79
CA GLY K 177 24.38 -61.26 36.88
C GLY K 177 25.45 -62.28 36.51
N ARG K 178 25.34 -62.83 35.39
CA ARG K 178 26.28 -63.86 34.96
C ARG K 178 27.69 -63.29 34.84
N ASP K 179 27.78 -62.12 34.30
CA ASP K 179 29.07 -61.46 34.18
C ASP K 179 29.67 -61.15 35.55
N LEU K 180 28.84 -60.83 36.45
CA LEU K 180 29.31 -60.52 37.80
C LEU K 180 29.80 -61.77 38.50
N THR K 181 29.11 -62.84 38.27
CA THR K 181 29.58 -64.10 38.83
C THR K 181 30.97 -64.44 38.30
N ASP K 182 31.17 -64.27 37.03
CA ASP K 182 32.48 -64.52 36.43
C ASP K 182 33.53 -63.57 36.99
N TYR K 183 33.13 -62.39 37.15
CA TYR K 183 34.05 -61.39 37.70
C TYR K 183 34.43 -61.75 39.13
N LEU K 184 33.46 -62.16 39.89
CA LEU K 184 33.76 -62.53 41.27
C LEU K 184 34.71 -63.73 41.31
N MET K 185 34.48 -64.65 40.46
CA MET K 185 35.40 -65.78 40.36
C MET K 185 36.83 -65.30 40.13
N LYS K 186 36.99 -64.39 39.24
CA LYS K 186 38.30 -63.85 38.90
C LYS K 186 38.95 -63.19 40.11
N ILE K 187 38.23 -62.37 40.83
CA ILE K 187 38.85 -61.59 41.90
C ILE K 187 39.02 -62.47 43.14
N LEU K 188 38.24 -63.49 43.29
CA LEU K 188 38.49 -64.46 44.35
C LEU K 188 39.77 -65.25 44.08
N THR K 189 39.96 -65.54 42.79
CA THR K 189 41.20 -66.21 42.42
C THR K 189 42.41 -65.35 42.81
N GLU K 190 42.30 -64.07 42.66
CA GLU K 190 43.38 -63.16 43.03
C GLU K 190 43.64 -63.21 44.54
N ARG K 191 42.63 -63.58 45.28
CA ARG K 191 42.76 -63.68 46.73
C ARG K 191 43.30 -65.05 47.13
N GLY K 192 43.30 -65.96 46.20
CA GLY K 192 43.90 -67.26 46.46
C GLY K 192 42.90 -68.39 46.44
N TYR K 193 41.67 -68.05 46.15
CA TYR K 193 40.65 -69.07 46.00
C TYR K 193 40.43 -69.43 44.54
N SER K 194 40.53 -70.66 44.31
CA SER K 194 40.41 -71.05 42.91
C SER K 194 39.11 -71.83 42.67
N PHE K 195 38.28 -71.25 41.85
CA PHE K 195 37.05 -71.87 41.36
C PHE K 195 37.09 -72.05 39.85
N THR K 196 37.29 -73.23 39.43
CA THR K 196 37.57 -73.39 38.01
C THR K 196 36.48 -74.19 37.32
N THR K 197 35.71 -74.88 38.12
CA THR K 197 34.71 -75.74 37.49
C THR K 197 33.34 -75.05 37.47
N THR K 198 32.50 -75.56 36.65
CA THR K 198 31.15 -75.02 36.54
C THR K 198 30.40 -75.16 37.87
N ALA K 199 30.57 -76.32 38.47
CA ALA K 199 29.96 -76.51 39.79
C ALA K 199 30.45 -75.47 40.78
N GLU K 200 31.64 -75.16 40.64
CA GLU K 200 32.22 -74.16 41.54
C GLU K 200 31.72 -72.77 41.20
N ARG K 201 31.41 -72.61 39.99
CA ARG K 201 30.85 -71.33 39.57
C ARG K 201 29.53 -71.07 40.29
N GLU K 202 28.73 -72.14 40.50
CA GLU K 202 27.46 -72.00 41.20
C GLU K 202 27.68 -71.65 42.67
N ILE K 203 28.72 -72.16 43.12
CA ILE K 203 29.07 -71.79 44.50
C ILE K 203 29.37 -70.29 44.57
N VAL K 204 30.08 -69.83 43.57
CA VAL K 204 30.44 -68.42 43.53
C VAL K 204 29.18 -67.56 43.36
N ARG K 205 28.29 -68.04 42.54
CA ARG K 205 27.02 -67.34 42.39
C ARG K 205 26.30 -67.21 43.73
N ASP K 206 26.33 -68.33 44.45
CA ASP K 206 25.72 -68.32 45.77
C ASP K 206 26.41 -67.34 46.70
N ILE K 207 27.71 -67.27 46.67
CA ILE K 207 28.47 -66.33 47.47
C ILE K 207 28.08 -64.90 47.09
N LYS K 208 28.03 -64.65 45.82
CA LYS K 208 27.67 -63.33 45.30
C LYS K 208 26.29 -62.90 45.82
N GLU K 209 25.33 -63.73 45.73
CA GLU K 209 23.94 -63.40 46.06
C GLU K 209 23.75 -63.26 47.57
N LYS K 210 24.62 -63.91 48.35
CA LYS K 210 24.44 -63.90 49.80
C LYS K 210 25.30 -62.82 50.45
N LEU K 211 26.40 -62.53 49.82
CA LEU K 211 27.36 -61.76 50.62
C LEU K 211 27.65 -60.42 49.97
N CYS K 212 27.43 -60.29 48.71
CA CYS K 212 27.83 -59.07 48.03
C CYS K 212 26.82 -57.95 48.26
N TYR K 213 27.33 -56.74 48.16
CA TYR K 213 26.50 -55.54 48.33
C TYR K 213 27.07 -54.36 47.56
N VAL K 214 26.28 -53.31 47.39
CA VAL K 214 26.72 -52.11 46.68
C VAL K 214 27.09 -51.03 47.71
N ALA K 215 28.30 -50.54 47.58
CA ALA K 215 28.75 -49.47 48.46
C ALA K 215 28.17 -48.13 48.03
N LEU K 216 27.82 -47.36 49.07
CA LEU K 216 27.35 -46.00 48.75
C LEU K 216 28.49 -45.17 48.16
N ASP K 217 29.60 -45.17 48.82
CA ASP K 217 30.85 -44.57 48.36
C ASP K 217 31.93 -45.63 48.20
N PHE K 218 32.27 -45.91 46.97
CA PHE K 218 33.16 -47.02 46.66
C PHE K 218 34.56 -46.75 47.17
N GLU K 219 35.05 -45.57 47.02
CA GLU K 219 36.40 -45.24 47.45
C GLU K 219 36.54 -45.28 48.97
N GLN K 220 35.55 -44.76 49.60
CA GLN K 220 35.56 -44.80 51.06
C GLN K 220 35.50 -46.24 51.57
N GLU K 221 34.72 -47.02 50.92
CA GLU K 221 34.57 -48.41 51.33
C GLU K 221 35.87 -49.19 51.13
N MET K 222 36.56 -48.86 50.04
CA MET K 222 37.87 -49.45 49.79
C MET K 222 38.86 -49.09 50.89
N ALA K 223 38.79 -47.88 51.34
CA ALA K 223 39.67 -47.41 52.40
C ALA K 223 39.35 -48.13 53.72
N THR K 224 38.10 -48.30 53.95
CA THR K 224 37.68 -49.00 55.16
C THR K 224 38.14 -50.45 55.14
N ALA K 225 37.99 -51.05 53.99
CA ALA K 225 38.37 -52.45 53.84
C ALA K 225 39.87 -52.63 54.04
N ALA K 226 40.67 -51.59 53.71
CA ALA K 226 42.12 -51.65 53.82
C ALA K 226 42.57 -51.45 55.26
N SER K 227 41.72 -50.81 56.02
CA SER K 227 42.16 -50.42 57.36
C SER K 227 41.53 -51.30 58.42
N SER K 228 40.48 -52.05 58.04
CA SER K 228 39.80 -52.86 59.03
C SER K 228 39.24 -54.13 58.41
N SER K 229 38.98 -55.11 59.27
CA SER K 229 38.38 -56.35 58.81
C SER K 229 36.87 -56.37 59.04
N SER K 230 36.35 -55.24 59.30
CA SER K 230 34.95 -55.13 59.67
C SER K 230 34.03 -55.50 58.50
N LEU K 231 34.54 -55.45 57.34
CA LEU K 231 33.71 -55.69 56.17
C LEU K 231 33.84 -57.13 55.70
N GLU K 232 34.67 -57.87 56.34
CA GLU K 232 34.90 -59.25 55.95
C GLU K 232 33.76 -60.16 56.41
N LYS K 233 33.41 -61.09 55.53
CA LYS K 233 32.42 -62.12 55.85
C LYS K 233 32.93 -63.50 55.48
N SER K 234 32.46 -64.47 56.21
CA SER K 234 32.87 -65.83 55.94
C SER K 234 31.76 -66.61 55.23
N TYR K 235 32.21 -67.58 54.42
CA TYR K 235 31.32 -68.47 53.70
C TYR K 235 31.80 -69.92 53.78
N GLU K 236 30.96 -70.79 54.22
CA GLU K 236 31.32 -72.21 54.32
C GLU K 236 31.06 -72.93 52.99
N LEU K 237 32.07 -73.46 52.46
CA LEU K 237 31.94 -74.22 51.22
C LEU K 237 31.27 -75.57 51.47
N PRO K 238 30.82 -76.17 50.44
CA PRO K 238 30.16 -77.47 50.61
C PRO K 238 31.07 -78.52 51.22
N ASP K 239 32.36 -78.43 51.02
CA ASP K 239 33.31 -79.41 51.56
C ASP K 239 33.67 -79.07 53.01
N GLY K 240 33.13 -78.00 53.56
CA GLY K 240 33.34 -77.64 54.96
C GLY K 240 34.38 -76.56 55.14
N GLN K 241 35.13 -76.32 54.15
CA GLN K 241 36.13 -75.26 54.22
C GLN K 241 35.47 -73.88 54.30
N VAL K 242 36.02 -73.06 55.16
CA VAL K 242 35.50 -71.71 55.31
C VAL K 242 36.42 -70.70 54.63
N ILE K 243 35.87 -69.95 53.77
CA ILE K 243 36.66 -68.91 53.13
C ILE K 243 36.21 -67.54 53.61
N THR K 244 37.13 -66.59 53.54
CA THR K 244 36.84 -65.22 53.93
C THR K 244 36.82 -64.30 52.72
N ILE K 245 35.72 -63.57 52.59
CA ILE K 245 35.57 -62.62 51.50
C ILE K 245 35.62 -61.19 52.05
N GLY K 246 36.51 -60.32 51.45
CA GLY K 246 36.66 -58.96 51.93
C GLY K 246 36.09 -57.92 50.99
N ASN K 247 37.04 -57.24 50.34
CA ASN K 247 36.58 -56.15 49.51
C ASN K 247 35.97 -56.65 48.20
N GLU K 248 36.04 -57.99 47.98
CA GLU K 248 35.38 -58.58 46.82
C GLU K 248 33.86 -58.44 46.91
N ARG K 249 33.38 -58.30 48.14
CA ARG K 249 31.96 -58.22 48.41
C ARG K 249 31.32 -57.03 47.69
N PHE K 250 32.06 -55.92 47.63
CA PHE K 250 31.45 -54.75 47.03
C PHE K 250 32.15 -54.38 45.73
N ARG K 251 33.32 -54.98 45.47
CA ARG K 251 33.98 -54.78 44.20
C ARG K 251 33.21 -55.47 43.07
N CYS K 252 32.66 -56.54 43.36
CA CYS K 252 31.94 -57.32 42.36
C CYS K 252 30.78 -56.53 41.78
N PRO K 253 29.81 -56.08 42.60
CA PRO K 253 28.68 -55.37 42.01
C PRO K 253 29.04 -53.95 41.54
N GLU K 254 30.23 -53.49 41.91
CA GLU K 254 30.68 -52.18 41.44
C GLU K 254 30.79 -52.15 39.91
N ALA K 255 30.99 -53.34 39.40
CA ALA K 255 31.11 -53.47 37.95
C ALA K 255 29.85 -52.97 37.25
N LEU K 256 28.71 -52.94 37.89
CA LEU K 256 27.48 -52.43 37.32
C LEU K 256 27.55 -50.92 37.11
N PHE K 257 28.26 -50.27 38.05
CA PHE K 257 28.40 -48.82 38.01
C PHE K 257 29.66 -48.42 37.23
N GLN K 258 30.61 -49.31 37.24
CA GLN K 258 31.86 -49.12 36.51
C GLN K 258 32.22 -50.35 35.69
N PRO K 259 31.67 -50.43 34.50
CA PRO K 259 31.87 -51.62 33.67
C PRO K 259 33.34 -51.82 33.28
N SER K 260 34.13 -50.82 33.45
CA SER K 260 35.56 -50.93 33.16
C SER K 260 36.21 -52.00 34.03
N PHE K 261 35.65 -52.33 35.19
CA PHE K 261 36.15 -53.42 36.02
C PHE K 261 36.19 -54.73 35.25
N LEU K 262 35.33 -54.82 34.26
CA LEU K 262 35.27 -56.02 33.43
C LEU K 262 35.93 -55.77 32.08
N GLY K 263 36.51 -54.61 31.92
CA GLY K 263 37.16 -54.28 30.66
C GLY K 263 36.20 -53.79 29.60
N MET K 264 35.02 -53.44 29.99
CA MET K 264 34.00 -52.99 29.03
C MET K 264 34.03 -51.47 28.89
N GLU K 265 34.01 -51.07 27.63
CA GLU K 265 33.88 -49.64 27.37
C GLU K 265 32.41 -49.22 27.31
N ALA K 266 31.75 -49.24 28.40
CA ALA K 266 30.35 -48.91 28.50
C ALA K 266 30.05 -48.07 29.75
N CYS K 267 28.95 -47.34 29.64
CA CYS K 267 28.49 -46.60 30.81
C CYS K 267 27.86 -47.54 31.84
N GLY K 268 28.03 -47.20 33.13
CA GLY K 268 27.37 -47.95 34.17
C GLY K 268 25.86 -47.80 34.16
N ILE K 269 25.18 -48.49 34.99
CA ILE K 269 23.73 -48.54 34.98
C ILE K 269 23.15 -47.18 35.37
N HIS K 270 23.83 -46.40 36.26
CA HIS K 270 23.33 -45.08 36.63
C HIS K 270 23.41 -44.12 35.46
N GLU K 271 24.54 -44.14 34.75
CA GLU K 271 24.69 -43.28 33.59
C GLU K 271 23.77 -43.72 32.45
N THR K 272 23.67 -44.98 32.31
CA THR K 272 22.79 -45.50 31.27
C THR K 272 21.34 -45.06 31.53
N THR K 273 20.92 -45.13 32.76
CA THR K 273 19.59 -44.66 33.15
C THR K 273 19.42 -43.18 32.84
N TYR K 274 20.41 -42.44 33.21
CA TYR K 274 20.40 -41.01 32.94
C TYR K 274 20.32 -40.74 31.44
N ASN K 275 21.16 -41.43 30.72
CA ASN K 275 21.18 -41.24 29.27
C ASN K 275 19.85 -41.60 28.63
N SER K 276 19.22 -42.64 29.14
CA SER K 276 17.90 -43.04 28.65
C SER K 276 16.87 -41.94 28.89
N ILE K 277 16.88 -41.34 29.99
CA ILE K 277 15.96 -40.26 30.34
C ILE K 277 16.19 -39.07 29.41
N MET K 278 17.42 -38.81 29.14
CA MET K 278 17.79 -37.65 28.33
C MET K 278 17.37 -37.85 26.87
N LYS K 279 17.17 -39.05 26.50
CA LYS K 279 16.72 -39.33 25.13
C LYS K 279 15.22 -39.11 24.99
N CYS K 280 14.54 -38.93 26.09
CA CYS K 280 13.09 -38.71 26.06
C CYS K 280 12.77 -37.23 25.96
N ASP K 281 11.49 -36.96 25.62
CA ASP K 281 11.02 -35.57 25.56
C ASP K 281 11.18 -34.88 26.91
N VAL K 282 11.47 -33.64 26.86
CA VAL K 282 11.77 -32.85 28.04
C VAL K 282 10.58 -32.86 28.99
N ASP K 283 9.41 -32.99 28.51
CA ASP K 283 8.20 -32.85 29.31
C ASP K 283 7.92 -34.11 30.13
N ILE K 284 8.55 -35.15 29.83
CA ILE K 284 8.23 -36.35 30.58
C ILE K 284 9.41 -36.74 31.47
N ARG K 285 10.53 -36.08 31.33
CA ARG K 285 11.75 -36.43 32.06
C ARG K 285 11.53 -36.31 33.57
N LYS K 286 10.82 -35.30 33.93
CA LYS K 286 10.55 -35.11 35.35
C LYS K 286 9.88 -36.34 35.95
N ASP K 287 8.93 -36.90 35.19
CA ASP K 287 8.21 -38.09 35.64
C ASP K 287 9.14 -39.30 35.69
N LEU K 288 10.02 -39.37 34.80
CA LEU K 288 10.94 -40.50 34.74
C LEU K 288 11.92 -40.47 35.91
N TYR K 289 12.42 -39.29 36.23
CA TYR K 289 13.32 -39.13 37.35
C TYR K 289 12.64 -39.53 38.66
N ALA K 290 11.37 -39.26 38.71
CA ALA K 290 10.64 -39.44 39.98
C ALA K 290 10.04 -40.83 40.06
N ASN K 291 10.31 -41.61 39.05
CA ASN K 291 9.72 -42.96 39.02
C ASN K 291 10.67 -43.96 38.35
N THR K 292 11.81 -44.16 38.97
CA THR K 292 12.77 -45.17 38.53
C THR K 292 12.59 -46.48 39.30
N VAL K 293 12.20 -47.50 38.54
CA VAL K 293 11.86 -48.76 39.18
C VAL K 293 12.95 -49.79 38.90
N LEU K 294 13.44 -50.39 39.99
CA LEU K 294 14.41 -51.47 39.84
C LEU K 294 13.69 -52.82 39.71
N SER K 295 14.21 -53.61 38.79
CA SER K 295 13.62 -54.93 38.56
C SER K 295 14.68 -55.95 38.14
N GLY K 296 14.51 -57.21 38.62
CA GLY K 296 15.41 -58.29 38.23
C GLY K 296 16.33 -58.73 39.37
N GLY K 297 16.87 -59.88 39.27
CA GLY K 297 17.67 -60.49 40.32
C GLY K 297 18.94 -59.72 40.63
N THR K 298 19.47 -59.11 39.60
CA THR K 298 20.74 -58.43 39.76
C THR K 298 20.55 -57.09 40.46
N THR K 299 19.32 -56.72 40.74
CA THR K 299 19.05 -55.49 41.46
C THR K 299 18.81 -55.77 42.94
N MET K 300 19.10 -56.97 43.38
CA MET K 300 18.77 -57.37 44.74
C MET K 300 19.92 -57.03 45.69
N TYR K 301 20.99 -56.47 45.19
CA TYR K 301 22.11 -56.13 46.07
C TYR K 301 21.70 -55.09 47.10
N PRO K 302 22.04 -55.46 48.35
CA PRO K 302 21.84 -54.39 49.34
C PRO K 302 22.62 -53.13 48.99
N GLY K 303 21.92 -52.01 49.10
CA GLY K 303 22.58 -50.73 48.90
C GLY K 303 22.40 -50.18 47.49
N ILE K 304 21.91 -50.98 46.62
CA ILE K 304 21.88 -50.57 45.22
C ILE K 304 20.92 -49.40 45.05
N ALA K 305 19.80 -49.42 45.72
CA ALA K 305 18.82 -48.34 45.61
C ALA K 305 19.40 -47.01 46.08
N ASP K 306 20.09 -47.05 47.18
CA ASP K 306 20.72 -45.84 47.72
C ASP K 306 21.81 -45.32 46.79
N ARG K 307 22.57 -46.26 46.31
CA ARG K 307 23.62 -45.87 45.38
C ARG K 307 23.05 -45.23 44.13
N MET K 308 22.02 -45.83 43.59
CA MET K 308 21.35 -45.27 42.42
C MET K 308 20.82 -43.86 42.71
N GLN K 309 20.17 -43.75 43.84
CA GLN K 309 19.66 -42.45 44.25
C GLN K 309 20.76 -41.40 44.26
N LYS K 310 21.83 -41.72 44.85
CA LYS K 310 22.96 -40.81 44.96
C LYS K 310 23.50 -40.43 43.57
N GLU K 311 23.71 -41.43 42.76
CA GLU K 311 24.35 -41.23 41.46
C GLU K 311 23.44 -40.45 40.51
N ILE K 312 22.16 -40.72 40.53
CA ILE K 312 21.23 -40.04 39.63
C ILE K 312 21.03 -38.61 40.09
N THR K 313 20.97 -38.41 41.36
CA THR K 313 20.86 -37.05 41.91
C THR K 313 22.03 -36.19 41.43
N ALA K 314 23.19 -36.79 41.38
CA ALA K 314 24.39 -36.07 40.97
C ALA K 314 24.36 -35.73 39.49
N LEU K 315 23.71 -36.53 38.69
CA LEU K 315 23.69 -36.36 37.24
C LEU K 315 22.55 -35.45 36.82
N ALA K 316 21.42 -35.49 37.53
CA ALA K 316 20.19 -34.79 37.16
C ALA K 316 20.28 -33.31 37.51
N PRO K 317 19.48 -32.49 36.83
CA PRO K 317 19.39 -31.10 37.29
C PRO K 317 19.02 -30.99 38.76
N SER K 318 19.46 -29.98 39.40
CA SER K 318 19.38 -29.84 40.85
C SER K 318 17.94 -29.73 41.31
N THR K 319 17.09 -29.31 40.48
CA THR K 319 15.70 -29.06 40.88
C THR K 319 14.85 -30.31 40.69
N MET K 320 15.51 -31.30 40.21
CA MET K 320 14.75 -32.48 39.85
C MET K 320 14.56 -33.41 41.05
N LYS K 321 13.31 -33.82 41.27
CA LYS K 321 13.06 -34.83 42.27
C LYS K 321 13.43 -36.23 41.76
N ILE K 322 14.22 -36.91 42.65
CA ILE K 322 14.67 -38.25 42.26
C ILE K 322 14.06 -39.29 43.20
N LYS K 323 13.47 -40.27 42.61
CA LYS K 323 12.93 -41.35 43.42
C LYS K 323 13.24 -42.72 42.80
N ILE K 324 13.93 -43.52 43.59
CA ILE K 324 14.25 -44.89 43.20
C ILE K 324 13.31 -45.85 43.92
N ILE K 325 12.68 -46.65 43.13
CA ILE K 325 11.73 -47.61 43.71
C ILE K 325 12.31 -49.02 43.61
N ALA K 326 12.49 -49.65 44.76
CA ALA K 326 13.00 -51.01 44.84
C ALA K 326 12.03 -51.92 45.59
N PRO K 327 11.04 -52.39 44.82
CA PRO K 327 10.10 -53.28 45.51
C PRO K 327 10.77 -54.53 46.08
N PRO K 328 10.27 -54.98 47.16
CA PRO K 328 10.88 -56.15 47.79
C PRO K 328 10.78 -57.41 46.91
N GLU K 329 9.74 -57.47 46.17
CA GLU K 329 9.51 -58.66 45.35
C GLU K 329 10.11 -58.51 43.96
N ARG K 330 11.06 -57.63 43.81
CA ARG K 330 11.50 -57.20 42.48
C ARG K 330 12.30 -58.30 41.80
N LYS K 331 12.67 -59.30 42.56
CA LYS K 331 13.36 -60.41 41.92
C LYS K 331 12.47 -61.08 40.87
N TYR K 332 11.19 -61.14 41.19
CA TYR K 332 10.25 -61.80 40.29
C TYR K 332 9.13 -60.86 39.88
N SER K 333 9.40 -59.60 39.85
CA SER K 333 8.37 -58.60 39.57
C SER K 333 7.70 -58.85 38.22
N VAL K 334 8.49 -59.19 37.28
CA VAL K 334 7.95 -59.41 35.94
C VAL K 334 6.94 -60.57 35.98
N TRP K 335 7.38 -61.68 36.56
CA TRP K 335 6.53 -62.86 36.61
C TRP K 335 5.27 -62.60 37.43
N ILE K 336 5.44 -61.93 38.55
CA ILE K 336 4.33 -61.65 39.45
C ILE K 336 3.30 -60.77 38.74
N GLY K 337 3.81 -59.77 38.07
CA GLY K 337 2.91 -58.95 37.27
C GLY K 337 2.09 -59.74 36.27
N GLY K 338 2.76 -60.62 35.56
CA GLY K 338 2.07 -61.49 34.63
C GLY K 338 1.09 -62.43 35.30
N SER K 339 1.47 -62.94 36.45
CA SER K 339 0.63 -63.87 37.21
C SER K 339 -0.67 -63.20 37.64
N ILE K 340 -0.57 -62.01 38.09
CA ILE K 340 -1.74 -61.28 38.57
C ILE K 340 -2.64 -60.92 37.38
N LEU K 341 -2.04 -60.40 36.39
CA LEU K 341 -2.79 -59.99 35.20
C LEU K 341 -3.57 -61.17 34.63
N ALA K 342 -2.92 -62.27 34.47
CA ALA K 342 -3.50 -63.44 33.82
C ALA K 342 -4.52 -64.12 34.72
N SER K 343 -4.56 -63.80 35.95
CA SER K 343 -5.48 -64.43 36.89
C SER K 343 -6.81 -63.69 36.94
N LEU K 344 -6.81 -62.47 36.42
CA LEU K 344 -8.05 -61.68 36.44
C LEU K 344 -9.08 -62.27 35.49
N SER K 345 -10.31 -62.33 35.99
CA SER K 345 -11.38 -62.87 35.15
C SER K 345 -11.63 -61.99 33.94
N THR K 346 -11.42 -60.71 34.06
CA THR K 346 -11.68 -59.76 32.99
C THR K 346 -10.60 -59.81 31.93
N PHE K 347 -9.44 -60.40 32.29
CA PHE K 347 -8.32 -60.48 31.35
C PHE K 347 -8.60 -61.52 30.27
N GLN K 348 -9.55 -62.41 30.48
CA GLN K 348 -9.85 -63.52 29.58
C GLN K 348 -10.19 -63.01 28.18
N GLN K 349 -10.67 -61.84 28.08
CA GLN K 349 -11.07 -61.27 26.79
C GLN K 349 -9.87 -60.72 26.04
N MET K 350 -8.77 -60.71 26.73
CA MET K 350 -7.60 -60.07 26.13
C MET K 350 -6.71 -61.10 25.44
N TRP K 351 -6.92 -62.33 25.58
CA TRP K 351 -6.12 -63.41 25.02
C TRP K 351 -6.23 -63.42 23.50
N ILE K 352 -5.15 -63.79 22.85
CA ILE K 352 -5.27 -64.27 21.48
C ILE K 352 -5.79 -65.70 21.47
N SER K 353 -6.93 -65.95 20.91
CA SER K 353 -7.48 -67.29 20.84
C SER K 353 -6.92 -68.06 19.65
N LYS K 354 -6.99 -69.35 19.77
CA LYS K 354 -6.57 -70.18 18.64
C LYS K 354 -7.35 -69.82 17.38
N GLN K 355 -8.57 -69.53 17.49
CA GLN K 355 -9.42 -69.16 16.37
C GLN K 355 -8.92 -67.87 15.71
N GLU K 356 -8.63 -66.90 16.53
CA GLU K 356 -8.11 -65.64 16.00
C GLU K 356 -6.78 -65.86 15.28
N TYR K 357 -5.95 -66.69 15.84
CA TYR K 357 -4.67 -67.01 15.21
C TYR K 357 -4.90 -67.69 13.86
N ASP K 358 -5.82 -68.63 13.78
CA ASP K 358 -6.08 -69.36 12.55
C ASP K 358 -6.59 -68.43 11.45
N GLU K 359 -7.23 -67.33 11.89
CA GLU K 359 -7.82 -66.40 10.92
C GLU K 359 -6.82 -65.34 10.48
N SER K 360 -5.96 -64.94 11.33
CA SER K 360 -5.16 -63.74 11.06
C SER K 360 -3.68 -64.08 10.95
N GLY K 361 -3.32 -65.27 11.42
CA GLY K 361 -1.92 -65.64 11.41
C GLY K 361 -1.14 -65.06 12.57
N PRO K 362 0.17 -65.19 12.60
CA PRO K 362 1.02 -64.81 13.74
C PRO K 362 1.05 -63.29 13.96
N SER K 363 0.71 -62.51 12.93
CA SER K 363 0.77 -61.05 13.05
C SER K 363 -0.29 -60.52 14.00
N ILE K 364 -1.21 -61.34 14.45
CA ILE K 364 -2.31 -60.95 15.34
C ILE K 364 -1.74 -60.51 16.68
N VAL K 365 -0.53 -61.01 16.98
CA VAL K 365 0.11 -60.71 18.27
C VAL K 365 0.32 -59.20 18.39
N HIS K 366 0.56 -58.48 17.32
CA HIS K 366 0.86 -57.06 17.33
C HIS K 366 -0.41 -56.24 17.57
N ARG K 367 -1.52 -56.77 17.18
CA ARG K 367 -2.79 -56.08 17.33
C ARG K 367 -3.38 -56.32 18.72
N LYS K 368 -3.20 -57.45 19.25
CA LYS K 368 -3.90 -57.85 20.47
C LYS K 368 -3.06 -57.55 21.71
N CYS K 369 -1.78 -57.50 21.54
CA CYS K 369 -0.95 -57.40 22.74
C CYS K 369 -0.26 -56.04 22.81
N PHE K 370 -0.36 -55.21 21.62
CA PHE K 370 0.36 -53.94 21.61
C PHE K 370 -0.47 -52.85 20.93
N MET L 1 -0.90 -52.39 27.65
CA MET L 1 -1.32 -53.50 28.51
C MET L 1 -2.64 -53.18 29.22
N ALA L 2 -3.57 -54.18 29.14
CA ALA L 2 -4.89 -53.93 29.72
C ALA L 2 -5.35 -55.13 30.55
N SER L 3 -6.11 -54.84 31.60
CA SER L 3 -6.63 -55.85 32.50
C SER L 3 -7.97 -56.39 32.01
N GLY L 4 -8.67 -55.68 31.23
CA GLY L 4 -10.01 -56.06 30.78
C GLY L 4 -11.11 -55.53 31.68
N VAL L 5 -10.75 -54.86 32.76
CA VAL L 5 -11.72 -54.25 33.65
C VAL L 5 -12.54 -53.21 32.90
N THR L 6 -13.88 -53.23 33.10
CA THR L 6 -14.77 -52.34 32.37
C THR L 6 -15.13 -51.12 33.23
N VAL L 7 -15.74 -50.10 32.58
CA VAL L 7 -16.15 -48.87 33.25
C VAL L 7 -17.68 -48.78 33.26
N SER L 8 -18.24 -48.63 34.43
CA SER L 8 -19.70 -48.56 34.57
C SER L 8 -20.25 -47.29 33.92
N ASP L 9 -21.49 -47.36 33.50
CA ASP L 9 -22.15 -46.23 32.87
C ASP L 9 -22.28 -45.05 33.83
N VAL L 10 -22.42 -45.37 35.08
CA VAL L 10 -22.58 -44.34 36.08
C VAL L 10 -21.33 -43.45 36.12
N CYS L 11 -20.19 -44.06 35.87
CA CYS L 11 -18.95 -43.28 35.83
C CYS L 11 -19.03 -42.21 34.75
N LYS L 12 -19.55 -42.58 33.58
CA LYS L 12 -19.66 -41.65 32.46
C LYS L 12 -20.68 -40.56 32.75
N THR L 13 -21.76 -41.00 33.38
CA THR L 13 -22.80 -40.04 33.73
C THR L 13 -22.28 -39.02 34.75
N THR L 14 -21.63 -39.52 35.73
CA THR L 14 -21.09 -38.64 36.76
C THR L 14 -20.04 -37.71 36.19
N TYR L 15 -19.28 -38.23 35.31
CA TYR L 15 -18.27 -37.42 34.63
C TYR L 15 -18.90 -36.25 33.89
N GLU L 16 -19.98 -36.47 33.21
CA GLU L 16 -20.67 -35.41 32.46
C GLU L 16 -21.28 -34.38 33.42
N GLU L 17 -21.71 -34.86 34.57
CA GLU L 17 -22.28 -33.95 35.56
C GLU L 17 -21.23 -33.02 36.13
N ILE L 18 -20.05 -33.43 36.11
CA ILE L 18 -18.95 -32.60 36.62
C ILE L 18 -18.43 -31.70 35.52
N LYS L 19 -18.20 -32.23 34.36
CA LYS L 19 -17.55 -31.52 33.26
C LYS L 19 -18.49 -30.49 32.64
N LYS L 20 -19.73 -30.89 32.33
CA LYS L 20 -20.65 -30.04 31.58
C LYS L 20 -21.57 -29.27 32.51
N ASP L 21 -22.10 -29.99 33.55
CA ASP L 21 -23.17 -29.40 34.37
C ASP L 21 -22.58 -28.69 35.59
N LYS L 22 -21.42 -28.97 35.88
CA LYS L 22 -20.75 -28.40 37.05
C LYS L 22 -21.55 -28.64 38.32
N LYS L 23 -22.16 -29.84 38.37
CA LYS L 23 -23.00 -30.20 39.51
C LYS L 23 -22.15 -30.64 40.71
N HIS L 24 -21.03 -31.25 40.42
CA HIS L 24 -20.14 -31.76 41.45
C HIS L 24 -18.71 -31.29 41.24
N ARG L 25 -17.95 -31.33 42.37
CA ARG L 25 -16.56 -30.87 42.31
C ARG L 25 -15.63 -32.00 41.90
N TYR L 26 -15.86 -33.14 42.52
CA TYR L 26 -15.01 -34.28 42.19
C TYR L 26 -15.75 -35.59 42.42
N VAL L 27 -15.16 -36.65 41.90
CA VAL L 27 -15.65 -38.00 42.11
C VAL L 27 -14.48 -38.94 42.36
N ILE L 28 -14.69 -39.92 43.29
CA ILE L 28 -13.73 -40.99 43.53
C ILE L 28 -14.25 -42.30 42.95
N PHE L 29 -13.40 -42.94 42.17
CA PHE L 29 -13.76 -44.23 41.58
C PHE L 29 -13.00 -45.37 42.26
N TYR L 30 -13.61 -46.56 42.28
CA TYR L 30 -12.95 -47.78 42.73
C TYR L 30 -13.29 -48.95 41.82
N ILE L 31 -12.53 -50.01 41.92
CA ILE L 31 -12.81 -51.19 41.12
C ILE L 31 -13.61 -52.19 41.97
N ARG L 32 -14.78 -52.45 41.49
CA ARG L 32 -15.69 -53.36 42.19
C ARG L 32 -15.46 -54.80 41.76
N ASP L 33 -15.17 -55.69 42.66
CA ASP L 33 -15.01 -57.14 42.46
C ASP L 33 -13.94 -57.45 41.42
N GLU L 34 -13.01 -56.51 41.24
CA GLU L 34 -11.92 -56.66 40.28
C GLU L 34 -12.45 -56.73 38.84
N LYS L 35 -13.67 -56.21 38.62
CA LYS L 35 -14.28 -56.43 37.32
C LYS L 35 -14.67 -55.12 36.66
N GLN L 36 -15.06 -54.16 37.51
CA GLN L 36 -15.63 -52.95 36.91
C GLN L 36 -15.31 -51.72 37.74
N ILE L 37 -14.92 -50.70 37.07
CA ILE L 37 -14.74 -49.42 37.74
C ILE L 37 -16.10 -48.77 37.99
N ASP L 38 -16.27 -48.36 39.21
CA ASP L 38 -17.53 -47.75 39.61
C ASP L 38 -17.31 -46.53 40.49
N VAL L 39 -18.41 -45.82 40.81
CA VAL L 39 -18.35 -44.58 41.59
C VAL L 39 -18.41 -44.90 43.08
N GLU L 40 -17.48 -44.36 43.80
CA GLU L 40 -17.46 -44.57 45.25
C GLU L 40 -18.00 -43.35 45.99
N THR L 41 -17.45 -42.17 45.68
CA THR L 41 -17.83 -40.95 46.36
C THR L 41 -17.99 -39.80 45.36
N VAL L 42 -19.08 -39.03 45.51
CA VAL L 42 -19.29 -37.81 44.73
C VAL L 42 -19.42 -36.61 45.67
N ALA L 43 -18.65 -35.67 45.43
CA ALA L 43 -18.65 -34.52 46.33
C ALA L 43 -19.36 -33.32 45.69
N ASP L 44 -19.96 -32.54 46.56
CA ASP L 44 -20.70 -31.37 46.10
C ASP L 44 -19.77 -30.36 45.43
N ARG L 45 -20.34 -29.43 44.73
CA ARG L 45 -19.61 -28.46 43.90
C ARG L 45 -18.72 -27.57 44.77
N ASN L 46 -19.07 -27.40 46.07
CA ASN L 46 -18.32 -26.48 46.93
C ASN L 46 -17.21 -27.20 47.68
N ALA L 47 -17.02 -28.44 47.40
CA ALA L 47 -15.98 -29.20 48.09
C ALA L 47 -14.59 -28.70 47.71
N GLU L 48 -13.68 -28.80 48.68
CA GLU L 48 -12.31 -28.32 48.49
C GLU L 48 -11.36 -29.49 48.22
N TYR L 49 -10.19 -29.09 47.80
CA TYR L 49 -9.22 -30.10 47.40
C TYR L 49 -8.81 -30.97 48.58
N ASP L 50 -8.70 -30.40 49.77
CA ASP L 50 -8.32 -31.15 50.97
C ASP L 50 -9.31 -32.29 51.23
N GLN L 51 -10.57 -31.97 51.00
CA GLN L 51 -11.57 -33.01 51.15
C GLN L 51 -11.36 -34.13 50.14
N PHE L 52 -10.97 -33.78 48.96
CA PHE L 52 -10.66 -34.75 47.91
C PHE L 52 -9.55 -35.70 48.37
N LEU L 53 -8.50 -35.12 49.00
CA LEU L 53 -7.38 -35.92 49.47
C LEU L 53 -7.80 -36.85 50.60
N GLU L 54 -8.68 -36.35 51.40
CA GLU L 54 -9.20 -37.18 52.50
C GLU L 54 -10.04 -38.33 51.97
N ASP L 55 -10.85 -38.03 50.97
CA ASP L 55 -11.78 -39.01 50.44
C ASP L 55 -11.04 -40.11 49.68
N ILE L 56 -10.04 -39.74 48.96
CA ILE L 56 -9.35 -40.71 48.11
C ILE L 56 -8.55 -41.67 48.98
N GLN L 57 -8.23 -41.27 50.22
CA GLN L 57 -7.42 -42.08 51.13
C GLN L 57 -8.28 -42.72 52.21
N LYS L 58 -9.48 -42.47 52.22
CA LYS L 58 -10.38 -42.78 53.33
C LYS L 58 -10.48 -44.29 53.55
N CYS L 59 -10.19 -45.06 52.53
CA CYS L 59 -10.40 -46.51 52.65
C CYS L 59 -9.14 -47.20 53.16
N GLY L 60 -8.04 -46.47 53.48
CA GLY L 60 -6.86 -47.05 54.11
C GLY L 60 -5.58 -46.80 53.34
N PRO L 61 -4.50 -47.03 54.02
CA PRO L 61 -3.20 -46.69 53.44
C PRO L 61 -2.80 -47.62 52.30
N GLY L 62 -3.41 -48.68 52.08
CA GLY L 62 -3.04 -49.64 51.07
C GLY L 62 -4.06 -49.78 49.97
N GLU L 63 -5.01 -48.84 50.05
CA GLU L 63 -6.09 -48.95 49.06
C GLU L 63 -5.84 -48.01 47.88
N CYS L 64 -6.09 -48.48 46.72
CA CYS L 64 -5.94 -47.71 45.49
C CYS L 64 -7.29 -47.16 45.04
N ARG L 65 -7.24 -46.02 44.36
CA ARG L 65 -8.42 -45.38 43.81
C ARG L 65 -8.08 -44.52 42.60
N TYR L 66 -9.09 -44.18 41.92
CA TYR L 66 -9.02 -43.11 40.94
C TYR L 66 -9.81 -41.89 41.40
N GLY L 67 -9.31 -40.71 41.04
CA GLY L 67 -10.02 -39.49 41.40
C GLY L 67 -10.08 -38.48 40.26
N LEU L 68 -11.25 -38.03 40.00
CA LEU L 68 -11.46 -36.93 39.07
C LEU L 68 -11.80 -35.65 39.81
N PHE L 69 -11.15 -34.57 39.44
CA PHE L 69 -11.35 -33.31 40.14
C PHE L 69 -11.40 -32.14 39.16
N ASP L 70 -12.37 -31.32 39.28
CA ASP L 70 -12.43 -30.05 38.55
C ASP L 70 -11.68 -28.95 39.30
N PHE L 71 -10.42 -28.78 39.06
CA PHE L 71 -9.49 -27.97 39.82
C PHE L 71 -9.54 -26.52 39.37
N GLU L 72 -9.64 -25.62 40.33
CA GLU L 72 -9.67 -24.19 40.06
C GLU L 72 -8.43 -23.50 40.64
N TYR L 73 -7.84 -22.68 39.77
CA TYR L 73 -6.71 -21.91 40.26
C TYR L 73 -6.60 -20.58 39.52
N MET L 74 -5.88 -19.70 40.16
CA MET L 74 -5.70 -18.37 39.56
C MET L 74 -4.51 -18.36 38.62
N HIS L 75 -4.75 -17.74 37.44
CA HIS L 75 -3.70 -17.65 36.43
C HIS L 75 -3.45 -16.19 36.03
N GLN L 76 -2.24 -15.81 36.21
CA GLN L 76 -1.86 -14.48 35.75
C GLN L 76 -1.13 -14.55 34.42
N CYS L 77 -1.81 -13.96 33.35
CA CYS L 77 -1.13 -13.91 32.05
C CYS L 77 0.01 -12.91 32.08
N GLN L 78 1.15 -13.43 31.52
CA GLN L 78 2.30 -12.52 31.45
C GLN L 78 1.92 -11.21 30.77
N GLY L 79 2.18 -10.11 31.43
CA GLY L 79 2.00 -8.78 30.87
C GLY L 79 0.69 -8.13 31.27
N THR L 80 -0.14 -9.07 31.85
CA THR L 80 -1.40 -8.49 32.29
C THR L 80 -1.48 -8.48 33.82
N SER L 81 -1.85 -7.43 34.40
CA SER L 81 -2.00 -7.29 35.84
C SER L 81 -3.24 -8.06 36.34
N GLU L 82 -4.03 -8.66 35.44
CA GLU L 82 -5.29 -9.28 35.86
C GLU L 82 -5.17 -10.79 35.95
N SER L 83 -5.44 -11.36 37.17
CA SER L 83 -5.52 -12.80 37.36
C SER L 83 -6.88 -13.35 36.98
N SER L 84 -6.83 -14.35 36.08
CA SER L 84 -8.08 -14.98 35.70
C SER L 84 -8.19 -16.38 36.30
N LYS L 85 -9.39 -16.77 36.65
CA LYS L 85 -9.67 -18.10 37.19
C LYS L 85 -9.67 -19.15 36.08
N LYS L 86 -8.86 -20.13 36.26
CA LYS L 86 -8.83 -21.26 35.33
C LYS L 86 -9.35 -22.53 35.99
N GLN L 87 -10.05 -23.24 35.18
CA GLN L 87 -10.55 -24.53 35.64
C GLN L 87 -10.08 -25.66 34.73
N LYS L 88 -9.47 -26.65 35.32
CA LYS L 88 -9.01 -27.80 34.54
C LYS L 88 -9.39 -29.10 35.23
N LEU L 89 -9.80 -30.00 34.45
CA LEU L 89 -10.12 -31.33 34.96
C LEU L 89 -8.87 -32.21 34.97
N PHE L 90 -8.66 -32.79 36.07
CA PHE L 90 -7.61 -33.80 36.07
C PHE L 90 -8.14 -35.14 36.58
N LEU L 91 -7.50 -36.20 36.14
CA LEU L 91 -7.77 -37.56 36.60
C LEU L 91 -6.53 -38.15 37.26
N MET L 92 -6.74 -38.56 38.52
CA MET L 92 -5.61 -39.06 39.30
C MET L 92 -5.70 -40.56 39.51
N SER L 93 -4.62 -41.23 39.24
CA SER L 93 -4.43 -42.60 39.69
C SER L 93 -3.70 -42.65 41.03
N TRP L 94 -4.43 -43.01 42.08
CA TRP L 94 -3.88 -43.12 43.43
C TRP L 94 -3.54 -44.57 43.76
N CYS L 95 -2.26 -44.85 43.75
CA CYS L 95 -1.73 -46.16 44.10
C CYS L 95 -0.59 -46.03 45.12
N PRO L 96 -0.99 -46.00 46.38
CA PRO L 96 0.04 -45.78 47.40
C PRO L 96 1.11 -46.88 47.41
N ASP L 97 2.32 -46.52 47.78
CA ASP L 97 3.42 -47.47 47.83
C ASP L 97 3.16 -48.58 48.83
N THR L 98 2.27 -48.30 49.74
CA THR L 98 1.97 -49.26 50.79
C THR L 98 0.99 -50.32 50.30
N ALA L 99 0.41 -50.07 49.10
CA ALA L 99 -0.56 -51.02 48.56
C ALA L 99 0.12 -52.34 48.19
N LYS L 100 -0.72 -53.41 48.27
CA LYS L 100 -0.23 -54.72 47.84
C LYS L 100 -0.07 -54.78 46.32
N VAL L 101 0.78 -55.66 45.89
CA VAL L 101 1.17 -55.73 44.49
C VAL L 101 -0.04 -56.05 43.63
N LYS L 102 -0.89 -56.90 44.12
CA LYS L 102 -2.06 -57.28 43.34
C LYS L 102 -2.95 -56.07 43.07
N LYS L 103 -3.18 -55.27 44.09
CA LYS L 103 -3.99 -54.07 43.93
C LYS L 103 -3.32 -53.06 43.00
N LYS L 104 -2.07 -52.93 43.18
CA LYS L 104 -1.30 -52.02 42.32
C LYS L 104 -1.40 -52.43 40.85
N MET L 105 -1.26 -53.68 40.62
CA MET L 105 -1.35 -54.19 39.25
C MET L 105 -2.74 -54.01 38.68
N LEU L 106 -3.71 -54.28 39.48
CA LEU L 106 -5.10 -54.15 39.05
C LEU L 106 -5.41 -52.71 38.64
N TYR L 107 -5.08 -51.79 39.45
CA TYR L 107 -5.45 -50.38 39.22
C TYR L 107 -4.60 -49.79 38.09
N SER L 108 -3.33 -50.08 38.08
CA SER L 108 -2.49 -49.54 37.03
C SER L 108 -2.88 -50.08 35.66
N SER L 109 -3.30 -51.33 35.62
CA SER L 109 -3.63 -51.97 34.35
C SER L 109 -5.06 -51.64 33.92
N SER L 110 -5.81 -50.95 34.73
CA SER L 110 -7.19 -50.62 34.43
C SER L 110 -7.36 -49.14 34.15
N PHE L 111 -6.36 -48.40 34.38
CA PHE L 111 -6.42 -46.94 34.32
C PHE L 111 -6.75 -46.47 32.91
N ASP L 112 -6.18 -47.14 31.94
CA ASP L 112 -6.37 -46.73 30.55
C ASP L 112 -7.84 -46.84 30.15
N ALA L 113 -8.50 -47.83 30.65
CA ALA L 113 -9.93 -47.98 30.37
C ALA L 113 -10.71 -46.77 30.85
N LEU L 114 -10.34 -46.34 32.00
CA LEU L 114 -11.01 -45.18 32.56
C LEU L 114 -10.69 -43.92 31.77
N LYS L 115 -9.51 -43.73 31.38
CA LYS L 115 -9.08 -42.58 30.59
C LYS L 115 -9.85 -42.50 29.28
N LYS L 116 -9.99 -43.61 28.64
CA LYS L 116 -10.65 -43.65 27.34
C LYS L 116 -12.13 -43.36 27.45
N SER L 117 -12.65 -43.66 28.64
CA SER L 117 -14.08 -43.48 28.85
C SER L 117 -14.41 -42.04 29.23
N LEU L 118 -13.45 -41.38 29.79
CA LEU L 118 -13.66 -39.99 30.21
C LEU L 118 -12.92 -39.02 29.29
N VAL L 119 -13.59 -38.63 28.18
CA VAL L 119 -12.95 -37.81 27.15
C VAL L 119 -12.98 -36.34 27.56
N GLY L 120 -11.85 -35.72 27.43
CA GLY L 120 -11.81 -34.29 27.70
C GLY L 120 -11.04 -33.93 28.95
N VAL L 121 -10.49 -34.95 29.63
CA VAL L 121 -9.67 -34.68 30.81
C VAL L 121 -8.36 -34.03 30.38
N GLN L 122 -7.93 -33.02 31.10
CA GLN L 122 -6.81 -32.20 30.67
C GLN L 122 -5.48 -32.79 31.12
N LYS L 123 -5.57 -33.37 32.27
CA LYS L 123 -4.31 -33.89 32.79
C LYS L 123 -4.54 -35.20 33.55
N TYR L 124 -3.68 -36.13 33.26
CA TYR L 124 -3.64 -37.38 34.03
C TYR L 124 -2.49 -37.35 35.04
N ILE L 125 -2.84 -37.63 36.32
CA ILE L 125 -1.84 -37.53 37.39
C ILE L 125 -1.66 -38.89 38.04
N GLN L 126 -0.45 -39.31 38.12
CA GLN L 126 -0.03 -40.50 38.86
C GLN L 126 0.50 -40.14 40.24
N ALA L 127 -0.12 -40.73 41.31
CA ALA L 127 0.32 -40.40 42.66
C ALA L 127 0.44 -41.65 43.53
N THR L 128 1.56 -41.73 44.28
CA THR L 128 1.80 -42.88 45.13
C THR L 128 1.93 -42.46 46.60
N ASP L 129 2.03 -41.21 46.80
CA ASP L 129 2.05 -40.61 48.13
C ASP L 129 1.57 -39.16 48.09
N LEU L 130 1.52 -38.49 49.16
CA LEU L 130 0.91 -37.17 49.26
C LEU L 130 1.78 -36.10 48.59
N SER L 131 3.05 -36.35 48.53
CA SER L 131 3.93 -35.39 47.87
C SER L 131 3.60 -35.27 46.38
N GLU L 132 3.03 -36.23 45.87
CA GLU L 132 2.68 -36.23 44.45
C GLU L 132 1.22 -35.81 44.24
N ALA L 133 0.42 -35.84 45.34
CA ALA L 133 -1.01 -35.59 45.22
C ALA L 133 -1.37 -34.23 45.84
N SER L 134 -0.43 -33.61 46.45
CA SER L 134 -0.69 -32.35 47.13
C SER L 134 -1.21 -31.29 46.16
N ARG L 135 -1.85 -30.31 46.71
CA ARG L 135 -2.38 -29.22 45.90
C ARG L 135 -1.28 -28.56 45.08
N GLU L 136 -0.18 -28.35 45.72
CA GLU L 136 0.95 -27.68 45.06
C GLU L 136 1.49 -28.52 43.91
N ALA L 137 1.59 -29.76 44.14
CA ALA L 137 2.12 -30.66 43.12
C ALA L 137 1.19 -30.74 41.93
N VAL L 138 -0.07 -30.80 42.20
CA VAL L 138 -1.08 -30.92 41.15
C VAL L 138 -1.18 -29.62 40.35
N GLU L 139 -1.21 -28.56 41.08
CA GLU L 139 -1.30 -27.26 40.41
C GLU L 139 -0.11 -27.03 39.49
N GLU L 140 1.04 -27.41 39.94
CA GLU L 140 2.24 -27.27 39.12
C GLU L 140 2.09 -28.05 37.81
N LYS L 141 1.56 -29.19 37.88
CA LYS L 141 1.36 -30.02 36.69
C LYS L 141 0.33 -29.41 35.76
N LEU L 142 -0.64 -28.88 36.32
CA LEU L 142 -1.71 -28.28 35.52
C LEU L 142 -1.22 -27.01 34.84
N ARG L 143 -0.42 -26.30 35.49
CA ARG L 143 0.08 -25.03 34.95
C ARG L 143 1.06 -25.29 33.81
N ALA L 144 1.66 -26.38 33.88
CA ALA L 144 2.64 -26.71 32.83
C ALA L 144 1.98 -26.80 31.46
N THR L 145 0.72 -26.81 31.44
CA THR L 145 -0.01 -26.91 30.17
C THR L 145 -0.59 -25.55 29.78
N ASP L 146 -0.37 -24.61 30.69
CA ASP L 146 -0.92 -23.29 30.42
C ASP L 146 -0.20 -22.63 29.24
N ARG L 147 -1.09 -22.38 28.20
CA ARG L 147 -0.50 -21.63 27.08
C ARG L 147 0.03 -20.28 27.56
N GLN L 148 1.31 -20.04 27.48
CA GLN L 148 1.84 -18.71 27.76
C GLN L 148 1.18 -17.65 26.88
N ALA M 1 77.11 -55.71 40.49
CA ALA M 1 76.11 -56.35 39.64
C ALA M 1 74.78 -56.52 40.38
N ALA M 2 73.74 -56.23 39.74
CA ALA M 2 72.41 -56.46 40.31
C ALA M 2 72.09 -57.94 40.41
N LEU M 3 71.27 -58.30 41.39
CA LEU M 3 70.75 -59.66 41.48
C LEU M 3 69.42 -59.79 40.75
N VAL M 4 69.26 -60.85 40.02
CA VAL M 4 68.01 -61.12 39.33
C VAL M 4 67.39 -62.41 39.89
N VAL M 5 66.13 -62.29 40.34
CA VAL M 5 65.45 -63.43 40.94
C VAL M 5 64.10 -63.64 40.26
N ASP M 6 63.98 -64.71 39.56
CA ASP M 6 62.71 -65.11 38.97
C ASP M 6 61.94 -66.05 39.91
N ASN M 7 60.82 -65.53 40.39
CA ASN M 7 60.00 -66.24 41.36
C ASN M 7 58.98 -67.15 40.67
N GLY M 8 59.39 -68.40 40.57
CA GLY M 8 58.45 -69.35 39.99
C GLY M 8 57.70 -70.17 41.01
N SER M 9 56.60 -70.69 40.63
CA SER M 9 55.79 -71.49 41.53
C SER M 9 56.55 -72.72 42.01
N GLY M 10 57.32 -73.27 41.07
CA GLY M 10 58.00 -74.51 41.42
C GLY M 10 59.50 -74.37 41.48
N MET M 11 59.98 -73.41 40.78
CA MET M 11 61.43 -73.24 40.69
C MET M 11 61.81 -71.78 40.88
N CYS M 12 62.86 -71.64 41.65
CA CYS M 12 63.47 -70.32 41.75
C CYS M 12 64.73 -70.24 40.90
N LYS M 13 64.81 -69.23 40.07
CA LYS M 13 66.01 -68.93 39.28
C LYS M 13 66.65 -67.63 39.72
N ALA M 14 67.97 -67.75 39.97
CA ALA M 14 68.63 -66.56 40.49
C ALA M 14 70.07 -66.45 39.97
N GLY M 15 70.50 -65.26 39.81
CA GLY M 15 71.86 -65.00 39.37
C GLY M 15 72.19 -63.51 39.32
N PHE M 16 73.28 -63.22 38.58
CA PHE M 16 73.77 -61.86 38.46
C PHE M 16 73.44 -61.27 37.09
N ALA M 17 73.01 -60.00 37.13
CA ALA M 17 72.73 -59.31 35.89
C ALA M 17 73.93 -59.36 34.94
N GLY M 18 73.63 -59.61 33.71
CA GLY M 18 74.67 -59.69 32.70
C GLY M 18 75.05 -61.11 32.35
N ASP M 19 74.69 -62.00 33.23
CA ASP M 19 74.97 -63.40 32.94
C ASP M 19 74.02 -63.95 31.89
N ASP M 20 74.44 -65.01 31.21
CA ASP M 20 73.67 -65.56 30.11
C ASP M 20 72.64 -66.58 30.62
N ALA M 21 72.89 -67.02 31.83
CA ALA M 21 71.98 -67.97 32.48
C ALA M 21 72.01 -67.82 33.99
N PRO M 22 70.91 -68.21 34.63
CA PRO M 22 70.94 -68.14 36.09
C PRO M 22 72.05 -68.99 36.70
N ARG M 23 72.56 -68.60 37.81
CA ARG M 23 73.59 -69.33 38.53
C ARG M 23 72.97 -70.42 39.41
N ALA M 24 71.80 -70.10 39.85
CA ALA M 24 71.11 -71.05 40.72
C ALA M 24 69.68 -71.29 40.24
N VAL M 25 69.41 -72.53 40.12
CA VAL M 25 68.05 -72.99 39.86
C VAL M 25 67.69 -74.10 40.85
N PHE M 26 66.66 -73.82 41.69
CA PHE M 26 66.32 -74.80 42.71
C PHE M 26 64.82 -74.79 42.98
N PRO M 27 64.29 -75.86 43.56
CA PRO M 27 62.86 -75.89 43.90
C PRO M 27 62.47 -74.82 44.91
N SER M 28 61.39 -74.23 44.62
CA SER M 28 60.86 -73.23 45.53
C SER M 28 60.02 -73.87 46.63
N ILE M 29 60.71 -74.57 47.54
CA ILE M 29 59.98 -75.31 48.57
C ILE M 29 60.66 -75.12 49.93
N VAL M 30 59.89 -75.15 50.93
CA VAL M 30 60.34 -75.12 52.32
C VAL M 30 59.83 -76.37 53.04
N GLY M 31 60.81 -77.02 53.66
CA GLY M 31 60.44 -78.23 54.39
C GLY M 31 60.64 -78.11 55.89
N ARG M 32 59.75 -78.70 56.61
CA ARG M 32 59.84 -78.77 58.06
C ARG M 32 59.66 -80.21 58.54
N PRO M 33 60.40 -80.54 59.60
CA PRO M 33 60.28 -81.90 60.13
C PRO M 33 58.86 -82.25 60.54
N ARG M 34 58.38 -83.39 60.22
CA ARG M 34 57.04 -83.86 60.53
C ARG M 34 56.88 -84.14 62.02
N HIS M 35 57.92 -84.67 62.66
CA HIS M 35 57.89 -84.96 64.09
C HIS M 35 58.94 -84.15 64.84
N LYS M 45 68.00 -78.30 61.76
CA LYS M 45 67.42 -77.00 61.45
C LYS M 45 65.90 -77.04 61.56
N ASP M 46 65.37 -75.92 61.91
CA ASP M 46 63.92 -75.81 62.02
C ASP M 46 63.24 -75.90 60.66
N SER M 47 63.99 -75.61 59.62
CA SER M 47 63.43 -75.68 58.28
C SER M 47 64.53 -75.86 57.23
N TYR M 48 64.12 -76.46 56.12
CA TYR M 48 65.01 -76.70 55.00
C TYR M 48 64.45 -76.10 53.71
N VAL M 49 65.36 -75.63 52.88
CA VAL M 49 64.89 -74.92 51.70
C VAL M 49 65.50 -75.53 50.44
N GLY M 50 64.78 -75.53 49.35
CA GLY M 50 65.30 -75.87 48.02
C GLY M 50 65.73 -77.32 47.91
N ASP M 51 66.94 -77.55 47.42
CA ASP M 51 67.44 -78.90 47.17
C ASP M 51 67.61 -79.67 48.47
N GLU M 52 67.98 -78.91 49.47
CA GLU M 52 68.14 -79.55 50.77
C GLU M 52 66.80 -80.10 51.29
N ALA M 53 65.80 -79.30 51.17
CA ALA M 53 64.47 -79.76 51.57
C ALA M 53 64.04 -80.95 50.72
N GLN M 54 64.32 -80.84 49.44
CA GLN M 54 63.93 -81.91 48.51
C GLN M 54 64.65 -83.21 48.86
N SER M 55 65.91 -83.18 49.27
CA SER M 55 66.72 -84.35 49.57
C SER M 55 66.25 -85.01 50.87
N LYS M 56 65.53 -84.25 51.71
CA LYS M 56 65.06 -84.76 52.98
C LYS M 56 63.54 -84.89 53.00
N ARG M 57 63.01 -84.99 51.87
CA ARG M 57 61.55 -84.94 51.73
C ARG M 57 60.89 -86.09 52.48
N GLY M 58 61.60 -87.25 52.73
CA GLY M 58 61.06 -88.40 53.43
C GLY M 58 60.71 -88.11 54.88
N ILE M 59 61.31 -87.11 55.38
CA ILE M 59 61.09 -86.83 56.80
C ILE M 59 60.55 -85.42 56.98
N LEU M 60 60.32 -84.72 55.90
CA LEU M 60 59.87 -83.34 55.98
C LEU M 60 58.48 -83.18 55.39
N THR M 61 57.74 -82.23 55.97
CA THR M 61 56.58 -81.71 55.26
C THR M 61 56.97 -80.56 54.34
N LEU M 62 56.71 -80.76 53.02
CA LEU M 62 57.14 -79.78 52.03
C LEU M 62 55.98 -78.85 51.65
N LYS M 63 56.27 -77.57 51.60
CA LYS M 63 55.27 -76.59 51.18
C LYS M 63 55.83 -75.66 50.12
N TYR M 64 54.94 -75.25 49.23
CA TYR M 64 55.27 -74.23 48.23
C TYR M 64 54.70 -72.88 48.62
N PRO M 65 55.60 -71.94 48.76
CA PRO M 65 55.07 -70.63 49.15
C PRO M 65 54.37 -69.91 48.01
N ILE M 66 54.66 -70.31 46.76
CA ILE M 66 54.00 -69.75 45.60
C ILE M 66 53.07 -70.78 44.98
N GLU M 67 51.85 -70.44 44.93
CA GLU M 67 50.85 -71.31 44.32
C GLU M 67 50.28 -70.68 43.04
N HIS M 68 50.50 -71.32 41.99
CA HIS M 68 50.04 -70.87 40.68
C HIS M 68 50.44 -69.42 40.42
N GLY M 69 51.64 -69.09 40.81
CA GLY M 69 52.26 -67.81 40.49
C GLY M 69 52.04 -66.76 41.56
N ILE M 70 51.28 -67.09 42.61
CA ILE M 70 50.94 -66.11 43.63
C ILE M 70 51.53 -66.53 44.97
N VAL M 71 52.21 -65.60 45.58
CA VAL M 71 52.76 -65.90 46.91
C VAL M 71 51.62 -66.03 47.93
N THR M 72 51.59 -67.12 48.59
CA THR M 72 50.52 -67.36 49.56
C THR M 72 51.09 -67.50 50.96
N ASN M 73 52.35 -67.71 51.06
CA ASN M 73 53.05 -67.83 52.34
C ASN M 73 54.30 -66.96 52.39
N TRP M 74 54.20 -65.86 53.10
CA TRP M 74 55.26 -64.85 53.06
C TRP M 74 56.43 -65.25 53.97
N ASP M 75 56.12 -65.94 55.05
CA ASP M 75 57.19 -66.41 55.91
C ASP M 75 58.12 -67.37 55.16
N ASP M 76 57.50 -68.24 54.46
CA ASP M 76 58.29 -69.21 53.69
C ASP M 76 58.98 -68.53 52.51
N MET M 77 58.31 -67.55 51.93
CA MET M 77 58.92 -66.83 50.82
C MET M 77 60.18 -66.12 51.26
N GLU M 78 60.14 -65.53 52.43
CA GLU M 78 61.34 -64.89 52.97
C GLU M 78 62.47 -65.89 53.15
N LYS M 79 62.12 -67.10 53.54
CA LYS M 79 63.13 -68.14 53.69
C LYS M 79 63.74 -68.50 52.33
N ILE M 80 62.89 -68.53 51.32
CA ILE M 80 63.37 -68.82 49.98
C ILE M 80 64.36 -67.74 49.53
N TRP M 81 64.00 -66.52 49.78
CA TRP M 81 64.88 -65.42 49.38
C TRP M 81 66.16 -65.43 50.20
N HIS M 82 65.97 -65.69 51.53
CA HIS M 82 67.16 -65.82 52.35
C HIS M 82 68.10 -66.89 51.80
N HIS M 83 67.51 -68.00 51.50
CA HIS M 83 68.28 -69.10 50.92
C HIS M 83 68.92 -68.70 49.60
N THR M 84 68.22 -67.95 48.75
CA THR M 84 68.70 -67.49 47.46
C THR M 84 69.94 -66.61 47.64
N PHE M 85 69.87 -65.64 48.52
CA PHE M 85 70.93 -64.64 48.67
C PHE M 85 72.14 -65.23 49.38
N TYR M 86 71.92 -65.99 50.42
CA TYR M 86 73.02 -66.33 51.32
C TYR M 86 73.55 -67.73 51.02
N ASN M 87 72.69 -68.57 50.63
CA ASN M 87 73.12 -69.95 50.43
C ASN M 87 73.47 -70.23 48.98
N GLU M 88 72.68 -69.75 48.04
CA GLU M 88 72.89 -70.08 46.63
C GLU M 88 73.85 -69.08 45.97
N LEU M 89 73.59 -67.80 46.16
CA LEU M 89 74.40 -66.80 45.47
C LEU M 89 75.57 -66.36 46.34
N ARG M 90 75.43 -66.57 47.65
CA ARG M 90 76.45 -66.22 48.63
C ARG M 90 76.82 -64.74 48.54
N VAL M 91 75.83 -63.88 48.65
CA VAL M 91 76.03 -62.44 48.58
C VAL M 91 75.21 -61.76 49.67
N ALA M 92 75.64 -60.60 50.00
CA ALA M 92 74.84 -59.75 50.88
C ALA M 92 73.87 -58.90 50.07
N PRO M 93 72.62 -59.11 50.22
CA PRO M 93 71.64 -58.37 49.42
C PRO M 93 71.70 -56.87 49.65
N GLU M 94 72.19 -56.42 50.81
CA GLU M 94 72.27 -55.00 51.13
C GLU M 94 73.30 -54.30 50.25
N GLU M 95 74.01 -55.07 49.48
CA GLU M 95 75.06 -54.49 48.64
C GLU M 95 74.64 -54.50 47.17
N HIS M 96 73.49 -55.07 46.88
CA HIS M 96 73.13 -55.26 45.48
C HIS M 96 71.71 -54.79 45.21
N PRO M 97 71.56 -53.98 44.10
CA PRO M 97 70.17 -53.87 43.65
C PRO M 97 69.55 -55.21 43.28
N VAL M 98 68.18 -55.34 43.40
CA VAL M 98 67.56 -56.64 43.14
C VAL M 98 66.38 -56.47 42.18
N LEU M 99 66.43 -57.19 41.09
CA LEU M 99 65.26 -57.29 40.20
C LEU M 99 64.49 -58.58 40.47
N LEU M 100 63.26 -58.45 40.79
CA LEU M 100 62.37 -59.59 41.02
C LEU M 100 61.31 -59.68 39.92
N THR M 101 61.00 -60.90 39.54
CA THR M 101 59.91 -61.07 38.60
C THR M 101 58.62 -61.47 39.32
N GLU M 102 57.55 -61.15 38.67
CA GLU M 102 56.25 -61.57 39.18
C GLU M 102 55.37 -62.13 38.07
N ALA M 103 54.41 -63.00 38.49
CA ALA M 103 53.45 -63.54 37.53
C ALA M 103 52.44 -62.48 37.12
N PRO M 104 51.80 -62.72 35.95
CA PRO M 104 50.69 -61.82 35.62
C PRO M 104 49.55 -61.91 36.64
N LEU M 105 48.86 -60.82 36.88
CA LEU M 105 47.68 -60.73 37.75
C LEU M 105 48.09 -60.80 39.22
N ASN M 106 49.34 -60.66 39.50
CA ASN M 106 49.76 -60.53 40.89
C ASN M 106 49.04 -59.40 41.61
N PRO M 107 48.44 -59.70 42.78
CA PRO M 107 47.74 -58.64 43.49
C PRO M 107 48.66 -57.48 43.89
N LYS M 108 48.09 -56.31 43.93
CA LYS M 108 48.86 -55.12 44.29
C LYS M 108 49.44 -55.26 45.69
N ALA M 109 48.64 -55.85 46.54
CA ALA M 109 49.10 -56.03 47.91
C ALA M 109 50.33 -56.90 47.99
N ASN M 110 50.35 -57.92 47.17
CA ASN M 110 51.51 -58.81 47.15
C ASN M 110 52.75 -58.09 46.63
N ARG M 111 52.55 -57.26 45.66
CA ARG M 111 53.66 -56.48 45.11
C ARG M 111 54.24 -55.55 46.16
N GLU M 112 53.35 -54.96 46.88
CA GLU M 112 53.78 -54.06 47.93
C GLU M 112 54.50 -54.80 49.05
N LYS M 113 53.93 -55.98 49.40
CA LYS M 113 54.57 -56.79 50.44
C LYS M 113 55.97 -57.22 50.01
N MET M 114 56.12 -57.60 48.81
CA MET M 114 57.42 -57.96 48.25
C MET M 114 58.40 -56.80 48.36
N THR M 115 57.94 -55.64 48.02
CA THR M 115 58.76 -54.44 48.07
C THR M 115 59.17 -54.13 49.50
N GLN M 116 58.26 -54.29 50.38
CA GLN M 116 58.51 -54.05 51.80
C GLN M 116 59.58 -55.01 52.33
N ILE M 117 59.50 -56.23 52.04
CA ILE M 117 60.41 -57.24 52.54
C ILE M 117 61.82 -57.00 52.00
N MET M 118 61.96 -56.58 50.74
CA MET M 118 63.27 -56.35 50.13
C MET M 118 63.97 -55.17 50.82
N PHE M 119 63.21 -54.12 51.07
CA PHE M 119 63.85 -52.94 51.62
C PHE M 119 63.99 -53.05 53.14
N GLU M 120 63.04 -53.65 53.82
CA GLU M 120 63.03 -53.60 55.27
C GLU M 120 63.68 -54.84 55.87
N THR M 121 63.51 -55.98 55.28
CA THR M 121 64.09 -57.21 55.81
C THR M 121 65.47 -57.47 55.22
N PHE M 122 65.67 -57.26 53.93
CA PHE M 122 66.94 -57.59 53.30
C PHE M 122 67.78 -56.35 53.07
N ASN M 123 67.25 -55.21 53.27
CA ASN M 123 67.93 -53.92 53.23
C ASN M 123 68.63 -53.70 51.89
N THR M 124 67.98 -54.15 50.80
CA THR M 124 68.57 -53.91 49.49
C THR M 124 68.60 -52.40 49.19
N PRO M 125 69.67 -51.94 48.49
CA PRO M 125 69.78 -50.50 48.21
C PRO M 125 68.78 -50.03 47.14
N ALA M 126 68.34 -50.93 46.28
CA ALA M 126 67.40 -50.64 45.21
C ALA M 126 66.72 -51.93 44.73
N MET M 127 65.53 -51.76 44.15
CA MET M 127 64.84 -52.93 43.63
C MET M 127 63.93 -52.55 42.46
N TYR M 128 63.58 -53.50 41.67
CA TYR M 128 62.65 -53.40 40.55
C TYR M 128 61.83 -54.68 40.39
N VAL M 129 60.59 -54.51 40.03
CA VAL M 129 59.74 -55.66 39.77
C VAL M 129 59.32 -55.67 38.30
N ALA M 130 59.41 -56.80 37.68
CA ALA M 130 59.02 -56.93 36.28
C ALA M 130 58.10 -58.13 36.08
N ILE M 131 57.16 -57.97 35.16
CA ILE M 131 56.22 -59.05 34.87
C ILE M 131 56.90 -60.09 33.99
N GLN M 132 56.79 -61.32 34.32
CA GLN M 132 57.49 -62.44 33.68
C GLN M 132 57.19 -62.48 32.18
N ALA M 133 55.97 -62.36 31.81
CA ALA M 133 55.57 -62.50 30.41
C ALA M 133 56.08 -61.34 29.58
N VAL M 134 56.10 -60.15 30.16
CA VAL M 134 56.56 -58.98 29.44
C VAL M 134 58.06 -59.09 29.16
N LEU M 135 58.81 -59.59 30.15
CA LEU M 135 60.23 -59.79 29.95
C LEU M 135 60.49 -60.77 28.81
N SER M 136 59.71 -61.82 28.81
CA SER M 136 59.88 -62.84 27.78
C SER M 136 59.57 -62.28 26.39
N LEU M 137 58.56 -61.49 26.31
CA LEU M 137 58.19 -60.92 25.03
C LEU M 137 59.27 -59.97 24.51
N TYR M 138 59.73 -59.13 25.40
CA TYR M 138 60.77 -58.18 25.01
C TYR M 138 62.04 -58.90 24.59
N ALA M 139 62.34 -59.98 25.29
CA ALA M 139 63.55 -60.76 24.98
C ALA M 139 63.47 -61.35 23.58
N SER M 140 62.33 -61.34 23.03
CA SER M 140 62.16 -61.86 21.68
C SER M 140 62.15 -60.73 20.65
N GLY M 141 62.30 -59.50 21.11
CA GLY M 141 62.39 -58.33 20.23
C GLY M 141 61.02 -57.76 19.89
N ARG M 142 60.06 -58.12 20.65
CA ARG M 142 58.70 -57.67 20.40
C ARG M 142 58.14 -56.88 21.58
N THR M 143 57.21 -55.98 21.24
CA THR M 143 56.50 -55.26 22.29
C THR M 143 55.01 -55.57 22.25
N THR M 144 54.61 -56.13 21.16
CA THR M 144 53.22 -56.56 20.99
C THR M 144 53.16 -58.04 20.60
N GLY M 145 52.40 -58.81 21.32
CA GLY M 145 52.19 -60.24 21.13
C GLY M 145 51.49 -60.90 22.29
N ILE M 146 51.36 -62.17 22.16
CA ILE M 146 50.82 -62.94 23.28
C ILE M 146 51.82 -64.00 23.71
N VAL M 147 52.00 -64.11 25.04
CA VAL M 147 52.96 -65.06 25.59
C VAL M 147 52.22 -66.24 26.22
N LEU M 148 52.52 -67.41 25.77
CA LEU M 148 52.17 -68.61 26.50
C LEU M 148 53.29 -69.02 27.45
N ASP M 149 53.09 -68.65 28.68
CA ASP M 149 54.09 -68.94 29.71
C ASP M 149 53.69 -70.16 30.54
N SER M 150 54.50 -71.19 30.37
CA SER M 150 54.23 -72.43 31.11
C SER M 150 55.46 -72.89 31.88
N GLY M 151 55.31 -72.77 33.22
CA GLY M 151 56.39 -73.20 34.09
C GLY M 151 56.15 -74.54 34.75
N ASP M 152 56.47 -74.62 35.98
CA ASP M 152 56.32 -75.85 36.75
C ASP M 152 54.93 -75.96 37.37
N GLY M 153 54.40 -74.79 37.64
CA GLY M 153 53.21 -74.85 38.47
C GLY M 153 51.97 -74.29 37.79
N VAL M 154 52.19 -73.54 36.77
CA VAL M 154 51.03 -72.87 36.18
C VAL M 154 51.34 -72.47 34.74
N SER M 155 50.35 -72.41 33.91
CA SER M 155 50.43 -71.86 32.55
C SER M 155 49.55 -70.62 32.40
N HIS M 156 50.13 -69.56 31.76
CA HIS M 156 49.40 -68.34 31.47
C HIS M 156 49.46 -67.99 29.99
N THR M 157 48.34 -67.51 29.50
CA THR M 157 48.37 -66.76 28.26
C THR M 157 48.23 -65.26 28.54
N VAL M 158 49.22 -64.52 28.04
CA VAL M 158 49.30 -63.12 28.43
C VAL M 158 49.41 -62.25 27.18
N PRO M 159 48.26 -61.68 26.75
CA PRO M 159 48.36 -60.71 25.65
C PRO M 159 48.99 -59.39 26.08
N ILE M 160 49.88 -58.90 25.28
CA ILE M 160 50.60 -57.67 25.54
C ILE M 160 50.53 -56.75 24.32
N TYR M 161 50.12 -55.53 24.57
CA TYR M 161 50.02 -54.54 23.50
C TYR M 161 50.89 -53.33 23.81
N GLU M 162 51.93 -53.16 22.97
CA GLU M 162 52.87 -52.05 23.09
C GLU M 162 53.47 -51.99 24.50
N GLY M 163 53.72 -53.17 25.00
CA GLY M 163 54.45 -53.26 26.26
C GLY M 163 53.55 -53.35 27.47
N TYR M 164 52.24 -53.29 27.23
CA TYR M 164 51.29 -53.35 28.34
C TYR M 164 50.49 -54.64 28.32
N ALA M 165 50.61 -55.36 29.42
CA ALA M 165 49.75 -56.54 29.52
C ALA M 165 48.28 -56.15 29.61
N LEU M 166 47.41 -56.96 29.01
CA LEU M 166 45.97 -56.74 29.03
C LEU M 166 45.29 -57.66 30.04
N PRO M 167 45.14 -57.12 31.27
CA PRO M 167 44.71 -57.97 32.38
C PRO M 167 43.37 -58.68 32.09
N HIS M 168 42.45 -58.07 31.40
CA HIS M 168 41.12 -58.64 31.17
C HIS M 168 41.21 -59.87 30.26
N ALA M 169 42.29 -59.96 29.59
CA ALA M 169 42.39 -61.02 28.58
C ALA M 169 43.43 -62.06 28.99
N ILE M 170 43.99 -61.92 30.16
CA ILE M 170 44.92 -62.91 30.67
C ILE M 170 44.15 -64.13 31.17
N LEU M 171 44.57 -65.31 30.71
CA LEU M 171 43.94 -66.55 31.16
C LEU M 171 44.95 -67.48 31.84
N ARG M 172 44.44 -68.17 32.82
CA ARG M 172 45.29 -69.06 33.60
C ARG M 172 44.81 -70.51 33.51
N LEU M 173 45.75 -71.39 33.32
CA LEU M 173 45.54 -72.83 33.40
C LEU M 173 46.39 -73.45 34.49
N ASP M 174 45.76 -73.92 35.57
CA ASP M 174 46.49 -74.50 36.69
C ASP M 174 47.00 -75.90 36.33
N LEU M 175 47.64 -76.02 35.28
CA LEU M 175 48.27 -77.21 34.73
C LEU M 175 49.62 -76.86 34.09
N ALA M 176 50.65 -77.51 34.60
CA ALA M 176 51.99 -77.27 34.06
C ALA M 176 52.92 -78.44 34.33
N GLY M 177 54.13 -78.22 34.47
CA GLY M 177 55.15 -79.25 34.49
C GLY M 177 54.97 -80.25 35.62
N ARG M 178 54.68 -79.77 36.75
CA ARG M 178 54.54 -80.64 37.91
C ARG M 178 53.38 -81.61 37.72
N ASP M 179 52.31 -81.12 37.20
CA ASP M 179 51.16 -81.97 36.93
C ASP M 179 51.49 -83.03 35.89
N LEU M 180 52.28 -82.68 34.97
CA LEU M 180 52.66 -83.62 33.92
C LEU M 180 53.58 -84.71 34.47
N THR M 181 54.43 -84.30 35.34
CA THR M 181 55.27 -85.30 35.99
C THR M 181 54.42 -86.32 36.75
N ASP M 182 53.44 -85.82 37.47
CA ASP M 182 52.54 -86.72 38.20
C ASP M 182 51.76 -87.62 37.24
N TYR M 183 51.36 -87.03 36.19
CA TYR M 183 50.61 -87.79 35.20
C TYR M 183 51.49 -88.88 34.59
N LEU M 184 52.70 -88.54 34.29
CA LEU M 184 53.60 -89.54 33.74
C LEU M 184 53.84 -90.67 34.72
N MET M 185 53.99 -90.33 35.95
CA MET M 185 54.12 -91.36 36.97
C MET M 185 52.94 -92.33 36.92
N LYS M 186 51.78 -91.80 36.83
CA LYS M 186 50.56 -92.60 36.80
C LYS M 186 50.55 -93.54 35.59
N ILE M 187 50.88 -93.04 34.42
CA ILE M 187 50.74 -93.86 33.22
C ILE M 187 51.92 -94.82 33.10
N LEU M 188 53.03 -94.52 33.70
CA LEU M 188 54.12 -95.48 33.77
C LEU M 188 53.75 -96.64 34.70
N THR M 189 53.04 -96.28 35.76
CA THR M 189 52.55 -97.32 36.64
C THR M 189 51.64 -98.29 35.89
N GLU M 190 50.84 -97.79 35.02
CA GLU M 190 49.96 -98.62 34.21
C GLU M 190 50.76 -99.56 33.32
N ARG M 191 51.97 -99.17 32.98
CA ARG M 191 52.84 -99.98 32.15
C ARG M 191 53.61 -100.99 32.99
N GLY M 192 53.59 -100.80 34.29
CA GLY M 192 54.20 -101.78 35.17
C GLY M 192 55.40 -101.22 35.92
N TYR M 193 55.65 -99.96 35.70
CA TYR M 193 56.72 -99.32 36.44
C TYR M 193 56.17 -98.53 37.63
N SER M 194 56.71 -98.84 38.73
CA SER M 194 56.16 -98.19 39.91
C SER M 194 57.16 -97.20 40.50
N PHE M 195 56.75 -95.95 40.49
CA PHE M 195 57.49 -94.86 41.13
C PHE M 195 56.66 -94.23 42.24
N THR M 196 57.01 -94.51 43.42
CA THR M 196 56.09 -94.13 44.49
C THR M 196 56.74 -93.10 45.42
N THR M 197 58.03 -93.01 45.34
CA THR M 197 58.70 -92.10 46.27
C THR M 197 58.99 -90.76 45.60
N THR M 198 59.25 -89.81 46.42
CA THR M 198 59.57 -88.48 45.91
C THR M 198 60.85 -88.52 45.08
N ALA M 199 61.82 -89.25 45.58
CA ALA M 199 63.05 -89.40 44.81
C ALA M 199 62.78 -90.00 43.43
N GLU M 200 61.89 -90.86 43.44
CA GLU M 200 61.51 -91.50 42.18
C GLU M 200 60.75 -90.54 41.28
N ARG M 201 60.08 -89.67 41.91
CA ARG M 201 59.37 -88.66 41.14
C ARG M 201 60.34 -87.82 40.32
N GLU M 202 61.53 -87.53 40.90
CA GLU M 202 62.54 -86.76 40.20
C GLU M 202 63.10 -87.53 39.01
N ILE M 203 63.13 -88.76 39.22
CA ILE M 203 63.55 -89.61 38.10
C ILE M 203 62.54 -89.49 36.96
N VAL M 204 61.29 -89.48 37.34
CA VAL M 204 60.23 -89.39 36.34
C VAL M 204 60.29 -88.02 35.66
N ARG M 205 60.55 -87.02 36.43
CA ARG M 205 60.71 -85.70 35.85
C ARG M 205 61.82 -85.69 34.81
N ASP M 206 62.90 -86.35 35.19
CA ASP M 206 64.02 -86.45 34.26
C ASP M 206 63.63 -87.20 33.00
N ILE M 207 62.90 -88.27 33.13
CA ILE M 207 62.40 -89.03 31.99
C ILE M 207 61.53 -88.13 31.11
N LYS M 208 60.64 -87.43 31.73
CA LYS M 208 59.73 -86.52 31.03
C LYS M 208 60.51 -85.50 30.21
N GLU M 209 61.48 -84.87 30.78
CA GLU M 209 62.20 -83.77 30.14
C GLU M 209 63.14 -84.28 29.05
N LYS M 210 63.53 -85.55 29.14
CA LYS M 210 64.49 -86.08 28.18
C LYS M 210 63.79 -86.82 27.04
N LEU M 211 62.66 -87.38 27.36
CA LEU M 211 62.17 -88.35 26.38
C LEU M 211 60.82 -87.93 25.81
N CYS M 212 60.11 -87.12 26.50
CA CYS M 212 58.75 -86.80 26.07
C CYS M 212 58.76 -85.76 24.96
N TYR M 213 57.71 -85.81 24.15
CA TYR M 213 57.54 -84.87 23.05
C TYR M 213 56.07 -84.67 22.72
N VAL M 214 55.75 -83.65 21.95
CA VAL M 214 54.38 -83.37 21.53
C VAL M 214 54.16 -83.87 20.10
N ALA M 215 53.16 -84.69 19.96
CA ALA M 215 52.81 -85.21 18.63
C ALA M 215 52.05 -84.15 17.82
N LEU M 216 52.40 -84.13 16.54
CA LEU M 216 51.65 -83.23 15.67
C LEU M 216 50.21 -83.68 15.55
N ASP M 217 50.01 -84.92 15.25
CA ASP M 217 48.71 -85.59 15.23
C ASP M 217 48.66 -86.72 16.27
N PHE M 218 47.93 -86.49 17.32
CA PHE M 218 47.93 -87.39 18.46
C PHE M 218 47.33 -88.75 18.09
N GLU M 219 46.29 -88.78 17.35
CA GLU M 219 45.62 -90.03 16.99
C GLU M 219 46.49 -90.87 16.06
N GLN M 220 47.09 -90.19 15.15
CA GLN M 220 47.99 -90.90 14.24
C GLN M 220 49.19 -91.47 14.99
N GLU M 221 49.67 -90.72 15.91
CA GLU M 221 50.83 -91.17 16.67
C GLU M 221 50.49 -92.36 17.54
N MET M 222 49.27 -92.35 18.08
CA MET M 222 48.77 -93.48 18.85
C MET M 222 48.70 -94.74 17.98
N ALA M 223 48.28 -94.56 16.77
CA ALA M 223 48.19 -95.69 15.83
C ALA M 223 49.58 -96.23 15.49
N THR M 224 50.49 -95.32 15.32
CA THR M 224 51.85 -95.73 15.02
C THR M 224 52.46 -96.50 16.20
N ALA M 225 52.20 -95.99 17.36
CA ALA M 225 52.74 -96.62 18.56
C ALA M 225 52.18 -98.03 18.74
N ALA M 226 50.94 -98.25 18.27
CA ALA M 226 50.28 -99.54 18.41
C ALA M 226 50.79 -100.55 17.38
N SER M 227 51.32 -100.02 16.31
CA SER M 227 51.66 -100.90 15.21
C SER M 227 53.17 -101.11 15.13
N SER M 228 53.93 -100.26 15.80
CA SER M 228 55.38 -100.37 15.70
C SER M 228 56.06 -99.94 17.00
N SER M 229 57.30 -100.40 17.16
CA SER M 229 58.08 -100.01 18.32
C SER M 229 59.02 -98.86 18.01
N SER M 230 58.78 -98.23 16.92
CA SER M 230 59.68 -97.19 16.44
C SER M 230 59.68 -95.97 17.36
N LEU M 231 58.68 -95.84 18.13
CA LEU M 231 58.55 -94.66 18.97
C LEU M 231 59.05 -94.94 20.38
N GLU M 232 59.45 -96.15 20.61
CA GLU M 232 59.91 -96.52 21.94
C GLU M 232 61.33 -96.01 22.21
N LYS M 233 61.55 -95.56 23.42
CA LYS M 233 62.88 -95.16 23.88
C LYS M 233 63.20 -95.78 25.23
N SER M 234 64.48 -95.99 25.42
CA SER M 234 64.92 -96.57 26.69
C SER M 234 65.53 -95.52 27.60
N TYR M 235 65.38 -95.78 28.91
CA TYR M 235 65.95 -94.92 29.94
C TYR M 235 66.61 -95.75 31.03
N GLU M 236 67.84 -95.50 31.32
CA GLU M 236 68.54 -96.22 32.37
C GLU M 236 68.31 -95.57 33.73
N LEU M 237 67.78 -96.31 34.60
CA LEU M 237 67.55 -95.82 35.95
C LEU M 237 68.85 -95.74 36.74
N PRO M 238 68.84 -95.04 37.79
CA PRO M 238 70.06 -94.91 38.60
C PRO M 238 70.57 -96.25 39.10
N ASP M 239 69.71 -97.22 39.33
CA ASP M 239 70.12 -98.53 39.82
C ASP M 239 70.61 -99.42 38.68
N GLY M 240 70.58 -98.95 37.46
CA GLY M 240 71.11 -99.67 36.30
C GLY M 240 70.02 -100.35 35.49
N GLN M 241 68.88 -100.45 36.04
CA GLN M 241 67.77 -101.05 35.30
C GLN M 241 67.34 -100.15 34.14
N VAL M 242 67.08 -100.80 33.03
CA VAL M 242 66.64 -100.07 31.84
C VAL M 242 65.14 -100.25 31.64
N ILE M 243 64.47 -99.18 31.55
CA ILE M 243 63.03 -99.27 31.28
C ILE M 243 62.75 -98.74 29.87
N THR M 244 61.66 -99.23 29.31
CA THR M 244 61.24 -98.80 27.98
C THR M 244 59.96 -97.97 28.07
N ILE M 245 60.03 -96.79 27.46
CA ILE M 245 58.88 -95.89 27.43
C ILE M 245 58.33 -95.81 26.01
N GLY M 246 56.98 -96.04 25.84
CA GLY M 246 56.37 -96.03 24.52
C GLY M 246 55.50 -94.82 24.27
N ASN M 247 54.20 -95.14 24.29
CA ASN M 247 53.28 -94.06 23.94
C ASN M 247 53.12 -93.07 25.09
N GLU M 248 53.74 -93.39 26.25
CA GLU M 248 53.74 -92.45 27.37
C GLU M 248 54.51 -91.18 27.02
N ARG M 249 55.43 -91.31 26.06
CA ARG M 249 56.30 -90.21 25.67
C ARG M 249 55.48 -89.03 25.16
N PHE M 250 54.41 -89.33 24.44
CA PHE M 250 53.66 -88.22 23.86
C PHE M 250 52.29 -88.10 24.51
N ARG M 251 51.87 -89.11 25.27
CA ARG M 251 50.63 -89.02 26.02
C ARG M 251 50.76 -88.02 27.17
N CYS M 252 51.88 -87.98 27.73
CA CYS M 252 52.11 -87.12 28.87
C CYS M 252 51.91 -85.65 28.50
N PRO M 253 52.65 -85.11 27.53
CA PRO M 253 52.47 -83.68 27.23
C PRO M 253 51.15 -83.40 26.52
N GLU M 254 50.46 -84.44 26.06
CA GLU M 254 49.16 -84.24 25.43
C GLU M 254 48.17 -83.62 26.40
N ALA M 255 48.46 -83.86 27.65
CA ALA M 255 47.60 -83.32 28.71
C ALA M 255 47.54 -81.79 28.63
N LEU M 256 48.51 -81.13 28.05
CA LEU M 256 48.50 -79.68 27.89
C LEU M 256 47.44 -79.25 26.89
N PHE M 257 47.26 -80.11 25.88
CA PHE M 257 46.29 -79.82 24.83
C PHE M 257 44.92 -80.40 25.17
N GLN M 258 44.95 -81.44 25.95
CA GLN M 258 43.73 -82.10 26.43
C GLN M 258 43.78 -82.34 27.92
N PRO M 259 43.41 -81.34 28.68
CA PRO M 259 43.50 -81.45 30.14
C PRO M 259 42.62 -82.55 30.72
N SER M 260 41.69 -83.02 29.94
CA SER M 260 40.84 -84.12 30.38
C SER M 260 41.65 -85.36 30.71
N PHE M 261 42.85 -85.53 30.16
CA PHE M 261 43.74 -86.63 30.49
C PHE M 261 44.03 -86.65 31.99
N LEU M 262 43.94 -85.49 32.59
CA LEU M 262 44.19 -85.37 34.03
C LEU M 262 42.87 -85.22 34.79
N GLY M 263 41.78 -85.33 34.08
CA GLY M 263 40.47 -85.19 34.72
C GLY M 263 40.06 -83.75 34.92
N MET M 264 40.70 -82.85 34.26
CA MET M 264 40.39 -81.43 34.41
C MET M 264 39.39 -80.98 33.37
N GLU M 265 38.39 -80.26 33.86
CA GLU M 265 37.45 -79.64 32.93
C GLU M 265 37.95 -78.27 32.49
N ALA M 266 38.96 -78.24 31.72
CA ALA M 266 39.58 -77.01 31.23
C ALA M 266 39.97 -77.13 29.77
N CYS M 267 40.06 -75.94 29.16
CA CYS M 267 40.56 -75.92 27.79
C CYS M 267 42.08 -76.12 27.76
N GLY M 268 42.56 -76.77 26.70
CA GLY M 268 44.00 -76.92 26.52
C GLY M 268 44.70 -75.60 26.23
N ILE M 269 45.97 -75.60 26.13
CA ILE M 269 46.77 -74.39 26.01
C ILE M 269 46.48 -73.72 24.67
N HIS M 270 46.21 -74.50 23.58
CA HIS M 270 45.90 -73.90 22.28
C HIS M 270 44.58 -73.16 22.32
N GLU M 271 43.58 -73.78 22.93
CA GLU M 271 42.28 -73.14 23.04
C GLU M 271 42.33 -71.94 23.99
N THR M 272 43.06 -72.13 25.04
CA THR M 272 43.21 -71.03 25.99
C THR M 272 43.87 -69.83 25.32
N THR M 273 44.87 -70.07 24.53
CA THR M 273 45.52 -69.01 23.77
C THR M 273 44.55 -68.32 22.83
N TYR M 274 43.81 -69.12 22.15
CA TYR M 274 42.80 -68.60 21.23
C TYR M 274 41.77 -67.77 21.98
N ASN M 275 41.31 -68.31 23.07
CA ASN M 275 40.30 -67.60 23.86
C ASN M 275 40.84 -66.28 24.39
N SER M 276 42.09 -66.27 24.77
CA SER M 276 42.74 -65.04 25.24
C SER M 276 42.77 -63.99 24.13
N ILE M 277 43.08 -64.35 22.97
CA ILE M 277 43.12 -63.44 21.83
C ILE M 277 41.73 -62.89 21.55
N MET M 278 40.76 -63.72 21.66
CA MET M 278 39.38 -63.34 21.36
C MET M 278 38.85 -62.36 22.40
N LYS M 279 39.44 -62.33 23.52
CA LYS M 279 39.02 -61.39 24.56
C LYS M 279 39.59 -60.00 24.30
N CYS M 280 40.51 -59.90 23.38
CA CYS M 280 41.13 -58.62 23.06
C CYS M 280 40.36 -57.89 21.97
N ASP M 281 40.68 -56.59 21.83
CA ASP M 281 40.05 -55.79 20.77
C ASP M 281 40.38 -56.37 19.39
N VAL M 282 39.46 -56.26 18.53
CA VAL M 282 39.53 -56.87 17.19
C VAL M 282 40.75 -56.32 16.45
N ASP M 283 41.16 -55.14 16.72
CA ASP M 283 42.19 -54.46 15.95
C ASP M 283 43.58 -54.94 16.34
N ILE M 284 43.68 -55.61 17.41
CA ILE M 284 45.03 -56.01 17.80
C ILE M 284 45.17 -57.53 17.66
N ARG M 285 44.11 -58.23 17.37
CA ARG M 285 44.11 -59.70 17.31
C ARG M 285 45.06 -60.19 16.24
N LYS M 286 45.04 -59.49 15.14
CA LYS M 286 45.94 -59.88 14.06
C LYS M 286 47.38 -59.93 14.53
N ASP M 287 47.76 -58.92 15.32
CA ASP M 287 49.12 -58.85 15.85
C ASP M 287 49.39 -59.97 16.85
N LEU M 288 48.42 -60.32 17.57
CA LEU M 288 48.59 -61.36 18.58
C LEU M 288 48.74 -62.72 17.91
N TYR M 289 47.98 -62.98 16.88
CA TYR M 289 48.09 -64.24 16.15
C TYR M 289 49.47 -64.38 15.51
N ALA M 290 50.01 -63.27 15.13
CA ALA M 290 51.26 -63.29 14.37
C ALA M 290 52.47 -63.20 15.29
N ASN M 291 52.19 -63.16 16.57
CA ASN M 291 53.27 -63.02 17.54
C ASN M 291 52.98 -63.77 18.83
N THR M 292 52.86 -65.07 18.73
CA THR M 292 52.69 -65.94 19.89
C THR M 292 54.03 -66.49 20.35
N VAL M 293 54.39 -66.09 21.57
CA VAL M 293 55.70 -66.45 22.07
C VAL M 293 55.58 -67.51 23.16
N LEU M 294 56.32 -68.60 22.98
CA LEU M 294 56.37 -69.63 24.00
C LEU M 294 57.48 -69.33 25.01
N SER M 295 57.13 -69.54 26.28
CA SER M 295 58.08 -69.29 27.34
C SER M 295 57.88 -70.25 28.51
N GLY M 296 59.00 -70.68 29.15
CA GLY M 296 58.94 -71.55 30.31
C GLY M 296 59.40 -72.97 30.02
N GLY M 297 59.75 -73.69 31.02
CA GLY M 297 60.32 -75.01 30.89
C GLY M 297 59.36 -76.02 30.26
N THR M 298 58.11 -75.82 30.53
CA THR M 298 57.12 -76.78 30.07
C THR M 298 56.84 -76.59 28.58
N THR M 299 57.45 -75.59 27.98
CA THR M 299 57.29 -75.37 26.55
C THR M 299 58.47 -75.93 25.78
N MET M 300 59.30 -76.70 26.44
CA MET M 300 60.55 -77.19 25.83
C MET M 300 60.31 -78.50 25.09
N TYR M 301 59.11 -79.02 25.12
CA TYR M 301 58.84 -80.28 24.42
C TYR M 301 59.06 -80.15 22.93
N PRO M 302 59.87 -81.12 22.44
CA PRO M 302 59.92 -81.13 20.98
C PRO M 302 58.55 -81.28 20.34
N GLY M 303 58.32 -80.44 19.34
CA GLY M 303 57.08 -80.55 18.58
C GLY M 303 56.00 -79.59 19.05
N ILE M 304 56.20 -78.99 20.15
CA ILE M 304 55.13 -78.19 20.73
C ILE M 304 54.84 -76.98 19.85
N ALA M 305 55.85 -76.38 19.30
CA ALA M 305 55.65 -75.21 18.45
C ALA M 305 54.84 -75.57 17.21
N ASP M 306 55.16 -76.67 16.60
CA ASP M 306 54.44 -77.13 15.42
C ASP M 306 52.98 -77.47 15.76
N ARG M 307 52.86 -78.13 16.85
CA ARG M 307 51.50 -78.48 17.28
C ARG M 307 50.67 -77.23 17.55
N MET M 308 51.24 -76.27 18.21
CA MET M 308 50.56 -75.01 18.47
C MET M 308 50.19 -74.33 17.16
N GLN M 309 51.14 -74.28 16.27
CA GLN M 309 50.88 -73.69 14.97
C GLN M 309 49.68 -74.34 14.29
N LYS M 310 49.66 -75.60 14.28
CA LYS M 310 48.58 -76.35 13.66
C LYS M 310 47.24 -76.06 14.32
N GLU M 311 47.23 -76.12 15.63
CA GLU M 311 45.98 -75.99 16.39
C GLU M 311 45.43 -74.57 16.30
N ILE M 312 46.28 -73.57 16.35
CA ILE M 312 45.82 -72.19 16.30
C ILE M 312 45.35 -71.86 14.89
N THR M 313 46.02 -72.34 13.91
CA THR M 313 45.60 -72.15 12.53
C THR M 313 44.19 -72.68 12.32
N ALA M 314 43.91 -73.79 12.94
CA ALA M 314 42.59 -74.41 12.80
C ALA M 314 41.52 -73.59 13.50
N LEU M 315 41.84 -72.89 14.53
CA LEU M 315 40.89 -72.15 15.34
C LEU M 315 40.69 -70.74 14.78
N ALA M 316 41.75 -70.15 14.22
CA ALA M 316 41.74 -68.75 13.80
C ALA M 316 41.03 -68.59 12.46
N PRO M 317 40.55 -67.38 12.19
CA PRO M 317 40.05 -67.14 10.83
C PRO M 317 41.06 -67.50 9.75
N SER M 318 40.62 -67.89 8.63
CA SER M 318 41.46 -68.47 7.58
C SER M 318 42.43 -67.44 7.02
N THR M 319 42.12 -66.23 7.14
CA THR M 319 42.95 -65.18 6.52
C THR M 319 44.03 -64.72 7.50
N MET M 320 43.98 -65.31 8.62
CA MET M 320 44.87 -64.82 9.68
C MET M 320 46.25 -65.46 9.56
N LYS M 321 47.29 -64.64 9.60
CA LYS M 321 48.64 -65.17 9.69
C LYS M 321 48.96 -65.62 11.11
N ILE M 322 49.49 -66.87 11.15
CA ILE M 322 49.81 -67.43 12.46
C ILE M 322 51.32 -67.64 12.58
N LYS M 323 51.85 -67.14 13.64
CA LYS M 323 53.28 -67.35 13.87
C LYS M 323 53.55 -67.69 15.34
N ILE M 324 54.14 -68.86 15.51
CA ILE M 324 54.55 -69.30 16.84
C ILE M 324 56.07 -69.12 17.00
N ILE M 325 56.40 -68.42 18.03
CA ILE M 325 57.82 -68.15 18.27
C ILE M 325 58.29 -68.98 19.48
N ALA M 326 59.26 -69.83 19.23
CA ALA M 326 59.86 -70.68 20.27
C ALA M 326 61.36 -70.46 20.36
N PRO M 327 61.71 -69.39 21.10
CA PRO M 327 63.15 -69.15 21.22
C PRO M 327 63.89 -70.32 21.87
N PRO M 328 65.07 -70.53 21.46
CA PRO M 328 65.83 -71.66 22.02
C PRO M 328 66.11 -71.50 23.51
N GLU M 329 66.23 -70.29 23.92
CA GLU M 329 66.58 -70.03 25.32
C GLU M 329 65.33 -69.85 26.16
N ARG M 330 64.20 -70.33 25.70
CA ARG M 330 62.92 -69.96 26.30
C ARG M 330 62.73 -70.61 27.65
N LYS M 331 63.60 -71.56 27.97
CA LYS M 331 63.51 -72.13 29.31
C LYS M 331 63.74 -71.07 30.38
N TYR M 332 64.65 -70.16 30.07
CA TYR M 332 65.01 -69.12 31.03
C TYR M 332 64.78 -67.73 30.45
N SER M 333 63.88 -67.60 29.56
CA SER M 333 63.66 -66.35 28.85
C SER M 333 63.35 -65.21 29.83
N VAL M 334 62.55 -65.52 30.79
CA VAL M 334 62.16 -64.50 31.76
C VAL M 334 63.41 -63.98 32.49
N TRP M 335 64.19 -64.92 32.99
CA TRP M 335 65.37 -64.54 33.76
C TRP M 335 66.38 -63.80 32.88
N ILE M 336 66.57 -64.30 31.68
CA ILE M 336 67.53 -63.71 30.76
C ILE M 336 67.13 -62.28 30.43
N GLY M 337 65.85 -62.11 30.17
CA GLY M 337 65.36 -60.76 29.95
C GLY M 337 65.66 -59.82 31.09
N GLY M 338 65.41 -60.29 32.30
CA GLY M 338 65.72 -59.49 33.47
C GLY M 338 67.21 -59.25 33.64
N SER M 339 68.00 -60.24 33.33
CA SER M 339 69.46 -60.14 33.45
C SER M 339 70.01 -59.07 32.51
N ILE M 340 69.52 -59.04 31.33
CA ILE M 340 69.99 -58.08 30.34
C ILE M 340 69.53 -56.68 30.72
N LEU M 341 68.30 -56.57 31.03
CA LEU M 341 67.74 -55.28 31.40
C LEU M 341 68.51 -54.67 32.57
N ALA M 342 68.72 -55.45 33.58
CA ALA M 342 69.33 -54.95 34.82
C ALA M 342 70.83 -54.71 34.63
N SER M 343 71.40 -55.16 33.59
CA SER M 343 72.83 -55.00 33.36
C SER M 343 73.13 -53.72 32.59
N LEU M 344 72.08 -53.13 32.01
CA LEU M 344 72.27 -51.91 31.26
C LEU M 344 72.60 -50.75 32.19
N SER M 345 73.58 -49.95 31.78
CA SER M 345 73.97 -48.81 32.60
C SER M 345 72.84 -47.78 32.67
N THR M 346 72.04 -47.68 31.67
CA THR M 346 70.97 -46.69 31.59
C THR M 346 69.78 -47.13 32.45
N PHE M 347 69.73 -48.43 32.80
CA PHE M 347 68.63 -48.95 33.59
C PHE M 347 68.73 -48.48 35.04
N GLN M 348 69.90 -48.02 35.46
CA GLN M 348 70.18 -47.65 36.85
C GLN M 348 69.21 -46.56 37.32
N GLN M 349 68.70 -45.80 36.45
CA GLN M 349 67.80 -44.71 36.80
C GLN M 349 66.37 -45.21 37.01
N MET M 350 66.21 -46.45 36.69
CA MET M 350 64.85 -46.99 36.72
C MET M 350 64.58 -47.69 38.06
N TRP M 351 65.51 -47.92 38.87
CA TRP M 351 65.39 -48.60 40.14
C TRP M 351 64.53 -47.81 41.11
N ILE M 352 63.79 -48.52 41.94
CA ILE M 352 63.31 -47.89 43.17
C ILE M 352 64.43 -47.84 44.20
N SER M 353 64.84 -46.68 44.61
CA SER M 353 65.90 -46.55 45.61
C SER M 353 65.33 -46.65 47.02
N LYS M 354 66.22 -47.01 47.91
CA LYS M 354 65.81 -47.05 49.31
C LYS M 354 65.25 -45.71 49.76
N GLN M 355 65.78 -44.65 49.33
CA GLN M 355 65.33 -43.31 49.67
C GLN M 355 63.90 -43.06 49.17
N GLU M 356 63.67 -43.45 47.95
CA GLU M 356 62.32 -43.30 47.41
C GLU M 356 61.31 -44.12 48.18
N TYR M 357 61.70 -45.31 48.55
CA TYR M 357 60.84 -46.17 49.34
C TYR M 357 60.56 -45.55 50.71
N ASP M 358 61.54 -44.98 51.35
CA ASP M 358 61.38 -44.37 52.67
C ASP M 358 60.43 -43.18 52.61
N GLU M 359 60.38 -42.55 51.42
CA GLU M 359 59.56 -41.36 51.27
C GLU M 359 58.13 -41.71 50.88
N SER M 360 57.94 -42.72 50.12
CA SER M 360 56.64 -42.94 49.48
C SER M 360 55.99 -44.23 49.99
N GLY M 361 56.79 -45.07 50.62
CA GLY M 361 56.26 -46.34 51.08
C GLY M 361 56.21 -47.39 49.98
N PRO M 362 55.61 -48.53 50.22
CA PRO M 362 55.62 -49.68 49.30
C PRO M 362 54.84 -49.41 48.02
N SER M 363 53.94 -48.43 48.04
CA SER M 363 53.11 -48.14 46.88
C SER M 363 53.92 -47.56 45.74
N ILE M 364 55.17 -47.20 45.96
CA ILE M 364 56.06 -46.60 44.97
C ILE M 364 56.30 -47.59 43.83
N VAL M 365 56.14 -48.90 44.16
CA VAL M 365 56.41 -49.94 43.17
C VAL M 365 55.47 -49.78 41.99
N HIS M 366 54.26 -49.28 42.17
CA HIS M 366 53.27 -49.15 41.10
C HIS M 366 53.59 -47.99 40.18
N ARG M 367 54.26 -47.01 40.71
CA ARG M 367 54.61 -45.82 39.94
C ARG M 367 55.91 -46.04 39.15
N LYS M 368 56.81 -46.75 39.69
CA LYS M 368 58.15 -46.84 39.12
C LYS M 368 58.28 -48.05 38.20
N CYS M 369 57.47 -49.03 38.42
CA CYS M 369 57.69 -50.27 37.68
C CYS M 369 56.56 -50.52 36.69
N PHE M 370 55.40 -49.65 36.80
CA PHE M 370 54.26 -49.91 35.93
C PHE M 370 53.64 -48.60 35.45
N MET N 1 57.65 -51.28 30.72
CA MET N 1 59.05 -51.62 30.97
C MET N 1 59.98 -50.76 30.10
N ALA N 2 61.02 -50.20 30.81
CA ALA N 2 61.93 -49.31 30.09
C ALA N 2 63.38 -49.63 30.42
N SER N 3 64.24 -49.40 29.42
CA SER N 3 65.67 -49.66 29.56
C SER N 3 66.41 -48.45 30.11
N GLY N 4 65.88 -47.31 30.01
CA GLY N 4 66.53 -46.08 30.42
C GLY N 4 67.35 -45.43 29.30
N VAL N 5 67.41 -46.07 28.15
CA VAL N 5 68.11 -45.50 27.00
C VAL N 5 67.46 -44.18 26.59
N THR N 6 68.30 -43.15 26.32
CA THR N 6 67.79 -41.82 26.02
C THR N 6 67.78 -41.59 24.51
N VAL N 7 67.10 -40.50 24.08
CA VAL N 7 67.00 -40.13 22.66
C VAL N 7 67.75 -38.84 22.41
N SER N 8 68.67 -38.87 21.48
CA SER N 8 69.47 -37.70 21.16
C SER N 8 68.62 -36.59 20.56
N ASP N 9 69.06 -35.37 20.73
CA ASP N 9 68.34 -34.21 20.20
C ASP N 9 68.30 -34.24 18.67
N VAL N 10 69.32 -34.79 18.11
CA VAL N 10 69.39 -34.85 16.65
C VAL N 10 68.23 -35.67 16.11
N CYS N 11 67.83 -36.68 16.86
CA CYS N 11 66.69 -37.49 16.45
C CYS N 11 65.44 -36.64 16.32
N LYS N 12 65.24 -35.75 17.29
CA LYS N 12 64.06 -34.89 17.30
C LYS N 12 64.12 -33.87 16.16
N THR N 13 65.35 -33.38 15.97
CA THR N 13 65.53 -32.40 14.89
C THR N 13 65.26 -33.04 13.53
N THR N 14 65.81 -34.18 13.35
CA THR N 14 65.62 -34.88 12.09
C THR N 14 64.16 -35.25 11.87
N TYR N 15 63.54 -35.61 12.92
CA TYR N 15 62.12 -35.93 12.86
C TYR N 15 61.31 -34.74 12.38
N GLU N 16 61.58 -33.57 12.86
CA GLU N 16 60.88 -32.35 12.45
C GLU N 16 61.16 -32.01 10.99
N GLU N 17 62.37 -32.32 10.55
CA GLU N 17 62.74 -32.06 9.17
C GLU N 17 61.95 -32.97 8.22
N ILE N 18 61.57 -34.06 8.67
CA ILE N 18 60.81 -35.00 7.86
C ILE N 18 59.32 -34.68 7.95
N LYS N 19 58.81 -34.47 9.13
CA LYS N 19 57.39 -34.30 9.37
C LYS N 19 56.90 -32.94 8.87
N LYS N 20 57.60 -31.86 9.23
CA LYS N 20 57.12 -30.52 8.97
C LYS N 20 57.71 -29.97 7.66
N ASP N 21 59.06 -30.20 7.49
CA ASP N 21 59.76 -29.53 6.39
C ASP N 21 59.77 -30.41 5.14
N LYS N 22 59.49 -31.59 5.29
CA LYS N 22 59.50 -32.56 4.20
C LYS N 22 60.83 -32.54 3.46
N LYS N 23 61.91 -32.38 4.27
CA LYS N 23 63.26 -32.31 3.72
C LYS N 23 63.79 -33.70 3.37
N HIS N 24 63.39 -34.67 4.14
CA HIS N 24 63.85 -36.04 3.98
C HIS N 24 62.69 -37.03 3.93
N ARG N 25 62.99 -38.21 3.32
CA ARG N 25 61.94 -39.21 3.17
C ARG N 25 61.87 -40.11 4.40
N TYR N 26 63.05 -40.51 4.84
CA TYR N 26 63.09 -41.38 6.01
C TYR N 26 64.40 -41.23 6.76
N VAL N 27 64.40 -41.76 7.97
CA VAL N 27 65.60 -41.80 8.80
C VAL N 27 65.69 -43.16 9.49
N ILE N 28 66.94 -43.68 9.62
CA ILE N 28 67.22 -44.90 10.37
C ILE N 28 67.93 -44.53 11.68
N PHE N 29 67.39 -45.05 12.76
CA PHE N 29 67.99 -44.82 14.07
C PHE N 29 68.67 -46.08 14.59
N TYR N 30 69.72 -45.90 15.41
CA TYR N 30 70.37 -46.99 16.12
C TYR N 30 70.71 -46.60 17.55
N ILE N 31 70.99 -47.57 18.37
CA ILE N 31 71.37 -47.27 19.74
C ILE N 31 72.89 -47.27 19.86
N ARG N 32 73.38 -46.13 20.24
CA ARG N 32 74.83 -45.94 20.36
C ARG N 32 75.31 -46.32 21.76
N ASP N 33 76.22 -47.23 21.89
CA ASP N 33 76.89 -47.65 23.12
C ASP N 33 75.87 -48.14 24.15
N GLU N 34 74.72 -48.58 23.68
CA GLU N 34 73.64 -49.09 24.53
C GLU N 34 73.10 -48.00 25.44
N LYS N 35 73.31 -46.72 25.05
CA LYS N 35 72.97 -45.66 25.99
C LYS N 35 72.00 -44.66 25.37
N GLN N 36 72.13 -44.48 24.05
CA GLN N 36 71.36 -43.40 23.47
C GLN N 36 70.96 -43.72 22.03
N ILE N 37 69.73 -43.45 21.73
CA ILE N 37 69.29 -43.58 20.36
C ILE N 37 69.77 -42.38 19.54
N ASP N 38 70.34 -42.71 18.43
CA ASP N 38 70.90 -41.67 17.57
C ASP N 38 70.58 -41.95 16.10
N VAL N 39 70.93 -40.97 15.22
CA VAL N 39 70.63 -41.06 13.80
C VAL N 39 71.75 -41.79 13.07
N GLU N 40 71.38 -42.77 12.31
CA GLU N 40 72.37 -43.53 11.54
C GLU N 40 72.37 -43.09 10.08
N THR N 41 71.19 -43.11 9.45
CA THR N 41 71.07 -42.75 8.04
C THR N 41 69.86 -41.85 7.81
N VAL N 42 70.08 -40.80 7.00
CA VAL N 42 68.99 -39.92 6.55
C VAL N 42 68.92 -39.94 5.02
N ALA N 43 67.80 -40.22 4.55
CA ALA N 43 67.65 -40.33 3.10
C ALA N 43 66.93 -39.11 2.53
N ASP N 44 67.30 -38.81 1.30
CA ASP N 44 66.71 -37.66 0.63
C ASP N 44 65.22 -37.85 0.40
N ARG N 45 64.55 -36.79 0.08
CA ARG N 45 63.09 -36.75 -0.03
C ARG N 45 62.61 -37.66 -1.16
N ASN N 46 63.47 -37.95 -2.17
CA ASN N 46 63.05 -38.73 -3.33
C ASN N 46 63.34 -40.21 -3.14
N ALA N 47 63.81 -40.58 -2.00
CA ALA N 47 64.14 -41.98 -1.75
C ALA N 47 62.87 -42.83 -1.71
N GLU N 48 63.03 -44.08 -2.16
CA GLU N 48 61.91 -45.02 -2.22
C GLU N 48 61.94 -46.00 -1.06
N TYR N 49 60.84 -46.69 -0.95
CA TYR N 49 60.68 -47.58 0.19
C TYR N 49 61.69 -48.72 0.13
N ASP N 50 62.01 -49.21 -1.05
CA ASP N 50 62.99 -50.28 -1.21
C ASP N 50 64.35 -49.88 -0.64
N GLN N 51 64.67 -48.63 -0.88
CA GLN N 51 65.93 -48.15 -0.32
C GLN N 51 65.87 -48.14 1.21
N PHE N 52 64.73 -47.83 1.76
CA PHE N 52 64.52 -47.86 3.20
C PHE N 52 64.78 -49.26 3.75
N LEU N 53 64.27 -50.28 3.04
CA LEU N 53 64.43 -51.66 3.47
C LEU N 53 65.89 -52.09 3.40
N GLU N 54 66.54 -51.58 2.40
CA GLU N 54 67.97 -51.89 2.26
C GLU N 54 68.79 -51.24 3.36
N ASP N 55 68.42 -50.00 3.69
CA ASP N 55 69.19 -49.24 4.67
C ASP N 55 68.99 -49.80 6.07
N ILE N 56 67.80 -50.21 6.37
CA ILE N 56 67.51 -50.65 7.73
C ILE N 56 68.17 -51.99 8.00
N GLN N 57 68.53 -52.74 6.93
CA GLN N 57 69.13 -54.06 7.05
C GLN N 57 70.61 -54.02 6.74
N LYS N 58 71.11 -52.94 6.41
CA LYS N 58 72.44 -52.80 5.83
C LYS N 58 73.52 -53.22 6.80
N CYS N 59 73.21 -53.20 8.09
CA CYS N 59 74.26 -53.46 9.07
C CYS N 59 74.32 -54.94 9.41
N GLY N 60 73.48 -55.83 8.79
CA GLY N 60 73.59 -57.26 8.96
C GLY N 60 72.31 -57.91 9.42
N PRO N 61 72.28 -59.20 9.28
CA PRO N 61 71.03 -59.93 9.56
C PRO N 61 70.69 -59.98 11.04
N GLY N 62 71.52 -59.65 11.90
CA GLY N 62 71.29 -59.75 13.33
C GLY N 62 71.26 -58.40 14.03
N GLU N 63 71.23 -57.40 13.16
CA GLU N 63 71.27 -56.05 13.74
C GLU N 63 69.87 -55.45 13.81
N CYS N 64 69.58 -54.83 14.90
CA CYS N 64 68.30 -54.17 15.11
C CYS N 64 68.40 -52.68 14.83
N ARG N 65 67.28 -52.09 14.41
CA ARG N 65 67.21 -50.66 14.14
C ARG N 65 65.78 -50.15 14.31
N TYR N 66 65.71 -48.89 14.37
CA TYR N 66 64.43 -48.21 14.21
C TYR N 66 64.40 -47.42 12.89
N GLY N 67 63.20 -47.36 12.29
CA GLY N 67 63.08 -46.60 11.05
C GLY N 67 61.82 -45.75 11.01
N LEU N 68 62.01 -44.52 10.71
CA LEU N 68 60.91 -43.61 10.45
C LEU N 68 60.77 -43.31 8.96
N PHE N 69 59.55 -43.42 8.45
CA PHE N 69 59.34 -43.23 7.02
C PHE N 69 58.06 -42.42 6.77
N ASP N 70 58.16 -41.43 5.96
CA ASP N 70 57.00 -40.70 5.45
C ASP N 70 56.41 -41.40 4.23
N PHE N 71 55.49 -42.28 4.41
CA PHE N 71 54.97 -43.21 3.42
C PHE N 71 53.86 -42.56 2.60
N GLU N 72 53.97 -42.69 1.29
CA GLU N 72 52.96 -42.16 0.38
C GLU N 72 52.24 -43.29 -0.37
N TYR N 73 50.93 -43.16 -0.36
CA TYR N 73 50.16 -44.13 -1.12
C TYR N 73 48.86 -43.52 -1.64
N MET N 74 48.33 -44.19 -2.63
CA MET N 74 47.09 -43.70 -3.24
C MET N 74 45.88 -44.25 -2.49
N HIS N 75 44.93 -43.32 -2.23
CA HIS N 75 43.71 -43.71 -1.54
C HIS N 75 42.47 -43.35 -2.35
N GLN N 76 41.71 -44.35 -2.60
CA GLN N 76 40.44 -44.09 -3.28
C GLN N 76 39.28 -44.09 -2.28
N CYS N 77 38.65 -42.86 -2.11
CA CYS N 77 37.48 -42.81 -1.24
C CYS N 77 36.29 -43.51 -1.88
N GLN N 78 35.66 -44.35 -1.00
CA GLN N 78 34.48 -45.03 -1.50
C GLN N 78 33.49 -44.05 -2.10
N GLY N 79 33.09 -44.27 -3.32
CA GLY N 79 32.05 -43.51 -3.98
C GLY N 79 32.60 -42.42 -4.89
N THR N 80 33.94 -42.24 -4.63
CA THR N 80 34.54 -41.24 -5.52
C THR N 80 35.48 -41.89 -6.52
N SER N 81 35.41 -41.56 -7.73
CA SER N 81 36.29 -42.08 -8.78
C SER N 81 37.69 -41.49 -8.67
N GLU N 82 37.93 -40.55 -7.72
CA GLU N 82 39.21 -39.85 -7.68
C GLU N 82 40.11 -40.41 -6.58
N SER N 83 41.32 -40.91 -6.96
CA SER N 83 42.34 -41.33 -6.01
C SER N 83 43.16 -40.15 -5.51
N SER N 84 43.17 -40.03 -4.17
CA SER N 84 44.00 -38.97 -3.59
C SER N 84 45.25 -39.54 -2.93
N LYS N 85 46.33 -38.80 -3.01
CA LYS N 85 47.59 -39.17 -2.38
C LYS N 85 47.55 -38.93 -0.87
N LYS N 86 47.82 -39.96 -0.15
CA LYS N 86 47.91 -39.85 1.30
C LYS N 86 49.34 -40.06 1.79
N GLN N 87 49.64 -39.30 2.75
CA GLN N 87 50.96 -39.44 3.38
C GLN N 87 50.82 -39.70 4.88
N LYS N 88 51.45 -40.75 5.32
CA LYS N 88 51.43 -41.08 6.74
C LYS N 88 52.82 -41.45 7.24
N LEU N 89 53.10 -40.97 8.37
CA LEU N 89 54.37 -41.30 9.01
C LEU N 89 54.24 -42.59 9.82
N PHE N 90 55.15 -43.44 9.57
CA PHE N 90 55.19 -44.59 10.46
C PHE N 90 56.58 -44.75 11.07
N LEU N 91 56.61 -45.36 12.24
CA LEU N 91 57.83 -45.72 12.95
C LEU N 91 57.94 -47.23 13.11
N MET N 92 59.06 -47.76 12.58
CA MET N 92 59.22 -49.21 12.59
C MET N 92 60.29 -49.64 13.59
N SER N 93 59.95 -50.59 14.39
CA SER N 93 60.94 -51.34 15.17
C SER N 93 61.40 -52.59 14.43
N TRP N 94 62.63 -52.58 13.93
CA TRP N 94 63.23 -53.70 13.21
C TRP N 94 64.11 -54.53 14.14
N CYS N 95 63.59 -55.68 14.51
CA CYS N 95 64.30 -56.64 15.33
C CYS N 95 64.24 -58.04 14.72
N PRO N 96 65.20 -58.30 13.84
CA PRO N 96 65.13 -59.58 13.14
C PRO N 96 65.23 -60.77 14.09
N ASP N 97 64.61 -61.86 13.73
CA ASP N 97 64.61 -63.08 14.54
C ASP N 97 66.03 -63.62 14.70
N THR N 98 66.88 -63.22 13.81
CA THR N 98 68.24 -63.73 13.81
C THR N 98 69.09 -62.96 14.81
N ALA N 99 68.52 -61.84 15.34
CA ALA N 99 69.28 -61.02 16.28
C ALA N 99 69.49 -61.77 17.60
N LYS N 100 70.62 -61.38 18.26
CA LYS N 100 70.89 -61.95 19.58
C LYS N 100 69.92 -61.39 20.63
N VAL N 101 69.73 -62.14 21.67
CA VAL N 101 68.71 -61.82 22.67
C VAL N 101 69.03 -60.49 23.32
N LYS N 102 70.28 -60.24 23.55
CA LYS N 102 70.66 -58.99 24.20
C LYS N 102 70.23 -57.79 23.36
N LYS N 103 70.50 -57.87 22.06
CA LYS N 103 70.11 -56.78 21.17
C LYS N 103 68.60 -56.64 21.08
N LYS N 104 67.96 -57.74 21.01
CA LYS N 104 66.50 -57.73 20.96
C LYS N 104 65.92 -57.07 22.21
N MET N 105 66.44 -57.41 23.33
CA MET N 105 65.97 -56.84 24.58
C MET N 105 66.25 -55.35 24.64
N LEU N 106 67.41 -54.98 24.20
CA LEU N 106 67.80 -53.58 24.23
C LEU N 106 66.86 -52.74 23.36
N TYR N 107 66.63 -53.14 22.19
CA TYR N 107 65.84 -52.35 21.24
C TYR N 107 64.36 -52.38 21.60
N SER N 108 63.85 -53.51 21.99
CA SER N 108 62.44 -53.59 22.35
C SER N 108 62.15 -52.76 23.60
N SER N 109 63.10 -52.71 24.52
CA SER N 109 62.88 -52.01 25.78
C SER N 109 63.19 -50.52 25.64
N SER N 110 63.65 -50.10 24.51
CA SER N 110 64.01 -48.70 24.29
C SER N 110 63.05 -48.03 23.32
N PHE N 111 62.22 -48.77 22.74
CA PHE N 111 61.34 -48.30 21.67
C PHE N 111 60.38 -47.25 22.18
N ASP N 112 59.89 -47.44 23.38
CA ASP N 112 58.91 -46.51 23.93
C ASP N 112 59.51 -45.11 24.10
N ALA N 113 60.76 -45.07 24.46
CA ALA N 113 61.43 -43.78 24.59
C ALA N 113 61.41 -43.02 23.27
N LEU N 114 61.65 -43.76 22.25
CA LEU N 114 61.65 -43.14 20.93
C LEU N 114 60.25 -42.71 20.52
N LYS N 115 59.28 -43.46 20.77
CA LYS N 115 57.89 -43.15 20.45
C LYS N 115 57.46 -41.86 21.13
N LYS N 116 57.80 -41.74 22.38
CA LYS N 116 57.39 -40.59 23.18
C LYS N 116 58.09 -39.31 22.70
N SER N 117 59.25 -39.52 22.11
CA SER N 117 60.03 -38.37 21.66
C SER N 117 59.56 -37.88 20.29
N LEU N 118 59.00 -38.77 19.54
CA LEU N 118 58.55 -38.42 18.20
C LEU N 118 57.02 -38.34 18.15
N VAL N 119 56.46 -37.16 18.48
CA VAL N 119 55.01 -36.99 18.60
C VAL N 119 54.40 -36.76 17.22
N GLY N 120 53.36 -37.48 16.97
CA GLY N 120 52.64 -37.26 15.72
C GLY N 120 52.79 -38.40 14.73
N VAL N 121 53.51 -39.45 15.12
CA VAL N 121 53.63 -40.63 14.26
C VAL N 121 52.28 -41.35 14.21
N GLN N 122 51.89 -41.78 13.02
CA GLN N 122 50.54 -42.30 12.83
C GLN N 122 50.47 -43.79 13.13
N LYS N 123 51.56 -44.40 12.82
CA LYS N 123 51.52 -45.85 13.02
C LYS N 123 52.88 -46.37 13.50
N TYR N 124 52.81 -47.20 14.49
CA TYR N 124 53.99 -47.93 14.94
C TYR N 124 53.98 -49.36 14.41
N ILE N 125 55.10 -49.76 13.76
CA ILE N 125 55.17 -51.06 13.11
C ILE N 125 56.28 -51.90 13.75
N GLN N 126 55.94 -53.06 14.15
CA GLN N 126 56.88 -54.08 14.63
C GLN N 126 57.21 -55.08 13.53
N ALA N 127 58.54 -55.23 13.21
CA ALA N 127 58.92 -56.14 12.15
C ALA N 127 60.13 -56.97 12.55
N THR N 128 60.03 -58.29 12.25
CA THR N 128 61.10 -59.21 12.61
C THR N 128 61.68 -59.89 11.37
N ASP N 129 60.99 -59.74 10.30
CA ASP N 129 61.43 -60.22 9.00
C ASP N 129 60.80 -59.41 7.86
N LEU N 130 61.06 -59.69 6.67
CA LEU N 130 60.67 -58.88 5.53
C LEU N 130 59.17 -58.99 5.26
N SER N 131 58.61 -60.10 5.63
CA SER N 131 57.17 -60.27 5.44
C SER N 131 56.38 -59.27 6.26
N GLU N 132 56.93 -58.79 7.25
CA GLU N 132 56.27 -57.83 8.12
C GLU N 132 56.66 -56.40 7.76
N ALA N 133 57.77 -56.25 6.99
CA ALA N 133 58.29 -54.92 6.70
C ALA N 133 58.05 -54.55 5.25
N SER N 134 57.56 -55.46 4.49
CA SER N 134 57.35 -55.22 3.06
C SER N 134 56.40 -54.05 2.83
N ARG N 135 56.49 -53.50 1.65
CA ARG N 135 55.63 -52.38 1.29
C ARG N 135 54.17 -52.74 1.45
N GLU N 136 53.84 -53.92 1.01
CA GLU N 136 52.45 -54.38 1.05
C GLU N 136 51.97 -54.51 2.49
N ALA N 137 52.80 -55.04 3.29
CA ALA N 137 52.43 -55.25 4.70
C ALA N 137 52.26 -53.93 5.42
N VAL N 138 53.11 -53.00 5.13
CA VAL N 138 53.09 -51.70 5.79
C VAL N 138 51.89 -50.90 5.30
N GLU N 139 51.70 -50.92 4.03
CA GLU N 139 50.58 -50.19 3.46
C GLU N 139 49.26 -50.69 4.03
N GLU N 140 49.14 -51.96 4.15
CA GLU N 140 47.94 -52.55 4.73
C GLU N 140 47.68 -52.02 6.14
N LYS N 141 48.69 -51.91 6.89
CA LYS N 141 48.57 -51.42 8.26
C LYS N 141 48.20 -49.94 8.28
N LEU N 142 48.73 -49.25 7.39
CA LEU N 142 48.45 -47.82 7.34
C LEU N 142 47.02 -47.56 6.87
N ARG N 143 46.57 -48.35 6.01
CA ARG N 143 45.23 -48.17 5.47
C ARG N 143 44.16 -48.53 6.50
N ALA N 144 44.54 -49.37 7.35
CA ALA N 144 43.59 -49.78 8.39
C ALA N 144 43.17 -48.61 9.26
N THR N 145 43.82 -47.54 9.13
CA THR N 145 43.49 -46.37 9.94
C THR N 145 42.76 -45.32 9.11
N ASP N 146 42.64 -45.68 7.82
CA ASP N 146 41.97 -44.73 6.94
C ASP N 146 40.49 -44.61 7.28
N ARG N 147 40.17 -43.31 7.65
CA ARG N 147 38.75 -43.08 7.87
C ARG N 147 37.95 -43.38 6.61
N GLN N 148 37.08 -44.35 6.63
CA GLN N 148 36.17 -44.58 5.51
C GLN N 148 35.36 -43.33 5.20
#